data_8DFS
#
_entry.id   8DFS
#
_cell.length_a   1.00
_cell.length_b   1.00
_cell.length_c   1.00
_cell.angle_alpha   90.00
_cell.angle_beta   90.00
_cell.angle_gamma   90.00
#
_symmetry.space_group_name_H-M   'P 1'
#
loop_
_entity.id
_entity.type
_entity.pdbx_description
1 polymer 'pre-crRNA processing endonuclease'
2 polymer 'CRISPR-associated protein, TM1801 family'
3 polymer 'CRISPR-associated protein, CT1133 family'
4 polymer 'CRISPR-associated protein, CT1133 family'
5 polymer 'RNA (48-MER)'
6 polymer 'Anti-CRISPR protein 30'
#
loop_
_entity_poly.entity_id
_entity_poly.type
_entity_poly.pdbx_seq_one_letter_code
_entity_poly.pdbx_strand_id
1 'polypeptide(L)'
;MTHGAVKTYGIRLRVWGDYACFTRPEMKVERVSYDVMPPSAARGILEAIHWKPAIRWIVDRIHVLRPIVFDNVRRNEVSS
KIPKPNPATAMRDRKPLYFLVDDGSNRQQRAATLLRNVDYVIEAHFELTDKAGAEDNAGKHLDIFRRRARAGQSFQQPCL
GCREFPASFELLEGDVPLSCYAGEKRDLGYMLLDIDFERDMTPLFFKAVMEDGVITPPSRTSPEVRA
;
A
2 'polypeptide(L)'
;MTAIANRYEFVLLFDVENGNPNGDPDAGNMPRIDPETGHGLVTDVCLKRKIRNHVALTKEGAERFNIYIQEKAILNETHE
RAYTACDLKPEPKKLPKKVEDAKRVTDWMCTNFYDIRTFGAVMTTEVNCGQVRGPVQMAFARSVEPVVPQEVSITRMAVT
TKAEAEKQQGDNRTMGRKHIVPYGLYVAHGFISAPLAEKTGFSDEDLTLFWDALVNMFEHDRSAARGLMSSRKLIVFKHQ
NRLGNAPAHKLFDLVKVSRAEGSSGPARSFADYAVTVGQAPEGVEVKEML
;
B,C,D,E,F,G,H
3 'polypeptide(L)'
;MILQALHGYYQRMSADPDAGMPPYGTSMENISFALVLDAKGTLRGIEDLREQEGKKLRPRKMLVPIAEKKGNGIKPNFLW
ENTSYILGVDAKGKQERTDKCHAAFIAHIKAYCDTADQDLAAVLQFLEHGEKDLSAFPVSEEVIGSNIVFRIEGEPGFVH
ERPAARQAWANCLNRREQGLCGQCLITGERQKPIAQLHPSIKGGRDGVRGAQAVASIVSFNNTAFESYGKEQSINAPVSQ
EAAFSYVTALNYLLNPSNRQKVTIADATVVFWAERSSPAEDIFAGMFDPPSTTAKPESSNGTPPEDSEEGSQPDTARDDP
HAAARMHDLLVAIRSGKRATDIMPDMDESVRFHVLGLSPNAARLSVRFWEVDTVGHMLDKVGRHYRELEIIPQFNNEQEF
PSLSTLLRQTAVLNKTENISPVLAGGLFRAMLTGGPYPQSLLPAVLGRIRAEHARPEDKSRYRLEVVTYYRAALIKAYLI
RNRKLEVPVSLDPARTDRPYLLGRLFAVLEKAQEDAVPGANATIKDRYLASASANPGQVFHMLLKNASNHTAKLRKDPER
KGSAIHYEIMMQEIIDNISDFPVTMSSDEQGLFMIGYYHQRKALFTKKNKEN
;
I
4 'polypeptide(L)'
;VSLDPARTDRPYLLGRLFAVLEKAQEDAVPGANATIKDRYLASASANPGQVFHMLLKNASNHTAKLRKDPERKGSAIHYE
IMMQEIIDNISDFPVTMSSDEQGLFMIGYYHQRKALFTKKNKEN
;
J,K
5 'polyribonucleotide' GGAUUGAAACGCCAUGCUCAGGCUGGCGAGUGCGCGCCACUCAUCAAG L
6 'polypeptide(L)'
;MIAQQHKDTVAACEAAEAIAIAKDQVWDGEGYTKYTFDDNSVLIQSGTTQYAMDADDADSIKGYADWLDDEARSAEASEI
ERLLESVEEE
;
M
#
loop_
_chem_comp.id
_chem_comp.type
_chem_comp.name
_chem_comp.formula
A RNA linking ADENOSINE-5'-MONOPHOSPHATE 'C10 H14 N5 O7 P'
C RNA linking CYTIDINE-5'-MONOPHOSPHATE 'C9 H14 N3 O8 P'
G RNA linking GUANOSINE-5'-MONOPHOSPHATE 'C10 H14 N5 O8 P'
U RNA linking URIDINE-5'-MONOPHOSPHATE 'C9 H13 N2 O9 P'
#
# COMPACT_ATOMS: atom_id res chain seq x y z
N THR A 8 65.50 -37.73 22.53
CA THR A 8 66.83 -37.48 23.16
C THR A 8 67.35 -36.09 22.79
N TYR A 9 67.38 -35.81 21.50
CA TYR A 9 67.87 -34.53 20.99
C TYR A 9 66.97 -34.08 19.85
N GLY A 10 67.18 -32.84 19.41
CA GLY A 10 66.35 -32.24 18.39
C GLY A 10 65.20 -31.43 18.99
N ILE A 11 64.49 -30.74 18.12
CA ILE A 11 63.39 -29.87 18.51
C ILE A 11 62.23 -30.09 17.57
N ARG A 12 61.05 -29.64 18.00
CA ARG A 12 59.82 -29.77 17.20
C ARG A 12 59.01 -28.50 17.41
N LEU A 13 59.16 -27.55 16.50
CA LEU A 13 58.48 -26.27 16.56
C LEU A 13 57.37 -26.23 15.52
N ARG A 14 56.18 -25.80 15.94
CA ARG A 14 55.04 -25.68 15.05
C ARG A 14 54.78 -24.20 14.78
N VAL A 15 54.63 -23.84 13.50
CA VAL A 15 54.40 -22.47 13.09
C VAL A 15 53.25 -22.44 12.10
N TRP A 16 52.39 -21.43 12.21
CA TRP A 16 51.24 -21.30 11.34
C TRP A 16 50.86 -19.84 11.24
N GLY A 17 50.09 -19.51 10.20
CA GLY A 17 49.65 -18.15 10.00
C GLY A 17 48.68 -18.10 8.84
N ASP A 18 48.00 -16.96 8.72
CA ASP A 18 47.04 -16.77 7.65
C ASP A 18 47.70 -16.53 6.31
N TYR A 19 48.89 -15.94 6.31
CA TYR A 19 49.60 -15.60 5.08
C TYR A 19 51.03 -16.12 5.13
N ALA A 20 51.64 -16.25 3.97
CA ALA A 20 53.02 -16.69 3.87
C ALA A 20 53.49 -16.47 2.45
N CYS A 21 54.77 -16.10 2.30
CA CYS A 21 55.33 -15.83 0.98
C CYS A 21 56.81 -16.16 1.01
N PHE A 22 57.17 -17.33 0.51
CA PHE A 22 58.56 -17.75 0.35
C PHE A 22 58.90 -17.62 -1.13
N THR A 23 59.30 -16.42 -1.52
CA THR A 23 59.42 -16.09 -2.94
C THR A 23 60.46 -16.98 -3.62
N ARG A 24 60.09 -17.52 -4.77
CA ARG A 24 61.05 -18.27 -5.57
C ARG A 24 62.12 -17.32 -6.10
N PRO A 25 63.39 -17.74 -6.08
CA PRO A 25 64.44 -16.83 -6.57
C PRO A 25 64.26 -16.42 -8.02
N GLU A 26 63.68 -17.29 -8.85
CA GLU A 26 63.53 -16.99 -10.26
C GLU A 26 62.37 -16.05 -10.56
N MET A 27 61.47 -15.85 -9.61
CA MET A 27 60.32 -14.96 -9.75
C MET A 27 60.25 -14.00 -8.57
N LYS A 28 61.40 -13.44 -8.20
CA LYS A 28 61.45 -12.56 -7.04
C LYS A 28 60.80 -11.21 -7.33
N VAL A 29 61.06 -10.66 -8.51
CA VAL A 29 60.56 -9.31 -8.80
C VAL A 29 59.03 -9.29 -8.79
N GLU A 30 58.41 -10.27 -9.46
CA GLU A 30 56.97 -10.47 -9.39
C GLU A 30 56.75 -11.68 -8.48
N ARG A 31 56.72 -11.41 -7.18
CA ARG A 31 56.86 -12.46 -6.17
C ARG A 31 55.95 -13.64 -6.47
N VAL A 32 56.56 -14.82 -6.53
CA VAL A 32 55.84 -16.09 -6.58
C VAL A 32 56.43 -16.97 -5.48
N SER A 33 55.56 -17.52 -4.64
CA SER A 33 56.00 -18.23 -3.46
C SER A 33 56.18 -19.72 -3.74
N TYR A 34 57.06 -20.33 -2.97
CA TYR A 34 57.18 -21.78 -2.97
C TYR A 34 55.90 -22.39 -2.39
N ASP A 35 55.62 -23.62 -2.80
CA ASP A 35 54.46 -24.31 -2.24
C ASP A 35 54.64 -24.58 -0.75
N VAL A 36 55.88 -24.84 -0.32
CA VAL A 36 56.19 -25.12 1.07
C VAL A 36 57.39 -24.28 1.48
N MET A 37 57.51 -24.04 2.77
CA MET A 37 58.60 -23.21 3.25
C MET A 37 59.93 -23.91 2.99
N PRO A 38 60.91 -23.24 2.40
CA PRO A 38 62.21 -23.87 2.19
C PRO A 38 62.98 -23.95 3.49
N PRO A 39 64.01 -24.81 3.56
CA PRO A 39 64.75 -24.94 4.82
C PRO A 39 65.37 -23.63 5.31
N SER A 40 65.72 -22.71 4.40
CA SER A 40 66.27 -21.44 4.83
C SER A 40 65.25 -20.63 5.63
N ALA A 41 63.99 -20.66 5.21
CA ALA A 41 62.95 -19.97 5.97
C ALA A 41 62.81 -20.56 7.36
N ALA A 42 62.89 -21.89 7.48
CA ALA A 42 62.87 -22.52 8.79
C ALA A 42 64.07 -22.09 9.62
N ARG A 43 65.24 -22.01 9.00
CA ARG A 43 66.42 -21.49 9.69
C ARG A 43 66.13 -20.11 10.27
N GLY A 44 65.59 -19.22 9.45
CA GLY A 44 65.31 -17.87 9.90
C GLY A 44 64.30 -17.83 11.03
N ILE A 45 63.23 -18.62 10.90
CA ILE A 45 62.21 -18.65 11.95
C ILE A 45 62.81 -19.14 13.26
N LEU A 46 63.61 -20.20 13.19
CA LEU A 46 64.24 -20.72 14.40
C LEU A 46 65.18 -19.70 15.02
N GLU A 47 65.99 -19.04 14.20
CA GLU A 47 66.91 -18.03 14.72
C GLU A 47 66.17 -16.83 15.29
N ALA A 48 64.95 -16.57 14.84
CA ALA A 48 64.16 -15.49 15.40
C ALA A 48 63.81 -15.74 16.87
N ILE A 49 63.82 -16.99 17.31
CA ILE A 49 63.48 -17.32 18.70
C ILE A 49 64.72 -17.34 19.57
N HIS A 50 65.81 -17.94 19.08
CA HIS A 50 67.04 -18.00 19.85
C HIS A 50 68.20 -18.35 18.93
N TRP A 51 69.25 -17.54 18.97
CA TRP A 51 70.47 -17.85 18.25
C TRP A 51 71.62 -17.09 18.88
N LYS A 52 72.81 -17.67 18.80
CA LYS A 52 74.03 -17.02 19.25
C LYS A 52 75.15 -17.38 18.29
N PRO A 53 76.21 -16.56 18.24
CA PRO A 53 77.31 -16.86 17.32
C PRO A 53 77.96 -18.22 17.56
N ALA A 54 77.68 -18.86 18.69
CA ALA A 54 78.33 -20.11 19.04
C ALA A 54 77.57 -21.35 18.58
N ILE A 55 76.57 -21.20 17.71
CA ILE A 55 75.73 -22.31 17.31
C ILE A 55 75.46 -22.28 15.81
N ARG A 56 74.93 -23.38 15.31
CA ARG A 56 74.43 -23.49 13.95
C ARG A 56 73.13 -24.28 13.97
N TRP A 57 72.10 -23.72 13.32
CA TRP A 57 70.81 -24.39 13.22
C TRP A 57 70.80 -25.26 11.96
N ILE A 58 70.39 -26.51 12.12
CA ILE A 58 70.28 -27.46 11.01
C ILE A 58 68.84 -27.97 10.99
N VAL A 59 68.23 -27.93 9.81
CA VAL A 59 66.85 -28.36 9.65
C VAL A 59 66.84 -29.81 9.17
N ASP A 60 66.11 -30.65 9.89
CA ASP A 60 66.05 -32.07 9.57
C ASP A 60 64.83 -32.42 8.74
N ARG A 61 63.65 -31.92 9.11
CA ARG A 61 62.43 -32.24 8.41
C ARG A 61 61.46 -31.07 8.53
N ILE A 62 60.53 -31.00 7.58
CA ILE A 62 59.45 -30.02 7.60
C ILE A 62 58.17 -30.76 7.27
N HIS A 63 57.18 -30.66 8.18
CA HIS A 63 55.90 -31.30 7.99
C HIS A 63 54.88 -30.27 7.51
N VAL A 64 54.13 -30.62 6.47
CA VAL A 64 53.09 -29.77 5.92
C VAL A 64 51.76 -30.32 6.38
N LEU A 65 50.94 -29.48 7.03
CA LEU A 65 49.72 -29.93 7.67
C LEU A 65 48.46 -29.34 7.06
N ARG A 66 48.56 -28.47 6.06
CA ARG A 66 47.39 -27.85 5.46
C ARG A 66 47.56 -27.82 3.95
N PRO A 67 46.45 -27.77 3.21
CA PRO A 67 46.55 -27.80 1.74
C PRO A 67 47.28 -26.58 1.21
N ILE A 68 47.92 -26.76 0.06
CA ILE A 68 48.60 -25.66 -0.62
C ILE A 68 47.52 -24.81 -1.29
N VAL A 69 47.30 -23.61 -0.75
CA VAL A 69 46.31 -22.67 -1.26
C VAL A 69 47.01 -21.36 -1.57
N PHE A 70 46.80 -20.83 -2.76
CA PHE A 70 47.47 -19.63 -3.23
C PHE A 70 46.51 -18.45 -3.24
N ASP A 71 47.09 -17.26 -3.43
CA ASP A 71 46.31 -16.03 -3.50
C ASP A 71 47.20 -14.94 -4.05
N ASN A 72 46.58 -13.98 -4.74
CA ASN A 72 47.29 -12.92 -5.43
C ASN A 72 47.05 -11.59 -4.72
N VAL A 73 48.13 -10.91 -4.36
CA VAL A 73 48.08 -9.59 -3.76
C VAL A 73 49.08 -8.69 -4.47
N ARG A 74 48.65 -7.49 -4.85
CA ARG A 74 49.48 -6.53 -5.56
C ARG A 74 49.66 -5.30 -4.69
N ARG A 75 50.88 -4.73 -4.71
CA ARG A 75 51.22 -3.62 -3.85
C ARG A 75 52.07 -2.62 -4.60
N ASN A 76 52.03 -1.37 -4.13
CA ASN A 76 52.87 -0.32 -4.66
C ASN A 76 54.18 -0.31 -3.88
N GLU A 77 55.28 -0.60 -4.55
CA GLU A 77 56.58 -0.74 -3.91
C GLU A 77 57.60 0.15 -4.61
N VAL A 78 58.78 0.26 -4.00
CA VAL A 78 59.79 1.22 -4.37
C VAL A 78 60.77 0.56 -5.35
N SER A 79 61.42 1.38 -6.17
CA SER A 79 62.28 0.86 -7.23
C SER A 79 63.67 0.53 -6.74
N SER A 80 64.26 1.37 -5.87
CA SER A 80 65.67 1.26 -5.57
C SER A 80 65.92 1.50 -4.09
N LYS A 81 67.05 0.98 -3.61
CA LYS A 81 67.50 1.19 -2.25
C LYS A 81 68.01 2.62 -2.07
N ILE A 82 68.02 3.08 -0.82
CA ILE A 82 68.52 4.40 -0.49
C ILE A 82 70.05 4.34 -0.50
N PRO A 83 70.72 5.35 -1.05
CA PRO A 83 72.18 5.30 -1.15
C PRO A 83 72.88 5.75 0.12
N LYS A 84 74.11 5.30 0.28
CA LYS A 84 74.92 5.71 1.42
C LYS A 84 75.33 7.17 1.25
N PRO A 85 75.02 8.04 2.21
CA PRO A 85 75.58 9.40 2.19
C PRO A 85 76.86 9.47 3.02
N ASN A 86 77.58 10.56 2.84
CA ASN A 86 78.69 10.88 3.70
C ASN A 86 78.21 11.85 4.77
N PRO A 87 78.13 11.45 6.04
CA PRO A 87 77.56 12.36 7.05
C PRO A 87 78.27 13.70 7.10
N ALA A 88 79.58 13.74 6.88
CA ALA A 88 80.31 15.00 7.00
C ALA A 88 79.73 16.06 6.07
N THR A 89 79.50 15.72 4.82
CA THR A 89 78.94 16.69 3.88
C THR A 89 77.44 16.92 4.10
N ALA A 90 76.82 16.19 5.03
CA ALA A 90 75.39 16.36 5.25
C ALA A 90 75.07 17.78 5.71
N MET A 91 75.99 18.45 6.39
CA MET A 91 75.75 19.81 6.84
C MET A 91 76.93 20.72 6.54
N ARG A 92 77.79 20.34 5.60
CA ARG A 92 78.54 21.36 4.89
C ARG A 92 77.59 22.31 4.17
N ASP A 93 76.38 21.83 3.88
CA ASP A 93 75.23 22.65 3.52
C ASP A 93 73.99 21.91 3.95
N ARG A 94 72.89 22.65 4.10
CA ARG A 94 71.62 22.00 4.44
C ARG A 94 71.21 21.13 3.28
N LYS A 95 71.39 19.81 3.42
CA LYS A 95 71.12 18.87 2.34
C LYS A 95 69.92 18.00 2.72
N PRO A 96 68.72 18.29 2.22
CA PRO A 96 67.58 17.44 2.55
C PRO A 96 67.66 16.09 1.85
N LEU A 97 67.93 15.04 2.62
CA LEU A 97 67.99 13.69 2.08
C LEU A 97 66.61 13.08 2.13
N TYR A 98 66.14 12.57 0.99
CA TYR A 98 64.80 11.99 0.92
C TYR A 98 64.73 11.09 -0.30
N PHE A 99 63.71 10.23 -0.30
CA PHE A 99 63.40 9.38 -1.43
C PHE A 99 61.94 9.58 -1.78
N LEU A 100 61.66 9.94 -3.03
CA LEU A 100 60.32 10.23 -3.51
C LEU A 100 59.75 8.95 -4.11
N VAL A 101 58.90 8.26 -3.35
CA VAL A 101 58.34 6.99 -3.82
C VAL A 101 57.46 7.22 -5.04
N ASP A 102 56.73 8.32 -5.09
CA ASP A 102 55.73 8.57 -6.11
C ASP A 102 56.30 9.20 -7.37
N ASP A 103 57.61 9.48 -7.42
CA ASP A 103 58.20 10.25 -8.52
C ASP A 103 58.61 9.32 -9.64
N GLY A 104 57.83 9.32 -10.71
CA GLY A 104 58.25 8.66 -11.95
C GLY A 104 58.54 7.19 -11.75
N SER A 105 59.72 6.77 -12.20
CA SER A 105 60.10 5.37 -12.17
C SER A 105 60.34 4.83 -10.76
N ASN A 106 60.38 5.71 -9.76
CA ASN A 106 60.56 5.23 -8.40
C ASN A 106 59.43 4.29 -7.97
N ARG A 107 58.22 4.52 -8.49
CA ARG A 107 57.06 3.72 -8.11
C ARG A 107 57.04 2.44 -8.96
N GLN A 108 57.30 1.30 -8.34
CA GLN A 108 57.25 0.01 -9.00
C GLN A 108 56.15 -0.81 -8.35
N GLN A 109 55.15 -1.20 -9.16
CA GLN A 109 54.08 -2.07 -8.69
C GLN A 109 54.52 -3.52 -8.87
N ARG A 110 54.45 -4.30 -7.80
CA ARG A 110 54.90 -5.68 -7.80
C ARG A 110 53.76 -6.57 -7.32
N ALA A 111 53.33 -7.48 -8.18
CA ALA A 111 52.27 -8.43 -7.85
C ALA A 111 52.90 -9.64 -7.16
N ALA A 112 52.26 -10.09 -6.08
CA ALA A 112 52.73 -11.23 -5.31
C ALA A 112 51.63 -12.29 -5.27
N THR A 113 52.00 -13.52 -5.62
CA THR A 113 51.13 -14.67 -5.46
C THR A 113 51.65 -15.49 -4.28
N LEU A 114 50.86 -15.56 -3.21
CA LEU A 114 51.35 -16.03 -1.92
C LEU A 114 50.40 -17.07 -1.34
N LEU A 115 50.91 -17.83 -0.39
CA LEU A 115 50.15 -18.90 0.23
C LEU A 115 49.14 -18.36 1.22
N ARG A 116 48.28 -19.25 1.72
CA ARG A 116 47.26 -18.87 2.69
C ARG A 116 47.04 -20.02 3.67
N ASN A 117 46.74 -19.66 4.91
CA ASN A 117 46.38 -20.63 5.95
C ASN A 117 47.40 -21.76 5.99
N VAL A 118 48.68 -21.40 6.15
CA VAL A 118 49.73 -22.40 6.20
C VAL A 118 49.81 -22.98 7.61
N ASP A 119 50.52 -24.10 7.73
CA ASP A 119 50.77 -24.74 9.02
C ASP A 119 51.90 -25.73 8.85
N TYR A 120 52.93 -25.62 9.67
CA TYR A 120 54.12 -26.47 9.55
C TYR A 120 54.59 -26.90 10.92
N VAL A 121 55.39 -27.96 10.93
CA VAL A 121 56.13 -28.41 12.11
C VAL A 121 57.57 -28.61 11.69
N ILE A 122 58.50 -27.94 12.38
CA ILE A 122 59.90 -27.90 12.00
C ILE A 122 60.68 -28.78 12.96
N GLU A 123 61.45 -29.72 12.41
CA GLU A 123 62.38 -30.53 13.18
C GLU A 123 63.80 -30.08 12.88
N ALA A 124 64.52 -29.65 13.91
CA ALA A 124 65.87 -29.14 13.75
C ALA A 124 66.68 -29.50 14.99
N HIS A 125 67.99 -29.47 14.84
CA HIS A 125 68.89 -29.73 15.94
C HIS A 125 70.05 -28.74 15.88
N PHE A 126 71.10 -29.02 16.63
CA PHE A 126 72.11 -28.04 16.97
C PHE A 126 73.47 -28.46 16.44
N GLU A 127 74.42 -27.53 16.49
CA GLU A 127 75.80 -27.82 16.11
C GLU A 127 76.69 -26.69 16.59
N LEU A 128 77.80 -27.04 17.23
CA LEU A 128 78.73 -26.04 17.75
C LEU A 128 79.70 -25.61 16.66
N THR A 129 79.93 -24.30 16.58
CA THR A 129 80.78 -23.73 15.56
C THR A 129 82.21 -23.55 16.06
N ASP A 130 83.08 -23.04 15.19
CA ASP A 130 84.47 -22.84 15.56
C ASP A 130 84.60 -21.85 16.71
N LYS A 131 83.83 -20.76 16.68
CA LYS A 131 83.90 -19.73 17.69
C LYS A 131 83.01 -20.02 18.89
N ALA A 132 82.67 -21.27 19.12
CA ALA A 132 81.93 -21.63 20.33
C ALA A 132 82.82 -21.43 21.55
N GLY A 133 82.22 -20.96 22.63
CA GLY A 133 82.96 -20.73 23.85
C GLY A 133 83.43 -22.01 24.49
N ALA A 134 84.42 -21.88 25.36
CA ALA A 134 84.96 -23.04 26.06
C ALA A 134 83.91 -23.70 26.95
N GLU A 135 82.92 -22.95 27.43
CA GLU A 135 81.88 -23.48 28.29
C GLU A 135 80.56 -23.69 27.58
N ASP A 136 80.39 -23.15 26.38
CA ASP A 136 79.14 -23.32 25.66
C ASP A 136 78.89 -24.80 25.39
N ASN A 137 77.66 -25.24 25.66
CA ASN A 137 77.27 -26.63 25.47
C ASN A 137 75.92 -26.67 24.77
N ALA A 138 75.77 -27.63 23.85
CA ALA A 138 74.54 -27.71 23.08
C ALA A 138 73.32 -27.82 23.98
N GLY A 139 73.46 -28.52 25.11
CA GLY A 139 72.33 -28.67 26.02
C GLY A 139 71.82 -27.36 26.55
N LYS A 140 72.72 -26.42 26.86
CA LYS A 140 72.30 -25.15 27.43
C LYS A 140 71.47 -24.35 26.42
N HIS A 141 71.96 -24.25 25.19
CA HIS A 141 71.20 -23.53 24.16
C HIS A 141 69.90 -24.25 23.84
N LEU A 142 69.91 -25.59 23.83
CA LEU A 142 68.68 -26.34 23.59
C LEU A 142 67.65 -26.02 24.66
N ASP A 143 68.06 -25.99 25.93
CA ASP A 143 67.12 -25.70 27.00
C ASP A 143 66.64 -24.26 26.93
N ILE A 144 67.53 -23.33 26.56
CA ILE A 144 67.12 -21.94 26.41
C ILE A 144 66.05 -21.82 25.34
N PHE A 145 66.27 -22.47 24.19
CA PHE A 145 65.29 -22.42 23.12
C PHE A 145 63.97 -23.05 23.56
N ARG A 146 64.04 -24.18 24.25
CA ARG A 146 62.82 -24.83 24.70
C ARG A 146 62.04 -23.93 25.65
N ARG A 147 62.74 -23.30 26.59
CA ARG A 147 62.07 -22.40 27.52
C ARG A 147 61.42 -21.23 26.80
N ARG A 148 62.15 -20.61 25.87
CA ARG A 148 61.58 -19.49 25.12
C ARG A 148 60.36 -19.90 24.33
N ALA A 149 60.44 -21.04 23.64
CA ALA A 149 59.30 -21.50 22.84
C ALA A 149 58.11 -21.81 23.73
N ARG A 150 58.34 -22.47 24.86
CA ARG A 150 57.24 -22.79 25.77
C ARG A 150 56.57 -21.51 26.28
N ALA A 151 57.37 -20.53 26.68
CA ALA A 151 56.84 -19.29 27.23
C ALA A 151 56.44 -18.29 26.16
N GLY A 152 56.75 -18.55 24.89
CA GLY A 152 56.39 -17.63 23.83
C GLY A 152 57.34 -16.47 23.63
N GLN A 153 58.44 -16.43 24.37
CA GLN A 153 59.40 -15.36 24.21
C GLN A 153 60.14 -15.51 22.88
N SER A 154 60.64 -14.39 22.37
CA SER A 154 61.34 -14.41 21.09
C SER A 154 62.16 -13.14 20.93
N PHE A 155 63.33 -13.30 20.30
CA PHE A 155 64.15 -12.14 19.99
C PHE A 155 63.42 -11.16 19.10
N GLN A 156 62.79 -11.66 18.03
CA GLN A 156 61.93 -10.87 17.17
C GLN A 156 60.75 -11.74 16.76
N GLN A 157 59.65 -11.10 16.42
CA GLN A 157 58.47 -11.84 16.03
C GLN A 157 58.76 -12.60 14.75
N PRO A 158 58.66 -13.93 14.74
CA PRO A 158 58.92 -14.67 13.50
C PRO A 158 57.86 -14.37 12.45
N CYS A 159 58.28 -14.43 11.18
CA CYS A 159 57.39 -14.16 10.06
C CYS A 159 57.56 -15.26 9.01
N LEU A 160 56.50 -15.50 8.24
CA LEU A 160 56.53 -16.50 7.18
C LEU A 160 57.16 -15.90 5.93
N GLY A 161 58.48 -15.75 5.99
CA GLY A 161 59.22 -15.19 4.89
C GLY A 161 59.34 -13.67 4.97
N CYS A 162 58.25 -12.97 4.71
CA CYS A 162 58.23 -11.51 4.73
C CYS A 162 57.68 -11.00 6.05
N ARG A 163 58.25 -9.88 6.51
CA ARG A 163 57.94 -9.38 7.86
C ARG A 163 56.46 -9.07 8.03
N GLU A 164 55.73 -8.78 6.96
CA GLU A 164 54.31 -8.47 7.08
C GLU A 164 53.45 -9.72 7.24
N PHE A 165 54.07 -10.88 7.48
CA PHE A 165 53.35 -12.14 7.66
C PHE A 165 53.85 -12.79 8.95
N PRO A 166 53.36 -12.35 10.10
CA PRO A 166 53.86 -12.89 11.37
C PRO A 166 53.51 -14.36 11.54
N ALA A 167 54.35 -15.05 12.30
CA ALA A 167 54.21 -16.48 12.54
C ALA A 167 53.80 -16.71 14.00
N SER A 168 52.79 -17.54 14.20
CA SER A 168 52.43 -17.98 15.54
C SER A 168 53.07 -19.35 15.79
N PHE A 169 53.88 -19.43 16.85
CA PHE A 169 54.73 -20.59 17.05
C PHE A 169 54.44 -21.24 18.40
N GLU A 170 54.61 -22.56 18.42
CA GLU A 170 54.46 -23.36 19.63
C GLU A 170 55.50 -24.46 19.61
N LEU A 171 55.77 -25.03 20.78
CA LEU A 171 56.64 -26.19 20.90
C LEU A 171 55.79 -27.45 21.01
N LEU A 172 56.09 -28.42 20.17
CA LEU A 172 55.31 -29.66 20.12
C LEU A 172 55.92 -30.65 21.12
N GLU A 173 55.34 -30.72 22.31
CA GLU A 173 55.79 -31.70 23.29
C GLU A 173 55.36 -33.11 22.90
N GLY A 174 54.18 -33.24 22.29
CA GLY A 174 53.65 -34.52 21.91
C GLY A 174 54.01 -34.91 20.48
N ASP A 175 53.17 -35.78 19.91
CA ASP A 175 53.41 -36.26 18.56
C ASP A 175 53.03 -35.21 17.52
N VAL A 176 53.71 -35.26 16.39
CA VAL A 176 53.37 -34.37 15.27
C VAL A 176 51.97 -34.73 14.76
N PRO A 177 51.07 -33.76 14.60
CA PRO A 177 49.73 -34.09 14.11
C PRO A 177 49.75 -34.61 12.68
N LEU A 178 48.70 -35.35 12.34
CA LEU A 178 48.60 -35.93 11.01
C LEU A 178 48.52 -34.85 9.94
N SER A 179 49.12 -35.13 8.80
CA SER A 179 49.19 -34.19 7.70
C SER A 179 48.01 -34.36 6.75
N CYS A 180 47.80 -33.34 5.90
CA CYS A 180 46.76 -33.41 4.89
C CYS A 180 47.14 -34.32 3.73
N TYR A 181 48.43 -34.42 3.43
CA TYR A 181 48.94 -35.22 2.33
C TYR A 181 49.48 -36.56 2.81
N ALA A 182 48.81 -37.16 3.80
CA ALA A 182 49.36 -38.35 4.45
C ALA A 182 49.61 -39.48 3.46
N GLY A 183 48.83 -39.56 2.38
CA GLY A 183 48.96 -40.66 1.45
C GLY A 183 49.51 -40.28 0.09
N GLU A 184 50.19 -39.14 0.00
CA GLU A 184 50.68 -38.63 -1.27
C GLU A 184 52.20 -38.59 -1.28
N LYS A 185 52.75 -38.68 -2.49
CA LYS A 185 54.17 -38.48 -2.74
C LYS A 185 54.28 -37.47 -3.87
N ARG A 186 54.29 -36.19 -3.52
CA ARG A 186 54.25 -35.10 -4.48
C ARG A 186 55.66 -34.57 -4.70
N ASP A 187 56.05 -34.42 -5.97
CA ASP A 187 57.36 -33.89 -6.33
C ASP A 187 57.24 -32.38 -6.54
N LEU A 188 58.02 -31.61 -5.79
CA LEU A 188 57.98 -30.16 -5.86
C LEU A 188 59.12 -29.57 -6.67
N GLY A 189 59.91 -30.41 -7.35
CA GLY A 189 61.04 -29.91 -8.13
C GLY A 189 62.08 -29.27 -7.23
N TYR A 190 63.20 -28.91 -7.86
CA TYR A 190 64.30 -28.30 -7.12
C TYR A 190 63.83 -27.01 -6.47
N MET A 191 64.24 -26.81 -5.21
CA MET A 191 63.94 -25.59 -4.48
C MET A 191 65.10 -25.26 -3.57
N LEU A 192 65.18 -23.98 -3.20
CA LEU A 192 66.33 -23.49 -2.44
C LEU A 192 66.47 -24.26 -1.14
N LEU A 193 67.71 -24.69 -0.86
CA LEU A 193 68.03 -25.36 0.40
C LEU A 193 68.54 -24.35 1.43
N ASP A 194 69.53 -23.56 1.05
CA ASP A 194 70.06 -22.50 1.89
C ASP A 194 70.99 -21.65 1.03
N ILE A 195 71.65 -20.68 1.65
CA ILE A 195 72.61 -19.83 0.96
C ILE A 195 73.95 -19.99 1.67
N ASP A 196 74.98 -20.37 0.91
CA ASP A 196 76.30 -20.63 1.46
C ASP A 196 77.06 -19.30 1.53
N PHE A 197 77.12 -18.72 2.73
CA PHE A 197 77.75 -17.41 2.88
C PHE A 197 79.27 -17.51 2.88
N GLU A 198 79.82 -18.71 3.08
CA GLU A 198 81.28 -18.86 3.02
C GLU A 198 81.78 -18.77 1.58
N ARG A 199 81.11 -19.44 0.66
CA ARG A 199 81.49 -19.41 -0.75
C ARG A 199 80.83 -18.25 -1.49
N ASP A 200 80.99 -17.05 -0.95
CA ASP A 200 80.46 -15.83 -1.55
C ASP A 200 78.97 -16.02 -1.86
N MET A 201 78.18 -16.14 -0.79
CA MET A 201 76.72 -16.09 -0.85
C MET A 201 76.20 -16.87 -2.06
N THR A 202 76.61 -18.13 -2.17
CA THR A 202 76.24 -18.96 -3.31
C THR A 202 75.04 -19.81 -2.93
N PRO A 203 73.88 -19.65 -3.59
CA PRO A 203 72.74 -20.52 -3.29
C PRO A 203 73.01 -21.95 -3.73
N LEU A 204 72.42 -22.88 -3.00
CA LEU A 204 72.51 -24.29 -3.32
C LEU A 204 71.13 -24.93 -3.15
N PHE A 205 70.76 -25.78 -4.10
CA PHE A 205 69.41 -26.31 -4.20
C PHE A 205 69.40 -27.82 -3.96
N PHE A 206 68.21 -28.35 -3.72
CA PHE A 206 68.02 -29.78 -3.56
C PHE A 206 66.67 -30.15 -4.17
N LYS A 207 66.58 -31.39 -4.64
CA LYS A 207 65.33 -31.88 -5.24
C LYS A 207 64.36 -32.23 -4.12
N ALA A 208 63.31 -31.43 -3.98
CA ALA A 208 62.37 -31.57 -2.87
C ALA A 208 61.24 -32.49 -3.28
N VAL A 209 61.09 -33.59 -2.54
CA VAL A 209 59.98 -34.53 -2.73
C VAL A 209 59.21 -34.59 -1.42
N MET A 210 57.91 -34.33 -1.49
CA MET A 210 57.05 -34.30 -0.31
C MET A 210 56.43 -35.68 -0.14
N GLU A 211 57.13 -36.55 0.56
CA GLU A 211 56.66 -37.90 0.83
C GLU A 211 55.88 -37.90 2.14
N ASP A 212 54.63 -38.33 2.08
CA ASP A 212 53.76 -38.40 3.25
C ASP A 212 53.53 -37.03 3.87
N GLY A 213 53.74 -35.96 3.09
CA GLY A 213 53.59 -34.62 3.61
C GLY A 213 54.75 -34.11 4.43
N VAL A 214 55.87 -34.82 4.45
CA VAL A 214 57.06 -34.42 5.20
C VAL A 214 58.24 -34.34 4.24
N ILE A 215 58.99 -33.25 4.30
CA ILE A 215 60.13 -33.01 3.43
C ILE A 215 61.40 -33.23 4.24
N THR A 216 62.33 -34.00 3.67
CA THR A 216 63.57 -34.34 4.35
C THR A 216 64.76 -33.78 3.60
N PRO A 217 65.09 -32.49 3.77
CA PRO A 217 66.19 -31.91 3.02
C PRO A 217 67.51 -32.49 3.47
N PRO A 218 68.50 -32.57 2.58
CA PRO A 218 69.85 -32.95 3.02
C PRO A 218 70.46 -31.84 3.87
N SER A 219 71.34 -32.26 4.78
CA SER A 219 71.99 -31.28 5.66
C SER A 219 72.73 -30.25 4.81
N ARG A 220 72.53 -28.97 5.15
CA ARG A 220 73.13 -27.88 4.39
C ARG A 220 74.58 -27.65 4.74
N THR A 221 75.13 -28.35 5.73
CA THR A 221 76.53 -28.25 6.09
C THR A 221 77.38 -29.36 5.50
N SER A 222 76.77 -30.36 4.88
CA SER A 222 77.52 -31.49 4.36
C SER A 222 78.41 -31.05 3.20
N PRO A 223 79.54 -31.73 2.99
CA PRO A 223 80.44 -31.32 1.90
C PRO A 223 79.99 -31.77 0.53
N GLU A 224 79.21 -32.85 0.42
CA GLU A 224 78.79 -33.35 -0.88
C GLU A 224 77.60 -32.60 -1.44
N VAL A 225 76.94 -31.77 -0.64
CA VAL A 225 75.89 -30.89 -1.16
C VAL A 225 76.47 -29.52 -1.48
N ARG A 226 77.50 -29.10 -0.78
CA ARG A 226 78.22 -27.88 -1.12
C ARG A 226 79.23 -28.16 -2.24
N ALA A 227 79.41 -27.18 -3.10
CA ALA A 227 80.33 -27.33 -4.23
C ALA A 227 81.75 -27.56 -3.73
N MET B 1 72.76 5.72 23.79
CA MET B 1 71.50 5.57 23.00
C MET B 1 70.51 4.66 23.72
N THR B 2 69.78 5.22 24.68
CA THR B 2 68.78 4.45 25.42
C THR B 2 67.69 3.95 24.47
N ALA B 3 67.25 2.72 24.71
CA ALA B 3 66.22 2.09 23.90
C ALA B 3 65.20 1.43 24.81
N ILE B 4 63.99 1.27 24.29
CA ILE B 4 62.92 0.67 25.08
C ILE B 4 63.38 -0.69 25.60
N ALA B 5 62.94 -1.03 26.80
CA ALA B 5 63.35 -2.25 27.48
C ALA B 5 62.20 -3.23 27.66
N ASN B 6 61.13 -3.11 26.88
CA ASN B 6 59.99 -4.00 26.98
C ASN B 6 59.47 -4.34 25.59
N ARG B 7 58.96 -5.56 25.45
CA ARG B 7 58.32 -5.97 24.21
C ARG B 7 56.86 -5.53 24.22
N TYR B 8 56.41 -4.97 23.10
CA TYR B 8 55.05 -4.47 22.96
C TYR B 8 54.35 -5.19 21.82
N GLU B 9 53.08 -5.55 22.05
CA GLU B 9 52.16 -5.95 21.01
C GLU B 9 50.92 -5.09 21.12
N PHE B 10 50.53 -4.45 20.03
CA PHE B 10 49.40 -3.53 20.03
C PHE B 10 48.39 -3.95 18.99
N VAL B 11 47.11 -3.74 19.31
CA VAL B 11 45.99 -4.01 18.41
C VAL B 11 45.28 -2.68 18.19
N LEU B 12 45.20 -2.25 16.94
CA LEU B 12 44.58 -0.99 16.57
C LEU B 12 43.29 -1.26 15.82
N LEU B 13 42.22 -0.58 16.21
CA LEU B 13 40.92 -0.69 15.56
C LEU B 13 40.59 0.65 14.91
N PHE B 14 40.34 0.61 13.60
CA PHE B 14 39.94 1.79 12.86
C PHE B 14 38.81 1.42 11.91
N ASP B 15 38.04 2.41 11.49
CA ASP B 15 36.90 2.17 10.63
C ASP B 15 36.81 3.25 9.57
N VAL B 16 36.09 2.93 8.50
CA VAL B 16 35.87 3.84 7.38
C VAL B 16 34.37 3.93 7.15
N GLU B 17 33.89 5.13 6.83
CA GLU B 17 32.47 5.37 6.56
C GLU B 17 32.35 6.02 5.19
N ASN B 18 31.73 5.30 4.26
CA ASN B 18 31.52 5.81 2.90
C ASN B 18 32.84 6.27 2.28
N GLY B 19 33.80 5.36 2.21
CA GLY B 19 35.10 5.69 1.67
C GLY B 19 35.81 4.44 1.15
N ASN B 20 37.01 4.66 0.65
CA ASN B 20 37.85 3.60 0.11
C ASN B 20 39.13 3.53 0.91
N PRO B 21 39.21 2.71 1.97
CA PRO B 21 40.42 2.76 2.82
C PRO B 21 41.70 2.43 2.08
N ASN B 22 41.66 1.46 1.17
CA ASN B 22 42.86 1.06 0.45
C ASN B 22 42.42 0.43 -0.87
N GLY B 23 42.53 1.20 -1.96
CA GLY B 23 42.17 0.67 -3.25
C GLY B 23 43.13 -0.43 -3.69
N ASP B 24 42.58 -1.40 -4.42
CA ASP B 24 43.37 -2.51 -4.92
C ASP B 24 43.90 -2.19 -6.30
N PRO B 25 45.22 -2.05 -6.49
CA PRO B 25 45.74 -1.75 -7.84
C PRO B 25 45.49 -2.85 -8.84
N ASP B 26 45.22 -4.08 -8.38
CA ASP B 26 44.99 -5.21 -9.26
C ASP B 26 43.50 -5.48 -9.49
N ALA B 27 42.63 -4.57 -9.06
CA ALA B 27 41.20 -4.75 -9.23
C ALA B 27 40.51 -3.46 -9.67
N GLY B 28 41.22 -2.61 -10.40
CA GLY B 28 40.64 -1.36 -10.84
C GLY B 28 40.29 -0.42 -9.71
N ASN B 29 41.08 -0.43 -8.64
CA ASN B 29 40.97 0.49 -7.52
C ASN B 29 39.82 0.15 -6.57
N MET B 30 39.16 -0.99 -6.75
CA MET B 30 38.20 -1.43 -5.75
C MET B 30 38.91 -1.70 -4.42
N PRO B 31 38.26 -1.47 -3.30
CA PRO B 31 38.91 -1.74 -2.01
C PRO B 31 39.30 -3.21 -1.91
N ARG B 32 40.47 -3.45 -1.33
CA ARG B 32 40.95 -4.81 -1.17
C ARG B 32 39.99 -5.62 -0.31
N ILE B 33 39.67 -6.83 -0.75
CA ILE B 33 38.86 -7.74 0.05
C ILE B 33 39.46 -9.13 -0.03
N ASP B 34 39.45 -9.82 1.10
CA ASP B 34 40.09 -11.12 1.21
C ASP B 34 39.30 -12.16 0.42
N PRO B 35 39.90 -12.83 -0.57
CA PRO B 35 39.15 -13.84 -1.33
C PRO B 35 38.66 -15.01 -0.48
N GLU B 36 39.40 -15.38 0.56
CA GLU B 36 39.06 -16.59 1.32
C GLU B 36 37.94 -16.37 2.32
N THR B 37 37.80 -15.17 2.86
CA THR B 37 36.79 -14.88 3.86
C THR B 37 35.82 -13.78 3.46
N GLY B 38 36.14 -12.98 2.45
CA GLY B 38 35.31 -11.86 2.07
C GLY B 38 35.51 -10.62 2.92
N HIS B 39 36.42 -10.68 3.90
CA HIS B 39 36.68 -9.52 4.74
C HIS B 39 37.47 -8.47 3.97
N GLY B 40 37.20 -7.20 4.26
CA GLY B 40 38.00 -6.13 3.71
C GLY B 40 39.44 -6.22 4.18
N LEU B 41 40.35 -5.72 3.36
CA LEU B 41 41.78 -5.82 3.62
C LEU B 41 42.42 -4.45 3.47
N VAL B 42 43.39 -4.16 4.34
CA VAL B 42 44.17 -2.93 4.26
C VAL B 42 45.63 -3.30 4.53
N THR B 43 46.45 -3.22 3.49
CA THR B 43 47.83 -3.67 3.61
C THR B 43 48.59 -2.81 4.60
N ASP B 44 49.64 -3.40 5.18
CA ASP B 44 50.41 -2.74 6.23
C ASP B 44 51.17 -1.52 5.70
N VAL B 45 51.70 -1.61 4.48
CA VAL B 45 52.48 -0.50 3.95
C VAL B 45 51.63 0.77 3.86
N CYS B 46 50.32 0.63 3.68
CA CYS B 46 49.45 1.80 3.69
C CYS B 46 49.48 2.49 5.05
N LEU B 47 49.36 1.70 6.13
CA LEU B 47 49.40 2.28 7.47
C LEU B 47 50.78 2.86 7.77
N LYS B 48 51.84 2.20 7.31
CA LYS B 48 53.18 2.74 7.51
C LYS B 48 53.36 4.06 6.78
N ARG B 49 52.82 4.16 5.56
CA ARG B 49 52.86 5.42 4.83
C ARG B 49 52.10 6.50 5.58
N LYS B 50 50.94 6.16 6.14
CA LYS B 50 50.18 7.14 6.91
C LYS B 50 50.96 7.60 8.13
N ILE B 51 51.63 6.67 8.82
CA ILE B 51 52.44 7.04 9.98
C ILE B 51 53.56 7.97 9.58
N ARG B 52 54.25 7.65 8.48
CA ARG B 52 55.33 8.51 8.02
C ARG B 52 54.81 9.91 7.70
N ASN B 53 53.67 9.98 7.00
CA ASN B 53 53.12 11.29 6.67
C ASN B 53 52.76 12.07 7.93
N HIS B 54 52.15 11.41 8.91
CA HIS B 54 51.77 12.10 10.13
C HIS B 54 52.99 12.64 10.86
N VAL B 55 54.03 11.82 10.98
CA VAL B 55 55.22 12.27 11.69
C VAL B 55 55.89 13.41 10.94
N ALA B 56 55.95 13.33 9.61
CA ALA B 56 56.53 14.41 8.83
C ALA B 56 55.76 15.71 9.03
N LEU B 57 54.43 15.63 9.02
CA LEU B 57 53.62 16.83 9.23
C LEU B 57 53.78 17.38 10.64
N THR B 58 53.92 16.50 11.64
CA THR B 58 53.97 16.96 13.03
C THR B 58 55.32 17.57 13.35
N LYS B 59 56.40 16.77 13.25
CA LYS B 59 57.70 17.25 13.70
C LYS B 59 58.26 18.33 12.79
N GLU B 60 58.00 18.25 11.49
CA GLU B 60 58.42 19.27 10.54
C GLU B 60 59.92 19.55 10.66
N GLY B 61 60.71 18.52 10.37
CA GLY B 61 62.15 18.67 10.38
C GLY B 61 62.74 18.99 11.74
N ALA B 62 62.31 18.28 12.78
CA ALA B 62 62.93 18.44 14.09
C ALA B 62 64.35 17.88 14.05
N GLU B 63 65.03 17.94 15.20
CA GLU B 63 66.43 17.56 15.23
C GLU B 63 66.63 16.10 14.85
N ARG B 64 65.80 15.21 15.39
CA ARG B 64 66.00 13.76 15.22
C ARG B 64 64.81 13.08 14.57
N PHE B 65 63.95 13.83 13.88
CA PHE B 65 62.70 13.28 13.37
C PHE B 65 62.50 13.62 11.91
N ASN B 66 63.58 13.65 11.13
CA ASN B 66 63.45 13.71 9.69
C ASN B 66 62.98 12.35 9.15
N ILE B 67 62.28 12.39 8.02
CA ILE B 67 61.72 11.18 7.41
C ILE B 67 62.31 11.04 6.02
N TYR B 68 62.86 9.86 5.73
CA TYR B 68 63.58 9.67 4.48
C TYR B 68 62.65 9.32 3.33
N ILE B 69 61.87 8.25 3.48
CA ILE B 69 61.05 7.74 2.38
C ILE B 69 59.78 8.58 2.37
N GLN B 70 59.81 9.66 1.61
CA GLN B 70 58.69 10.59 1.49
C GLN B 70 57.99 10.40 0.15
N GLU B 71 56.81 10.99 0.05
CA GLU B 71 56.13 11.17 -1.22
C GLU B 71 56.32 12.62 -1.64
N LYS B 72 55.62 13.04 -2.70
CA LYS B 72 55.80 14.39 -3.22
C LYS B 72 55.05 15.44 -2.41
N ALA B 73 54.62 15.11 -1.19
CA ALA B 73 54.25 16.10 -0.20
C ALA B 73 55.43 16.54 0.64
N ILE B 74 56.64 16.40 0.11
CA ILE B 74 57.86 16.78 0.82
C ILE B 74 57.89 18.28 0.99
N LEU B 75 58.54 18.75 2.05
CA LEU B 75 58.74 20.17 2.31
C LEU B 75 60.24 20.43 2.34
N ASN B 76 60.70 21.39 1.54
CA ASN B 76 62.13 21.64 1.38
C ASN B 76 62.62 22.92 2.06
N GLU B 77 62.00 23.34 3.15
CA GLU B 77 62.37 24.64 3.71
C GLU B 77 63.45 24.53 4.79
N THR B 78 63.41 23.52 5.64
CA THR B 78 64.34 23.45 6.76
C THR B 78 64.66 22.01 7.13
N HIS B 79 65.92 21.75 7.46
CA HIS B 79 66.35 20.48 8.02
C HIS B 79 67.61 20.69 8.85
N GLU B 80 67.71 19.96 9.95
CA GLU B 80 68.87 20.04 10.83
C GLU B 80 69.21 18.64 11.32
N ARG B 81 70.50 18.31 11.30
CA ARG B 81 70.97 16.96 11.56
C ARG B 81 71.61 16.87 12.94
N ALA B 82 71.26 15.82 13.68
CA ALA B 82 71.80 15.65 15.02
C ALA B 82 73.31 15.47 15.01
N TYR B 83 73.83 14.71 14.04
CA TYR B 83 75.27 14.52 13.89
C TYR B 83 75.87 13.87 15.14
N THR B 84 75.42 12.65 15.42
CA THR B 84 75.96 11.88 16.54
C THR B 84 76.57 10.57 16.04
N ASP B 101 83.47 1.25 8.82
CA ASP B 101 82.85 2.58 8.76
C ASP B 101 81.34 2.45 8.53
N ALA B 102 80.92 1.30 8.03
CA ALA B 102 79.50 1.09 7.77
C ALA B 102 78.68 1.28 9.03
N LYS B 103 79.20 0.83 10.17
CA LYS B 103 78.46 0.97 11.43
C LYS B 103 78.23 2.44 11.76
N ARG B 104 79.23 3.29 11.52
CA ARG B 104 79.08 4.70 11.86
C ARG B 104 77.99 5.37 11.02
N VAL B 105 77.94 5.08 9.72
CA VAL B 105 76.95 5.70 8.87
C VAL B 105 75.54 5.24 9.27
N THR B 106 75.38 3.94 9.51
CA THR B 106 74.07 3.42 9.92
C THR B 106 73.64 4.05 11.23
N ASP B 107 74.57 4.24 12.18
CA ASP B 107 74.22 4.88 13.43
C ASP B 107 73.74 6.30 13.20
N TRP B 108 74.40 7.04 12.31
CA TRP B 108 73.95 8.39 11.97
C TRP B 108 72.53 8.36 11.42
N MET B 109 72.29 7.49 10.43
CA MET B 109 70.96 7.38 9.85
C MET B 109 69.92 7.14 10.94
N CYS B 110 70.16 6.13 11.78
CA CYS B 110 69.20 5.83 12.84
C CYS B 110 69.01 7.02 13.77
N THR B 111 70.09 7.76 14.04
CA THR B 111 69.99 8.87 14.98
C THR B 111 69.12 9.99 14.45
N ASN B 112 69.21 10.31 13.16
CA ASN B 112 68.43 11.44 12.63
C ASN B 112 67.59 11.02 11.43
N PHE B 113 66.86 9.91 11.54
CA PHE B 113 65.82 9.57 10.59
C PHE B 113 64.82 8.67 11.28
N TYR B 114 63.63 9.19 11.57
CA TYR B 114 62.71 8.49 12.44
C TYR B 114 62.26 7.17 11.84
N ASP B 115 61.83 7.18 10.58
CA ASP B 115 61.32 5.95 9.98
C ASP B 115 62.41 4.89 9.86
N ILE B 116 63.63 5.30 9.53
CA ILE B 116 64.74 4.34 9.50
C ILE B 116 64.98 3.78 10.89
N ARG B 117 64.95 4.64 11.91
CA ARG B 117 65.15 4.17 13.27
C ARG B 117 64.03 3.24 13.73
N THR B 118 62.85 3.35 13.13
CA THR B 118 61.67 2.62 13.57
C THR B 118 61.35 1.42 12.70
N PHE B 119 61.29 1.60 11.37
CA PHE B 119 60.94 0.52 10.47
C PHE B 119 62.14 -0.15 9.82
N GLY B 120 63.25 0.56 9.67
CA GLY B 120 64.43 0.01 9.03
C GLY B 120 64.59 0.52 7.61
N ALA B 121 65.63 0.02 6.95
CA ALA B 121 65.92 0.43 5.58
C ALA B 121 66.97 -0.52 5.01
N VAL B 122 67.39 -0.24 3.78
CA VAL B 122 68.47 -0.95 3.11
C VAL B 122 69.32 0.09 2.37
N MET B 123 70.62 0.07 2.62
CA MET B 123 71.48 1.21 2.29
C MET B 123 72.58 0.82 1.30
N THR B 124 72.28 -0.10 0.40
CA THR B 124 73.16 -0.37 -0.74
C THR B 124 74.43 -1.11 -0.34
N THR B 125 74.68 -1.30 0.95
CA THR B 125 75.83 -2.07 1.41
C THR B 125 75.38 -3.45 1.88
N GLU B 126 75.10 -4.31 0.91
CA GLU B 126 74.82 -5.70 1.23
C GLU B 126 76.06 -6.46 1.68
N VAL B 127 77.24 -5.85 1.54
CA VAL B 127 78.44 -6.44 2.12
C VAL B 127 78.24 -6.66 3.61
N ASN B 128 77.50 -5.78 4.27
CA ASN B 128 77.10 -5.96 5.66
C ASN B 128 75.80 -6.76 5.67
N CYS B 129 75.90 -8.04 6.05
CA CYS B 129 74.71 -8.88 6.11
C CYS B 129 73.69 -8.32 7.08
N GLY B 130 74.14 -7.87 8.25
CA GLY B 130 73.26 -7.25 9.22
C GLY B 130 72.58 -6.03 8.64
N GLN B 131 71.28 -6.14 8.38
CA GLN B 131 70.54 -5.05 7.77
C GLN B 131 70.13 -4.04 8.84
N VAL B 132 69.32 -3.06 8.42
CA VAL B 132 68.63 -2.18 9.36
C VAL B 132 67.19 -2.65 9.39
N ARG B 133 66.88 -3.50 10.37
CA ARG B 133 65.60 -4.19 10.42
C ARG B 133 64.53 -3.37 11.13
N GLY B 134 64.88 -2.65 12.18
CA GLY B 134 63.94 -1.81 12.88
C GLY B 134 63.02 -2.62 13.78
N PRO B 135 62.66 -2.07 14.94
CA PRO B 135 61.85 -2.87 15.88
C PRO B 135 60.41 -3.07 15.44
N VAL B 136 59.75 -2.02 14.97
CA VAL B 136 58.31 -2.07 14.75
C VAL B 136 57.99 -2.94 13.54
N GLN B 137 56.94 -3.73 13.65
CA GLN B 137 56.44 -4.57 12.58
C GLN B 137 54.93 -4.69 12.71
N MET B 138 54.24 -4.65 11.58
CA MET B 138 52.78 -4.73 11.58
C MET B 138 52.32 -5.47 10.33
N ALA B 139 51.24 -6.23 10.49
CA ALA B 139 50.71 -7.09 9.45
C ALA B 139 49.50 -6.46 8.79
N PHE B 140 48.88 -7.20 7.87
CA PHE B 140 47.69 -6.71 7.19
C PHE B 140 46.55 -6.54 8.19
N ALA B 141 45.71 -5.54 7.94
CA ALA B 141 44.52 -5.30 8.75
C ALA B 141 43.30 -5.79 7.98
N ARG B 142 42.43 -6.53 8.67
CA ARG B 142 41.29 -7.16 8.05
C ARG B 142 40.01 -6.80 8.80
N SER B 143 38.93 -6.65 8.05
CA SER B 143 37.66 -6.27 8.63
C SER B 143 37.14 -7.36 9.56
N VAL B 144 36.35 -6.95 10.56
CA VAL B 144 35.80 -7.91 11.51
C VAL B 144 34.68 -8.73 10.90
N GLU B 145 34.04 -8.23 9.84
CA GLU B 145 33.00 -8.96 9.15
C GLU B 145 33.02 -8.54 7.69
N PRO B 146 32.45 -9.35 6.79
CA PRO B 146 32.59 -9.07 5.36
C PRO B 146 32.05 -7.69 5.00
N VAL B 147 32.70 -7.06 4.03
CA VAL B 147 32.30 -5.76 3.53
C VAL B 147 31.82 -5.92 2.09
N VAL B 148 30.91 -5.04 1.69
CA VAL B 148 30.31 -5.09 0.36
C VAL B 148 30.47 -3.72 -0.29
N PRO B 149 31.60 -3.43 -0.93
CA PRO B 149 31.81 -2.09 -1.48
C PRO B 149 30.76 -1.74 -2.52
N GLN B 150 30.38 -0.47 -2.55
CA GLN B 150 29.37 0.03 -3.46
C GLN B 150 30.02 0.82 -4.58
N GLU B 151 29.47 0.68 -5.78
CA GLU B 151 29.94 1.41 -6.96
C GLU B 151 29.06 2.63 -7.15
N VAL B 152 29.67 3.81 -7.16
CA VAL B 152 28.96 5.08 -7.26
C VAL B 152 29.33 5.73 -8.59
N SER B 153 28.33 6.02 -9.40
CA SER B 153 28.55 6.66 -10.70
C SER B 153 28.49 8.17 -10.55
N ILE B 154 29.44 8.85 -11.19
CA ILE B 154 29.52 10.30 -11.15
C ILE B 154 29.78 10.83 -12.55
N THR B 155 29.54 12.12 -12.72
CA THR B 155 29.72 12.80 -14.00
C THR B 155 30.64 14.00 -13.81
N ARG B 156 31.07 14.57 -14.95
CA ARG B 156 31.93 15.75 -14.93
C ARG B 156 31.48 16.74 -16.00
N MET B 157 31.54 18.02 -15.65
CA MET B 157 31.09 19.07 -16.56
C MET B 157 31.98 19.15 -17.80
N ALA B 158 33.29 19.17 -17.62
CA ALA B 158 34.22 19.51 -18.68
C ALA B 158 34.90 18.27 -19.24
N VAL B 159 35.16 18.29 -20.54
CA VAL B 159 35.93 17.24 -21.21
C VAL B 159 37.40 17.65 -21.21
N THR B 160 38.27 16.66 -21.12
CA THR B 160 39.70 16.92 -20.99
C THR B 160 40.37 17.31 -22.30
N THR B 161 39.92 16.76 -23.43
CA THR B 161 40.58 16.97 -24.72
C THR B 161 39.57 17.41 -25.77
N LYS B 162 40.07 18.16 -26.76
CA LYS B 162 39.22 18.56 -27.87
C LYS B 162 38.75 17.36 -28.68
N ALA B 163 39.54 16.30 -28.74
CA ALA B 163 39.17 15.14 -29.53
C ALA B 163 37.85 14.54 -29.05
N GLU B 164 37.70 14.39 -27.73
CA GLU B 164 36.47 13.86 -27.18
C GLU B 164 35.35 14.89 -27.12
N ALA B 165 35.66 16.17 -27.30
CA ALA B 165 34.64 17.20 -27.33
C ALA B 165 33.70 17.05 -28.53
N GLU B 166 34.06 16.24 -29.51
CA GLU B 166 33.23 16.03 -30.69
C GLU B 166 32.74 14.58 -30.74
N ASP B 171 26.97 16.11 -24.83
CA ASP B 171 27.97 15.18 -25.35
C ASP B 171 29.34 15.45 -24.73
N ASN B 172 29.53 16.66 -24.20
CA ASN B 172 30.80 17.08 -23.62
C ASN B 172 30.73 16.83 -22.11
N ARG B 173 30.71 15.55 -21.75
CA ARG B 173 30.68 15.13 -20.35
C ARG B 173 31.32 13.76 -20.26
N THR B 174 31.72 13.39 -19.04
CA THR B 174 32.35 12.10 -18.79
C THR B 174 31.68 11.45 -17.59
N MET B 175 31.51 10.14 -17.65
CA MET B 175 30.87 9.36 -16.61
C MET B 175 31.92 8.50 -15.91
N GLY B 176 32.45 9.00 -14.79
CA GLY B 176 33.36 8.22 -13.97
C GLY B 176 32.61 7.37 -12.96
N ARG B 177 33.38 6.65 -12.16
CA ARG B 177 32.82 5.84 -11.09
C ARG B 177 33.75 5.91 -9.88
N LYS B 178 33.17 5.64 -8.71
CA LYS B 178 33.83 5.87 -7.44
C LYS B 178 33.39 4.80 -6.47
N HIS B 179 34.32 4.01 -5.97
CA HIS B 179 34.02 2.86 -5.12
C HIS B 179 34.16 3.26 -3.66
N ILE B 180 33.18 2.84 -2.84
CA ILE B 180 33.15 3.19 -1.43
C ILE B 180 32.78 1.96 -0.62
N VAL B 181 33.25 1.93 0.61
CA VAL B 181 32.85 0.94 1.60
C VAL B 181 31.83 1.58 2.53
N PRO B 182 30.57 1.15 2.53
CA PRO B 182 29.58 1.85 3.37
C PRO B 182 30.00 1.92 4.82
N TYR B 183 30.60 0.86 5.34
CA TYR B 183 31.21 0.90 6.67
C TYR B 183 31.97 -0.40 6.89
N GLY B 184 33.06 -0.30 7.63
CA GLY B 184 33.85 -1.46 7.97
C GLY B 184 34.82 -1.18 9.10
N LEU B 185 34.89 -2.07 10.07
CA LEU B 185 35.80 -1.92 11.20
C LEU B 185 36.97 -2.87 11.01
N TYR B 186 38.17 -2.30 10.96
CA TYR B 186 39.39 -3.04 10.64
C TYR B 186 40.25 -3.21 11.88
N VAL B 187 40.87 -4.37 12.01
CA VAL B 187 41.74 -4.69 13.14
C VAL B 187 43.16 -4.85 12.62
N ALA B 188 44.08 -4.06 13.16
CA ALA B 188 45.49 -4.09 12.77
C ALA B 188 46.33 -4.57 13.94
N HIS B 189 47.14 -5.59 13.69
CA HIS B 189 48.07 -6.12 14.69
C HIS B 189 49.47 -5.59 14.42
N GLY B 190 50.25 -5.47 15.49
CA GLY B 190 51.61 -4.99 15.36
C GLY B 190 52.47 -5.50 16.49
N PHE B 191 53.77 -5.57 16.22
CA PHE B 191 54.75 -6.10 17.17
C PHE B 191 55.94 -5.16 17.24
N ILE B 192 56.39 -4.88 18.46
CA ILE B 192 57.59 -4.08 18.69
C ILE B 192 58.57 -4.96 19.46
N SER B 193 59.77 -5.11 18.92
CA SER B 193 60.78 -6.00 19.48
C SER B 193 61.86 -5.16 20.15
N ALA B 194 61.94 -5.26 21.47
CA ALA B 194 62.95 -4.49 22.20
C ALA B 194 64.37 -4.84 21.79
N PRO B 195 64.74 -6.11 21.63
CA PRO B 195 66.13 -6.41 21.23
C PRO B 195 66.52 -5.74 19.92
N LEU B 196 65.62 -5.71 18.93
CA LEU B 196 65.91 -5.02 17.69
C LEU B 196 66.06 -3.52 17.93
N ALA B 197 65.20 -2.95 18.78
CA ALA B 197 65.31 -1.53 19.09
C ALA B 197 66.67 -1.20 19.71
N GLU B 198 67.20 -2.11 20.54
CA GLU B 198 68.48 -1.84 21.17
C GLU B 198 69.59 -1.67 20.14
N LYS B 199 69.44 -2.25 18.97
CA LYS B 199 70.42 -2.12 17.89
C LYS B 199 70.16 -0.91 17.00
N THR B 200 69.11 -0.13 17.27
CA THR B 200 68.75 1.00 16.42
C THR B 200 68.61 2.31 17.18
N GLY B 201 68.39 2.29 18.48
CA GLY B 201 68.20 3.51 19.25
C GLY B 201 66.76 3.92 19.41
N PHE B 202 65.81 3.07 19.07
CA PHE B 202 64.39 3.39 19.21
C PHE B 202 64.08 3.57 20.70
N SER B 203 63.87 4.82 21.13
CA SER B 203 63.76 5.15 22.53
C SER B 203 62.30 5.33 22.94
N ASP B 204 62.10 5.63 24.23
CA ASP B 204 60.74 5.71 24.76
C ASP B 204 59.99 6.92 24.20
N GLU B 205 60.67 8.03 23.98
CA GLU B 205 60.01 9.17 23.35
C GLU B 205 59.54 8.80 21.94
N ASP B 206 60.34 8.01 21.22
CA ASP B 206 59.91 7.50 19.94
C ASP B 206 58.67 6.64 20.07
N LEU B 207 58.60 5.84 21.14
CA LEU B 207 57.42 5.02 21.36
C LEU B 207 56.18 5.88 21.63
N THR B 208 56.34 6.94 22.41
CA THR B 208 55.21 7.84 22.65
C THR B 208 54.76 8.50 21.36
N LEU B 209 55.71 8.94 20.54
CA LEU B 209 55.36 9.53 19.25
C LEU B 209 54.66 8.51 18.36
N PHE B 210 55.09 7.25 18.43
CA PHE B 210 54.46 6.19 17.64
C PHE B 210 53.01 5.97 18.08
N TRP B 211 52.77 5.93 19.39
CA TRP B 211 51.40 5.80 19.87
C TRP B 211 50.56 7.00 19.41
N ASP B 212 51.12 8.20 19.50
CA ASP B 212 50.39 9.38 19.06
C ASP B 212 50.05 9.29 17.57
N ALA B 213 51.01 8.85 16.75
CA ALA B 213 50.76 8.73 15.32
C ALA B 213 49.65 7.71 15.07
N LEU B 214 49.72 6.55 15.71
CA LEU B 214 48.67 5.55 15.55
C LEU B 214 47.31 6.13 15.92
N VAL B 215 47.27 6.91 17.00
CA VAL B 215 46.00 7.49 17.43
C VAL B 215 45.50 8.50 16.41
N ASN B 216 46.40 9.26 15.79
CA ASN B 216 46.04 10.37 14.91
C ASN B 216 46.60 10.16 13.50
N MET B 217 46.60 8.91 13.03
CA MET B 217 47.07 8.63 11.68
C MET B 217 46.21 9.35 10.65
N PHE B 218 44.89 9.19 10.75
CA PHE B 218 43.99 9.60 9.69
C PHE B 218 43.55 11.05 9.78
N GLU B 219 43.86 11.75 10.88
CA GLU B 219 43.39 13.11 11.05
C GLU B 219 43.97 14.06 10.01
N HIS B 220 45.03 13.65 9.30
CA HIS B 220 45.63 14.47 8.27
C HIS B 220 45.63 13.78 6.91
N ASP B 221 44.94 12.65 6.79
CA ASP B 221 44.90 11.88 5.55
C ASP B 221 43.60 12.09 4.78
N ARG B 222 42.85 13.14 5.09
CA ARG B 222 41.58 13.37 4.43
C ARG B 222 41.78 13.59 2.94
N SER B 223 40.88 13.03 2.14
CA SER B 223 40.94 13.18 0.69
C SER B 223 39.58 12.83 0.11
N ALA B 224 39.44 13.10 -1.19
CA ALA B 224 38.16 12.87 -1.85
C ALA B 224 37.74 11.42 -1.88
N ALA B 225 38.70 10.49 -1.80
CA ALA B 225 38.41 9.07 -1.93
C ALA B 225 38.23 8.35 -0.60
N ARG B 226 38.97 8.76 0.43
CA ARG B 226 38.96 8.01 1.68
C ARG B 226 37.72 8.27 2.53
N GLY B 227 37.00 9.35 2.29
CA GLY B 227 35.87 9.66 3.15
C GLY B 227 36.32 9.93 4.57
N LEU B 228 35.55 9.43 5.53
CA LEU B 228 35.84 9.61 6.95
C LEU B 228 36.45 8.34 7.49
N MET B 229 37.68 8.45 8.02
CA MET B 229 38.38 7.34 8.63
C MET B 229 38.99 7.81 9.94
N SER B 230 38.92 6.97 10.96
CA SER B 230 39.39 7.37 12.28
C SER B 230 39.80 6.13 13.06
N SER B 231 40.65 6.36 14.07
CA SER B 231 41.07 5.30 14.98
C SER B 231 40.13 5.28 16.18
N ARG B 232 39.64 4.09 16.51
CA ARG B 232 38.64 3.94 17.57
C ARG B 232 39.23 3.39 18.85
N LYS B 233 39.97 2.28 18.78
CA LYS B 233 40.57 1.67 19.96
C LYS B 233 42.03 1.36 19.66
N LEU B 234 42.86 1.46 20.69
CA LEU B 234 44.29 1.14 20.59
C LEU B 234 44.68 0.45 21.89
N ILE B 235 44.80 -0.87 21.84
CA ILE B 235 45.16 -1.68 23.00
C ILE B 235 46.64 -2.02 22.90
N VAL B 236 47.38 -1.79 23.98
CA VAL B 236 48.82 -2.02 24.01
C VAL B 236 49.11 -3.03 25.11
N PHE B 237 49.83 -4.10 24.76
CA PHE B 237 50.27 -5.10 25.72
C PHE B 237 51.75 -4.86 26.00
N LYS B 238 52.08 -4.47 27.22
CA LYS B 238 53.44 -4.15 27.61
C LYS B 238 54.01 -5.33 28.38
N HIS B 239 55.00 -5.99 27.81
CA HIS B 239 55.60 -7.16 28.42
C HIS B 239 56.64 -6.75 29.46
N GLN B 240 56.71 -7.52 30.54
CA GLN B 240 57.65 -7.20 31.61
C GLN B 240 59.08 -7.46 31.20
N ASN B 241 59.33 -8.58 30.51
CA ASN B 241 60.68 -8.96 30.14
C ASN B 241 61.16 -8.17 28.93
N ARG B 242 62.48 -8.16 28.74
CA ARG B 242 63.05 -7.64 27.51
C ARG B 242 62.54 -8.43 26.31
N LEU B 243 62.50 -9.75 26.44
CA LEU B 243 61.75 -10.60 25.53
C LEU B 243 60.29 -10.58 25.99
N GLY B 244 59.47 -11.48 25.44
CA GLY B 244 58.07 -11.52 25.79
C GLY B 244 57.83 -12.22 27.12
N ASN B 245 56.55 -12.37 27.44
CA ASN B 245 56.12 -13.12 28.61
C ASN B 245 54.95 -14.05 28.32
N ALA B 246 54.32 -13.94 27.15
CA ALA B 246 53.22 -14.81 26.77
C ALA B 246 53.10 -14.80 25.25
N PRO B 247 52.52 -15.83 24.65
CA PRO B 247 52.41 -15.85 23.19
C PRO B 247 51.61 -14.66 22.68
N ALA B 248 52.07 -14.09 21.57
CA ALA B 248 51.38 -12.94 20.99
C ALA B 248 50.00 -13.32 20.48
N HIS B 249 49.88 -14.50 19.85
CA HIS B 249 48.59 -14.91 19.33
C HIS B 249 47.58 -15.14 20.44
N LYS B 250 48.04 -15.55 21.63
CA LYS B 250 47.13 -15.70 22.75
C LYS B 250 46.74 -14.35 23.34
N LEU B 251 47.61 -13.35 23.22
CA LEU B 251 47.26 -12.01 23.68
C LEU B 251 46.24 -11.36 22.75
N PHE B 252 46.44 -11.48 21.43
CA PHE B 252 45.51 -10.88 20.49
C PHE B 252 44.12 -11.47 20.64
N ASP B 253 44.01 -12.70 21.14
CA ASP B 253 42.70 -13.31 21.35
C ASP B 253 41.92 -12.62 22.45
N LEU B 254 42.60 -12.01 23.42
CA LEU B 254 41.89 -11.35 24.51
C LEU B 254 41.04 -10.20 24.00
N VAL B 255 41.43 -9.58 22.89
CA VAL B 255 40.66 -8.48 22.31
C VAL B 255 39.55 -9.06 21.44
N LYS B 256 38.38 -9.28 22.05
CA LYS B 256 37.23 -9.83 21.34
C LYS B 256 36.31 -8.68 20.95
N VAL B 257 35.95 -8.62 19.67
CA VAL B 257 35.06 -7.59 19.14
C VAL B 257 33.87 -8.27 18.49
N SER B 258 32.67 -7.94 18.95
CA SER B 258 31.45 -8.55 18.45
C SER B 258 30.42 -7.44 18.25
N ARG B 259 29.18 -7.82 17.97
CA ARG B 259 28.13 -6.89 17.64
C ARG B 259 27.23 -6.63 18.85
N ALA B 260 26.81 -5.39 19.00
CA ALA B 260 25.99 -5.00 20.14
C ALA B 260 24.65 -5.72 20.11
N GLU B 261 23.99 -5.76 21.27
CA GLU B 261 22.75 -6.52 21.40
C GLU B 261 21.66 -5.98 20.49
N GLY B 262 21.49 -4.66 20.45
CA GLY B 262 20.41 -4.06 19.72
C GLY B 262 20.64 -3.85 18.24
N SER B 263 21.79 -4.30 17.72
CA SER B 263 22.15 -4.06 16.33
C SER B 263 21.82 -5.28 15.48
N SER B 264 21.17 -5.05 14.34
CA SER B 264 20.87 -6.11 13.39
C SER B 264 21.03 -5.53 11.98
N GLY B 265 21.24 -6.43 11.02
CA GLY B 265 21.50 -6.03 9.67
C GLY B 265 22.94 -5.57 9.50
N PRO B 266 23.27 -5.01 8.35
CA PRO B 266 24.64 -4.56 8.12
C PRO B 266 25.02 -3.44 9.08
N ALA B 267 26.29 -3.45 9.50
CA ALA B 267 26.78 -2.42 10.40
C ALA B 267 26.97 -1.11 9.63
N ARG B 268 26.66 0.01 10.31
CA ARG B 268 26.82 1.32 9.70
C ARG B 268 27.41 2.35 10.64
N SER B 269 27.80 1.98 11.85
CA SER B 269 28.46 2.89 12.77
C SER B 269 29.19 2.07 13.83
N PHE B 270 30.15 2.71 14.49
CA PHE B 270 30.92 2.03 15.51
C PHE B 270 30.05 1.56 16.67
N ALA B 271 28.90 2.18 16.87
CA ALA B 271 28.02 1.76 17.96
C ALA B 271 27.53 0.34 17.79
N ASP B 272 27.52 -0.18 16.56
CA ASP B 272 27.05 -1.54 16.33
C ASP B 272 28.00 -2.59 16.89
N TYR B 273 29.24 -2.22 17.19
CA TYR B 273 30.25 -3.17 17.65
C TYR B 273 30.56 -2.95 19.11
N ALA B 274 30.62 -4.04 19.87
CA ALA B 274 31.03 -4.03 21.26
C ALA B 274 32.35 -4.78 21.37
N VAL B 275 33.36 -4.12 21.94
CA VAL B 275 34.71 -4.65 22.02
C VAL B 275 35.10 -4.79 23.49
N THR B 276 35.61 -5.96 23.84
CA THR B 276 36.03 -6.25 25.22
C THR B 276 37.42 -6.86 25.20
N VAL B 277 38.16 -6.61 26.28
CA VAL B 277 39.51 -7.12 26.45
C VAL B 277 39.55 -7.98 27.70
N GLY B 278 40.12 -9.18 27.57
CA GLY B 278 40.17 -10.13 28.66
C GLY B 278 41.28 -9.83 29.63
N GLN B 279 41.47 -10.75 30.57
CA GLN B 279 42.51 -10.61 31.59
C GLN B 279 43.81 -11.17 31.04
N ALA B 280 44.84 -10.33 30.98
CA ALA B 280 46.11 -10.74 30.41
C ALA B 280 46.87 -11.63 31.38
N PRO B 281 47.80 -12.45 30.86
CA PRO B 281 48.64 -13.26 31.75
C PRO B 281 49.35 -12.39 32.79
N GLU B 282 49.94 -13.06 33.78
CA GLU B 282 50.50 -12.35 34.92
C GLU B 282 51.73 -11.54 34.52
N GLY B 283 52.43 -11.93 33.47
CA GLY B 283 53.68 -11.29 33.11
C GLY B 283 53.58 -10.10 32.18
N VAL B 284 52.38 -9.67 31.81
CA VAL B 284 52.21 -8.58 30.86
C VAL B 284 51.17 -7.60 31.39
N GLU B 285 51.35 -6.33 31.04
CA GLU B 285 50.38 -5.29 31.33
C GLU B 285 49.47 -5.08 30.12
N VAL B 286 48.41 -4.30 30.32
CA VAL B 286 47.49 -3.94 29.25
C VAL B 286 47.14 -2.47 29.39
N LYS B 287 47.17 -1.75 28.28
CA LYS B 287 46.82 -0.34 28.24
C LYS B 287 45.75 -0.12 27.18
N GLU B 288 45.02 0.98 27.32
CA GLU B 288 44.02 1.39 26.35
C GLU B 288 44.23 2.87 26.05
N MET B 289 45.00 3.16 25.00
CA MET B 289 45.24 4.54 24.61
C MET B 289 43.98 5.20 24.05
N LEU B 290 42.95 4.42 23.76
CA LEU B 290 41.68 4.97 23.29
C LEU B 290 40.52 4.10 23.76
N MET C 1 49.51 35.66 -0.59
CA MET C 1 48.27 35.12 0.03
C MET C 1 48.59 34.23 1.22
N THR C 2 48.67 34.82 2.41
CA THR C 2 48.92 34.06 3.62
C THR C 2 47.81 33.04 3.82
N ALA C 3 48.19 31.80 4.09
CA ALA C 3 47.24 30.73 4.28
C ALA C 3 46.67 30.76 5.69
N ILE C 4 45.58 30.01 5.89
CA ILE C 4 45.00 29.92 7.22
C ILE C 4 45.97 29.22 8.17
N ALA C 5 45.72 29.37 9.47
CA ALA C 5 46.59 28.82 10.50
C ALA C 5 45.82 28.02 11.53
N ASN C 6 44.64 27.51 11.20
CA ASN C 6 43.84 26.72 12.13
C ASN C 6 43.12 25.61 11.39
N ARG C 7 43.05 24.45 12.03
CA ARG C 7 42.28 23.34 11.49
C ARG C 7 40.80 23.56 11.79
N TYR C 8 39.95 23.27 10.81
CA TYR C 8 38.50 23.42 10.95
C TYR C 8 37.81 22.11 10.61
N GLU C 9 36.78 21.79 11.38
CA GLU C 9 35.81 20.76 11.03
C GLU C 9 34.42 21.38 11.12
N PHE C 10 33.57 21.06 10.14
CA PHE C 10 32.24 21.64 10.11
C PHE C 10 31.22 20.56 9.79
N VAL C 11 29.99 20.78 10.28
CA VAL C 11 28.86 19.91 10.02
C VAL C 11 27.74 20.76 9.42
N LEU C 12 27.23 20.34 8.28
CA LEU C 12 26.17 21.06 7.58
C LEU C 12 24.92 20.21 7.55
N LEU C 13 23.79 20.80 7.91
CA LEU C 13 22.49 20.15 7.86
C LEU C 13 21.63 20.88 6.85
N PHE C 14 21.15 20.16 5.83
CA PHE C 14 20.33 20.76 4.80
C PHE C 14 19.15 19.84 4.51
N ASP C 15 18.08 20.43 3.99
CA ASP C 15 16.81 19.76 3.80
C ASP C 15 16.54 19.52 2.31
N VAL C 16 15.47 18.79 2.06
CA VAL C 16 14.90 18.67 0.72
C VAL C 16 13.41 18.37 0.89
N GLU C 17 12.58 19.06 0.13
CA GLU C 17 11.13 18.96 0.27
C GLU C 17 10.53 18.76 -1.10
N ASN C 18 9.98 17.57 -1.35
CA ASN C 18 9.41 17.23 -2.64
C ASN C 18 10.41 17.52 -3.76
N GLY C 19 11.65 17.08 -3.55
CA GLY C 19 12.72 17.35 -4.48
C GLY C 19 13.59 16.13 -4.71
N ASN C 20 14.57 16.30 -5.59
CA ASN C 20 15.53 15.25 -5.92
C ASN C 20 16.93 15.77 -5.64
N PRO C 21 17.46 15.60 -4.44
CA PRO C 21 18.74 16.24 -4.11
C PRO C 21 19.89 15.81 -5.01
N ASN C 22 19.93 14.55 -5.42
CA ASN C 22 21.03 14.05 -6.23
C ASN C 22 20.57 12.77 -6.91
N GLY C 23 20.51 12.77 -8.24
CA GLY C 23 20.04 11.61 -8.96
C GLY C 23 21.09 10.52 -9.03
N ASP C 24 20.62 9.30 -9.30
CA ASP C 24 21.49 8.14 -9.43
C ASP C 24 21.57 7.75 -10.90
N PRO C 25 22.71 7.93 -11.56
CA PRO C 25 22.78 7.57 -12.99
C PRO C 25 22.51 6.11 -13.26
N ASP C 26 22.72 5.22 -12.30
CA ASP C 26 22.51 3.80 -12.52
C ASP C 26 21.05 3.39 -12.36
N ALA C 27 20.38 3.91 -11.34
CA ALA C 27 18.97 3.61 -11.11
C ALA C 27 18.09 4.70 -11.70
N GLY C 28 18.04 4.74 -13.03
CA GLY C 28 17.30 5.77 -13.73
C GLY C 28 17.78 7.14 -13.32
N ASN C 29 16.96 7.86 -12.56
CA ASN C 29 17.37 9.12 -11.95
C ASN C 29 16.86 9.19 -10.51
N MET C 30 16.66 8.04 -9.88
CA MET C 30 16.19 8.00 -8.52
C MET C 30 17.21 8.66 -7.60
N PRO C 31 16.77 9.27 -6.50
CA PRO C 31 17.73 9.79 -5.52
C PRO C 31 18.65 8.68 -5.02
N ARG C 32 19.92 9.02 -4.83
CA ARG C 32 20.87 8.04 -4.32
C ARG C 32 20.43 7.57 -2.94
N ILE C 33 20.43 6.25 -2.75
CA ILE C 33 20.11 5.65 -1.46
C ILE C 33 21.12 4.56 -1.15
N ASP C 34 21.24 4.25 0.13
CA ASP C 34 22.01 3.11 0.58
C ASP C 34 21.11 1.89 0.54
N PRO C 35 21.21 1.04 -0.49
CA PRO C 35 20.19 0.01 -0.69
C PRO C 35 20.02 -0.94 0.49
N GLU C 36 21.07 -1.18 1.27
CA GLU C 36 20.97 -2.12 2.39
C GLU C 36 20.28 -1.53 3.61
N THR C 37 20.10 -0.21 3.65
CA THR C 37 19.46 0.44 4.78
C THR C 37 18.39 1.45 4.41
N GLY C 38 18.37 1.96 3.18
CA GLY C 38 17.37 2.92 2.76
C GLY C 38 17.72 4.37 3.01
N HIS C 39 18.82 4.65 3.71
CA HIS C 39 19.21 6.02 3.93
C HIS C 39 19.65 6.67 2.64
N GLY C 40 19.29 7.95 2.48
CA GLY C 40 19.67 8.67 1.28
C GLY C 40 21.11 9.12 1.30
N LEU C 41 21.66 9.33 0.11
CA LEU C 41 23.04 9.77 -0.05
C LEU C 41 23.09 10.95 -1.02
N VAL C 42 24.08 11.82 -0.81
CA VAL C 42 24.37 12.90 -1.74
C VAL C 42 25.88 12.99 -1.86
N THR C 43 26.40 12.70 -3.05
CA THR C 43 27.84 12.66 -3.24
C THR C 43 28.46 14.01 -2.87
N ASP C 44 29.63 13.95 -2.22
CA ASP C 44 30.36 15.17 -1.92
C ASP C 44 30.63 15.96 -3.19
N VAL C 45 30.74 15.27 -4.33
CA VAL C 45 30.96 15.95 -5.60
C VAL C 45 29.83 16.92 -5.89
N CYS C 46 28.60 16.53 -5.59
CA CYS C 46 27.46 17.44 -5.86
C CYS C 46 27.56 18.70 -5.03
N LEU C 47 27.89 18.56 -3.74
CA LEU C 47 28.02 19.74 -2.88
C LEU C 47 29.17 20.63 -3.35
N LYS C 48 30.28 20.01 -3.76
CA LYS C 48 31.40 20.80 -4.28
C LYS C 48 31.00 21.54 -5.55
N ARG C 49 30.20 20.89 -6.40
CA ARG C 49 29.71 21.56 -7.61
C ARG C 49 28.83 22.75 -7.25
N LYS C 50 27.95 22.59 -6.26
CA LYS C 50 27.10 23.71 -5.86
C LYS C 50 27.94 24.86 -5.29
N ILE C 51 28.97 24.53 -4.52
CA ILE C 51 29.86 25.56 -4.00
C ILE C 51 30.56 26.29 -5.14
N ARG C 52 31.04 25.54 -6.13
CA ARG C 52 31.69 26.15 -7.28
C ARG C 52 30.72 27.08 -8.00
N ASN C 53 29.48 26.63 -8.19
CA ASN C 53 28.48 27.45 -8.87
C ASN C 53 28.23 28.75 -8.10
N HIS C 54 28.10 28.65 -6.78
CA HIS C 54 27.87 29.85 -5.98
C HIS C 54 29.06 30.79 -6.06
N VAL C 55 30.28 30.26 -6.03
CA VAL C 55 31.46 31.11 -6.12
C VAL C 55 31.48 31.83 -7.45
N ALA C 56 31.21 31.11 -8.53
CA ALA C 56 31.20 31.73 -9.85
C ALA C 56 30.12 32.81 -9.94
N LEU C 57 28.94 32.53 -9.38
CA LEU C 57 27.85 33.50 -9.43
C LEU C 57 28.20 34.76 -8.65
N THR C 58 28.75 34.60 -7.45
CA THR C 58 28.99 35.73 -6.57
C THR C 58 30.28 36.49 -6.89
N LYS C 59 31.18 35.90 -7.67
CA LYS C 59 32.41 36.58 -8.07
C LYS C 59 32.45 36.94 -9.55
N GLU C 60 31.58 36.36 -10.36
CA GLU C 60 31.45 36.75 -11.76
C GLU C 60 32.79 36.69 -12.49
N GLY C 61 33.56 35.65 -12.21
CA GLY C 61 34.84 35.47 -12.87
C GLY C 61 35.85 36.56 -12.59
N ALA C 62 35.84 37.12 -11.38
CA ALA C 62 36.85 38.09 -11.01
C ALA C 62 38.22 37.44 -10.93
N GLU C 63 39.25 38.28 -10.96
CA GLU C 63 40.61 37.76 -10.96
C GLU C 63 40.87 36.95 -9.70
N ARG C 64 41.65 35.87 -9.84
CA ARG C 64 42.01 34.95 -8.77
C ARG C 64 40.81 34.20 -8.21
N PHE C 65 39.67 34.23 -8.89
CA PHE C 65 38.47 33.53 -8.41
C PHE C 65 37.74 32.85 -9.55
N ASN C 66 38.45 32.49 -10.62
CA ASN C 66 37.85 31.64 -11.64
C ASN C 66 37.72 30.21 -11.13
N ILE C 67 36.80 29.47 -11.72
CA ILE C 67 36.56 28.08 -11.35
C ILE C 67 37.00 27.20 -12.52
N TYR C 68 37.76 26.16 -12.20
CA TYR C 68 38.45 25.33 -13.17
C TYR C 68 37.50 24.39 -13.92
N ILE C 69 36.58 23.75 -13.21
CA ILE C 69 35.65 22.79 -13.84
C ILE C 69 34.43 23.60 -14.25
N GLN C 70 34.52 24.20 -15.43
CA GLN C 70 33.45 25.05 -15.94
C GLN C 70 32.48 24.22 -16.77
N GLU C 71 31.41 24.86 -17.24
CA GLU C 71 30.32 24.13 -17.89
C GLU C 71 30.80 23.44 -19.17
N LYS C 72 31.56 24.17 -20.01
CA LYS C 72 31.93 23.66 -21.32
C LYS C 72 33.41 23.86 -21.61
N ALA C 73 34.22 24.17 -20.60
CA ALA C 73 35.63 24.40 -20.81
C ALA C 73 36.33 23.10 -21.19
N ILE C 74 37.48 23.25 -21.86
CA ILE C 74 38.36 22.14 -22.18
C ILE C 74 39.59 22.29 -21.31
N LEU C 75 39.85 21.27 -20.48
CA LEU C 75 40.89 21.40 -19.46
C LEU C 75 42.27 21.57 -20.08
N ASN C 76 42.54 20.87 -21.19
CA ASN C 76 43.83 21.01 -21.84
C ASN C 76 44.09 22.45 -22.24
N GLU C 77 43.05 23.16 -22.67
CA GLU C 77 43.23 24.57 -23.04
C GLU C 77 43.61 25.42 -21.82
N THR C 78 43.01 25.15 -20.66
CA THR C 78 43.37 25.88 -19.46
C THR C 78 44.82 25.58 -19.05
N HIS C 79 45.23 24.32 -19.15
CA HIS C 79 46.61 23.99 -18.85
C HIS C 79 47.57 24.66 -19.82
N GLU C 80 47.19 24.74 -21.10
CA GLU C 80 47.98 25.47 -22.07
C GLU C 80 48.08 26.95 -21.71
N ARG C 81 46.98 27.54 -21.24
CA ARG C 81 47.03 28.90 -20.74
C ARG C 81 48.05 29.04 -19.62
N ALA C 82 48.04 28.10 -18.68
CA ALA C 82 48.99 28.16 -17.58
C ALA C 82 50.42 28.10 -18.09
N TYR C 83 50.70 27.17 -19.01
CA TYR C 83 52.04 27.04 -19.54
C TYR C 83 52.48 28.30 -20.28
N THR C 84 51.58 28.90 -21.06
CA THR C 84 51.90 30.15 -21.73
C THR C 84 52.20 31.24 -20.71
N ALA C 85 51.39 31.34 -19.66
CA ALA C 85 51.65 32.34 -18.63
C ALA C 85 53.00 32.12 -17.96
N CYS C 86 53.44 30.87 -17.86
CA CYS C 86 54.75 30.56 -17.28
C CYS C 86 55.87 30.57 -18.30
N ASP C 87 55.57 30.77 -19.59
CA ASP C 87 56.59 30.85 -20.64
C ASP C 87 57.41 29.55 -20.71
N LEU C 88 56.72 28.45 -20.99
CA LEU C 88 57.33 27.14 -21.08
C LEU C 88 56.83 26.41 -22.32
N LYS C 89 57.61 25.41 -22.75
CA LYS C 89 57.20 24.52 -23.82
C LYS C 89 56.71 23.23 -23.20
N PRO C 90 55.43 22.87 -23.36
CA PRO C 90 54.89 21.70 -22.63
C PRO C 90 55.18 20.41 -23.36
N GLU C 91 55.89 19.50 -22.68
CA GLU C 91 55.97 18.13 -23.16
C GLU C 91 54.59 17.47 -23.00
N PRO C 92 54.26 16.52 -23.88
CA PRO C 92 52.89 15.99 -23.86
C PRO C 92 52.49 15.38 -22.53
N LYS C 93 53.22 14.37 -22.06
CA LYS C 93 52.80 13.59 -20.91
C LYS C 93 53.56 13.92 -19.64
N LYS C 94 54.55 14.79 -19.70
CA LYS C 94 55.48 15.00 -18.58
C LYS C 94 55.42 16.44 -18.09
N LEU C 95 55.68 16.60 -16.79
CA LEU C 95 55.87 17.92 -16.22
C LEU C 95 57.20 18.50 -16.67
N PRO C 96 57.38 19.81 -16.51
CA PRO C 96 58.70 20.38 -16.81
C PRO C 96 59.77 19.71 -15.97
N LYS C 97 60.92 19.47 -16.60
CA LYS C 97 62.01 18.78 -15.91
C LYS C 97 62.45 19.55 -14.68
N LYS C 98 62.75 20.84 -14.85
CA LYS C 98 63.17 21.69 -13.74
C LYS C 98 62.04 21.77 -12.72
N VAL C 99 62.25 21.18 -11.55
CA VAL C 99 61.17 21.07 -10.57
C VAL C 99 60.61 22.43 -10.21
N GLU C 100 61.44 23.47 -10.23
CA GLU C 100 60.94 24.81 -9.94
C GLU C 100 59.96 25.29 -11.00
N ASP C 101 60.17 24.92 -12.27
CA ASP C 101 59.19 25.29 -13.29
C ASP C 101 57.85 24.59 -13.06
N ALA C 102 57.89 23.30 -12.70
CA ALA C 102 56.66 22.59 -12.40
C ALA C 102 55.95 23.24 -11.22
N LYS C 103 56.70 23.59 -10.18
CA LYS C 103 56.11 24.27 -9.03
C LYS C 103 55.50 25.60 -9.45
N ARG C 104 56.16 26.32 -10.36
CA ARG C 104 55.63 27.60 -10.80
C ARG C 104 54.30 27.43 -11.53
N VAL C 105 54.22 26.45 -12.43
CA VAL C 105 52.97 26.27 -13.16
C VAL C 105 51.85 25.84 -12.21
N THR C 106 52.14 24.92 -11.30
CA THR C 106 51.12 24.48 -10.37
C THR C 106 50.68 25.62 -9.46
N ASP C 107 51.62 26.45 -9.02
CA ASP C 107 51.26 27.58 -8.18
C ASP C 107 50.42 28.60 -8.94
N TRP C 108 50.73 28.82 -10.22
CA TRP C 108 49.90 29.71 -11.03
C TRP C 108 48.47 29.18 -11.10
N MET C 109 48.33 27.88 -11.38
CA MET C 109 46.99 27.30 -11.47
C MET C 109 46.26 27.43 -10.14
N CYS C 110 46.95 27.17 -9.03
CA CYS C 110 46.30 27.30 -7.73
C CYS C 110 45.89 28.74 -7.45
N THR C 111 46.75 29.69 -7.80
CA THR C 111 46.49 31.09 -7.44
C THR C 111 45.33 31.66 -8.24
N ASN C 112 45.28 31.41 -9.55
CA ASN C 112 44.28 32.05 -10.38
C ASN C 112 42.98 31.25 -10.51
N PHE C 113 42.88 30.10 -9.86
CA PHE C 113 41.65 29.31 -9.87
C PHE C 113 41.24 28.99 -8.44
N TYR C 114 40.00 29.34 -8.09
CA TYR C 114 39.55 29.17 -6.71
C TYR C 114 39.34 27.70 -6.35
N ASP C 115 38.67 26.94 -7.22
CA ASP C 115 38.33 25.58 -6.85
C ASP C 115 39.54 24.67 -6.85
N ILE C 116 40.54 24.95 -7.69
CA ILE C 116 41.81 24.24 -7.55
C ILE C 116 42.44 24.58 -6.21
N ARG C 117 42.40 25.86 -5.83
CA ARG C 117 42.97 26.29 -4.57
C ARG C 117 42.28 25.67 -3.37
N THR C 118 41.00 25.30 -3.50
CA THR C 118 40.23 24.80 -2.38
C THR C 118 40.13 23.27 -2.36
N PHE C 119 39.58 22.68 -3.43
CA PHE C 119 39.34 21.24 -3.48
C PHE C 119 40.44 20.45 -4.16
N GLY C 120 41.43 21.11 -4.75
CA GLY C 120 42.46 20.40 -5.47
C GLY C 120 41.99 19.95 -6.83
N ALA C 121 42.88 19.28 -7.55
CA ALA C 121 42.55 18.79 -8.88
C ALA C 121 43.63 17.85 -9.36
N VAL C 122 43.30 17.08 -10.40
CA VAL C 122 44.23 16.20 -11.08
C VAL C 122 44.35 16.70 -12.52
N MET C 123 45.59 17.00 -12.94
CA MET C 123 45.81 17.66 -14.22
C MET C 123 46.81 16.90 -15.08
N THR C 124 47.07 15.64 -14.79
CA THR C 124 48.06 14.85 -15.52
C THR C 124 47.47 14.36 -16.86
N THR C 125 47.09 15.33 -17.69
CA THR C 125 46.45 15.04 -18.97
C THR C 125 47.50 15.12 -20.09
N GLU C 126 47.06 15.10 -21.35
CA GLU C 126 47.98 15.14 -22.48
C GLU C 126 48.83 16.40 -22.51
N VAL C 127 48.55 17.36 -21.64
CA VAL C 127 49.46 18.47 -21.36
C VAL C 127 49.55 18.57 -19.84
N ASN C 128 50.53 17.88 -19.26
CA ASN C 128 50.57 17.70 -17.82
C ASN C 128 50.72 19.04 -17.11
N CYS C 129 50.05 19.17 -15.96
CA CYS C 129 50.14 20.38 -15.15
C CYS C 129 50.23 20.07 -13.67
N GLY C 130 50.61 18.86 -13.29
CA GLY C 130 50.78 18.51 -11.89
C GLY C 130 49.48 18.11 -11.23
N GLN C 131 49.55 18.02 -9.90
CA GLN C 131 48.42 17.63 -9.08
C GLN C 131 48.35 18.53 -7.86
N VAL C 132 47.16 18.65 -7.29
CA VAL C 132 46.93 19.37 -6.05
C VAL C 132 45.98 18.55 -5.19
N ARG C 133 46.19 18.58 -3.88
CA ARG C 133 45.36 17.77 -2.98
C ARG C 133 44.11 18.53 -2.53
N GLY C 134 44.24 19.80 -2.19
CA GLY C 134 43.10 20.60 -1.82
C GLY C 134 42.84 20.60 -0.32
N PRO C 135 43.00 21.75 0.33
CA PRO C 135 42.83 21.78 1.78
C PRO C 135 41.44 21.38 2.25
N VAL C 136 40.39 21.68 1.48
CA VAL C 136 39.02 21.48 1.91
C VAL C 136 38.51 20.18 1.31
N GLN C 137 38.10 19.25 2.17
CA GLN C 137 37.50 17.99 1.76
C GLN C 137 36.20 17.80 2.51
N MET C 138 35.26 17.10 1.88
CA MET C 138 33.99 16.79 2.51
C MET C 138 33.52 15.43 2.03
N ALA C 139 32.93 14.68 2.95
CA ALA C 139 32.48 13.32 2.68
C ALA C 139 31.03 13.35 2.21
N PHE C 140 30.48 12.15 1.97
CA PHE C 140 29.10 12.04 1.54
C PHE C 140 28.17 12.60 2.60
N ALA C 141 26.98 13.02 2.15
CA ALA C 141 25.92 13.44 3.06
C ALA C 141 24.89 12.33 3.16
N ARG C 142 24.52 11.97 4.39
CA ARG C 142 23.66 10.83 4.65
C ARG C 142 22.47 11.28 5.48
N SER C 143 21.27 10.89 5.05
CA SER C 143 20.06 11.31 5.75
C SER C 143 20.01 10.72 7.16
N VAL C 144 19.46 11.49 8.08
CA VAL C 144 19.35 11.02 9.46
C VAL C 144 18.40 9.84 9.55
N GLU C 145 17.34 9.82 8.75
CA GLU C 145 16.37 8.75 8.72
C GLU C 145 16.19 8.24 7.30
N PRO C 146 15.79 6.99 7.13
CA PRO C 146 15.63 6.46 5.77
C PRO C 146 14.63 7.28 4.98
N VAL C 147 14.92 7.47 3.70
CA VAL C 147 14.06 8.24 2.82
C VAL C 147 13.15 7.28 2.07
N VAL C 148 12.07 7.83 1.53
CA VAL C 148 11.07 7.03 0.81
C VAL C 148 10.81 7.67 -0.54
N PRO C 149 11.74 7.55 -1.49
CA PRO C 149 11.51 8.18 -2.80
C PRO C 149 10.27 7.61 -3.48
N GLN C 150 9.54 8.48 -4.16
CA GLN C 150 8.34 8.09 -4.87
C GLN C 150 8.40 8.60 -6.30
N GLU C 151 7.83 7.83 -7.21
CA GLU C 151 7.86 8.12 -8.63
C GLU C 151 6.65 8.98 -8.99
N VAL C 152 6.90 10.13 -9.61
CA VAL C 152 5.85 11.03 -10.07
C VAL C 152 5.78 10.89 -11.58
N SER C 153 4.62 10.48 -12.08
CA SER C 153 4.41 10.30 -13.51
C SER C 153 3.79 11.55 -14.10
N ILE C 154 4.37 12.05 -15.19
CA ILE C 154 3.93 13.28 -15.83
C ILE C 154 3.81 13.04 -17.33
N THR C 155 3.19 14.00 -18.01
CA THR C 155 2.94 13.90 -19.45
C THR C 155 3.28 15.23 -20.12
N ARG C 156 3.40 15.18 -21.44
CA ARG C 156 3.64 16.37 -22.24
C ARG C 156 2.69 16.40 -23.43
N MET C 157 2.21 17.60 -23.76
CA MET C 157 1.25 17.80 -24.83
C MET C 157 1.91 18.02 -26.19
N ALA C 158 3.17 17.64 -26.34
CA ALA C 158 3.90 17.85 -27.58
C ALA C 158 4.84 16.68 -27.81
N VAL C 159 5.26 16.52 -29.07
CA VAL C 159 6.12 15.43 -29.49
C VAL C 159 7.32 16.03 -30.21
N THR C 160 8.52 15.53 -29.90
CA THR C 160 9.73 16.11 -30.44
C THR C 160 9.80 15.93 -31.96
N THR C 161 9.72 14.69 -32.43
CA THR C 161 9.90 14.36 -33.84
C THR C 161 8.56 13.97 -34.46
N LYS C 162 8.62 13.56 -35.73
CA LYS C 162 7.43 13.10 -36.43
C LYS C 162 7.06 11.72 -35.94
N ALA C 163 5.93 11.63 -35.22
CA ALA C 163 5.46 10.36 -34.70
C ALA C 163 3.95 10.41 -34.59
N GLU C 164 3.33 9.24 -34.72
CA GLU C 164 1.88 9.09 -34.60
C GLU C 164 1.47 8.45 -33.28
N ALA C 165 2.34 8.52 -32.27
CA ALA C 165 2.01 7.93 -30.97
C ALA C 165 0.79 8.60 -30.36
N GLU C 166 0.72 9.93 -30.44
CA GLU C 166 -0.39 10.67 -29.85
C GLU C 166 -1.02 11.61 -30.88
N ASP C 171 -2.23 6.97 -29.05
CA ASP C 171 -3.28 7.97 -28.98
C ASP C 171 -3.33 8.63 -27.60
N ASN C 172 -2.23 8.53 -26.87
CA ASN C 172 -2.13 9.13 -25.54
C ASN C 172 -0.88 10.00 -25.48
N ARG C 173 -0.92 10.97 -24.58
CA ARG C 173 0.14 11.98 -24.52
C ARG C 173 1.49 11.34 -24.23
N THR C 174 2.55 12.05 -24.61
CA THR C 174 3.91 11.58 -24.34
C THR C 174 4.13 11.47 -22.84
N MET C 175 4.74 10.36 -22.41
CA MET C 175 4.90 10.07 -21.00
C MET C 175 6.26 10.52 -20.49
N GLY C 176 6.38 10.56 -19.16
CA GLY C 176 7.60 10.94 -18.49
C GLY C 176 7.37 10.83 -17.00
N ARG C 177 8.46 10.94 -16.24
CA ARG C 177 8.33 10.79 -14.81
C ARG C 177 9.48 11.49 -14.10
N LYS C 178 9.15 12.02 -12.91
CA LYS C 178 10.13 12.59 -11.98
C LYS C 178 10.29 11.65 -10.79
N HIS C 179 11.36 11.88 -10.03
CA HIS C 179 11.58 11.19 -8.77
C HIS C 179 11.81 12.24 -7.70
N ILE C 180 11.11 12.11 -6.58
CA ILE C 180 11.17 13.10 -5.51
C ILE C 180 11.34 12.38 -4.18
N VAL C 181 11.91 13.09 -3.22
CA VAL C 181 11.96 12.65 -1.82
C VAL C 181 10.94 13.46 -1.05
N PRO C 182 9.93 12.84 -0.44
CA PRO C 182 8.93 13.65 0.28
C PRO C 182 9.56 14.58 1.30
N TYR C 183 10.57 14.12 2.02
CA TYR C 183 11.37 14.99 2.88
C TYR C 183 12.56 14.21 3.38
N GLY C 184 13.69 14.89 3.54
CA GLY C 184 14.88 14.27 4.06
C GLY C 184 15.86 15.27 4.61
N LEU C 185 16.33 15.03 5.84
CA LEU C 185 17.34 15.88 6.47
C LEU C 185 18.68 15.18 6.36
N TYR C 186 19.63 15.82 5.67
CA TYR C 186 20.93 15.26 5.40
C TYR C 186 21.99 15.92 6.28
N VAL C 187 23.01 15.13 6.64
CA VAL C 187 24.12 15.61 7.45
C VAL C 187 25.40 15.44 6.65
N ALA C 188 26.13 16.53 6.47
CA ALA C 188 27.36 16.54 5.69
C ALA C 188 28.53 16.94 6.57
N HIS C 189 29.56 16.12 6.60
CA HIS C 189 30.78 16.38 7.34
C HIS C 189 31.85 16.90 6.39
N GLY C 190 32.75 17.72 6.93
CA GLY C 190 33.82 18.28 6.13
C GLY C 190 35.00 18.68 6.98
N PHE C 191 36.16 18.77 6.32
CA PHE C 191 37.42 19.06 6.98
C PHE C 191 38.16 20.15 6.23
N ILE C 192 38.94 20.94 6.95
CA ILE C 192 39.85 21.92 6.38
C ILE C 192 41.21 21.72 7.01
N SER C 193 42.24 21.66 6.19
CA SER C 193 43.59 21.32 6.65
C SER C 193 44.50 22.52 6.46
N ALA C 194 45.04 23.03 7.57
CA ALA C 194 46.01 24.12 7.47
C ALA C 194 47.29 23.69 6.76
N PRO C 195 47.88 22.53 7.04
CA PRO C 195 49.12 22.16 6.32
C PRO C 195 48.98 22.17 4.81
N LEU C 196 47.84 21.71 4.28
CA LEU C 196 47.64 21.76 2.84
C LEU C 196 47.39 23.19 2.37
N ALA C 197 46.63 23.96 3.14
CA ALA C 197 46.39 25.35 2.79
C ALA C 197 47.71 26.11 2.66
N GLU C 198 48.70 25.76 3.48
CA GLU C 198 50.00 26.42 3.38
C GLU C 198 50.61 26.18 2.00
N LYS C 199 50.51 24.96 1.49
CA LYS C 199 51.08 24.66 0.18
C LYS C 199 50.23 25.23 -0.95
N THR C 200 48.93 25.39 -0.74
CA THR C 200 48.02 25.76 -1.81
C THR C 200 47.67 27.24 -1.82
N GLY C 201 47.75 27.93 -0.68
CA GLY C 201 47.43 29.34 -0.62
C GLY C 201 46.04 29.67 -0.16
N PHE C 202 45.27 28.68 0.31
CA PHE C 202 43.92 28.91 0.79
C PHE C 202 43.95 29.92 1.94
N SER C 203 43.40 31.11 1.70
CA SER C 203 43.53 32.22 2.63
C SER C 203 42.29 32.34 3.51
N ASP C 204 42.26 33.38 4.34
CA ASP C 204 41.11 33.63 5.21
C ASP C 204 39.93 34.21 4.45
N GLU C 205 40.18 35.07 3.47
CA GLU C 205 39.10 35.55 2.62
C GLU C 205 38.45 34.38 1.88
N ASP C 206 39.26 33.43 1.44
CA ASP C 206 38.72 32.23 0.82
C ASP C 206 37.85 31.47 1.81
N LEU C 207 38.26 31.41 3.07
CA LEU C 207 37.46 30.72 4.08
C LEU C 207 36.13 31.43 4.31
N THR C 208 36.14 32.76 4.36
CA THR C 208 34.88 33.49 4.52
C THR C 208 33.97 33.26 3.34
N LEU C 209 34.51 33.29 2.12
CA LEU C 209 33.71 33.03 0.94
C LEU C 209 33.16 31.60 0.97
N PHE C 210 33.96 30.65 1.46
CA PHE C 210 33.51 29.27 1.55
C PHE C 210 32.35 29.13 2.54
N TRP C 211 32.45 29.79 3.70
CA TRP C 211 31.34 29.75 4.64
C TRP C 211 30.09 30.37 4.03
N ASP C 212 30.25 31.49 3.33
CA ASP C 212 29.10 32.10 2.68
C ASP C 212 28.48 31.16 1.65
N ALA C 213 29.32 30.48 0.87
CA ALA C 213 28.81 29.54 -0.12
C ALA C 213 28.04 28.41 0.55
N LEU C 214 28.58 27.88 1.64
CA LEU C 214 27.87 26.82 2.36
C LEU C 214 26.52 27.30 2.86
N VAL C 215 26.48 28.51 3.42
CA VAL C 215 25.23 29.01 3.98
C VAL C 215 24.20 29.25 2.88
N ASN C 216 24.62 29.87 1.78
CA ASN C 216 23.73 30.20 0.67
C ASN C 216 23.94 29.28 -0.52
N MET C 217 24.27 28.01 -0.25
CA MET C 217 24.59 27.09 -1.34
C MET C 217 23.41 26.86 -2.27
N PHE C 218 22.22 26.66 -1.70
CA PHE C 218 21.06 26.25 -2.47
C PHE C 218 20.17 27.40 -2.89
N GLU C 219 20.40 28.61 -2.39
CA GLU C 219 19.44 29.69 -2.62
C GLU C 219 19.35 30.06 -4.10
N HIS C 220 20.38 29.76 -4.88
CA HIS C 220 20.39 30.07 -6.31
C HIS C 220 20.49 28.81 -7.16
N ASP C 221 20.13 27.66 -6.60
CA ASP C 221 20.21 26.38 -7.30
C ASP C 221 18.83 25.83 -7.62
N ARG C 222 17.81 26.68 -7.69
CA ARG C 222 16.46 26.22 -7.96
C ARG C 222 16.36 25.63 -9.35
N SER C 223 15.48 24.65 -9.50
CA SER C 223 15.28 23.98 -10.79
C SER C 223 13.98 23.21 -10.73
N ALA C 224 13.64 22.55 -11.83
CA ALA C 224 12.39 21.81 -11.93
C ALA C 224 12.45 20.46 -11.22
N ALA C 225 13.63 20.00 -10.81
CA ALA C 225 13.77 18.72 -10.12
C ALA C 225 14.26 18.86 -8.70
N ARG C 226 14.80 20.02 -8.30
CA ARG C 226 15.36 20.17 -6.97
C ARG C 226 14.29 20.32 -5.90
N GLY C 227 13.11 20.83 -6.26
CA GLY C 227 12.16 21.16 -5.22
C GLY C 227 12.70 22.28 -4.35
N LEU C 228 12.33 22.25 -3.08
CA LEU C 228 12.78 23.25 -2.11
C LEU C 228 13.90 22.63 -1.27
N MET C 229 15.12 23.07 -1.53
CA MET C 229 16.30 22.64 -0.78
C MET C 229 16.85 23.83 -0.01
N SER C 230 17.29 23.59 1.22
CA SER C 230 17.78 24.67 2.06
C SER C 230 18.76 24.13 3.08
N SER C 231 19.70 24.96 3.48
CA SER C 231 20.66 24.61 4.53
C SER C 231 20.14 25.12 5.86
N ARG C 232 20.00 24.22 6.83
CA ARG C 232 19.36 24.53 8.10
C ARG C 232 20.34 24.92 9.19
N LYS C 233 21.37 24.11 9.42
CA LYS C 233 22.37 24.40 10.44
C LYS C 233 23.77 24.25 9.86
N LEU C 234 24.71 24.97 10.44
CA LEU C 234 26.11 24.91 10.03
C LEU C 234 26.96 25.13 11.27
N ILE C 235 27.45 24.04 11.85
CA ILE C 235 28.29 24.08 13.05
C ILE C 235 29.74 23.96 12.60
N VAL C 236 30.57 24.89 13.04
CA VAL C 236 31.99 24.94 12.67
C VAL C 236 32.82 24.79 13.93
N PHE C 237 33.74 23.83 13.92
CA PHE C 237 34.68 23.63 15.01
C PHE C 237 36.04 24.18 14.57
N LYS C 238 36.58 25.11 15.35
CA LYS C 238 37.86 25.75 15.03
C LYS C 238 38.87 25.34 16.08
N HIS C 239 39.98 24.74 15.62
CA HIS C 239 41.08 24.37 16.50
C HIS C 239 42.03 25.55 16.64
N GLN C 240 42.81 25.53 17.71
CA GLN C 240 43.71 26.64 18.04
C GLN C 240 45.11 26.47 17.47
N ASN C 241 45.39 25.37 16.78
CA ASN C 241 46.71 25.14 16.21
C ASN C 241 46.55 24.40 14.89
N ARG C 242 47.60 24.48 14.07
CA ARG C 242 47.54 23.91 12.72
C ARG C 242 47.06 22.46 12.77
N LEU C 243 47.60 21.68 13.71
CA LEU C 243 47.12 20.32 13.94
C LEU C 243 46.09 20.36 15.07
N GLY C 244 44.97 19.68 14.86
CA GLY C 244 43.85 19.79 15.77
C GLY C 244 44.21 19.44 17.20
N ASN C 245 43.23 19.66 18.08
CA ASN C 245 43.34 19.34 19.49
C ASN C 245 42.43 18.20 19.91
N ALA C 246 41.67 17.63 18.98
CA ALA C 246 40.76 16.54 19.29
C ALA C 246 40.46 15.77 18.01
N PRO C 247 40.26 14.45 18.09
CA PRO C 247 39.84 13.71 16.89
C PRO C 247 38.53 14.24 16.34
N ALA C 248 38.41 14.21 15.02
CA ALA C 248 37.21 14.73 14.37
C ALA C 248 35.97 13.94 14.79
N HIS C 249 36.08 12.62 14.86
CA HIS C 249 34.90 11.80 15.19
C HIS C 249 34.35 12.17 16.56
N LYS C 250 35.21 12.62 17.48
CA LYS C 250 34.70 13.12 18.76
C LYS C 250 33.85 14.36 18.55
N LEU C 251 34.30 15.28 17.69
CA LEU C 251 33.58 16.53 17.49
C LEU C 251 32.24 16.30 16.80
N PHE C 252 32.22 15.49 15.74
CA PHE C 252 30.97 15.26 15.03
C PHE C 252 29.92 14.64 15.93
N ASP C 253 30.34 13.89 16.95
CA ASP C 253 29.38 13.29 17.86
C ASP C 253 28.69 14.33 18.73
N LEU C 254 29.28 15.52 18.87
CA LEU C 254 28.64 16.57 19.67
C LEU C 254 27.36 17.07 19.03
N VAL C 255 27.23 16.93 17.70
CA VAL C 255 26.03 17.35 16.98
C VAL C 255 25.10 16.14 16.93
N LYS C 256 24.10 16.14 17.80
CA LYS C 256 23.13 15.06 17.89
C LYS C 256 21.82 15.51 17.27
N VAL C 257 21.33 14.74 16.31
CA VAL C 257 20.08 15.02 15.61
C VAL C 257 19.11 13.91 15.91
N SER C 258 17.94 14.27 16.44
CA SER C 258 16.91 13.29 16.76
C SER C 258 15.55 13.95 16.61
N ARG C 259 14.53 13.11 16.43
CA ARG C 259 13.19 13.62 16.20
C ARG C 259 12.62 14.22 17.47
N ALA C 260 11.94 15.35 17.33
CA ALA C 260 11.34 16.01 18.47
C ALA C 260 10.29 15.12 19.12
N GLU C 261 10.24 15.16 20.46
CA GLU C 261 9.27 14.35 21.18
C GLU C 261 7.83 14.68 20.82
N GLY C 262 7.56 15.91 20.41
CA GLY C 262 6.22 16.35 20.05
C GLY C 262 5.79 15.98 18.66
N SER C 263 6.56 15.15 17.94
CA SER C 263 6.26 14.79 16.56
C SER C 263 6.09 13.28 16.45
N SER C 264 5.20 12.89 15.54
CA SER C 264 4.94 11.48 15.28
C SER C 264 4.63 11.32 13.80
N GLY C 265 4.80 10.09 13.32
CA GLY C 265 4.60 9.80 11.91
C GLY C 265 5.81 10.22 11.10
N PRO C 266 5.73 10.06 9.78
CA PRO C 266 6.88 10.39 8.94
C PRO C 266 7.24 11.87 9.05
N ALA C 267 8.54 12.14 9.03
CA ALA C 267 9.02 13.51 9.07
C ALA C 267 8.66 14.23 7.77
N ARG C 268 8.18 15.46 7.90
CA ARG C 268 7.81 16.25 6.73
C ARG C 268 8.26 17.69 6.81
N SER C 269 8.90 18.11 7.91
CA SER C 269 9.44 19.46 8.01
C SER C 269 10.54 19.44 9.05
N PHE C 270 11.44 20.43 8.96
CA PHE C 270 12.56 20.49 9.87
C PHE C 270 12.13 20.58 11.32
N ALA C 271 10.91 21.07 11.58
CA ALA C 271 10.41 21.15 12.95
C ALA C 271 10.25 19.77 13.58
N ASP C 272 10.20 18.71 12.77
CA ASP C 272 10.11 17.36 13.31
C ASP C 272 11.40 16.89 13.94
N TYR C 273 12.52 17.59 13.72
CA TYR C 273 13.81 17.22 14.24
C TYR C 273 14.28 18.25 15.26
N ALA C 274 15.01 17.77 16.27
CA ALA C 274 15.66 18.63 17.24
C ALA C 274 17.16 18.36 17.19
N VAL C 275 17.95 19.42 17.02
CA VAL C 275 19.39 19.33 16.90
C VAL C 275 20.02 19.95 18.14
N THR C 276 20.89 19.19 18.80
CA THR C 276 21.57 19.62 20.00
C THR C 276 23.08 19.54 19.78
N VAL C 277 23.79 20.57 20.22
CA VAL C 277 25.25 20.64 20.08
C VAL C 277 25.84 20.62 21.48
N GLY C 278 26.73 19.66 21.74
CA GLY C 278 27.30 19.48 23.04
C GLY C 278 28.45 20.43 23.31
N GLN C 279 29.15 20.16 24.41
CA GLN C 279 30.29 20.98 24.81
C GLN C 279 31.56 20.49 24.12
N ALA C 280 32.28 21.41 23.50
CA ALA C 280 33.51 21.06 22.81
C ALA C 280 34.67 20.97 23.79
N PRO C 281 35.71 20.22 23.45
CA PRO C 281 36.90 20.15 24.33
C PRO C 281 37.51 21.53 24.55
N GLU C 282 38.48 21.57 25.45
CA GLU C 282 39.08 22.84 25.83
C GLU C 282 39.86 23.47 24.69
N GLY C 283 40.47 22.66 23.82
CA GLY C 283 41.26 23.18 22.73
C GLY C 283 40.48 23.60 21.51
N VAL C 284 39.15 23.49 21.54
CA VAL C 284 38.32 23.76 20.37
C VAL C 284 37.20 24.70 20.77
N GLU C 285 36.64 25.39 19.77
CA GLU C 285 35.48 26.25 19.96
C GLU C 285 34.48 25.98 18.85
N VAL C 286 33.21 26.26 19.14
CA VAL C 286 32.11 25.96 18.24
C VAL C 286 31.48 27.27 17.78
N LYS C 287 31.43 27.47 16.47
CA LYS C 287 30.78 28.64 15.87
C LYS C 287 29.38 28.23 15.41
N GLU C 288 28.49 28.05 16.38
CA GLU C 288 27.11 27.67 16.09
C GLU C 288 26.26 28.91 15.84
N MET C 289 26.74 29.73 14.90
CA MET C 289 26.06 30.97 14.54
C MET C 289 25.88 31.09 13.03
N LEU C 290 25.66 29.97 12.35
CA LEU C 290 25.53 29.99 10.90
C LEU C 290 24.32 29.16 10.47
N MET D 1 16.53 43.11 -23.80
CA MET D 1 15.46 42.84 -22.79
C MET D 1 15.95 43.21 -21.39
N THR D 2 15.35 44.24 -20.81
CA THR D 2 15.74 44.71 -19.48
C THR D 2 15.21 43.71 -18.46
N ALA D 3 16.07 42.79 -18.03
CA ALA D 3 15.67 41.78 -17.07
C ALA D 3 15.39 42.39 -15.71
N ILE D 4 14.57 41.68 -14.93
CA ILE D 4 14.26 42.14 -13.57
C ILE D 4 15.55 42.29 -12.79
N ALA D 5 15.51 43.15 -11.76
CA ALA D 5 16.69 43.47 -10.97
C ALA D 5 16.53 43.09 -9.51
N ASN D 6 15.56 42.25 -9.17
CA ASN D 6 15.34 41.85 -7.79
C ASN D 6 14.95 40.37 -7.74
N ARG D 7 15.29 39.73 -6.63
CA ARG D 7 14.92 38.34 -6.39
C ARG D 7 13.56 38.30 -5.70
N TYR D 8 12.70 37.40 -6.18
CA TYR D 8 11.34 37.27 -5.64
C TYR D 8 11.12 35.86 -5.12
N GLU D 9 10.23 35.77 -4.14
CA GLU D 9 9.66 34.51 -3.69
C GLU D 9 8.20 34.74 -3.38
N PHE D 10 7.34 33.80 -3.75
CA PHE D 10 5.91 33.96 -3.58
C PHE D 10 5.28 32.67 -3.07
N VAL D 11 4.14 32.81 -2.43
CA VAL D 11 3.35 31.69 -1.94
C VAL D 11 1.93 31.84 -2.49
N LEU D 12 1.43 30.79 -3.11
CA LEU D 12 0.10 30.79 -3.72
C LEU D 12 -0.78 29.79 -2.99
N LEU D 13 -1.99 30.21 -2.64
CA LEU D 13 -2.96 29.35 -1.98
C LEU D 13 -4.18 29.21 -2.87
N PHE D 14 -4.54 27.97 -3.18
CA PHE D 14 -5.72 27.68 -3.98
C PHE D 14 -6.38 26.42 -3.44
N ASP D 15 -7.68 26.29 -3.69
CA ASP D 15 -8.45 25.18 -3.17
C ASP D 15 -9.43 24.68 -4.23
N VAL D 16 -9.83 23.42 -4.08
CA VAL D 16 -10.73 22.75 -5.01
C VAL D 16 -11.90 22.18 -4.23
N GLU D 17 -13.10 22.33 -4.78
CA GLU D 17 -14.31 21.79 -4.17
C GLU D 17 -14.93 20.79 -5.12
N ASN D 18 -15.07 19.54 -4.67
CA ASN D 18 -15.66 18.47 -5.48
C ASN D 18 -15.03 18.44 -6.86
N GLY D 19 -13.70 18.43 -6.89
CA GLY D 19 -12.97 18.46 -8.14
C GLY D 19 -11.78 17.53 -8.10
N ASN D 20 -11.03 17.53 -9.21
CA ASN D 20 -9.85 16.69 -9.39
C ASN D 20 -8.70 17.59 -9.79
N PRO D 21 -7.98 18.19 -8.83
CA PRO D 21 -6.97 19.18 -9.20
C PRO D 21 -5.90 18.65 -10.14
N ASN D 22 -5.49 17.40 -9.97
CA ASN D 22 -4.44 16.82 -10.81
C ASN D 22 -4.51 15.32 -10.68
N GLY D 23 -4.81 14.62 -11.78
CA GLY D 23 -4.92 13.18 -11.74
C GLY D 23 -3.56 12.50 -11.77
N ASP D 24 -3.55 11.23 -11.37
CA ASP D 24 -2.34 10.44 -11.35
C ASP D 24 -2.31 9.53 -12.56
N PRO D 25 -1.41 9.76 -13.53
CA PRO D 25 -1.46 8.92 -14.74
C PRO D 25 -1.28 7.44 -14.49
N ASP D 26 -0.45 7.05 -13.53
CA ASP D 26 -0.12 5.64 -13.31
C ASP D 26 -0.98 4.98 -12.25
N ALA D 27 -1.93 5.70 -11.64
CA ALA D 27 -2.88 5.13 -10.69
C ALA D 27 -4.26 5.58 -11.13
N GLY D 28 -4.85 4.85 -12.07
CA GLY D 28 -6.13 5.24 -12.63
C GLY D 28 -6.12 6.70 -13.02
N ASN D 29 -6.94 7.49 -12.33
CA ASN D 29 -6.91 8.94 -12.45
C ASN D 29 -7.05 9.60 -11.09
N MET D 30 -6.69 8.89 -10.04
CA MET D 30 -6.89 9.41 -8.70
C MET D 30 -6.06 10.68 -8.49
N PRO D 31 -6.55 11.62 -7.69
CA PRO D 31 -5.72 12.77 -7.33
C PRO D 31 -4.43 12.33 -6.65
N ARG D 32 -3.34 13.00 -6.98
CA ARG D 32 -2.06 12.67 -6.38
C ARG D 32 -2.13 12.90 -4.88
N ILE D 33 -1.64 11.93 -4.11
CA ILE D 33 -1.58 12.04 -2.66
C ILE D 33 -0.21 11.59 -2.18
N ASP D 34 0.19 12.11 -1.04
CA ASP D 34 1.41 11.66 -0.38
C ASP D 34 1.19 10.23 0.08
N PRO D 35 2.02 9.26 -0.34
CA PRO D 35 1.74 7.86 -0.02
C PRO D 35 1.99 7.50 1.44
N GLU D 36 2.24 8.46 2.33
CA GLU D 36 2.50 8.15 3.72
C GLU D 36 1.61 8.96 4.65
N THR D 37 1.23 10.17 4.24
CA THR D 37 0.40 11.05 5.06
C THR D 37 -0.95 11.35 4.44
N GLY D 38 -1.15 11.10 3.16
CA GLY D 38 -2.42 11.35 2.52
C GLY D 38 -2.65 12.76 2.06
N HIS D 39 -1.70 13.67 2.29
CA HIS D 39 -1.86 15.04 1.79
C HIS D 39 -1.86 15.04 0.27
N GLY D 40 -2.72 15.88 -0.30
CA GLY D 40 -2.80 15.96 -1.75
C GLY D 40 -1.60 16.68 -2.34
N LEU D 41 -1.31 16.36 -3.60
CA LEU D 41 -0.19 16.96 -4.31
C LEU D 41 -0.64 17.40 -5.70
N VAL D 42 -0.12 18.54 -6.15
CA VAL D 42 -0.32 19.02 -7.51
C VAL D 42 1.05 19.34 -8.08
N THR D 43 1.41 18.66 -9.17
CA THR D 43 2.74 18.82 -9.73
C THR D 43 2.94 20.24 -10.25
N ASP D 44 4.19 20.70 -10.17
CA ASP D 44 4.52 22.04 -10.67
C ASP D 44 4.17 22.18 -12.14
N VAL D 45 4.35 21.11 -12.92
CA VAL D 45 4.08 21.18 -14.35
C VAL D 45 2.61 21.53 -14.60
N CYS D 46 1.71 21.07 -13.74
CA CYS D 46 0.30 21.40 -13.92
C CYS D 46 0.07 22.90 -13.79
N LEU D 47 0.61 23.52 -12.74
CA LEU D 47 0.45 24.95 -12.57
C LEU D 47 1.13 25.72 -13.69
N LYS D 48 2.29 25.25 -14.13
CA LYS D 48 2.98 25.91 -15.23
C LYS D 48 2.16 25.83 -16.51
N ARG D 49 1.52 24.69 -16.76
CA ARG D 49 0.65 24.57 -17.93
C ARG D 49 -0.54 25.51 -17.82
N LYS D 50 -1.10 25.65 -16.62
CA LYS D 50 -2.22 26.59 -16.47
C LYS D 50 -1.77 28.02 -16.75
N ILE D 51 -0.56 28.39 -16.28
CA ILE D 51 -0.04 29.72 -16.57
C ILE D 51 0.18 29.89 -18.07
N ARG D 52 0.72 28.85 -18.73
CA ARG D 52 0.91 28.91 -20.17
C ARG D 52 -0.41 29.13 -20.89
N ASN D 53 -1.45 28.39 -20.48
CA ASN D 53 -2.76 28.54 -21.09
C ASN D 53 -3.30 29.94 -20.90
N HIS D 54 -3.15 30.49 -19.70
CA HIS D 54 -3.63 31.85 -19.47
C HIS D 54 -2.90 32.85 -20.33
N VAL D 55 -1.58 32.70 -20.47
CA VAL D 55 -0.82 33.63 -21.30
C VAL D 55 -1.27 33.53 -22.75
N ALA D 56 -1.44 32.30 -23.25
CA ALA D 56 -1.89 32.14 -24.63
C ALA D 56 -3.27 32.75 -24.83
N LEU D 57 -4.17 32.55 -23.87
CA LEU D 57 -5.52 33.11 -23.99
C LEU D 57 -5.50 34.63 -23.98
N THR D 58 -4.72 35.23 -23.08
CA THR D 58 -4.76 36.68 -22.90
C THR D 58 -3.87 37.43 -23.88
N LYS D 59 -2.97 36.75 -24.60
CA LYS D 59 -2.13 37.39 -25.59
C LYS D 59 -2.46 36.99 -27.02
N GLU D 60 -3.16 35.86 -27.22
CA GLU D 60 -3.60 35.45 -28.54
C GLU D 60 -2.44 35.40 -29.53
N GLY D 61 -1.32 34.84 -29.10
CA GLY D 61 -0.18 34.66 -29.97
C GLY D 61 0.44 35.95 -30.47
N ALA D 62 0.48 36.98 -29.62
CA ALA D 62 1.10 38.24 -30.01
C ALA D 62 2.60 38.04 -30.21
N GLU D 63 3.26 39.10 -30.67
CA GLU D 63 4.69 39.03 -30.91
C GLU D 63 5.44 38.88 -29.59
N ARG D 64 6.49 38.06 -29.60
CA ARG D 64 7.34 37.80 -28.45
C ARG D 64 6.60 37.12 -27.31
N PHE D 65 5.37 36.67 -27.53
CA PHE D 65 4.58 36.01 -26.49
C PHE D 65 4.03 34.68 -27.00
N ASN D 66 4.70 34.06 -27.95
CA ASN D 66 4.35 32.71 -28.36
C ASN D 66 4.62 31.74 -27.21
N ILE D 67 4.15 30.50 -27.38
CA ILE D 67 4.35 29.45 -26.39
C ILE D 67 5.00 28.26 -27.10
N TYR D 68 6.05 27.72 -26.50
CA TYR D 68 6.88 26.72 -27.15
C TYR D 68 6.17 25.37 -27.21
N ILE D 69 5.84 24.80 -26.04
CA ILE D 69 5.23 23.48 -26.03
C ILE D 69 3.85 23.48 -26.66
N GLN D 70 3.08 24.56 -26.48
CA GLN D 70 1.80 24.70 -27.14
C GLN D 70 0.93 23.46 -26.94
N GLU D 71 0.36 22.91 -28.03
CA GLU D 71 -0.58 21.81 -27.91
C GLU D 71 -0.49 20.97 -29.18
N LYS D 72 0.01 19.75 -29.04
CA LYS D 72 0.20 18.85 -30.18
C LYS D 72 0.91 19.55 -31.34
N ALA D 73 2.12 20.02 -31.06
CA ALA D 73 3.03 20.54 -32.06
C ALA D 73 4.26 19.65 -32.13
N ILE D 74 5.08 19.90 -33.14
CA ILE D 74 6.34 19.18 -33.32
C ILE D 74 7.46 20.16 -32.99
N LEU D 75 8.18 19.90 -31.91
CA LEU D 75 9.16 20.86 -31.42
C LEU D 75 10.34 20.99 -32.38
N ASN D 76 10.74 19.89 -33.03
CA ASN D 76 11.84 19.97 -33.97
C ASN D 76 11.54 20.98 -35.08
N GLU D 77 10.28 21.12 -35.45
CA GLU D 77 9.92 22.13 -36.44
C GLU D 77 10.15 23.54 -35.89
N THR D 78 9.87 23.76 -34.60
CA THR D 78 10.17 25.05 -34.00
C THR D 78 11.67 25.31 -34.00
N HIS D 79 12.47 24.28 -33.69
CA HIS D 79 13.92 24.45 -33.75
C HIS D 79 14.38 24.76 -35.17
N GLU D 80 13.77 24.13 -36.16
CA GLU D 80 14.08 24.45 -37.55
C GLU D 80 13.75 25.90 -37.87
N ARG D 81 12.59 26.39 -37.40
CA ARG D 81 12.28 27.81 -37.55
C ARG D 81 13.39 28.67 -36.95
N ALA D 82 13.82 28.32 -35.74
CA ALA D 82 14.86 29.12 -35.08
C ALA D 82 16.15 29.14 -35.89
N TYR D 83 16.55 27.98 -36.41
CA TYR D 83 17.76 27.93 -37.21
C TYR D 83 17.62 28.76 -38.48
N THR D 84 16.47 28.65 -39.15
CA THR D 84 16.27 29.43 -40.37
C THR D 84 16.31 30.93 -40.09
N ALA D 85 15.70 31.36 -38.98
CA ALA D 85 15.72 32.77 -38.64
C ALA D 85 17.12 33.27 -38.33
N CYS D 86 18.06 32.37 -38.02
CA CYS D 86 19.43 32.74 -37.71
C CYS D 86 20.40 32.45 -38.85
N ASP D 87 19.92 31.95 -39.98
CA ASP D 87 20.77 31.65 -41.13
C ASP D 87 21.85 30.64 -40.77
N LEU D 88 21.41 29.50 -40.23
CA LEU D 88 22.30 28.41 -39.87
C LEU D 88 21.76 27.10 -40.44
N LYS D 89 22.64 26.13 -40.60
CA LYS D 89 22.25 24.81 -41.08
C LYS D 89 22.02 23.89 -39.89
N PRO D 90 20.81 23.36 -39.70
CA PRO D 90 20.55 22.52 -38.52
C PRO D 90 20.91 21.06 -38.73
N GLU D 91 21.67 20.77 -39.79
CA GLU D 91 21.97 19.39 -40.13
C GLU D 91 22.61 18.62 -38.98
N PRO D 92 23.65 19.12 -38.32
CA PRO D 92 24.28 18.33 -37.26
C PRO D 92 23.35 18.17 -36.06
N LYS D 93 23.51 17.04 -35.36
CA LYS D 93 22.80 16.83 -34.12
C LYS D 93 23.37 17.66 -32.97
N LYS D 94 24.51 18.30 -33.19
CA LYS D 94 25.15 19.14 -32.19
C LYS D 94 24.83 20.60 -32.43
N LEU D 95 25.19 21.43 -31.44
CA LEU D 95 25.05 22.87 -31.59
C LEU D 95 26.10 23.40 -32.57
N PRO D 96 25.85 24.57 -33.14
CA PRO D 96 26.87 25.16 -34.03
C PRO D 96 28.18 25.39 -33.29
N LYS D 97 29.28 25.16 -34.00
CA LYS D 97 30.59 25.23 -33.36
C LYS D 97 30.86 26.65 -32.85
N LYS D 98 30.57 27.66 -33.66
CA LYS D 98 30.81 29.04 -33.26
C LYS D 98 29.92 29.39 -32.07
N VAL D 99 30.54 29.70 -30.94
CA VAL D 99 29.77 29.95 -29.73
C VAL D 99 28.80 31.11 -29.93
N GLU D 100 29.17 32.09 -30.75
CA GLU D 100 28.28 33.22 -30.97
C GLU D 100 26.97 32.77 -31.60
N ASP D 101 27.03 31.90 -32.60
CA ASP D 101 25.80 31.42 -33.22
C ASP D 101 25.01 30.50 -32.30
N ALA D 102 25.73 29.66 -31.53
CA ALA D 102 25.06 28.81 -30.57
C ALA D 102 24.30 29.64 -29.54
N LYS D 103 24.82 30.80 -29.18
CA LYS D 103 24.09 31.71 -28.31
C LYS D 103 22.98 32.43 -29.05
N ARG D 104 23.19 32.76 -30.32
CA ARG D 104 22.18 33.49 -31.08
C ARG D 104 20.90 32.67 -31.23
N VAL D 105 21.04 31.38 -31.53
CA VAL D 105 19.84 30.55 -31.71
C VAL D 105 19.03 30.48 -30.42
N THR D 106 19.71 30.25 -29.29
CA THR D 106 19.01 30.16 -28.02
C THR D 106 18.42 31.51 -27.62
N ASP D 107 19.10 32.60 -27.95
CA ASP D 107 18.56 33.93 -27.66
C ASP D 107 17.29 34.17 -28.47
N TRP D 108 17.29 33.75 -29.74
CA TRP D 108 16.08 33.86 -30.55
C TRP D 108 14.94 33.05 -29.94
N MET D 109 15.24 31.82 -29.51
CA MET D 109 14.21 30.99 -28.89
C MET D 109 13.65 31.68 -27.65
N CYS D 110 14.51 32.21 -26.79
CA CYS D 110 14.04 32.88 -25.58
C CYS D 110 13.22 34.11 -25.90
N THR D 111 13.67 34.92 -26.87
CA THR D 111 12.95 36.15 -27.19
C THR D 111 11.57 35.86 -27.74
N ASN D 112 11.45 34.87 -28.65
CA ASN D 112 10.17 34.64 -29.30
C ASN D 112 9.16 33.99 -28.35
N PHE D 113 9.57 32.97 -27.60
CA PHE D 113 8.64 32.14 -26.85
C PHE D 113 8.64 32.54 -25.38
N TYR D 114 7.44 32.80 -24.85
CA TYR D 114 7.32 33.30 -23.48
C TYR D 114 7.66 32.21 -22.46
N ASP D 115 7.15 31.00 -22.68
CA ASP D 115 7.35 29.96 -21.67
C ASP D 115 8.80 29.50 -21.62
N ILE D 116 9.52 29.56 -22.74
CA ILE D 116 10.97 29.32 -22.69
C ILE D 116 11.65 30.40 -21.86
N ARG D 117 11.30 31.65 -22.10
CA ARG D 117 11.89 32.77 -21.38
C ARG D 117 11.58 32.72 -19.89
N THR D 118 10.46 32.10 -19.51
CA THR D 118 9.99 32.10 -18.12
C THR D 118 10.42 30.85 -17.37
N PHE D 119 10.04 29.67 -17.87
CA PHE D 119 10.31 28.41 -17.20
C PHE D 119 11.52 27.67 -17.76
N GLY D 120 12.07 28.11 -18.88
CA GLY D 120 13.16 27.41 -19.52
C GLY D 120 12.67 26.22 -20.31
N ALA D 121 13.62 25.52 -20.93
CA ALA D 121 13.29 24.35 -21.73
C ALA D 121 14.57 23.61 -22.10
N VAL D 122 14.41 22.36 -22.50
CA VAL D 122 15.48 21.54 -23.05
C VAL D 122 15.20 21.36 -24.53
N MET D 123 16.16 21.73 -25.37
CA MET D 123 15.99 21.71 -26.82
C MET D 123 17.08 20.87 -27.48
N THR D 124 17.58 19.86 -26.77
CA THR D 124 18.62 18.98 -27.31
C THR D 124 17.93 17.81 -27.99
N THR D 125 17.78 17.91 -29.31
CA THR D 125 17.10 16.88 -30.10
C THR D 125 17.89 16.72 -31.40
N GLU D 126 17.27 16.08 -32.39
CA GLU D 126 17.92 15.93 -33.70
C GLU D 126 18.40 17.29 -34.20
N VAL D 127 17.58 18.32 -34.05
CA VAL D 127 17.98 19.70 -34.29
C VAL D 127 18.07 20.37 -32.92
N ASN D 128 19.27 20.83 -32.57
CA ASN D 128 19.59 21.23 -31.21
C ASN D 128 19.60 22.74 -31.09
N CYS D 129 18.98 23.26 -30.02
CA CYS D 129 18.98 24.68 -29.72
C CYS D 129 19.51 24.99 -28.32
N GLY D 130 20.03 23.99 -27.62
CA GLY D 130 20.62 24.22 -26.31
C GLY D 130 19.62 24.04 -25.18
N GLN D 131 19.97 24.63 -24.04
CA GLN D 131 19.19 24.53 -22.82
C GLN D 131 18.98 25.91 -22.21
N VAL D 132 17.87 26.04 -21.50
CA VAL D 132 17.57 27.25 -20.73
C VAL D 132 17.07 26.79 -19.36
N ARG D 133 17.59 27.40 -18.30
CA ARG D 133 17.28 26.95 -16.95
C ARG D 133 15.96 27.50 -16.42
N GLY D 134 15.57 28.70 -16.83
CA GLY D 134 14.29 29.25 -16.44
C GLY D 134 14.37 30.10 -15.20
N PRO D 135 14.13 31.41 -15.33
CA PRO D 135 14.15 32.26 -14.14
C PRO D 135 13.11 31.90 -13.10
N VAL D 136 11.96 31.38 -13.50
CA VAL D 136 10.84 31.12 -12.60
C VAL D 136 10.77 29.63 -12.33
N GLN D 137 10.75 29.26 -11.06
CA GLN D 137 10.59 27.88 -10.64
C GLN D 137 9.57 27.80 -9.52
N MET D 138 8.78 26.72 -9.52
CA MET D 138 7.80 26.50 -8.48
C MET D 138 7.78 25.01 -8.13
N ALA D 139 7.69 24.72 -6.84
CA ALA D 139 7.73 23.36 -6.34
C ALA D 139 6.33 22.77 -6.31
N PHE D 140 6.23 21.52 -5.86
CA PHE D 140 4.95 20.85 -5.77
C PHE D 140 4.02 21.58 -4.83
N ALA D 141 2.74 21.64 -5.18
CA ALA D 141 1.73 22.14 -4.28
C ALA D 141 1.29 21.02 -3.36
N ARG D 142 1.08 21.34 -2.08
CA ARG D 142 0.75 20.34 -1.07
C ARG D 142 -0.38 20.86 -0.20
N SER D 143 -1.40 20.03 -0.03
CA SER D 143 -2.56 20.43 0.79
C SER D 143 -2.15 20.60 2.24
N VAL D 144 -2.81 21.55 2.90
CA VAL D 144 -2.51 21.81 4.31
C VAL D 144 -3.01 20.70 5.22
N GLU D 145 -4.02 19.95 4.80
CA GLU D 145 -4.56 18.85 5.58
C GLU D 145 -4.75 17.64 4.68
N PRO D 146 -4.77 16.43 5.24
CA PRO D 146 -4.97 15.24 4.40
C PRO D 146 -6.30 15.31 3.66
N VAL D 147 -6.31 14.79 2.44
CA VAL D 147 -7.51 14.73 1.62
C VAL D 147 -7.87 13.27 1.44
N VAL D 148 -9.16 13.03 1.19
CA VAL D 148 -9.70 11.70 0.99
C VAL D 148 -10.35 11.67 -0.40
N PRO D 149 -9.61 11.25 -1.43
CA PRO D 149 -10.20 11.20 -2.77
C PRO D 149 -11.39 10.27 -2.80
N GLN D 150 -12.38 10.62 -3.63
CA GLN D 150 -13.64 9.91 -3.69
C GLN D 150 -13.91 9.49 -5.13
N GLU D 151 -14.22 8.22 -5.34
CA GLU D 151 -14.57 7.70 -6.65
C GLU D 151 -16.08 7.68 -6.79
N VAL D 152 -16.59 8.38 -7.78
CA VAL D 152 -18.03 8.52 -8.00
C VAL D 152 -18.41 7.73 -9.24
N SER D 153 -19.37 6.83 -9.09
CA SER D 153 -19.85 6.05 -10.22
C SER D 153 -20.84 6.85 -11.03
N ILE D 154 -20.76 6.73 -12.35
CA ILE D 154 -21.64 7.41 -13.28
C ILE D 154 -21.98 6.46 -14.42
N THR D 155 -23.20 6.56 -14.91
CA THR D 155 -23.68 5.73 -16.00
C THR D 155 -23.95 6.58 -17.23
N ARG D 156 -24.13 5.90 -18.36
CA ARG D 156 -24.47 6.55 -19.61
C ARG D 156 -25.63 5.80 -20.25
N MET D 157 -26.58 6.55 -20.83
CA MET D 157 -27.71 5.96 -21.51
C MET D 157 -27.47 5.83 -23.01
N ALA D 158 -26.21 5.63 -23.41
CA ALA D 158 -25.85 5.44 -24.80
C ALA D 158 -24.64 4.51 -24.84
N VAL D 159 -24.44 3.89 -26.00
CA VAL D 159 -23.37 2.92 -26.19
C VAL D 159 -22.52 3.36 -27.37
N THR D 160 -21.22 3.07 -27.29
CA THR D 160 -20.30 3.52 -28.33
C THR D 160 -20.50 2.73 -29.62
N THR D 161 -20.16 1.44 -29.61
CA THR D 161 -20.31 0.62 -30.80
C THR D 161 -21.36 -0.45 -30.62
N LYS D 162 -21.18 -1.30 -29.61
CA LYS D 162 -22.11 -2.40 -29.34
C LYS D 162 -21.90 -2.88 -27.91
N ALA D 163 -22.99 -3.28 -27.27
CA ALA D 163 -22.96 -3.80 -25.91
C ALA D 163 -23.26 -5.28 -25.90
N GLU D 164 -22.79 -5.95 -24.84
CA GLU D 164 -23.03 -7.39 -24.70
C GLU D 164 -24.46 -7.68 -24.25
N ALA D 165 -25.14 -6.69 -23.68
CA ALA D 165 -26.54 -6.85 -23.27
C ALA D 165 -27.52 -6.53 -24.39
N GLU D 166 -27.07 -6.60 -25.63
CA GLU D 166 -27.92 -6.35 -26.78
C GLU D 166 -27.54 -7.29 -27.92
N ASP D 171 -29.89 -3.49 -17.39
CA ASP D 171 -28.46 -3.79 -17.49
C ASP D 171 -27.64 -2.50 -17.56
N ASN D 172 -26.48 -2.52 -16.92
CA ASN D 172 -25.58 -1.37 -16.91
C ASN D 172 -24.74 -1.41 -18.17
N ARG D 173 -25.35 -0.99 -19.29
CA ARG D 173 -24.67 -1.01 -20.57
C ARG D 173 -23.56 0.03 -20.66
N THR D 174 -23.34 0.81 -19.61
CA THR D 174 -22.17 1.67 -19.52
C THR D 174 -22.04 2.14 -18.08
N MET D 175 -20.85 1.99 -17.51
CA MET D 175 -20.56 2.48 -16.17
C MET D 175 -19.21 3.19 -16.18
N GLY D 176 -19.19 4.42 -15.67
CA GLY D 176 -17.98 5.21 -15.68
C GLY D 176 -17.41 5.45 -14.30
N ARG D 177 -16.44 6.36 -14.20
CA ARG D 177 -15.82 6.68 -12.93
C ARG D 177 -15.43 8.15 -12.92
N LYS D 178 -15.69 8.80 -11.79
CA LYS D 178 -15.31 10.19 -11.59
C LYS D 178 -14.62 10.30 -10.24
N HIS D 179 -13.44 10.92 -10.23
CA HIS D 179 -12.67 11.14 -9.00
C HIS D 179 -12.82 12.59 -8.59
N ILE D 180 -13.10 12.81 -7.31
CA ILE D 180 -13.29 14.15 -6.77
C ILE D 180 -12.64 14.23 -5.41
N VAL D 181 -12.04 15.39 -5.12
CA VAL D 181 -11.57 15.73 -3.78
C VAL D 181 -12.64 16.59 -3.14
N PRO D 182 -13.29 16.14 -2.05
CA PRO D 182 -14.36 16.97 -1.48
C PRO D 182 -13.89 18.37 -1.13
N TYR D 183 -12.68 18.52 -0.62
CA TYR D 183 -12.09 19.84 -0.43
C TYR D 183 -10.63 19.67 -0.07
N GLY D 184 -9.82 20.64 -0.48
CA GLY D 184 -8.41 20.67 -0.15
C GLY D 184 -7.79 22.01 -0.46
N LEU D 185 -7.06 22.58 0.50
CA LEU D 185 -6.43 23.88 0.35
C LEU D 185 -4.94 23.65 0.13
N TYR D 186 -4.47 23.93 -1.08
CA TYR D 186 -3.09 23.67 -1.47
C TYR D 186 -2.24 24.91 -1.35
N VAL D 187 -0.97 24.72 -1.03
CA VAL D 187 0.00 25.79 -0.88
C VAL D 187 1.16 25.53 -1.84
N ALA D 188 1.44 26.50 -2.71
CA ALA D 188 2.48 26.37 -3.72
C ALA D 188 3.54 27.44 -3.50
N HIS D 189 4.79 27.01 -3.44
CA HIS D 189 5.93 27.91 -3.30
C HIS D 189 6.58 28.13 -4.66
N GLY D 190 7.23 29.28 -4.81
CA GLY D 190 7.88 29.61 -6.07
C GLY D 190 9.02 30.57 -5.87
N PHE D 191 9.98 30.51 -6.79
CA PHE D 191 11.18 31.33 -6.73
C PHE D 191 11.41 31.99 -8.09
N ILE D 192 11.92 33.21 -8.05
CA ILE D 192 12.32 33.93 -9.26
C ILE D 192 13.75 34.41 -9.06
N SER D 193 14.63 34.09 -10.01
CA SER D 193 16.05 34.33 -9.88
C SER D 193 16.47 35.43 -10.85
N ALA D 194 17.07 36.49 -10.31
CA ALA D 194 17.49 37.60 -11.17
C ALA D 194 18.58 37.23 -12.15
N PRO D 195 19.65 36.52 -11.77
CA PRO D 195 20.68 36.19 -12.77
C PRO D 195 20.15 35.42 -13.96
N LEU D 196 19.28 34.45 -13.73
CA LEU D 196 18.71 33.70 -14.85
C LEU D 196 17.84 34.59 -15.71
N ALA D 197 17.10 35.51 -15.09
CA ALA D 197 16.32 36.47 -15.85
C ALA D 197 17.21 37.31 -16.75
N GLU D 198 18.35 37.76 -16.21
CA GLU D 198 19.32 38.49 -17.02
C GLU D 198 19.86 37.65 -18.16
N LYS D 199 20.04 36.35 -17.94
CA LYS D 199 20.50 35.47 -19.02
C LYS D 199 19.45 35.28 -20.11
N THR D 200 18.16 35.17 -19.73
CA THR D 200 17.11 34.91 -20.71
C THR D 200 16.38 36.16 -21.17
N GLY D 201 16.32 37.20 -20.34
CA GLY D 201 15.62 38.42 -20.71
C GLY D 201 14.27 38.60 -20.05
N PHE D 202 13.97 37.85 -19.00
CA PHE D 202 12.70 37.96 -18.31
C PHE D 202 12.55 39.37 -17.73
N SER D 203 11.66 40.16 -18.31
CA SER D 203 11.55 41.57 -17.99
C SER D 203 10.47 41.82 -16.95
N ASP D 204 10.18 43.10 -16.69
CA ASP D 204 9.15 43.46 -15.72
C ASP D 204 7.75 43.26 -16.27
N GLU D 205 7.54 43.52 -17.57
CA GLU D 205 6.24 43.24 -18.16
C GLU D 205 5.91 41.76 -18.08
N ASP D 206 6.91 40.91 -18.29
CA ASP D 206 6.71 39.47 -18.13
C ASP D 206 6.33 39.14 -16.70
N LEU D 207 6.97 39.80 -15.72
CA LEU D 207 6.64 39.54 -14.33
C LEU D 207 5.21 39.96 -14.01
N THR D 208 4.78 41.11 -14.54
CA THR D 208 3.40 41.54 -14.31
C THR D 208 2.41 40.57 -14.93
N LEU D 209 2.70 40.12 -16.16
CA LEU D 209 1.83 39.14 -16.80
C LEU D 209 1.81 37.84 -16.01
N PHE D 210 2.94 37.46 -15.42
CA PHE D 210 3.00 36.26 -14.62
C PHE D 210 2.15 36.40 -13.35
N TRP D 211 2.21 37.56 -12.70
CA TRP D 211 1.35 37.78 -11.55
C TRP D 211 -0.12 37.70 -11.94
N ASP D 212 -0.48 38.30 -13.08
CA ASP D 212 -1.86 38.22 -13.54
C ASP D 212 -2.26 36.77 -13.80
N ALA D 213 -1.37 35.99 -14.42
CA ALA D 213 -1.67 34.59 -14.67
C ALA D 213 -1.88 33.83 -13.37
N LEU D 214 -1.05 34.08 -12.37
CA LEU D 214 -1.22 33.43 -11.08
C LEU D 214 -2.56 33.78 -10.45
N VAL D 215 -2.92 35.07 -10.48
CA VAL D 215 -4.16 35.49 -9.84
C VAL D 215 -5.37 34.89 -10.55
N ASN D 216 -5.41 34.99 -11.88
CA ASN D 216 -6.53 34.50 -12.68
C ASN D 216 -6.21 33.18 -13.36
N MET D 217 -5.41 32.35 -12.70
CA MET D 217 -4.96 31.11 -13.33
C MET D 217 -6.13 30.16 -13.62
N PHE D 218 -7.07 30.03 -12.68
CA PHE D 218 -8.13 29.04 -12.78
C PHE D 218 -9.42 29.59 -13.37
N GLU D 219 -9.53 30.90 -13.58
CA GLU D 219 -10.81 31.47 -14.00
C GLU D 219 -11.23 30.98 -15.38
N HIS D 220 -10.29 30.51 -16.20
CA HIS D 220 -10.60 29.98 -17.53
C HIS D 220 -10.16 28.54 -17.68
N ASP D 221 -9.93 27.84 -16.56
CA ASP D 221 -9.51 26.45 -16.57
C ASP D 221 -10.67 25.51 -16.21
N ARG D 222 -11.90 26.00 -16.24
CA ARG D 222 -13.04 25.19 -15.85
C ARG D 222 -13.16 23.97 -16.75
N SER D 223 -13.62 22.87 -16.17
CA SER D 223 -13.77 21.62 -16.91
C SER D 223 -14.78 20.74 -16.18
N ALA D 224 -15.19 19.67 -16.86
CA ALA D 224 -16.14 18.74 -16.28
C ALA D 224 -15.58 18.06 -15.04
N ALA D 225 -14.29 17.75 -15.03
CA ALA D 225 -13.67 17.04 -13.92
C ALA D 225 -12.88 17.95 -12.99
N ARG D 226 -12.70 19.22 -13.34
CA ARG D 226 -11.93 20.12 -12.49
C ARG D 226 -12.71 20.57 -11.27
N GLY D 227 -14.03 20.64 -11.36
CA GLY D 227 -14.78 21.23 -10.27
C GLY D 227 -14.55 22.72 -10.21
N LEU D 228 -14.69 23.27 -9.00
CA LEU D 228 -14.50 24.69 -8.76
C LEU D 228 -13.15 24.89 -8.08
N MET D 229 -12.18 25.40 -8.84
CA MET D 229 -10.86 25.75 -8.33
C MET D 229 -10.70 27.26 -8.36
N SER D 230 -10.10 27.82 -7.32
CA SER D 230 -9.96 29.26 -7.22
C SER D 230 -8.66 29.61 -6.52
N SER D 231 -8.15 30.80 -6.84
CA SER D 231 -6.94 31.31 -6.21
C SER D 231 -7.34 32.24 -5.07
N ARG D 232 -6.85 31.93 -3.86
CA ARG D 232 -7.29 32.62 -2.65
C ARG D 232 -6.29 33.66 -2.17
N LYS D 233 -5.03 33.27 -1.97
CA LYS D 233 -4.01 34.18 -1.47
C LYS D 233 -2.78 34.10 -2.35
N LEU D 234 -2.15 35.24 -2.58
CA LEU D 234 -0.87 35.31 -3.29
C LEU D 234 0.00 36.33 -2.58
N ILE D 235 0.97 35.85 -1.80
CA ILE D 235 1.91 36.70 -1.08
C ILE D 235 3.22 36.68 -1.84
N VAL D 236 3.73 37.87 -2.15
CA VAL D 236 4.94 38.04 -2.95
C VAL D 236 5.99 38.73 -2.10
N PHE D 237 7.15 38.10 -1.95
CA PHE D 237 8.28 38.68 -1.25
C PHE D 237 9.28 39.19 -2.28
N LYS D 238 9.64 40.46 -2.18
CA LYS D 238 10.57 41.09 -3.10
C LYS D 238 11.81 41.52 -2.33
N HIS D 239 12.97 41.10 -2.79
CA HIS D 239 14.23 41.43 -2.15
C HIS D 239 14.78 42.74 -2.71
N GLN D 240 15.54 43.44 -1.88
CA GLN D 240 16.05 44.76 -2.25
C GLN D 240 17.27 44.69 -3.16
N ASN D 241 17.89 43.53 -3.34
CA ASN D 241 19.08 43.40 -4.14
C ASN D 241 18.99 42.18 -5.05
N ARG D 242 19.95 42.07 -5.96
CA ARG D 242 19.88 41.05 -7.00
C ARG D 242 19.91 39.64 -6.42
N LEU D 243 20.79 39.40 -5.45
CA LEU D 243 20.98 38.07 -4.91
C LEU D 243 20.11 37.77 -3.70
N GLY D 244 19.32 38.73 -3.23
CA GLY D 244 18.46 38.53 -2.09
C GLY D 244 19.22 38.66 -0.77
N ASN D 245 18.45 38.93 0.29
CA ASN D 245 19.02 39.11 1.62
C ASN D 245 18.19 38.40 2.68
N ALA D 246 17.72 37.20 2.39
CA ALA D 246 17.01 36.40 3.38
C ALA D 246 16.84 34.99 2.85
N PRO D 247 17.04 33.95 3.67
CA PRO D 247 16.82 32.59 3.16
C PRO D 247 15.37 32.38 2.76
N ALA D 248 15.17 31.55 1.73
CA ALA D 248 13.82 31.29 1.25
C ALA D 248 12.95 30.66 2.31
N HIS D 249 13.49 29.67 3.04
CA HIS D 249 12.69 28.97 4.03
C HIS D 249 12.22 29.89 5.14
N LYS D 250 13.00 30.92 5.48
CA LYS D 250 12.56 31.88 6.49
C LYS D 250 11.32 32.63 6.02
N LEU D 251 11.30 33.05 4.76
CA LEU D 251 10.17 33.82 4.26
C LEU D 251 8.90 32.98 4.22
N PHE D 252 8.99 31.76 3.69
CA PHE D 252 7.81 30.93 3.56
C PHE D 252 7.19 30.62 4.92
N ASP D 253 8.01 30.56 5.97
CA ASP D 253 7.50 30.28 7.30
C ASP D 253 6.66 31.43 7.85
N LEU D 254 6.70 32.60 7.23
CA LEU D 254 5.87 33.71 7.70
C LEU D 254 4.41 33.49 7.36
N VAL D 255 4.12 32.78 6.27
CA VAL D 255 2.75 32.48 5.87
C VAL D 255 2.33 31.22 6.62
N LYS D 256 1.33 31.35 7.49
CA LYS D 256 0.86 30.25 8.32
C LYS D 256 -0.63 30.04 8.11
N VAL D 257 -1.05 28.78 8.08
CA VAL D 257 -2.43 28.40 7.85
C VAL D 257 -2.89 27.52 9.00
N SER D 258 -4.07 27.81 9.54
CA SER D 258 -4.63 27.06 10.65
C SER D 258 -6.14 27.07 10.55
N ARG D 259 -6.78 26.17 11.31
CA ARG D 259 -8.22 25.97 11.19
C ARG D 259 -9.04 27.08 11.82
N ALA D 260 -8.49 27.83 12.78
CA ALA D 260 -9.24 28.88 13.48
C ALA D 260 -10.34 28.18 14.29
N GLU D 261 -11.55 28.75 14.36
CA GLU D 261 -12.59 28.26 15.24
C GLU D 261 -13.54 27.28 14.55
N GLY D 262 -13.35 27.00 13.28
CA GLY D 262 -14.21 26.08 12.56
C GLY D 262 -13.69 24.65 12.57
N SER D 263 -13.19 24.22 13.73
CA SER D 263 -12.63 22.88 13.86
C SER D 263 -13.67 21.78 13.73
N SER D 264 -14.96 22.12 13.75
CA SER D 264 -16.01 21.12 13.71
C SER D 264 -15.97 20.37 12.39
N GLY D 265 -15.53 19.12 12.43
CA GLY D 265 -15.60 18.25 11.28
C GLY D 265 -14.57 18.60 10.21
N PRO D 266 -14.69 17.94 9.05
CA PRO D 266 -13.73 18.20 7.97
C PRO D 266 -13.89 19.62 7.41
N ALA D 267 -12.81 20.12 6.84
CA ALA D 267 -12.84 21.41 6.18
C ALA D 267 -13.58 21.29 4.85
N ARG D 268 -14.45 22.25 4.57
CA ARG D 268 -15.23 22.24 3.34
C ARG D 268 -15.35 23.60 2.69
N SER D 269 -14.65 24.61 3.19
CA SER D 269 -14.62 25.91 2.54
C SER D 269 -13.40 26.66 3.04
N PHE D 270 -13.00 27.68 2.28
CA PHE D 270 -11.85 28.48 2.68
C PHE D 270 -12.07 29.19 4.01
N ALA D 271 -13.33 29.33 4.43
CA ALA D 271 -13.63 29.97 5.70
C ALA D 271 -13.22 29.11 6.89
N ASP D 272 -12.94 27.82 6.67
CA ASP D 272 -12.48 26.96 7.74
C ASP D 272 -11.00 27.11 8.04
N TYR D 273 -10.28 27.92 7.27
CA TYR D 273 -8.86 28.14 7.46
C TYR D 273 -8.59 29.61 7.68
N ALA D 274 -7.59 29.90 8.50
CA ALA D 274 -7.15 31.26 8.77
C ALA D 274 -5.71 31.41 8.32
N VAL D 275 -5.41 32.48 7.58
CA VAL D 275 -4.09 32.73 7.02
C VAL D 275 -3.56 34.02 7.61
N THR D 276 -2.34 33.97 8.14
CA THR D 276 -1.68 35.15 8.69
C THR D 276 -0.26 35.22 8.17
N VAL D 277 0.22 36.44 7.96
CA VAL D 277 1.56 36.70 7.44
C VAL D 277 2.27 37.65 8.38
N GLY D 278 3.51 37.30 8.76
CA GLY D 278 4.28 38.09 9.69
C GLY D 278 5.06 39.20 9.01
N GLN D 279 5.86 39.89 9.82
CA GLN D 279 6.69 40.98 9.31
C GLN D 279 7.92 40.43 8.62
N ALA D 280 8.21 40.96 7.43
CA ALA D 280 9.34 40.48 6.67
C ALA D 280 10.66 40.98 7.27
N PRO D 281 11.77 40.33 6.94
CA PRO D 281 13.07 40.84 7.41
C PRO D 281 13.37 42.23 6.88
N GLU D 282 14.52 42.79 7.30
CA GLU D 282 14.79 44.19 7.00
C GLU D 282 14.84 44.46 5.51
N GLY D 283 15.52 43.61 4.74
CA GLY D 283 15.74 43.86 3.34
C GLY D 283 14.69 43.32 2.39
N VAL D 284 13.57 42.81 2.91
CA VAL D 284 12.54 42.18 2.09
C VAL D 284 11.24 42.96 2.25
N GLU D 285 10.56 43.17 1.14
CA GLU D 285 9.25 43.82 1.12
C GLU D 285 8.19 42.81 0.74
N VAL D 286 7.16 42.67 1.56
CA VAL D 286 6.10 41.70 1.33
C VAL D 286 4.84 42.46 0.88
N LYS D 287 4.39 42.15 -0.33
CA LYS D 287 3.16 42.72 -0.86
C LYS D 287 2.14 41.60 -1.03
N GLU D 288 0.98 41.77 -0.42
CA GLU D 288 -0.06 40.75 -0.40
C GLU D 288 -1.34 41.18 -1.09
N MET D 289 -1.37 42.37 -1.70
CA MET D 289 -2.60 42.86 -2.31
C MET D 289 -3.11 41.92 -3.40
N LEU D 290 -2.25 41.11 -3.98
CA LEU D 290 -2.67 40.21 -5.05
C LEU D 290 -3.61 39.14 -4.51
N MET E 1 -24.22 32.12 -36.87
CA MET E 1 -24.28 31.54 -35.51
C MET E 1 -23.20 32.14 -34.62
N THR E 2 -23.15 33.46 -34.56
CA THR E 2 -22.12 34.15 -33.79
C THR E 2 -22.17 33.72 -32.33
N ALA E 3 -20.99 33.48 -31.76
CA ALA E 3 -20.89 33.03 -30.39
C ALA E 3 -21.22 34.18 -29.43
N ILE E 4 -21.43 33.81 -28.16
CA ILE E 4 -21.72 34.82 -27.15
C ILE E 4 -20.51 35.73 -26.96
N ALA E 5 -20.75 36.88 -26.32
CA ALA E 5 -19.73 37.89 -26.13
C ALA E 5 -19.47 38.24 -24.68
N ASN E 6 -20.03 37.48 -23.73
CA ASN E 6 -19.83 37.75 -22.31
C ASN E 6 -19.58 36.44 -21.58
N ARG E 7 -19.02 36.56 -20.38
CA ARG E 7 -18.77 35.41 -19.51
C ARG E 7 -19.81 35.39 -18.40
N TYR E 8 -20.48 34.26 -18.23
CA TYR E 8 -21.54 34.12 -17.26
C TYR E 8 -21.17 33.11 -16.18
N GLU E 9 -21.55 33.43 -14.95
CA GLU E 9 -21.64 32.46 -13.86
C GLU E 9 -23.05 32.52 -13.31
N PHE E 10 -23.55 31.37 -12.85
CA PHE E 10 -24.90 31.31 -12.32
C PHE E 10 -24.94 30.36 -11.13
N VAL E 11 -25.95 30.57 -10.28
CA VAL E 11 -26.20 29.73 -9.12
C VAL E 11 -27.65 29.26 -9.19
N LEU E 12 -27.84 27.95 -9.13
CA LEU E 12 -29.17 27.35 -9.21
C LEU E 12 -29.51 26.71 -7.88
N LEU E 13 -30.71 26.97 -7.38
CA LEU E 13 -31.19 26.41 -6.13
C LEU E 13 -32.42 25.55 -6.42
N PHE E 14 -32.31 24.25 -6.16
CA PHE E 14 -33.42 23.34 -6.31
C PHE E 14 -33.46 22.43 -5.09
N ASP E 15 -34.64 21.87 -4.83
CA ASP E 15 -34.85 21.05 -3.65
C ASP E 15 -35.74 19.87 -3.98
N VAL E 16 -35.63 18.82 -3.16
CA VAL E 16 -36.38 17.59 -3.33
C VAL E 16 -37.19 17.36 -2.07
N GLU E 17 -38.42 16.86 -2.22
CA GLU E 17 -39.30 16.57 -1.09
C GLU E 17 -39.78 15.13 -1.21
N ASN E 18 -39.37 14.28 -0.28
CA ASN E 18 -39.72 12.86 -0.29
C ASN E 18 -39.38 12.22 -1.63
N GLY E 19 -38.13 12.37 -2.05
CA GLY E 19 -37.69 11.83 -3.30
C GLY E 19 -36.23 11.45 -3.27
N ASN E 20 -35.78 10.79 -4.33
CA ASN E 20 -34.40 10.39 -4.50
C ASN E 20 -33.78 11.25 -5.60
N PRO E 21 -33.18 12.39 -5.27
CA PRO E 21 -32.72 13.29 -6.36
C PRO E 21 -31.71 12.65 -7.28
N ASN E 22 -30.84 11.80 -6.77
CA ASN E 22 -29.84 11.13 -7.61
C ASN E 22 -29.35 9.90 -6.86
N GLY E 23 -29.62 8.72 -7.42
CA GLY E 23 -29.21 7.50 -6.78
C GLY E 23 -27.72 7.22 -6.94
N ASP E 24 -27.19 6.41 -6.03
CA ASP E 24 -25.79 6.05 -6.05
C ASP E 24 -25.63 4.64 -6.57
N PRO E 25 -25.02 4.42 -7.73
CA PRO E 25 -24.90 3.05 -8.24
C PRO E 25 -24.16 2.12 -7.29
N ASP E 26 -23.21 2.62 -6.52
CA ASP E 26 -22.42 1.77 -5.63
C ASP E 26 -23.16 1.44 -4.34
N ALA E 27 -23.63 2.46 -3.62
CA ALA E 27 -24.34 2.26 -2.37
C ALA E 27 -25.79 1.86 -2.63
N GLY E 28 -25.94 0.68 -3.23
CA GLY E 28 -27.27 0.22 -3.61
C GLY E 28 -27.92 1.21 -4.53
N ASN E 29 -28.91 1.94 -4.04
CA ASN E 29 -29.49 3.06 -4.75
C ASN E 29 -29.67 4.25 -3.81
N MET E 30 -28.92 4.27 -2.72
CA MET E 30 -29.08 5.35 -1.75
C MET E 30 -28.75 6.69 -2.41
N PRO E 31 -29.46 7.76 -2.04
CA PRO E 31 -29.12 9.07 -2.61
C PRO E 31 -27.68 9.44 -2.29
N ARG E 32 -27.02 10.08 -3.25
CA ARG E 32 -25.62 10.40 -3.11
C ARG E 32 -25.43 11.40 -1.97
N ILE E 33 -24.58 11.05 -1.00
CA ILE E 33 -24.27 11.92 0.13
C ILE E 33 -22.76 11.95 0.32
N ASP E 34 -22.31 12.98 1.04
CA ASP E 34 -20.92 13.08 1.43
C ASP E 34 -20.71 12.21 2.66
N PRO E 35 -19.89 11.16 2.59
CA PRO E 35 -19.78 10.23 3.72
C PRO E 35 -19.21 10.86 4.98
N GLU E 36 -18.50 11.99 4.88
CA GLU E 36 -17.85 12.58 6.04
C GLU E 36 -18.74 13.60 6.74
N THR E 37 -19.43 14.45 5.99
CA THR E 37 -20.26 15.50 6.56
C THR E 37 -21.75 15.21 6.45
N GLY E 38 -22.16 14.25 5.63
CA GLY E 38 -23.55 13.89 5.51
C GLY E 38 -24.35 14.76 4.55
N HIS E 39 -23.75 15.77 3.95
CA HIS E 39 -24.47 16.59 2.99
C HIS E 39 -24.78 15.80 1.74
N GLY E 40 -25.94 16.06 1.15
CA GLY E 40 -26.32 15.38 -0.07
C GLY E 40 -25.57 15.91 -1.28
N LEU E 41 -25.48 15.07 -2.31
CA LEU E 41 -24.81 15.43 -3.55
C LEU E 41 -25.67 15.02 -4.73
N VAL E 42 -25.55 15.76 -5.83
CA VAL E 42 -26.20 15.43 -7.09
C VAL E 42 -25.20 15.75 -8.20
N THR E 43 -24.71 14.71 -8.88
CA THR E 43 -23.66 14.90 -9.87
C THR E 43 -24.11 15.88 -10.95
N ASP E 44 -23.19 16.71 -11.40
CA ASP E 44 -23.47 17.59 -12.52
C ASP E 44 -23.90 16.81 -13.74
N VAL E 45 -23.48 15.55 -13.85
CA VAL E 45 -23.93 14.71 -14.96
C VAL E 45 -25.45 14.58 -14.96
N CYS E 46 -26.05 14.45 -13.77
CA CYS E 46 -27.50 14.31 -13.69
C CYS E 46 -28.20 15.57 -14.17
N LEU E 47 -27.73 16.74 -13.74
CA LEU E 47 -28.35 17.98 -14.18
C LEU E 47 -28.18 18.19 -15.67
N LYS E 48 -27.00 17.86 -16.20
CA LYS E 48 -26.79 17.96 -17.64
C LYS E 48 -27.70 17.00 -18.39
N ARG E 49 -27.93 15.81 -17.84
CA ARG E 49 -28.88 14.88 -18.44
C ARG E 49 -30.28 15.47 -18.47
N LYS E 50 -30.70 16.10 -17.38
CA LYS E 50 -32.03 16.70 -17.36
C LYS E 50 -32.14 17.83 -18.36
N ILE E 51 -31.08 18.64 -18.49
CA ILE E 51 -31.08 19.70 -19.49
C ILE E 51 -31.19 19.11 -20.89
N ARG E 52 -30.46 18.02 -21.16
CA ARG E 52 -30.53 17.37 -22.46
C ARG E 52 -31.96 16.88 -22.73
N ASN E 53 -32.58 16.26 -21.72
CA ASN E 53 -33.93 15.76 -21.90
C ASN E 53 -34.90 16.90 -22.19
N HIS E 54 -34.78 18.02 -21.48
CA HIS E 54 -35.67 19.13 -21.73
C HIS E 54 -35.46 19.72 -23.12
N VAL E 55 -34.21 19.84 -23.54
CA VAL E 55 -33.94 20.36 -24.88
C VAL E 55 -34.55 19.44 -25.94
N ALA E 56 -34.38 18.14 -25.77
CA ALA E 56 -34.96 17.20 -26.73
C ALA E 56 -36.48 17.30 -26.75
N LEU E 57 -37.09 17.44 -25.57
CA LEU E 57 -38.55 17.50 -25.52
C LEU E 57 -39.08 18.77 -26.16
N THR E 58 -38.50 19.92 -25.83
CA THR E 58 -39.04 21.18 -26.29
C THR E 58 -38.78 21.45 -27.77
N LYS E 59 -37.63 21.01 -28.29
CA LYS E 59 -37.28 21.24 -29.68
C LYS E 59 -37.68 20.08 -30.59
N GLU E 60 -38.06 18.93 -30.04
CA GLU E 60 -38.51 17.79 -30.82
C GLU E 60 -37.49 17.43 -31.89
N GLY E 61 -36.20 17.51 -31.55
CA GLY E 61 -35.16 17.13 -32.48
C GLY E 61 -35.17 17.94 -33.75
N ALA E 62 -35.45 19.23 -33.66
CA ALA E 62 -35.44 20.09 -34.82
C ALA E 62 -34.01 20.20 -35.36
N GLU E 63 -33.88 20.89 -36.50
CA GLU E 63 -32.57 21.05 -37.11
C GLU E 63 -31.63 21.82 -36.19
N ARG E 64 -30.39 21.34 -36.09
CA ARG E 64 -29.33 21.92 -35.28
C ARG E 64 -29.55 21.74 -33.78
N PHE E 65 -30.58 21.02 -33.36
CA PHE E 65 -30.86 20.84 -31.93
C PHE E 65 -31.04 19.37 -31.58
N ASN E 66 -30.31 18.49 -32.26
CA ASN E 66 -30.31 17.08 -31.89
C ASN E 66 -29.45 16.86 -30.66
N ILE E 67 -29.73 15.76 -29.96
CA ILE E 67 -28.99 15.39 -28.76
C ILE E 67 -28.04 14.26 -29.11
N TYR E 68 -26.75 14.48 -28.90
CA TYR E 68 -25.73 13.49 -29.24
C TYR E 68 -25.81 12.28 -28.33
N ILE E 69 -25.91 12.49 -27.02
CA ILE E 69 -26.06 11.39 -26.07
C ILE E 69 -27.55 11.11 -25.90
N GLN E 70 -28.11 10.31 -26.80
CA GLN E 70 -29.52 9.97 -26.76
C GLN E 70 -29.70 8.53 -26.28
N GLU E 71 -30.94 8.22 -25.91
CA GLU E 71 -31.24 6.91 -25.36
C GLU E 71 -30.94 5.82 -26.38
N LYS E 72 -30.15 4.83 -25.96
CA LYS E 72 -29.80 3.66 -26.77
C LYS E 72 -29.29 4.05 -28.15
N ALA E 73 -28.75 5.26 -28.30
CA ALA E 73 -28.10 5.63 -29.53
C ALA E 73 -26.71 5.00 -29.60
N ILE E 74 -26.21 4.81 -30.81
CA ILE E 74 -24.89 4.25 -31.05
C ILE E 74 -24.01 5.39 -31.54
N LEU E 75 -23.03 5.76 -30.72
CA LEU E 75 -22.25 6.96 -31.01
C LEU E 75 -21.38 6.78 -32.25
N ASN E 76 -20.82 5.59 -32.44
CA ASN E 76 -19.96 5.36 -33.59
C ASN E 76 -20.72 5.51 -34.90
N GLU E 77 -21.99 5.12 -34.93
CA GLU E 77 -22.80 5.35 -36.13
C GLU E 77 -23.01 6.83 -36.38
N THR E 78 -23.20 7.62 -35.31
CA THR E 78 -23.27 9.07 -35.49
C THR E 78 -21.96 9.61 -36.05
N HIS E 79 -20.82 9.09 -35.59
CA HIS E 79 -19.54 9.52 -36.13
C HIS E 79 -19.43 9.17 -37.61
N GLU E 80 -19.88 7.98 -37.98
CA GLU E 80 -19.88 7.59 -39.39
C GLU E 80 -20.74 8.54 -40.21
N ARG E 81 -21.91 8.91 -39.67
CA ARG E 81 -22.78 9.85 -40.36
C ARG E 81 -22.07 11.19 -40.54
N ALA E 82 -21.36 11.66 -39.51
CA ALA E 82 -20.65 12.91 -39.62
C ALA E 82 -19.57 12.85 -40.69
N TYR E 83 -18.82 11.74 -40.72
CA TYR E 83 -17.79 11.59 -41.74
C TYR E 83 -18.39 11.59 -43.14
N THR E 84 -19.50 10.86 -43.32
CA THR E 84 -20.14 10.83 -44.63
C THR E 84 -20.62 12.22 -45.03
N ALA E 85 -21.21 12.96 -44.10
CA ALA E 85 -21.65 14.32 -44.39
C ALA E 85 -20.48 15.20 -44.79
N CYS E 86 -19.34 15.03 -44.12
CA CYS E 86 -18.14 15.78 -44.47
C CYS E 86 -17.40 15.20 -45.68
N ASP E 87 -17.84 14.05 -46.19
CA ASP E 87 -17.24 13.45 -47.38
C ASP E 87 -15.80 13.00 -47.10
N LEU E 88 -15.64 12.22 -46.05
CA LEU E 88 -14.34 11.68 -45.66
C LEU E 88 -14.45 10.19 -45.42
N LYS E 89 -13.31 9.50 -45.51
CA LYS E 89 -13.24 8.08 -45.23
C LYS E 89 -12.60 7.89 -43.86
N PRO E 90 -13.34 7.43 -42.85
CA PRO E 90 -12.78 7.42 -41.49
C PRO E 90 -11.66 6.39 -41.35
N GLU E 91 -10.60 6.78 -40.66
CA GLU E 91 -9.54 5.84 -40.32
C GLU E 91 -9.99 4.96 -39.17
N PRO E 92 -9.33 3.81 -38.99
CA PRO E 92 -9.74 2.90 -37.90
C PRO E 92 -9.69 3.53 -36.52
N LYS E 93 -8.72 4.39 -36.24
CA LYS E 93 -8.59 4.95 -34.90
C LYS E 93 -8.20 6.42 -34.87
N LYS E 94 -8.10 7.11 -36.01
CA LYS E 94 -7.35 8.35 -36.08
C LYS E 94 -8.15 9.42 -36.80
N LEU E 95 -7.84 10.68 -36.45
CA LEU E 95 -8.45 11.82 -37.11
C LEU E 95 -7.91 11.96 -38.53
N PRO E 96 -8.58 12.73 -39.38
CA PRO E 96 -8.05 12.97 -40.72
C PRO E 96 -6.66 13.57 -40.65
N LYS E 97 -5.79 13.14 -41.57
CA LYS E 97 -4.41 13.60 -41.56
C LYS E 97 -4.33 15.12 -41.64
N LYS E 98 -5.04 15.70 -42.61
CA LYS E 98 -5.06 17.15 -42.73
C LYS E 98 -5.82 17.77 -41.57
N VAL E 99 -5.33 18.90 -41.08
CA VAL E 99 -6.02 19.59 -40.00
C VAL E 99 -7.37 20.11 -40.46
N GLU E 100 -7.46 20.54 -41.73
CA GLU E 100 -8.72 21.10 -42.22
C GLU E 100 -9.83 20.06 -42.16
N ASP E 101 -9.53 18.83 -42.58
CA ASP E 101 -10.56 17.79 -42.57
C ASP E 101 -11.01 17.47 -41.15
N ALA E 102 -10.06 17.38 -40.21
CA ALA E 102 -10.42 17.12 -38.82
C ALA E 102 -11.29 18.24 -38.27
N LYS E 103 -10.92 19.49 -38.57
CA LYS E 103 -11.73 20.62 -38.11
C LYS E 103 -13.12 20.56 -38.71
N ARG E 104 -13.24 20.23 -40.00
CA ARG E 104 -14.55 20.14 -40.62
C ARG E 104 -15.41 19.07 -39.96
N VAL E 105 -14.85 17.88 -39.76
CA VAL E 105 -15.64 16.79 -39.20
C VAL E 105 -16.07 17.13 -37.78
N THR E 106 -15.16 17.70 -36.98
CA THR E 106 -15.55 18.07 -35.62
C THR E 106 -16.61 19.17 -35.64
N ASP E 107 -16.44 20.17 -36.50
CA ASP E 107 -17.36 21.31 -36.51
C ASP E 107 -18.75 20.90 -36.97
N TRP E 108 -18.87 19.95 -37.88
CA TRP E 108 -20.19 19.53 -38.33
C TRP E 108 -21.06 19.13 -37.14
N MET E 109 -20.55 18.22 -36.30
CA MET E 109 -21.34 17.75 -35.17
C MET E 109 -21.35 18.78 -34.04
N CYS E 110 -20.28 19.57 -33.90
CA CYS E 110 -20.33 20.66 -32.94
C CYS E 110 -21.41 21.66 -33.28
N THR E 111 -21.83 21.72 -34.55
CA THR E 111 -22.88 22.60 -35.00
C THR E 111 -24.26 21.97 -34.89
N ASN E 112 -24.45 20.79 -35.46
CA ASN E 112 -25.77 20.20 -35.55
C ASN E 112 -26.13 19.31 -34.36
N PHE E 113 -25.37 19.38 -33.28
CA PHE E 113 -25.73 18.73 -32.01
C PHE E 113 -25.66 19.77 -30.90
N TYR E 114 -26.78 19.94 -30.20
CA TYR E 114 -26.84 20.99 -29.17
C TYR E 114 -25.97 20.65 -27.98
N ASP E 115 -26.04 19.40 -27.49
CA ASP E 115 -25.29 19.06 -26.28
C ASP E 115 -23.79 19.06 -26.53
N ILE E 116 -23.34 18.69 -27.73
CA ILE E 116 -21.93 18.85 -28.04
C ILE E 116 -21.56 20.33 -28.09
N ARG E 117 -22.43 21.15 -28.67
CA ARG E 117 -22.16 22.58 -28.77
C ARG E 117 -22.08 23.24 -27.41
N THR E 118 -22.78 22.68 -26.41
CA THR E 118 -22.88 23.31 -25.10
C THR E 118 -21.93 22.70 -24.08
N PHE E 119 -22.03 21.39 -23.85
CA PHE E 119 -21.22 20.72 -22.84
C PHE E 119 -20.00 20.04 -23.41
N GLY E 120 -19.80 20.04 -24.73
CA GLY E 120 -18.68 19.37 -25.33
C GLY E 120 -18.87 17.86 -25.34
N ALA E 121 -17.82 17.16 -25.77
CA ALA E 121 -17.88 15.71 -25.81
C ALA E 121 -16.49 15.16 -26.09
N VAL E 122 -16.31 13.88 -25.75
CA VAL E 122 -15.11 13.12 -26.10
C VAL E 122 -15.55 12.06 -27.11
N MET E 123 -14.94 12.09 -28.30
CA MET E 123 -15.42 11.30 -29.42
C MET E 123 -14.33 10.48 -30.07
N THR E 124 -13.22 10.25 -29.39
CA THR E 124 -12.17 9.40 -29.94
C THR E 124 -12.56 7.93 -29.77
N THR E 125 -12.79 7.26 -30.89
CA THR E 125 -13.25 5.87 -30.89
C THR E 125 -12.83 5.26 -32.23
N GLU E 126 -13.30 4.04 -32.49
CA GLU E 126 -13.02 3.40 -33.76
C GLU E 126 -13.37 4.31 -34.93
N VAL E 127 -14.30 5.24 -34.75
CA VAL E 127 -14.51 6.36 -35.65
C VAL E 127 -14.26 7.62 -34.85
N ASN E 128 -13.16 8.31 -35.14
CA ASN E 128 -12.65 9.38 -34.31
C ASN E 128 -13.13 10.72 -34.88
N CYS E 129 -13.65 11.58 -34.01
CA CYS E 129 -14.10 12.91 -34.39
C CYS E 129 -13.49 14.01 -33.53
N GLY E 130 -12.64 13.67 -32.56
CA GLY E 130 -11.93 14.66 -31.80
C GLY E 130 -12.53 14.96 -30.44
N GLN E 131 -12.30 16.17 -29.94
CA GLN E 131 -12.76 16.57 -28.62
C GLN E 131 -13.41 17.95 -28.70
N VAL E 132 -14.29 18.23 -27.74
CA VAL E 132 -14.85 19.55 -27.54
C VAL E 132 -14.92 19.80 -26.05
N ARG E 133 -14.52 21.00 -25.61
CA ARG E 133 -14.55 21.31 -24.19
C ARG E 133 -15.92 21.82 -23.75
N GLY E 134 -16.57 22.61 -24.59
CA GLY E 134 -17.90 23.10 -24.29
C GLY E 134 -17.83 24.31 -23.38
N PRO E 135 -18.55 25.38 -23.74
CA PRO E 135 -18.50 26.59 -22.90
C PRO E 135 -19.23 26.46 -21.59
N VAL E 136 -20.35 25.74 -21.56
CA VAL E 136 -21.20 25.64 -20.38
C VAL E 136 -20.87 24.36 -19.64
N GLN E 137 -20.79 24.44 -18.32
CA GLN E 137 -20.56 23.26 -17.50
C GLN E 137 -20.76 23.62 -16.04
N MET E 138 -21.14 22.63 -15.25
CA MET E 138 -21.62 22.83 -13.89
C MET E 138 -20.86 21.91 -12.94
N ALA E 139 -20.80 22.32 -11.68
CA ALA E 139 -20.16 21.55 -10.63
C ALA E 139 -21.21 20.70 -9.91
N PHE E 140 -20.73 19.87 -8.99
CA PHE E 140 -21.63 19.06 -8.19
C PHE E 140 -22.56 19.94 -7.37
N ALA E 141 -23.82 19.55 -7.29
CA ALA E 141 -24.75 20.22 -6.41
C ALA E 141 -24.61 19.66 -5.00
N ARG E 142 -24.67 20.54 -4.01
CA ARG E 142 -24.45 20.16 -2.62
C ARG E 142 -25.56 20.74 -1.76
N SER E 143 -26.11 19.93 -0.86
CA SER E 143 -27.16 20.39 0.02
C SER E 143 -26.61 21.38 1.03
N VAL E 144 -27.42 22.39 1.36
CA VAL E 144 -26.97 23.40 2.31
C VAL E 144 -26.80 22.80 3.70
N GLU E 145 -27.64 21.86 4.08
CA GLU E 145 -27.57 21.21 5.37
C GLU E 145 -27.57 19.70 5.21
N PRO E 146 -27.08 18.96 6.19
CA PRO E 146 -27.04 17.51 6.08
C PRO E 146 -28.43 16.94 5.83
N VAL E 147 -28.48 15.91 4.99
CA VAL E 147 -29.71 15.20 4.68
C VAL E 147 -29.63 13.81 5.28
N VAL E 148 -30.77 13.29 5.73
CA VAL E 148 -30.81 11.98 6.38
C VAL E 148 -31.72 11.07 5.55
N PRO E 149 -31.20 10.37 4.55
CA PRO E 149 -32.07 9.51 3.74
C PRO E 149 -32.70 8.41 4.57
N GLN E 150 -33.93 8.06 4.21
CA GLN E 150 -34.69 7.04 4.93
C GLN E 150 -35.06 5.93 3.96
N GLU E 151 -34.75 4.70 4.35
CA GLU E 151 -35.11 3.54 3.55
C GLU E 151 -36.56 3.17 3.80
N VAL E 152 -37.35 3.13 2.74
CA VAL E 152 -38.77 2.84 2.81
C VAL E 152 -38.97 1.43 2.28
N SER E 153 -39.38 0.51 3.14
CA SER E 153 -39.63 -0.86 2.73
C SER E 153 -41.03 -0.97 2.14
N ILE E 154 -41.12 -1.56 0.94
CA ILE E 154 -42.38 -1.71 0.24
C ILE E 154 -42.51 -3.15 -0.21
N THR E 155 -43.76 -3.62 -0.31
CA THR E 155 -44.05 -5.00 -0.66
C THR E 155 -44.82 -5.06 -1.97
N ARG E 156 -44.67 -6.19 -2.66
CA ARG E 156 -45.36 -6.44 -3.92
C ARG E 156 -46.23 -7.67 -3.78
N MET E 157 -47.49 -7.54 -4.20
CA MET E 157 -48.47 -8.60 -4.04
C MET E 157 -48.45 -9.61 -5.18
N ALA E 158 -47.59 -9.41 -6.17
CA ALA E 158 -47.38 -10.37 -7.25
C ALA E 158 -45.99 -10.97 -7.13
N VAL E 159 -45.69 -11.92 -8.01
CA VAL E 159 -44.39 -12.58 -8.03
C VAL E 159 -43.90 -12.65 -9.47
N THR E 160 -42.59 -12.77 -9.62
CA THR E 160 -41.95 -12.70 -10.93
C THR E 160 -42.04 -14.02 -11.68
N THR E 161 -41.45 -15.08 -11.13
CA THR E 161 -41.38 -16.37 -11.78
C THR E 161 -41.83 -17.47 -10.84
N LYS E 162 -42.50 -18.47 -11.39
CA LYS E 162 -42.98 -19.59 -10.60
C LYS E 162 -41.79 -20.34 -9.99
N ALA E 163 -41.95 -20.76 -8.74
CA ALA E 163 -40.91 -21.49 -8.03
C ALA E 163 -41.55 -22.17 -6.81
N GLU E 164 -40.72 -22.83 -6.01
CA GLU E 164 -41.22 -23.55 -4.85
C GLU E 164 -41.99 -22.62 -3.92
N ALA E 165 -41.39 -21.50 -3.54
CA ALA E 165 -42.04 -20.51 -2.68
C ALA E 165 -42.71 -19.40 -3.47
N GLU E 166 -42.73 -19.51 -4.79
CA GLU E 166 -43.31 -18.47 -5.64
C GLU E 166 -44.54 -19.00 -6.38
N ASP E 171 -48.09 -14.38 -7.33
CA ASP E 171 -48.91 -15.28 -6.53
C ASP E 171 -48.49 -15.25 -5.07
N ASN E 172 -47.23 -14.89 -4.82
CA ASN E 172 -46.70 -14.79 -3.46
C ASN E 172 -46.06 -13.42 -3.28
N ARG E 173 -46.12 -12.91 -2.05
CA ARG E 173 -45.60 -11.60 -1.75
C ARG E 173 -44.07 -11.57 -1.86
N THR E 174 -43.54 -10.40 -2.19
CA THR E 174 -42.11 -10.17 -2.20
C THR E 174 -41.84 -8.75 -1.69
N MET E 175 -40.66 -8.55 -1.12
CA MET E 175 -40.33 -7.33 -0.41
C MET E 175 -39.30 -6.53 -1.20
N GLY E 176 -39.59 -5.25 -1.42
CA GLY E 176 -38.65 -4.34 -2.05
C GLY E 176 -38.28 -3.21 -1.12
N ARG E 177 -37.65 -2.16 -1.65
CA ARG E 177 -37.27 -1.03 -0.81
C ARG E 177 -37.08 0.22 -1.66
N LYS E 178 -37.41 1.37 -1.07
CA LYS E 178 -37.21 2.67 -1.69
C LYS E 178 -36.32 3.52 -0.78
N HIS E 179 -35.59 4.44 -1.41
CA HIS E 179 -34.78 5.42 -0.70
C HIS E 179 -35.28 6.80 -1.05
N ILE E 180 -35.48 7.64 -0.04
CA ILE E 180 -35.99 8.99 -0.22
C ILE E 180 -35.23 9.94 0.68
N VAL E 181 -35.12 11.19 0.23
CA VAL E 181 -34.60 12.28 1.05
C VAL E 181 -35.79 13.06 1.58
N PRO E 182 -36.02 13.12 2.90
CA PRO E 182 -37.21 13.84 3.37
C PRO E 182 -37.27 15.28 2.89
N TYR E 183 -36.13 15.95 2.85
CA TYR E 183 -36.04 17.27 2.24
C TYR E 183 -34.58 17.70 2.19
N GLY E 184 -34.24 18.49 1.18
CA GLY E 184 -32.91 19.02 1.04
C GLY E 184 -32.82 20.08 -0.03
N LEU E 185 -32.24 21.23 0.30
CA LEU E 185 -32.08 22.33 -0.64
C LEU E 185 -30.67 22.30 -1.19
N TYR E 186 -30.57 22.09 -2.51
CA TYR E 186 -29.29 21.92 -3.17
C TYR E 186 -28.89 23.19 -3.90
N VAL E 187 -27.59 23.48 -3.92
CA VAL E 187 -27.04 24.64 -4.58
C VAL E 187 -26.06 24.17 -5.65
N ALA E 188 -26.24 24.63 -6.88
CA ALA E 188 -25.41 24.25 -8.01
C ALA E 188 -24.80 25.48 -8.64
N HIS E 189 -23.49 25.44 -8.87
CA HIS E 189 -22.77 26.52 -9.51
C HIS E 189 -22.43 26.15 -10.95
N GLY E 190 -22.30 27.16 -11.80
CA GLY E 190 -22.02 26.92 -13.20
C GLY E 190 -21.25 28.07 -13.82
N PHE E 191 -20.58 27.77 -14.93
CA PHE E 191 -19.74 28.74 -15.62
C PHE E 191 -19.97 28.65 -17.12
N ILE E 192 -19.97 29.80 -17.78
CA ILE E 192 -20.04 29.90 -19.24
C ILE E 192 -18.90 30.78 -19.69
N SER E 193 -18.10 30.29 -20.64
CA SER E 193 -16.89 30.96 -21.07
C SER E 193 -17.02 31.41 -22.52
N ALA E 194 -16.71 32.68 -22.77
CA ALA E 194 -16.80 33.21 -24.13
C ALA E 194 -15.81 32.55 -25.09
N PRO E 195 -14.56 32.31 -24.74
CA PRO E 195 -13.63 31.70 -25.71
C PRO E 195 -14.09 30.34 -26.22
N LEU E 196 -14.45 29.43 -25.32
CA LEU E 196 -14.94 28.13 -25.75
C LEU E 196 -16.22 28.27 -26.57
N ALA E 197 -17.07 29.25 -26.22
CA ALA E 197 -18.24 29.52 -27.04
C ALA E 197 -17.86 29.92 -28.45
N GLU E 198 -16.84 30.77 -28.60
CA GLU E 198 -16.36 31.12 -29.92
C GLU E 198 -15.89 29.87 -30.67
N LYS E 199 -15.18 28.99 -29.96
CA LYS E 199 -14.72 27.76 -30.60
C LYS E 199 -15.88 26.89 -31.07
N THR E 200 -16.92 26.75 -30.26
CA THR E 200 -18.03 25.85 -30.56
C THR E 200 -19.23 26.55 -31.19
N GLY E 201 -19.20 27.87 -31.34
CA GLY E 201 -20.33 28.55 -31.93
C GLY E 201 -21.54 28.68 -31.03
N PHE E 202 -21.35 28.59 -29.72
CA PHE E 202 -22.46 28.71 -28.77
C PHE E 202 -23.11 30.07 -28.89
N SER E 203 -24.34 30.12 -29.40
CA SER E 203 -24.99 31.37 -29.77
C SER E 203 -25.80 31.93 -28.61
N ASP E 204 -26.44 33.08 -28.86
CA ASP E 204 -27.28 33.70 -27.83
C ASP E 204 -28.60 32.95 -27.67
N GLU E 205 -29.21 32.54 -28.78
CA GLU E 205 -30.43 31.75 -28.67
C GLU E 205 -30.17 30.44 -27.93
N ASP E 206 -28.97 29.89 -28.09
CA ASP E 206 -28.60 28.72 -27.28
C ASP E 206 -28.59 29.07 -25.81
N LEU E 207 -28.10 30.26 -25.46
CA LEU E 207 -28.08 30.67 -24.06
C LEU E 207 -29.49 30.83 -23.51
N THR E 208 -30.39 31.43 -24.30
CA THR E 208 -31.76 31.57 -23.85
C THR E 208 -32.42 30.22 -23.66
N LEU E 209 -32.19 29.30 -24.59
CA LEU E 209 -32.73 27.95 -24.45
C LEU E 209 -32.15 27.27 -23.21
N PHE E 210 -30.87 27.52 -22.91
CA PHE E 210 -30.26 26.93 -21.73
C PHE E 210 -30.89 27.46 -20.46
N TRP E 211 -31.11 28.78 -20.38
CA TRP E 211 -31.81 29.33 -19.22
C TRP E 211 -33.19 28.72 -19.09
N ASP E 212 -33.92 28.61 -20.20
CA ASP E 212 -35.25 28.02 -20.16
C ASP E 212 -35.20 26.59 -19.65
N ALA E 213 -34.20 25.82 -20.09
CA ALA E 213 -34.05 24.45 -19.60
C ALA E 213 -33.79 24.43 -18.10
N LEU E 214 -32.93 25.34 -17.63
CA LEU E 214 -32.61 25.35 -16.21
C LEU E 214 -33.83 25.67 -15.36
N VAL E 215 -34.61 26.68 -15.76
CA VAL E 215 -35.74 27.09 -14.93
C VAL E 215 -36.83 26.02 -14.95
N ASN E 216 -37.04 25.38 -16.12
CA ASN E 216 -38.06 24.34 -16.27
C ASN E 216 -37.46 22.94 -16.34
N MET E 217 -36.31 22.73 -15.70
CA MET E 217 -35.58 21.48 -15.86
C MET E 217 -36.40 20.29 -15.35
N PHE E 218 -36.94 20.40 -14.14
CA PHE E 218 -37.53 19.26 -13.45
C PHE E 218 -39.01 19.08 -13.74
N GLU E 219 -39.64 20.01 -14.46
CA GLU E 219 -41.09 19.96 -14.62
C GLU E 219 -41.57 18.76 -15.43
N HIS E 220 -40.67 18.06 -16.13
CA HIS E 220 -41.06 16.96 -17.00
C HIS E 220 -40.33 15.66 -16.72
N ASP E 221 -39.57 15.56 -15.63
CA ASP E 221 -38.87 14.34 -15.27
C ASP E 221 -39.50 13.66 -14.06
N ARG E 222 -40.80 13.86 -13.84
CA ARG E 222 -41.48 13.21 -12.73
C ARG E 222 -41.40 11.70 -12.89
N SER E 223 -41.23 11.01 -11.75
CA SER E 223 -41.14 9.56 -11.76
C SER E 223 -41.52 9.04 -10.39
N ALA E 224 -41.63 7.72 -10.29
CA ALA E 224 -42.04 7.10 -9.03
C ALA E 224 -41.03 7.36 -7.93
N ALA E 225 -39.74 7.39 -8.25
CA ALA E 225 -38.69 7.53 -7.25
C ALA E 225 -38.28 8.96 -7.00
N ARG E 226 -38.42 9.85 -7.99
CA ARG E 226 -37.88 11.20 -7.88
C ARG E 226 -38.66 12.08 -6.92
N GLY E 227 -39.90 11.73 -6.60
CA GLY E 227 -40.67 12.58 -5.72
C GLY E 227 -40.95 13.92 -6.36
N LEU E 228 -41.11 14.94 -5.51
CA LEU E 228 -41.36 16.31 -5.96
C LEU E 228 -40.05 17.09 -5.92
N MET E 229 -39.54 17.44 -7.09
CA MET E 229 -38.33 18.23 -7.22
C MET E 229 -38.65 19.49 -8.01
N SER E 230 -38.09 20.62 -7.57
CA SER E 230 -38.41 21.90 -8.20
C SER E 230 -37.21 22.83 -8.06
N SER E 231 -37.16 23.82 -8.93
CA SER E 231 -36.10 24.83 -8.93
C SER E 231 -36.65 26.12 -8.35
N ARG E 232 -35.92 26.69 -7.41
CA ARG E 232 -36.41 27.80 -6.60
C ARG E 232 -35.77 29.14 -6.95
N LYS E 233 -34.47 29.18 -7.23
CA LYS E 233 -33.79 30.41 -7.58
C LYS E 233 -32.85 30.17 -8.75
N LEU E 234 -32.57 31.22 -9.50
CA LEU E 234 -31.59 31.16 -10.58
C LEU E 234 -31.00 32.55 -10.74
N ILE E 235 -29.83 32.76 -10.16
CA ILE E 235 -29.11 34.03 -10.23
C ILE E 235 -27.97 33.86 -11.22
N VAL E 236 -27.93 34.74 -12.23
CA VAL E 236 -26.91 34.71 -13.26
C VAL E 236 -26.13 36.01 -13.22
N PHE E 237 -24.81 35.91 -13.22
CA PHE E 237 -23.92 37.06 -13.22
C PHE E 237 -23.34 37.22 -14.61
N LYS E 238 -23.61 38.36 -15.24
CA LYS E 238 -23.16 38.63 -16.60
C LYS E 238 -22.00 39.61 -16.55
N HIS E 239 -20.84 39.18 -17.06
CA HIS E 239 -19.66 40.03 -17.04
C HIS E 239 -19.67 40.95 -18.26
N GLN E 240 -19.25 42.20 -18.05
CA GLN E 240 -19.17 43.17 -19.11
C GLN E 240 -18.02 42.89 -20.08
N ASN E 241 -17.05 42.09 -19.67
CA ASN E 241 -15.88 41.78 -20.49
C ASN E 241 -15.89 40.30 -20.86
N ARG E 242 -15.26 39.99 -21.99
CA ARG E 242 -15.21 38.59 -22.43
C ARG E 242 -14.43 37.72 -21.46
N LEU E 243 -13.40 38.26 -20.81
CA LEU E 243 -12.59 37.50 -19.88
C LEU E 243 -13.06 37.62 -18.43
N GLY E 244 -14.01 38.49 -18.14
CA GLY E 244 -14.55 38.59 -16.80
C GLY E 244 -13.94 39.73 -16.02
N ASN E 245 -14.70 40.24 -15.05
CA ASN E 245 -14.30 41.36 -14.22
C ASN E 245 -14.23 41.03 -12.74
N ALA E 246 -14.45 39.78 -12.36
CA ALA E 246 -14.41 39.39 -10.95
C ALA E 246 -14.19 37.90 -10.85
N PRO E 247 -13.51 37.43 -9.81
CA PRO E 247 -13.37 35.98 -9.62
C PRO E 247 -14.72 35.32 -9.39
N ALA E 248 -14.83 34.07 -9.86
CA ALA E 248 -16.10 33.35 -9.72
C ALA E 248 -16.47 33.14 -8.26
N HIS E 249 -15.49 32.78 -7.43
CA HIS E 249 -15.80 32.52 -6.03
C HIS E 249 -16.30 33.78 -5.32
N LYS E 250 -15.84 34.96 -5.74
CA LYS E 250 -16.37 36.19 -5.15
C LYS E 250 -17.84 36.36 -5.46
N LEU E 251 -18.25 36.03 -6.69
CA LEU E 251 -19.66 36.15 -7.06
C LEU E 251 -20.51 35.10 -6.37
N PHE E 252 -20.03 33.86 -6.32
CA PHE E 252 -20.83 32.79 -5.72
C PHE E 252 -21.12 33.07 -4.25
N ASP E 253 -20.29 33.87 -3.59
CA ASP E 253 -20.53 34.19 -2.19
C ASP E 253 -21.54 35.31 -2.00
N LEU E 254 -21.89 36.04 -3.06
CA LEU E 254 -22.93 37.06 -2.93
C LEU E 254 -24.26 36.43 -2.56
N VAL E 255 -24.59 35.31 -3.18
CA VAL E 255 -25.83 34.61 -2.87
C VAL E 255 -25.61 33.78 -1.61
N LYS E 256 -26.35 34.10 -0.55
CA LYS E 256 -26.21 33.44 0.74
C LYS E 256 -27.56 32.87 1.15
N VAL E 257 -27.55 31.61 1.56
CA VAL E 257 -28.75 30.89 1.96
C VAL E 257 -28.57 30.40 3.39
N SER E 258 -29.54 30.70 4.24
CA SER E 258 -29.46 30.33 5.64
C SER E 258 -30.87 30.13 6.18
N ARG E 259 -30.94 29.59 7.39
CA ARG E 259 -32.23 29.29 8.00
C ARG E 259 -33.03 30.57 8.22
N ALA E 260 -34.31 30.52 7.87
CA ALA E 260 -35.20 31.64 8.15
C ALA E 260 -35.42 31.77 9.66
N GLU E 261 -35.69 32.99 10.08
CA GLU E 261 -35.92 33.24 11.49
C GLU E 261 -37.15 32.47 11.98
N GLY E 262 -37.05 31.94 13.19
CA GLY E 262 -38.13 31.18 13.78
C GLY E 262 -38.00 29.68 13.55
N SER E 263 -37.61 29.29 12.33
CA SER E 263 -37.41 27.88 12.04
C SER E 263 -36.22 27.35 12.82
N SER E 264 -36.42 26.24 13.54
CA SER E 264 -35.38 25.70 14.40
C SER E 264 -35.16 24.21 14.13
N GLY E 265 -36.22 23.49 13.75
CA GLY E 265 -36.11 22.07 13.48
C GLY E 265 -35.51 21.80 12.12
N PRO E 266 -35.37 20.53 11.77
CA PRO E 266 -34.84 20.20 10.44
C PRO E 266 -35.74 20.75 9.35
N ALA E 267 -35.11 21.17 8.25
CA ALA E 267 -35.85 21.78 7.16
C ALA E 267 -36.82 20.77 6.54
N ARG E 268 -38.02 21.24 6.24
CA ARG E 268 -39.01 20.41 5.57
C ARG E 268 -39.77 21.17 4.49
N SER E 269 -39.37 22.40 4.17
CA SER E 269 -39.96 23.17 3.08
C SER E 269 -39.01 24.29 2.73
N PHE E 270 -39.18 24.84 1.52
CA PHE E 270 -38.36 25.98 1.13
C PHE E 270 -38.61 27.20 1.99
N ALA E 271 -39.74 27.25 2.69
CA ALA E 271 -40.01 28.36 3.59
C ALA E 271 -39.14 28.34 4.83
N ASP E 272 -38.39 27.27 5.07
CA ASP E 272 -37.48 27.20 6.20
C ASP E 272 -36.15 27.90 5.94
N TYR E 273 -35.93 28.39 4.72
CA TYR E 273 -34.68 29.02 4.35
C TYR E 273 -34.93 30.46 3.89
N ALA E 274 -33.90 31.28 4.02
CA ALA E 274 -33.91 32.64 3.50
C ALA E 274 -32.73 32.82 2.57
N VAL E 275 -33.00 33.36 1.38
CA VAL E 275 -32.00 33.53 0.34
C VAL E 275 -31.83 35.02 0.08
N THR E 276 -30.59 35.50 0.13
CA THR E 276 -30.27 36.89 -0.09
C THR E 276 -29.17 37.00 -1.13
N VAL E 277 -29.24 38.05 -1.96
CA VAL E 277 -28.27 38.31 -3.01
C VAL E 277 -27.65 39.68 -2.75
N GLY E 278 -26.32 39.73 -2.70
CA GLY E 278 -25.61 40.96 -2.46
C GLY E 278 -25.44 41.78 -3.73
N GLN E 279 -24.67 42.86 -3.60
CA GLN E 279 -24.39 43.76 -4.71
C GLN E 279 -23.15 43.29 -5.46
N ALA E 280 -23.26 43.15 -6.77
CA ALA E 280 -22.17 42.63 -7.57
C ALA E 280 -21.07 43.68 -7.72
N PRO E 281 -19.87 43.25 -8.13
CA PRO E 281 -18.81 44.23 -8.38
C PRO E 281 -19.16 45.19 -9.52
N GLU E 282 -18.24 46.11 -9.83
CA GLU E 282 -18.56 47.18 -10.76
C GLU E 282 -18.98 46.63 -12.12
N GLY E 283 -18.19 45.73 -12.69
CA GLY E 283 -18.38 45.30 -14.07
C GLY E 283 -19.32 44.13 -14.28
N VAL E 284 -20.09 43.74 -13.27
CA VAL E 284 -20.92 42.54 -13.33
C VAL E 284 -22.37 42.94 -13.16
N GLU E 285 -23.22 42.44 -14.05
CA GLU E 285 -24.67 42.59 -13.95
C GLU E 285 -25.25 41.31 -13.36
N VAL E 286 -26.12 41.45 -12.38
CA VAL E 286 -26.74 40.32 -11.70
C VAL E 286 -28.23 40.32 -12.01
N LYS E 287 -28.72 39.21 -12.54
CA LYS E 287 -30.12 39.04 -12.88
C LYS E 287 -30.70 37.89 -12.08
N GLU E 288 -31.85 38.11 -11.45
CA GLU E 288 -32.59 37.04 -10.77
C GLU E 288 -33.55 36.45 -11.79
N MET E 289 -33.06 35.49 -12.57
CA MET E 289 -33.88 34.90 -13.62
C MET E 289 -35.13 34.24 -13.06
N LEU E 290 -35.07 33.78 -11.81
CA LEU E 290 -36.20 33.11 -11.18
C LEU E 290 -36.37 33.61 -9.76
N MET F 1 -55.85 5.26 -30.20
CA MET F 1 -55.57 5.86 -28.86
C MET F 1 -55.28 7.34 -28.97
N THR F 2 -56.28 8.16 -28.66
CA THR F 2 -56.11 9.61 -28.65
C THR F 2 -55.66 10.04 -27.26
N ALA F 3 -54.36 10.27 -27.11
CA ALA F 3 -53.81 10.62 -25.81
C ALA F 3 -54.36 11.97 -25.36
N ILE F 4 -54.23 12.22 -24.05
CA ILE F 4 -54.68 13.49 -23.50
C ILE F 4 -53.87 14.64 -24.09
N ALA F 5 -54.49 15.81 -24.20
CA ALA F 5 -53.88 16.96 -24.85
C ALA F 5 -53.60 18.10 -23.87
N ASN F 6 -53.37 17.79 -22.60
CA ASN F 6 -53.09 18.82 -21.60
C ASN F 6 -52.22 18.23 -20.51
N ARG F 7 -51.68 19.11 -19.67
CA ARG F 7 -50.88 18.73 -18.52
C ARG F 7 -51.67 19.02 -17.25
N TYR F 8 -51.72 18.05 -16.35
CA TYR F 8 -52.53 18.13 -15.15
C TYR F 8 -51.67 18.05 -13.90
N GLU F 9 -52.08 18.77 -12.86
CA GLU F 9 -51.55 18.62 -11.52
C GLU F 9 -52.72 18.60 -10.55
N PHE F 10 -52.74 17.61 -9.67
CA PHE F 10 -53.84 17.45 -8.74
C PHE F 10 -53.29 17.24 -7.33
N VAL F 11 -54.06 17.68 -6.35
CA VAL F 11 -53.76 17.47 -4.94
C VAL F 11 -54.97 16.83 -4.29
N LEU F 12 -54.76 15.74 -3.56
CA LEU F 12 -55.83 14.95 -2.98
C LEU F 12 -55.73 15.02 -1.46
N LEU F 13 -56.86 15.21 -0.80
CA LEU F 13 -56.94 15.25 0.66
C LEU F 13 -57.79 14.08 1.13
N PHE F 14 -57.22 13.27 2.02
CA PHE F 14 -57.96 12.17 2.63
C PHE F 14 -57.53 12.05 4.09
N ASP F 15 -58.41 11.53 4.93
CA ASP F 15 -58.17 11.42 6.35
C ASP F 15 -58.57 10.04 6.84
N VAL F 16 -57.95 9.62 7.93
CA VAL F 16 -58.19 8.32 8.55
C VAL F 16 -58.54 8.54 10.01
N GLU F 17 -59.58 7.87 10.48
CA GLU F 17 -60.05 7.99 11.85
C GLU F 17 -59.94 6.62 12.51
N ASN F 18 -59.17 6.55 13.60
CA ASN F 18 -58.95 5.31 14.34
C ASN F 18 -58.61 4.16 13.39
N GLY F 19 -57.56 4.37 12.58
CA GLY F 19 -57.19 3.40 11.60
C GLY F 19 -55.69 3.37 11.39
N ASN F 20 -55.26 2.47 10.49
CA ASN F 20 -53.86 2.34 10.11
C ASN F 20 -53.75 2.56 8.60
N PRO F 21 -53.56 3.79 8.14
CA PRO F 21 -53.60 4.03 6.68
C PRO F 21 -52.58 3.22 5.91
N ASN F 22 -51.40 3.01 6.46
CA ASN F 22 -50.34 2.30 5.74
C ASN F 22 -49.35 1.76 6.77
N GLY F 23 -49.24 0.44 6.87
CA GLY F 23 -48.40 -0.16 7.88
C GLY F 23 -46.93 -0.19 7.45
N ASP F 24 -46.05 0.05 8.42
CA ASP F 24 -44.62 0.01 8.15
C ASP F 24 -44.10 -1.41 8.33
N PRO F 25 -43.56 -2.04 7.29
CA PRO F 25 -43.04 -3.41 7.48
C PRO F 25 -41.89 -3.49 8.46
N ASP F 26 -41.18 -2.39 8.71
CA ASP F 26 -40.02 -2.40 9.60
C ASP F 26 -40.41 -2.14 11.05
N ALA F 27 -41.24 -1.14 11.30
CA ALA F 27 -41.63 -0.77 12.66
C ALA F 27 -42.83 -1.58 13.14
N GLY F 28 -42.77 -2.90 12.98
CA GLY F 28 -43.81 -3.76 13.51
C GLY F 28 -45.19 -3.43 13.00
N ASN F 29 -45.32 -3.09 11.72
CA ASN F 29 -46.60 -2.76 11.11
C ASN F 29 -47.21 -1.48 11.67
N MET F 30 -46.41 -0.66 12.36
CA MET F 30 -46.91 0.63 12.81
C MET F 30 -47.09 1.54 11.60
N PRO F 31 -47.97 2.55 11.71
CA PRO F 31 -48.15 3.49 10.61
C PRO F 31 -46.84 4.19 10.29
N ARG F 32 -46.60 4.39 9.00
CA ARG F 32 -45.38 5.07 8.57
C ARG F 32 -45.38 6.50 9.08
N ILE F 33 -44.23 6.96 9.56
CA ILE F 33 -44.07 8.32 10.05
C ILE F 33 -42.72 8.85 9.60
N ASP F 34 -42.60 10.18 9.60
CA ASP F 34 -41.32 10.83 9.38
C ASP F 34 -40.62 10.96 10.74
N PRO F 35 -39.64 10.10 11.04
CA PRO F 35 -39.16 10.01 12.42
C PRO F 35 -38.65 11.31 12.99
N GLU F 36 -38.12 12.21 12.16
CA GLU F 36 -37.55 13.44 12.69
C GLU F 36 -38.62 14.42 13.15
N THR F 37 -39.83 14.32 12.60
CA THR F 37 -40.90 15.24 12.95
C THR F 37 -42.19 14.56 13.38
N GLY F 38 -42.39 13.29 13.04
CA GLY F 38 -43.57 12.57 13.43
C GLY F 38 -44.72 12.64 12.45
N HIS F 39 -44.63 13.43 11.40
CA HIS F 39 -45.69 13.48 10.41
C HIS F 39 -45.89 12.11 9.79
N GLY F 40 -47.15 11.69 9.69
CA GLY F 40 -47.44 10.41 9.08
C GLY F 40 -47.21 10.44 7.58
N LEU F 41 -46.92 9.27 7.03
CA LEU F 41 -46.69 9.12 5.60
C LEU F 41 -47.49 7.95 5.07
N VAL F 42 -47.90 8.04 3.80
CA VAL F 42 -48.56 6.96 3.10
C VAL F 42 -47.94 6.86 1.72
N THR F 43 -47.20 5.78 1.49
CA THR F 43 -46.44 5.66 0.25
C THR F 43 -47.38 5.74 -0.95
N ASP F 44 -46.89 6.40 -2.00
CA ASP F 44 -47.67 6.48 -3.24
C ASP F 44 -48.03 5.10 -3.76
N VAL F 45 -47.23 4.09 -3.42
CA VAL F 45 -47.51 2.74 -3.86
C VAL F 45 -48.84 2.27 -3.30
N CYS F 46 -49.15 2.62 -2.05
CA CYS F 46 -50.43 2.23 -1.47
C CYS F 46 -51.60 2.86 -2.22
N LEU F 47 -51.49 4.14 -2.55
CA LEU F 47 -52.57 4.80 -3.29
C LEU F 47 -52.71 4.20 -4.68
N LYS F 48 -51.59 3.87 -5.32
CA LYS F 48 -51.66 3.23 -6.63
C LYS F 48 -52.33 1.87 -6.53
N ARG F 49 -52.03 1.11 -5.47
CA ARG F 49 -52.70 -0.17 -5.27
C ARG F 49 -54.20 0.01 -5.09
N LYS F 50 -54.60 1.03 -4.33
CA LYS F 50 -56.03 1.26 -4.14
C LYS F 50 -56.70 1.63 -5.45
N ILE F 51 -56.04 2.45 -6.27
CA ILE F 51 -56.59 2.81 -7.57
C ILE F 51 -56.72 1.57 -8.45
N ARG F 52 -55.69 0.71 -8.45
CA ARG F 52 -55.76 -0.51 -9.23
C ARG F 52 -56.93 -1.38 -8.78
N ASN F 53 -57.10 -1.52 -7.46
CA ASN F 53 -58.20 -2.32 -6.94
C ASN F 53 -59.54 -1.74 -7.36
N HIS F 54 -59.70 -0.42 -7.29
CA HIS F 54 -60.95 0.19 -7.69
C HIS F 54 -61.22 -0.03 -9.17
N VAL F 55 -60.20 0.09 -10.01
CA VAL F 55 -60.38 -0.13 -11.44
C VAL F 55 -60.80 -1.57 -11.69
N ALA F 56 -60.14 -2.53 -11.05
CA ALA F 56 -60.51 -3.92 -11.22
C ALA F 56 -61.92 -4.19 -10.73
N LEU F 57 -62.35 -3.49 -9.68
CA LEU F 57 -63.70 -3.68 -9.16
C LEU F 57 -64.75 -3.10 -10.11
N THR F 58 -64.45 -1.95 -10.72
CA THR F 58 -65.44 -1.28 -11.55
C THR F 58 -65.52 -1.88 -12.95
N LYS F 59 -64.38 -1.96 -13.64
CA LYS F 59 -64.40 -2.50 -15.00
C LYS F 59 -64.54 -4.01 -15.03
N GLU F 60 -64.03 -4.70 -14.01
CA GLU F 60 -64.16 -6.14 -13.90
C GLU F 60 -63.57 -6.84 -15.12
N GLY F 61 -62.31 -6.55 -15.42
CA GLY F 61 -61.62 -7.22 -16.49
C GLY F 61 -62.20 -6.98 -17.86
N ALA F 62 -62.49 -5.72 -18.21
CA ALA F 62 -62.94 -5.41 -19.55
C ALA F 62 -61.80 -5.64 -20.55
N GLU F 63 -62.09 -5.40 -21.82
CA GLU F 63 -61.12 -5.70 -22.86
C GLU F 63 -59.83 -4.91 -22.67
N ARG F 64 -59.95 -3.61 -22.36
CA ARG F 64 -58.80 -2.72 -22.29
C ARG F 64 -58.43 -2.32 -20.87
N PHE F 65 -59.06 -2.90 -19.86
CA PHE F 65 -58.91 -2.45 -18.49
C PHE F 65 -58.54 -3.60 -17.56
N ASN F 66 -57.60 -4.44 -18.00
CA ASN F 66 -57.02 -5.43 -17.10
C ASN F 66 -55.89 -4.79 -16.28
N ILE F 67 -55.64 -5.37 -15.11
CA ILE F 67 -54.57 -4.91 -14.22
C ILE F 67 -53.42 -5.89 -14.32
N TYR F 68 -52.22 -5.37 -14.58
CA TYR F 68 -51.06 -6.20 -14.83
C TYR F 68 -50.52 -6.84 -13.55
N ILE F 69 -50.67 -6.18 -12.41
CA ILE F 69 -50.19 -6.70 -11.13
C ILE F 69 -51.41 -7.09 -10.32
N GLN F 70 -51.61 -8.39 -10.16
CA GLN F 70 -52.72 -8.93 -9.39
C GLN F 70 -52.20 -9.92 -8.35
N GLU F 71 -53.10 -10.34 -7.45
CA GLU F 71 -52.68 -11.18 -6.34
C GLU F 71 -52.20 -12.54 -6.82
N LYS F 72 -52.86 -13.11 -7.83
CA LYS F 72 -52.60 -14.47 -8.28
C LYS F 72 -52.04 -14.47 -9.70
N ALA F 73 -51.08 -13.58 -9.96
CA ALA F 73 -50.47 -13.45 -11.28
C ALA F 73 -48.97 -13.64 -11.18
N ILE F 74 -48.40 -14.34 -12.17
CA ILE F 74 -46.97 -14.48 -12.33
C ILE F 74 -46.56 -13.61 -13.51
N LEU F 75 -45.72 -12.60 -13.24
CA LEU F 75 -45.46 -11.58 -14.25
C LEU F 75 -44.84 -12.18 -15.51
N ASN F 76 -43.85 -13.08 -15.34
CA ASN F 76 -43.19 -13.65 -16.50
C ASN F 76 -44.18 -14.38 -17.41
N GLU F 77 -45.17 -15.06 -16.82
CA GLU F 77 -46.21 -15.67 -17.63
C GLU F 77 -46.98 -14.61 -18.42
N THR F 78 -47.29 -13.48 -17.78
CA THR F 78 -48.01 -12.43 -18.48
C THR F 78 -47.18 -11.87 -19.63
N HIS F 79 -45.86 -11.72 -19.41
CA HIS F 79 -45.00 -11.28 -20.50
C HIS F 79 -45.06 -12.24 -21.67
N GLU F 80 -45.01 -13.54 -21.38
CA GLU F 80 -45.07 -14.54 -22.45
C GLU F 80 -46.35 -14.40 -23.27
N ARG F 81 -47.44 -13.95 -22.62
CA ARG F 81 -48.68 -13.75 -23.36
C ARG F 81 -48.53 -12.67 -24.42
N ALA F 82 -47.67 -11.67 -24.19
CA ALA F 82 -47.48 -10.62 -25.17
C ALA F 82 -46.73 -11.13 -26.40
N TYR F 83 -45.67 -11.92 -26.17
CA TYR F 83 -44.88 -12.40 -27.30
C TYR F 83 -45.70 -13.26 -28.24
N THR F 84 -46.51 -14.17 -27.68
CA THR F 84 -47.36 -14.99 -28.54
C THR F 84 -48.37 -14.16 -29.30
N ALA F 85 -48.93 -13.12 -28.66
CA ALA F 85 -49.87 -12.26 -29.37
C ALA F 85 -49.19 -11.52 -30.51
N CYS F 86 -47.89 -11.24 -30.39
CA CYS F 86 -47.12 -10.60 -31.45
C CYS F 86 -46.37 -11.59 -32.31
N ASP F 87 -46.55 -12.90 -32.07
CA ASP F 87 -45.91 -13.94 -32.88
C ASP F 87 -44.39 -13.80 -32.86
N LEU F 88 -43.82 -13.95 -31.67
CA LEU F 88 -42.39 -13.87 -31.49
C LEU F 88 -41.94 -14.89 -30.45
N LYS F 89 -40.68 -15.30 -30.54
CA LYS F 89 -40.10 -16.26 -29.61
C LYS F 89 -39.20 -15.52 -28.64
N PRO F 90 -39.52 -15.48 -27.34
CA PRO F 90 -38.74 -14.64 -26.41
C PRO F 90 -37.31 -15.11 -26.29
N GLU F 91 -36.37 -14.19 -26.51
CA GLU F 91 -34.99 -14.43 -26.12
C GLU F 91 -34.91 -14.48 -24.60
N PRO F 92 -34.06 -15.34 -24.03
CA PRO F 92 -34.18 -15.61 -22.58
C PRO F 92 -34.05 -14.38 -21.71
N LYS F 93 -33.30 -13.35 -22.12
CA LYS F 93 -33.15 -12.17 -21.29
C LYS F 93 -33.22 -10.85 -22.05
N LYS F 94 -33.20 -10.85 -23.38
CA LYS F 94 -33.07 -9.62 -24.15
C LYS F 94 -34.36 -9.32 -24.91
N LEU F 95 -34.47 -8.07 -25.36
CA LEU F 95 -35.60 -7.64 -26.16
C LEU F 95 -35.47 -8.15 -27.59
N PRO F 96 -36.54 -8.08 -28.38
CA PRO F 96 -36.43 -8.48 -29.79
C PRO F 96 -35.35 -7.69 -30.50
N LYS F 97 -34.61 -8.36 -31.37
CA LYS F 97 -33.48 -7.73 -32.04
C LYS F 97 -33.94 -6.55 -32.89
N LYS F 98 -35.13 -6.62 -33.46
CA LYS F 98 -35.67 -5.55 -34.29
C LYS F 98 -36.46 -4.59 -33.42
N VAL F 99 -36.11 -3.30 -33.50
CA VAL F 99 -36.72 -2.31 -32.61
C VAL F 99 -38.22 -2.23 -32.85
N GLU F 100 -38.67 -2.40 -34.09
CA GLU F 100 -40.10 -2.33 -34.37
C GLU F 100 -40.85 -3.42 -33.61
N ASP F 101 -40.29 -4.62 -33.55
CA ASP F 101 -40.94 -5.70 -32.81
C ASP F 101 -41.01 -5.39 -31.32
N ALA F 102 -39.94 -4.82 -30.76
CA ALA F 102 -39.96 -4.44 -29.35
C ALA F 102 -41.02 -3.38 -29.08
N LYS F 103 -41.13 -2.40 -29.98
CA LYS F 103 -42.17 -1.39 -29.83
C LYS F 103 -43.55 -2.03 -29.92
N ARG F 104 -43.72 -2.99 -30.82
CA ARG F 104 -45.00 -3.68 -30.92
C ARG F 104 -45.34 -4.39 -29.62
N VAL F 105 -44.36 -5.08 -29.03
CA VAL F 105 -44.60 -5.81 -27.79
C VAL F 105 -45.00 -4.85 -26.67
N THR F 106 -44.23 -3.77 -26.52
CA THR F 106 -44.52 -2.82 -25.46
C THR F 106 -45.87 -2.15 -25.65
N ASP F 107 -46.21 -1.79 -26.90
CA ASP F 107 -47.50 -1.17 -27.17
C ASP F 107 -48.63 -2.14 -26.90
N TRP F 108 -48.46 -3.41 -27.24
CA TRP F 108 -49.48 -4.41 -26.91
C TRP F 108 -49.66 -4.50 -25.40
N MET F 109 -48.55 -4.50 -24.66
CA MET F 109 -48.66 -4.56 -23.20
C MET F 109 -49.40 -3.36 -22.65
N CYS F 110 -49.12 -2.17 -23.16
CA CYS F 110 -49.81 -0.97 -22.71
C CYS F 110 -51.27 -0.94 -23.13
N THR F 111 -51.62 -1.58 -24.25
CA THR F 111 -52.96 -1.42 -24.81
C THR F 111 -54.02 -1.98 -23.87
N ASN F 112 -53.79 -3.16 -23.29
CA ASN F 112 -54.83 -3.90 -22.60
C ASN F 112 -54.61 -3.99 -21.10
N PHE F 113 -53.51 -3.47 -20.58
CA PHE F 113 -53.24 -3.45 -19.14
C PHE F 113 -53.32 -2.00 -18.68
N TYR F 114 -54.41 -1.66 -17.97
CA TYR F 114 -54.66 -0.26 -17.62
C TYR F 114 -53.56 0.30 -16.73
N ASP F 115 -53.12 -0.47 -15.74
CA ASP F 115 -52.13 0.05 -14.80
C ASP F 115 -50.79 0.30 -15.50
N ILE F 116 -50.39 -0.54 -16.45
CA ILE F 116 -49.20 -0.26 -17.22
C ILE F 116 -49.38 1.02 -18.02
N ARG F 117 -50.57 1.20 -18.61
CA ARG F 117 -50.82 2.40 -19.40
C ARG F 117 -50.77 3.65 -18.56
N THR F 118 -51.17 3.57 -17.28
CA THR F 118 -51.28 4.76 -16.44
C THR F 118 -50.02 5.00 -15.63
N PHE F 119 -49.65 4.07 -14.77
CA PHE F 119 -48.53 4.24 -13.86
C PHE F 119 -47.20 3.74 -14.42
N GLY F 120 -47.20 3.10 -15.58
CA GLY F 120 -45.99 2.51 -16.10
C GLY F 120 -45.59 1.26 -15.34
N ALA F 121 -44.55 0.62 -15.83
CA ALA F 121 -44.09 -0.62 -15.20
C ALA F 121 -42.66 -0.92 -15.63
N VAL F 122 -42.00 -1.79 -14.87
CA VAL F 122 -40.70 -2.34 -15.21
C VAL F 122 -40.91 -3.82 -15.49
N MET F 123 -40.63 -4.24 -16.72
CA MET F 123 -40.93 -5.58 -17.18
C MET F 123 -39.76 -6.14 -17.96
N THR F 124 -38.56 -5.96 -17.40
CA THR F 124 -37.32 -6.43 -18.03
C THR F 124 -36.85 -7.75 -17.43
N THR F 125 -37.77 -8.66 -17.12
CA THR F 125 -37.42 -9.96 -16.58
C THR F 125 -36.97 -10.88 -17.70
N GLU F 126 -36.88 -12.19 -17.42
CA GLU F 126 -36.40 -13.13 -18.42
C GLU F 126 -37.17 -12.97 -19.73
N VAL F 127 -38.50 -12.94 -19.64
CA VAL F 127 -39.34 -12.62 -20.81
C VAL F 127 -39.44 -11.10 -20.84
N ASN F 128 -38.43 -10.46 -21.42
CA ASN F 128 -38.32 -9.02 -21.39
C ASN F 128 -39.39 -8.38 -22.25
N CYS F 129 -39.92 -7.25 -21.77
CA CYS F 129 -40.90 -6.48 -22.52
C CYS F 129 -40.60 -4.98 -22.53
N GLY F 130 -39.55 -4.54 -21.84
CA GLY F 130 -39.17 -3.14 -21.87
C GLY F 130 -39.53 -2.38 -20.61
N GLN F 131 -39.78 -1.08 -20.74
CA GLN F 131 -40.13 -0.23 -19.62
C GLN F 131 -41.18 0.78 -20.07
N VAL F 132 -41.91 1.31 -19.09
CA VAL F 132 -42.90 2.36 -19.34
C VAL F 132 -42.91 3.29 -18.15
N ARG F 133 -42.72 4.59 -18.40
CA ARG F 133 -42.66 5.54 -17.30
C ARG F 133 -44.04 5.86 -16.74
N GLY F 134 -45.05 5.95 -17.61
CA GLY F 134 -46.40 6.18 -17.17
C GLY F 134 -46.66 7.67 -16.96
N PRO F 135 -47.72 8.19 -17.58
CA PRO F 135 -47.99 9.63 -17.42
C PRO F 135 -48.33 10.03 -15.99
N VAL F 136 -49.01 9.17 -15.24
CA VAL F 136 -49.52 9.55 -13.92
C VAL F 136 -48.49 9.15 -12.87
N GLN F 137 -48.06 10.13 -12.07
CA GLN F 137 -47.14 9.91 -10.96
C GLN F 137 -47.72 10.55 -9.71
N MET F 138 -47.41 9.96 -8.56
CA MET F 138 -47.86 10.48 -7.28
C MET F 138 -46.70 10.47 -6.30
N ALA F 139 -46.71 11.45 -5.40
CA ALA F 139 -45.71 11.57 -4.35
C ALA F 139 -46.26 11.04 -3.04
N PHE F 140 -45.37 10.87 -2.07
CA PHE F 140 -45.78 10.38 -0.76
C PHE F 140 -46.80 11.32 -0.14
N ALA F 141 -47.88 10.75 0.37
CA ALA F 141 -48.86 11.53 1.11
C ALA F 141 -48.33 11.81 2.51
N ARG F 142 -48.37 13.07 2.93
CA ARG F 142 -47.80 13.49 4.20
C ARG F 142 -48.88 14.20 5.01
N SER F 143 -49.01 13.80 6.28
CA SER F 143 -50.04 14.37 7.13
C SER F 143 -49.79 15.86 7.35
N VAL F 144 -50.88 16.60 7.50
CA VAL F 144 -50.77 18.05 7.65
C VAL F 144 -50.00 18.41 8.92
N GLU F 145 -50.31 17.74 10.02
CA GLU F 145 -49.64 17.97 11.29
C GLU F 145 -49.31 16.62 11.92
N PRO F 146 -48.39 16.60 12.87
CA PRO F 146 -47.89 15.31 13.37
C PRO F 146 -49.01 14.43 13.91
N VAL F 147 -48.85 13.12 13.69
CA VAL F 147 -49.79 12.13 14.20
C VAL F 147 -49.11 11.36 15.32
N VAL F 148 -49.92 10.68 16.11
CA VAL F 148 -49.45 9.94 17.28
C VAL F 148 -50.00 8.53 17.25
N PRO F 149 -49.36 7.61 16.51
CA PRO F 149 -49.89 6.24 16.46
C PRO F 149 -49.94 5.61 17.84
N GLN F 150 -50.96 4.79 18.06
CA GLN F 150 -51.19 4.12 19.34
C GLN F 150 -51.22 2.62 19.12
N GLU F 151 -50.73 1.88 20.12
CA GLU F 151 -50.85 0.43 20.14
C GLU F 151 -51.99 0.03 21.05
N VAL F 152 -52.91 -0.78 20.53
CA VAL F 152 -54.02 -1.31 21.31
C VAL F 152 -53.87 -2.82 21.35
N SER F 153 -53.76 -3.37 22.56
CA SER F 153 -53.59 -4.80 22.75
C SER F 153 -54.95 -5.48 22.76
N ILE F 154 -55.01 -6.66 22.13
CA ILE F 154 -56.26 -7.41 22.00
C ILE F 154 -55.98 -8.86 22.37
N THR F 155 -57.06 -9.58 22.70
CA THR F 155 -56.98 -10.94 23.20
C THR F 155 -57.83 -11.86 22.32
N ARG F 156 -57.47 -13.15 22.31
CA ARG F 156 -58.21 -14.15 21.56
C ARG F 156 -58.67 -15.27 22.48
N MET F 157 -59.95 -15.63 22.37
CA MET F 157 -60.46 -16.77 23.13
C MET F 157 -59.83 -18.07 22.68
N ALA F 158 -59.69 -18.26 21.37
CA ALA F 158 -59.17 -19.51 20.83
C ALA F 158 -57.64 -19.51 20.88
N VAL F 159 -57.07 -20.70 20.76
CA VAL F 159 -55.63 -20.90 20.70
C VAL F 159 -55.30 -21.52 19.36
N THR F 160 -54.33 -20.94 18.67
CA THR F 160 -54.06 -21.35 17.29
C THR F 160 -53.67 -22.82 17.21
N THR F 161 -52.81 -23.28 18.12
CA THR F 161 -52.30 -24.64 18.07
C THR F 161 -52.29 -25.24 19.47
N LYS F 162 -52.38 -26.57 19.53
CA LYS F 162 -52.36 -27.26 20.81
C LYS F 162 -50.98 -27.10 21.44
N ALA F 163 -50.92 -26.37 22.55
CA ALA F 163 -49.69 -26.13 23.28
C ALA F 163 -49.88 -26.55 24.74
N GLU F 164 -48.93 -27.34 25.24
CA GLU F 164 -49.01 -27.81 26.62
C GLU F 164 -48.97 -26.67 27.63
N ALA F 165 -48.43 -25.51 27.25
CA ALA F 165 -48.39 -24.37 28.15
C ALA F 165 -49.77 -23.85 28.49
N GLU F 166 -50.80 -24.26 27.76
CA GLU F 166 -52.17 -23.84 28.05
C GLU F 166 -52.57 -24.23 29.47
N ASP F 171 -54.52 -19.91 31.46
CA ASP F 171 -54.92 -20.22 30.09
C ASP F 171 -54.13 -19.35 29.10
N ASN F 172 -53.75 -19.94 27.97
CA ASN F 172 -52.96 -19.23 26.98
C ASN F 172 -53.83 -18.28 26.18
N ARG F 173 -54.24 -17.17 26.80
CA ARG F 173 -54.99 -16.13 26.10
C ARG F 173 -53.98 -15.23 25.39
N THR F 174 -53.76 -15.50 24.10
CA THR F 174 -52.75 -14.78 23.35
C THR F 174 -53.08 -13.30 23.28
N MET F 175 -52.04 -12.47 23.34
CA MET F 175 -52.19 -11.02 23.37
C MET F 175 -51.75 -10.45 22.02
N GLY F 176 -52.71 -10.23 21.13
CA GLY F 176 -52.43 -9.55 19.88
C GLY F 176 -52.45 -8.04 20.07
N ARG F 177 -52.18 -7.33 18.98
CA ARG F 177 -52.13 -5.89 19.04
C ARG F 177 -52.56 -5.29 17.70
N LYS F 178 -53.16 -4.11 17.79
CA LYS F 178 -53.51 -3.31 16.62
C LYS F 178 -52.87 -1.94 16.74
N HIS F 179 -52.43 -1.40 15.60
CA HIS F 179 -51.83 -0.08 15.54
C HIS F 179 -52.84 0.89 14.96
N ILE F 180 -53.03 2.02 15.62
CA ILE F 180 -54.13 2.94 15.33
C ILE F 180 -53.61 4.36 15.31
N VAL F 181 -54.05 5.14 14.33
CA VAL F 181 -53.81 6.57 14.30
C VAL F 181 -55.10 7.28 14.72
N PRO F 182 -55.11 8.00 15.84
CA PRO F 182 -56.38 8.61 16.29
C PRO F 182 -57.04 9.46 15.22
N TYR F 183 -56.26 10.25 14.49
CA TYR F 183 -56.77 11.00 13.35
C TYR F 183 -55.61 11.63 12.62
N GLY F 184 -55.73 11.71 11.29
CA GLY F 184 -54.72 12.38 10.50
C GLY F 184 -55.22 12.75 9.12
N LEU F 185 -55.00 14.00 8.72
CA LEU F 185 -55.39 14.49 7.40
C LEU F 185 -54.14 14.50 6.51
N TYR F 186 -54.20 13.75 5.42
CA TYR F 186 -53.06 13.57 4.53
C TYR F 186 -53.29 14.34 3.24
N VAL F 187 -52.21 14.92 2.72
CA VAL F 187 -52.24 15.65 1.45
C VAL F 187 -51.32 14.93 0.48
N ALA F 188 -51.86 14.55 -0.66
CA ALA F 188 -51.13 13.80 -1.67
C ALA F 188 -51.09 14.59 -2.97
N HIS F 189 -49.89 14.74 -3.52
CA HIS F 189 -49.68 15.44 -4.78
C HIS F 189 -49.50 14.44 -5.91
N GLY F 190 -49.76 14.89 -7.14
CA GLY F 190 -49.61 14.04 -8.29
C GLY F 190 -49.50 14.84 -9.56
N PHE F 191 -48.98 14.19 -10.60
CA PHE F 191 -48.71 14.83 -11.88
C PHE F 191 -49.17 13.93 -13.02
N ILE F 192 -49.65 14.54 -14.09
CA ILE F 192 -49.94 13.85 -15.34
C ILE F 192 -49.23 14.62 -16.45
N SER F 193 -48.47 13.91 -17.27
CA SER F 193 -47.69 14.52 -18.33
C SER F 193 -48.21 14.06 -19.68
N ALA F 194 -48.59 15.02 -20.53
CA ALA F 194 -49.05 14.67 -21.87
C ALA F 194 -47.98 13.98 -22.70
N PRO F 195 -46.72 14.40 -22.69
CA PRO F 195 -45.72 13.72 -23.53
C PRO F 195 -45.63 12.23 -23.27
N LEU F 196 -45.71 11.80 -22.02
CA LEU F 196 -45.68 10.37 -21.72
C LEU F 196 -46.99 9.70 -22.09
N ALA F 197 -48.12 10.40 -21.89
CA ALA F 197 -49.39 9.84 -22.29
C ALA F 197 -49.40 9.51 -23.78
N GLU F 198 -48.84 10.41 -24.59
CA GLU F 198 -48.77 10.15 -26.03
C GLU F 198 -47.96 8.89 -26.33
N LYS F 199 -46.99 8.57 -25.49
CA LYS F 199 -46.17 7.38 -25.70
C LYS F 199 -46.82 6.09 -25.21
N THR F 200 -47.90 6.19 -24.43
CA THR F 200 -48.60 5.02 -23.92
C THR F 200 -50.07 4.96 -24.30
N GLY F 201 -50.63 6.05 -24.83
CA GLY F 201 -52.03 6.05 -25.21
C GLY F 201 -53.00 6.36 -24.09
N PHE F 202 -52.52 6.92 -22.98
CA PHE F 202 -53.39 7.31 -21.89
C PHE F 202 -54.43 8.29 -22.40
N SER F 203 -55.70 7.86 -22.44
CA SER F 203 -56.75 8.60 -23.13
C SER F 203 -57.62 9.35 -22.13
N ASP F 204 -58.65 10.01 -22.65
CA ASP F 204 -59.55 10.80 -21.81
C ASP F 204 -60.47 9.92 -20.98
N GLU F 205 -60.93 8.80 -21.53
CA GLU F 205 -61.72 7.87 -20.73
C GLU F 205 -60.89 7.34 -19.57
N ASP F 206 -59.60 7.07 -19.82
CA ASP F 206 -58.71 6.68 -18.73
C ASP F 206 -58.63 7.77 -17.68
N LEU F 207 -58.57 9.03 -18.10
CA LEU F 207 -58.48 10.14 -17.15
C LEU F 207 -59.74 10.23 -16.31
N THR F 208 -60.92 10.08 -16.93
CA THR F 208 -62.16 10.12 -16.17
C THR F 208 -62.24 8.96 -15.19
N LEU F 209 -61.82 7.77 -15.62
CA LEU F 209 -61.80 6.63 -14.71
C LEU F 209 -60.83 6.87 -13.56
N PHE F 210 -59.70 7.53 -13.83
CA PHE F 210 -58.74 7.85 -12.78
C PHE F 210 -59.34 8.82 -11.77
N TRP F 211 -60.03 9.85 -12.25
CA TRP F 211 -60.70 10.77 -11.33
C TRP F 211 -61.72 10.03 -10.48
N ASP F 212 -62.52 9.16 -11.12
CA ASP F 212 -63.50 8.39 -10.37
C ASP F 212 -62.83 7.54 -9.31
N ALA F 213 -61.72 6.87 -9.66
CA ALA F 213 -61.03 6.04 -8.69
C ALA F 213 -60.51 6.86 -7.53
N LEU F 214 -59.94 8.03 -7.81
CA LEU F 214 -59.47 8.88 -6.73
C LEU F 214 -60.61 9.29 -5.81
N VAL F 215 -61.77 9.63 -6.39
CA VAL F 215 -62.90 10.05 -5.58
C VAL F 215 -63.39 8.91 -4.71
N ASN F 216 -63.56 7.72 -5.29
CA ASN F 216 -64.10 6.55 -4.60
C ASN F 216 -63.00 5.55 -4.26
N MET F 217 -61.81 6.02 -3.92
CA MET F 217 -60.69 5.13 -3.69
C MET F 217 -60.95 4.20 -2.50
N PHE F 218 -61.32 4.77 -1.36
CA PHE F 218 -61.41 4.02 -0.12
C PHE F 218 -62.78 3.42 0.14
N GLU F 219 -63.81 3.82 -0.60
CA GLU F 219 -65.17 3.41 -0.29
C GLU F 219 -65.34 1.90 -0.36
N HIS F 220 -64.46 1.19 -1.06
CA HIS F 220 -64.50 -0.27 -1.14
C HIS F 220 -63.25 -0.90 -0.57
N ASP F 221 -62.50 -0.17 0.26
CA ASP F 221 -61.26 -0.65 0.85
C ASP F 221 -61.41 -0.92 2.34
N ARG F 222 -62.64 -1.08 2.82
CA ARG F 222 -62.86 -1.30 4.24
C ARG F 222 -62.22 -2.62 4.68
N SER F 223 -61.71 -2.63 5.90
CA SER F 223 -61.12 -3.84 6.48
C SER F 223 -60.96 -3.61 7.98
N ALA F 224 -60.47 -4.63 8.68
CA ALA F 224 -60.26 -4.52 10.10
C ALA F 224 -59.17 -3.51 10.43
N ALA F 225 -58.06 -3.55 9.68
CA ALA F 225 -56.94 -2.68 10.00
C ALA F 225 -57.31 -1.20 9.84
N ARG F 226 -57.99 -0.85 8.76
CA ARG F 226 -58.33 0.54 8.45
C ARG F 226 -59.65 0.90 9.10
N GLY F 227 -59.71 2.09 9.69
CA GLY F 227 -60.94 2.58 10.26
C GLY F 227 -61.79 3.28 9.22
N LEU F 228 -62.32 4.45 9.54
CA LEU F 228 -63.09 5.24 8.60
C LEU F 228 -62.13 6.10 7.80
N MET F 229 -61.78 5.65 6.60
CA MET F 229 -60.89 6.36 5.70
C MET F 229 -61.69 6.89 4.52
N SER F 230 -61.55 8.17 4.24
CA SER F 230 -62.35 8.80 3.19
C SER F 230 -61.56 9.95 2.57
N SER F 231 -61.92 10.28 1.33
CA SER F 231 -61.31 11.39 0.61
C SER F 231 -62.20 12.62 0.72
N ARG F 232 -61.58 13.76 1.01
CA ARG F 232 -62.31 14.98 1.33
C ARG F 232 -62.27 16.03 0.24
N LYS F 233 -61.12 16.25 -0.39
CA LYS F 233 -61.00 17.25 -1.45
C LYS F 233 -60.21 16.66 -2.62
N LEU F 234 -60.44 17.21 -3.80
CA LEU F 234 -59.70 16.81 -4.99
C LEU F 234 -59.67 18.02 -5.93
N ILE F 235 -58.55 18.73 -5.96
CA ILE F 235 -58.37 19.91 -6.77
C ILE F 235 -57.52 19.52 -7.98
N VAL F 236 -57.99 19.87 -9.17
CA VAL F 236 -57.32 19.53 -10.42
C VAL F 236 -56.94 20.82 -11.13
N PHE F 237 -55.67 20.93 -11.52
CA PHE F 237 -55.17 22.05 -12.29
C PHE F 237 -54.88 21.56 -13.71
N LYS F 238 -55.70 21.98 -14.66
CA LYS F 238 -55.52 21.61 -16.05
C LYS F 238 -54.81 22.73 -16.78
N HIS F 239 -53.62 22.44 -17.29
CA HIS F 239 -52.85 23.45 -18.01
C HIS F 239 -53.37 23.60 -19.43
N GLN F 240 -53.33 24.84 -19.93
CA GLN F 240 -53.96 25.14 -21.21
C GLN F 240 -53.32 24.35 -22.34
N ASN F 241 -52.01 24.29 -22.38
CA ASN F 241 -51.29 23.74 -23.53
C ASN F 241 -50.57 22.45 -23.14
N ARG F 242 -49.97 21.81 -24.14
CA ARG F 242 -49.35 20.50 -23.94
C ARG F 242 -48.34 20.52 -22.81
N LEU F 243 -47.57 21.59 -22.68
CA LEU F 243 -46.60 21.74 -21.61
C LEU F 243 -47.14 22.73 -20.57
N GLY F 244 -46.46 22.78 -19.44
CA GLY F 244 -46.97 23.55 -18.31
C GLY F 244 -46.96 25.04 -18.60
N ASN F 245 -47.93 25.75 -18.02
CA ASN F 245 -47.96 27.20 -18.00
C ASN F 245 -47.56 27.77 -16.65
N ALA F 246 -47.16 26.94 -15.70
CA ALA F 246 -46.75 27.41 -14.38
C ALA F 246 -46.02 26.29 -13.67
N PRO F 247 -45.06 26.59 -12.81
CA PRO F 247 -44.40 25.54 -12.04
C PRO F 247 -45.38 24.81 -11.15
N ALA F 248 -45.15 23.50 -10.98
CA ALA F 248 -46.07 22.69 -10.18
C ALA F 248 -46.15 23.19 -8.74
N HIS F 249 -45.01 23.50 -8.14
CA HIS F 249 -45.00 23.93 -6.75
C HIS F 249 -45.85 25.17 -6.55
N LYS F 250 -45.90 26.06 -7.52
CA LYS F 250 -46.74 27.25 -7.41
C LYS F 250 -48.21 26.86 -7.30
N LEU F 251 -48.64 25.87 -8.10
CA LEU F 251 -50.03 25.45 -8.05
C LEU F 251 -50.36 24.80 -6.70
N PHE F 252 -49.49 23.90 -6.22
CA PHE F 252 -49.77 23.22 -4.96
C PHE F 252 -49.85 24.19 -3.80
N ASP F 253 -49.06 25.27 -3.85
CA ASP F 253 -49.10 26.26 -2.77
C ASP F 253 -50.43 27.00 -2.71
N LEU F 254 -51.22 26.96 -3.79
CA LEU F 254 -52.53 27.60 -3.76
C LEU F 254 -53.47 26.91 -2.79
N VAL F 255 -53.42 25.58 -2.71
CA VAL F 255 -54.28 24.82 -1.80
C VAL F 255 -53.68 24.88 -0.40
N LYS F 256 -54.10 25.85 0.39
CA LYS F 256 -53.60 26.05 1.74
C LYS F 256 -54.59 25.43 2.73
N VAL F 257 -54.10 24.49 3.54
CA VAL F 257 -54.91 23.82 4.56
C VAL F 257 -54.40 24.28 5.92
N SER F 258 -55.31 24.82 6.73
CA SER F 258 -54.95 25.39 8.02
C SER F 258 -55.98 25.00 9.05
N ARG F 259 -55.57 25.06 10.31
CA ARG F 259 -56.47 24.71 11.40
C ARG F 259 -57.67 25.64 11.42
N ALA F 260 -58.87 25.06 11.55
CA ALA F 260 -60.09 25.85 11.57
C ALA F 260 -60.15 26.69 12.84
N GLU F 261 -60.72 27.89 12.70
CA GLU F 261 -60.90 28.76 13.86
C GLU F 261 -61.86 28.13 14.85
N GLY F 262 -61.54 28.29 16.14
CA GLY F 262 -62.32 27.68 17.19
C GLY F 262 -61.84 26.31 17.62
N SER F 263 -60.85 25.74 16.93
CA SER F 263 -60.27 24.46 17.30
C SER F 263 -58.89 24.69 17.89
N SER F 264 -58.64 24.11 19.06
CA SER F 264 -57.35 24.27 19.74
C SER F 264 -56.72 22.97 20.18
N GLY F 265 -57.49 21.91 20.44
CA GLY F 265 -56.92 20.65 20.85
C GLY F 265 -56.36 19.87 19.68
N PRO F 266 -55.91 18.65 19.96
CA PRO F 266 -55.44 17.79 18.88
C PRO F 266 -56.55 17.51 17.87
N ALA F 267 -56.19 17.46 16.60
CA ALA F 267 -57.17 17.24 15.55
C ALA F 267 -57.83 15.90 15.72
N ARG F 268 -59.16 15.87 15.64
CA ARG F 268 -59.91 14.63 15.73
C ARG F 268 -61.08 14.55 14.75
N SER F 269 -61.25 15.54 13.88
CA SER F 269 -62.29 15.49 12.87
C SER F 269 -61.92 16.47 11.76
N PHE F 270 -62.40 16.20 10.55
CA PHE F 270 -62.08 17.06 9.43
C PHE F 270 -62.57 18.48 9.64
N ALA F 271 -63.59 18.68 10.50
CA ALA F 271 -64.07 20.02 10.78
C ALA F 271 -63.01 20.88 11.45
N ASP F 272 -61.97 20.26 12.03
CA ASP F 272 -60.90 21.01 12.67
C ASP F 272 -59.96 21.69 11.67
N TYR F 273 -60.09 21.38 10.38
CA TYR F 273 -59.24 21.97 9.35
C TYR F 273 -60.10 22.78 8.39
N ALA F 274 -59.51 23.87 7.89
CA ALA F 274 -60.13 24.70 6.87
C ALA F 274 -59.24 24.69 5.63
N VAL F 275 -59.83 24.38 4.48
CA VAL F 275 -59.10 24.26 3.23
C VAL F 275 -59.55 25.39 2.31
N THR F 276 -58.58 26.15 1.80
CA THR F 276 -58.86 27.26 0.88
C THR F 276 -58.00 27.09 -0.37
N VAL F 277 -58.60 27.40 -1.52
CA VAL F 277 -57.93 27.30 -2.80
C VAL F 277 -57.76 28.70 -3.35
N GLY F 278 -56.54 29.03 -3.78
CA GLY F 278 -56.22 30.35 -4.27
C GLY F 278 -56.59 30.54 -5.72
N GLN F 279 -56.01 31.59 -6.32
CA GLN F 279 -56.26 31.95 -7.70
C GLN F 279 -55.18 31.35 -8.59
N ALA F 280 -55.58 30.53 -9.55
CA ALA F 280 -54.62 29.92 -10.45
C ALA F 280 -54.12 30.94 -11.46
N PRO F 281 -52.87 30.79 -11.93
CA PRO F 281 -52.38 31.70 -12.98
C PRO F 281 -53.30 31.70 -14.19
N GLU F 282 -53.08 32.70 -15.05
CA GLU F 282 -53.99 32.91 -16.17
C GLU F 282 -54.00 31.72 -17.12
N GLY F 283 -52.89 31.03 -17.27
CA GLY F 283 -52.79 29.91 -18.19
C GLY F 283 -53.25 28.58 -17.64
N VAL F 284 -53.73 28.53 -16.40
CA VAL F 284 -54.09 27.29 -15.73
C VAL F 284 -55.54 27.38 -15.28
N GLU F 285 -56.31 26.33 -15.54
CA GLU F 285 -57.70 26.24 -15.10
C GLU F 285 -57.77 25.31 -13.90
N VAL F 286 -58.39 25.79 -12.82
CA VAL F 286 -58.55 25.03 -11.60
C VAL F 286 -60.01 24.65 -11.46
N LYS F 287 -60.27 23.35 -11.32
CA LYS F 287 -61.61 22.84 -11.11
C LYS F 287 -61.59 21.90 -9.90
N GLU F 288 -62.63 22.01 -9.07
CA GLU F 288 -62.69 21.32 -7.80
C GLU F 288 -63.70 20.17 -7.91
N MET F 289 -63.21 18.95 -8.03
CA MET F 289 -64.10 17.80 -8.15
C MET F 289 -64.74 17.46 -6.81
N LEU F 290 -64.07 17.74 -5.71
CA LEU F 290 -64.64 17.56 -4.38
C LEU F 290 -64.47 18.83 -3.54
N MET G 1 -77.14 -20.37 -1.78
CA MET G 1 -77.53 -19.15 -1.03
C MET G 1 -76.97 -17.91 -1.73
N THR G 2 -77.85 -16.95 -2.00
CA THR G 2 -77.48 -15.75 -2.75
C THR G 2 -76.86 -14.71 -1.82
N ALA G 3 -75.89 -13.99 -2.36
CA ALA G 3 -75.26 -12.90 -1.62
C ALA G 3 -76.17 -11.68 -1.63
N ILE G 4 -75.96 -10.79 -0.65
CA ILE G 4 -76.71 -9.55 -0.60
C ILE G 4 -76.41 -8.72 -1.84
N ALA G 5 -77.41 -7.96 -2.29
CA ALA G 5 -77.30 -7.19 -3.52
C ALA G 5 -77.31 -5.68 -3.29
N ASN G 6 -76.91 -5.23 -2.10
CA ASN G 6 -76.85 -3.80 -1.81
C ASN G 6 -75.73 -3.53 -0.82
N ARG G 7 -75.24 -2.30 -0.84
CA ARG G 7 -74.23 -1.85 0.10
C ARG G 7 -74.91 -1.15 1.27
N TYR G 8 -74.44 -1.44 2.49
CA TYR G 8 -75.06 -0.91 3.70
C TYR G 8 -74.02 -0.16 4.53
N GLU G 9 -74.50 0.88 5.21
CA GLU G 9 -73.76 1.54 6.27
C GLU G 9 -74.69 1.73 7.46
N PHE G 10 -74.24 1.36 8.64
CA PHE G 10 -75.08 1.40 9.83
C PHE G 10 -74.34 2.11 10.96
N VAL G 11 -75.12 2.72 11.84
CA VAL G 11 -74.61 3.44 13.01
C VAL G 11 -75.29 2.89 14.24
N LEU G 12 -74.50 2.52 15.25
CA LEU G 12 -74.99 1.91 16.48
C LEU G 12 -74.62 2.80 17.66
N LEU G 13 -75.59 3.09 18.51
CA LEU G 13 -75.39 3.86 19.73
C LEU G 13 -75.74 2.98 20.92
N PHE G 14 -74.79 2.76 21.82
CA PHE G 14 -75.01 1.96 23.00
C PHE G 14 -74.48 2.69 24.22
N ASP G 15 -75.12 2.44 25.36
CA ASP G 15 -74.81 3.11 26.60
C ASP G 15 -73.91 2.25 27.47
N VAL G 16 -73.46 2.81 28.58
CA VAL G 16 -72.80 2.07 29.64
C VAL G 16 -72.99 2.85 30.94
N GLU G 17 -73.22 2.14 32.03
CA GLU G 17 -73.58 2.77 33.30
C GLU G 17 -72.89 2.00 34.43
N ASN G 18 -71.91 2.64 35.06
CA ASN G 18 -71.20 2.04 36.19
C ASN G 18 -70.62 0.67 35.83
N GLY G 19 -69.97 0.61 34.67
CA GLY G 19 -69.37 -0.63 34.21
C GLY G 19 -68.12 -0.34 33.41
N ASN G 20 -67.49 -1.42 32.95
CA ASN G 20 -66.27 -1.32 32.15
C ASN G 20 -66.56 -1.88 30.76
N PRO G 21 -66.86 -1.03 29.77
CA PRO G 21 -67.23 -1.56 28.45
C PRO G 21 -66.12 -2.36 27.80
N ASN G 22 -64.86 -2.00 28.02
CA ASN G 22 -63.75 -2.70 27.39
C ASN G 22 -62.48 -2.39 28.17
N GLY G 23 -61.89 -3.42 28.79
CA GLY G 23 -60.69 -3.21 29.57
C GLY G 23 -59.44 -3.16 28.70
N ASP G 24 -58.48 -2.35 29.13
CA ASP G 24 -57.24 -2.17 28.39
C ASP G 24 -56.16 -3.06 28.99
N PRO G 25 -55.68 -4.08 28.27
CA PRO G 25 -54.65 -4.94 28.84
C PRO G 25 -53.36 -4.22 29.19
N ASP G 26 -53.07 -3.09 28.53
CA ASP G 26 -51.84 -2.35 28.79
C ASP G 26 -51.94 -1.39 29.95
N ALA G 27 -53.16 -1.14 30.46
CA ALA G 27 -53.35 -0.33 31.66
C ALA G 27 -53.90 -1.16 32.82
N GLY G 28 -53.68 -2.47 32.79
CA GLY G 28 -54.21 -3.38 33.77
C GLY G 28 -55.64 -3.75 33.48
N ASN G 29 -56.58 -2.87 33.81
CA ASN G 29 -57.96 -3.05 33.37
C ASN G 29 -58.66 -1.73 33.08
N MET G 30 -57.93 -0.62 33.01
CA MET G 30 -58.58 0.67 32.84
C MET G 30 -59.36 0.69 31.53
N PRO G 31 -60.55 1.28 31.49
CA PRO G 31 -61.29 1.34 30.22
C PRO G 31 -60.46 2.04 29.15
N ARG G 32 -60.52 1.51 27.94
CA ARG G 32 -59.80 2.11 26.83
C ARG G 32 -60.25 3.54 26.62
N ILE G 33 -59.29 4.45 26.53
CA ILE G 33 -59.57 5.87 26.28
C ILE G 33 -58.53 6.43 25.33
N ASP G 34 -58.85 7.56 24.73
CA ASP G 34 -57.89 8.29 23.92
C ASP G 34 -57.08 9.19 24.84
N PRO G 35 -55.78 8.94 25.00
CA PRO G 35 -55.03 9.66 26.04
C PRO G 35 -55.07 11.17 25.90
N GLU G 36 -55.04 11.69 24.67
CA GLU G 36 -54.95 13.13 24.47
C GLU G 36 -56.30 13.83 24.56
N THR G 37 -57.40 13.08 24.55
CA THR G 37 -58.73 13.66 24.60
C THR G 37 -59.62 13.09 25.69
N GLY G 38 -59.32 11.90 26.20
CA GLY G 38 -60.12 11.30 27.24
C GLY G 38 -61.37 10.59 26.77
N HIS G 39 -61.66 10.61 25.49
CA HIS G 39 -62.84 9.91 24.98
C HIS G 39 -62.65 8.40 25.13
N GLY G 40 -63.73 7.72 25.47
CA GLY G 40 -63.67 6.27 25.61
C GLY G 40 -63.64 5.58 24.25
N LEU G 41 -62.97 4.44 24.23
CA LEU G 41 -62.86 3.61 23.03
C LEU G 41 -63.29 2.20 23.36
N VAL G 42 -64.02 1.58 22.43
CA VAL G 42 -64.34 0.16 22.50
C VAL G 42 -63.96 -0.45 21.16
N THR G 43 -62.99 -1.35 21.18
CA THR G 43 -62.47 -1.91 19.94
C THR G 43 -63.58 -2.63 19.20
N ASP G 44 -63.55 -2.52 17.86
CA ASP G 44 -64.51 -3.26 17.05
C ASP G 44 -64.43 -4.75 17.32
N VAL G 45 -63.26 -5.22 17.77
CA VAL G 45 -63.11 -6.64 18.09
C VAL G 45 -64.06 -7.05 19.21
N CYS G 46 -64.25 -6.18 20.20
CA CYS G 46 -65.16 -6.50 21.30
C CYS G 46 -66.59 -6.67 20.79
N LEU G 47 -67.04 -5.75 19.93
CA LEU G 47 -68.38 -5.87 19.38
C LEU G 47 -68.52 -7.11 18.51
N LYS G 48 -67.46 -7.43 17.75
CA LYS G 48 -67.49 -8.65 16.95
C LYS G 48 -67.60 -9.89 17.84
N ARG G 49 -66.88 -9.90 18.97
CA ARG G 49 -67.00 -11.00 19.91
C ARG G 49 -68.42 -11.10 20.45
N LYS G 50 -69.02 -9.96 20.79
CA LYS G 50 -70.39 -9.99 21.30
C LYS G 50 -71.34 -10.53 20.26
N ILE G 51 -71.16 -10.14 18.99
CA ILE G 51 -72.01 -10.66 17.92
C ILE G 51 -71.82 -12.17 17.79
N ARG G 52 -70.57 -12.64 17.86
CA ARG G 52 -70.31 -14.07 17.80
C ARG G 52 -71.03 -14.78 18.93
N ASN G 53 -70.95 -14.24 20.14
CA ASN G 53 -71.60 -14.87 21.28
C ASN G 53 -73.10 -14.93 21.10
N HIS G 54 -73.71 -13.85 20.61
CA HIS G 54 -75.15 -13.85 20.39
C HIS G 54 -75.54 -14.87 19.33
N VAL G 55 -74.75 -14.97 18.25
CA VAL G 55 -75.06 -15.94 17.22
C VAL G 55 -74.97 -17.36 17.79
N ALA G 56 -73.93 -17.63 18.58
CA ALA G 56 -73.81 -18.95 19.20
C ALA G 56 -75.01 -19.24 20.09
N LEU G 57 -75.44 -18.25 20.88
CA LEU G 57 -76.56 -18.47 21.79
C LEU G 57 -77.85 -18.72 21.03
N THR G 58 -78.09 -17.98 19.95
CA THR G 58 -79.36 -18.05 19.24
C THR G 58 -79.41 -19.12 18.16
N LYS G 59 -78.27 -19.76 17.84
CA LYS G 59 -78.23 -20.82 16.85
C LYS G 59 -77.75 -22.15 17.39
N GLU G 60 -77.32 -22.21 18.65
CA GLU G 60 -76.88 -23.44 19.31
C GLU G 60 -76.09 -24.34 18.36
N GLY G 61 -75.19 -23.73 17.59
CA GLY G 61 -74.32 -24.52 16.72
C GLY G 61 -75.05 -25.31 15.66
N ALA G 62 -76.11 -24.74 15.08
CA ALA G 62 -76.79 -25.40 13.98
C ALA G 62 -75.88 -25.45 12.76
N GLU G 63 -76.35 -26.11 11.71
CA GLU G 63 -75.59 -26.19 10.48
C GLU G 63 -75.49 -24.83 9.82
N ARG G 64 -74.34 -24.54 9.24
CA ARG G 64 -74.04 -23.27 8.57
C ARG G 64 -74.06 -22.09 9.53
N PHE G 65 -73.97 -22.33 10.84
CA PHE G 65 -73.94 -21.23 11.80
C PHE G 65 -72.95 -21.49 12.93
N ASN G 66 -72.00 -22.41 12.74
CA ASN G 66 -70.95 -22.60 13.72
C ASN G 66 -70.01 -21.39 13.73
N ILE G 67 -69.30 -21.22 14.83
CA ILE G 67 -68.40 -20.09 15.02
C ILE G 67 -66.96 -20.59 15.05
N TYR G 68 -66.12 -19.95 14.26
CA TYR G 68 -64.73 -20.41 14.10
C TYR G 68 -63.89 -20.09 15.34
N ILE G 69 -64.08 -18.91 15.93
CA ILE G 69 -63.35 -18.52 17.13
C ILE G 69 -64.24 -18.89 18.31
N GLN G 70 -64.10 -20.12 18.79
CA GLN G 70 -64.90 -20.62 19.89
C GLN G 70 -64.17 -20.38 21.22
N GLU G 71 -64.85 -20.70 22.32
CA GLU G 71 -64.26 -20.47 23.63
C GLU G 71 -62.99 -21.28 23.82
N LYS G 72 -62.99 -22.53 23.38
CA LYS G 72 -61.89 -23.45 23.67
C LYS G 72 -61.33 -24.16 22.45
N ALA G 73 -61.97 -24.03 21.29
CA ALA G 73 -61.56 -24.79 20.12
C ALA G 73 -60.11 -24.48 19.75
N ILE G 74 -59.54 -25.37 18.93
CA ILE G 74 -58.19 -25.21 18.39
C ILE G 74 -58.32 -25.06 16.88
N LEU G 75 -57.75 -23.97 16.36
CA LEU G 75 -57.99 -23.61 14.96
C LEU G 75 -57.43 -24.67 14.01
N ASN G 76 -56.24 -25.18 14.28
CA ASN G 76 -55.64 -26.16 13.38
C ASN G 76 -56.52 -27.39 13.24
N GLU G 77 -57.18 -27.79 14.32
CA GLU G 77 -58.10 -28.93 14.23
C GLU G 77 -59.27 -28.62 13.31
N THR G 78 -59.79 -27.39 13.35
CA THR G 78 -60.86 -27.02 12.43
C THR G 78 -60.37 -27.04 10.99
N HIS G 79 -59.15 -26.55 10.76
CA HIS G 79 -58.60 -26.58 9.41
C HIS G 79 -58.46 -28.02 8.91
N GLU G 80 -57.99 -28.92 9.77
CA GLU G 80 -57.89 -30.33 9.40
C GLU G 80 -59.26 -30.93 9.14
N ARG G 81 -60.27 -30.54 9.92
CA ARG G 81 -61.64 -30.95 9.61
C ARG G 81 -62.02 -30.54 8.20
N ALA G 82 -61.70 -29.29 7.83
CA ALA G 82 -62.02 -28.82 6.49
C ALA G 82 -61.30 -29.65 5.44
N TYR G 83 -60.02 -29.91 5.66
CA TYR G 83 -59.25 -30.67 4.68
C TYR G 83 -59.82 -32.08 4.51
N THR G 84 -60.21 -32.71 5.62
CA THR G 84 -60.85 -34.02 5.54
C THR G 84 -62.17 -33.94 4.79
N ALA G 85 -62.96 -32.89 5.04
CA ALA G 85 -64.24 -32.75 4.36
C ALA G 85 -64.05 -32.61 2.86
N CYS G 86 -63.01 -31.89 2.44
CA CYS G 86 -62.71 -31.72 1.02
C CYS G 86 -61.82 -32.84 0.48
N ASP G 87 -61.47 -33.82 1.29
CA ASP G 87 -60.68 -34.97 0.85
C ASP G 87 -59.33 -34.52 0.28
N LEU G 88 -58.63 -33.69 1.06
CA LEU G 88 -57.31 -33.21 0.70
C LEU G 88 -56.36 -33.45 1.86
N LYS G 89 -55.08 -33.67 1.53
CA LYS G 89 -54.07 -33.91 2.55
C LYS G 89 -53.31 -32.62 2.82
N PRO G 90 -53.34 -32.09 4.05
CA PRO G 90 -52.75 -30.78 4.30
C PRO G 90 -51.23 -30.74 4.22
N GLU G 91 -50.70 -30.08 3.20
CA GLU G 91 -49.27 -29.80 3.18
C GLU G 91 -48.96 -28.78 4.28
N PRO G 92 -47.89 -28.97 5.05
CA PRO G 92 -47.62 -28.06 6.17
C PRO G 92 -47.38 -26.64 5.70
N LYS G 93 -48.24 -25.72 6.17
CA LYS G 93 -48.14 -24.28 5.98
C LYS G 93 -48.52 -23.81 4.58
N LYS G 94 -48.78 -24.72 3.64
CA LYS G 94 -49.05 -24.36 2.26
C LYS G 94 -50.44 -24.82 1.85
N LEU G 95 -51.07 -24.03 0.98
CA LEU G 95 -52.36 -24.39 0.42
C LEU G 95 -52.19 -25.47 -0.65
N PRO G 96 -53.27 -26.13 -1.04
CA PRO G 96 -53.18 -27.09 -2.15
C PRO G 96 -52.69 -26.41 -3.41
N LYS G 97 -51.84 -27.12 -4.16
CA LYS G 97 -51.25 -26.53 -5.35
C LYS G 97 -52.31 -26.16 -6.37
N LYS G 98 -53.30 -27.02 -6.56
CA LYS G 98 -54.39 -26.69 -7.46
C LYS G 98 -55.27 -25.60 -6.85
N VAL G 99 -55.56 -24.56 -7.64
CA VAL G 99 -56.35 -23.45 -7.12
C VAL G 99 -57.76 -23.92 -6.78
N GLU G 100 -58.29 -24.90 -7.51
CA GLU G 100 -59.65 -25.36 -7.26
C GLU G 100 -59.78 -25.96 -5.86
N ASP G 101 -58.78 -26.73 -5.42
CA ASP G 101 -58.85 -27.31 -4.08
C ASP G 101 -58.83 -26.23 -3.01
N ALA G 102 -57.95 -25.23 -3.17
CA ALA G 102 -57.90 -24.14 -2.20
C ALA G 102 -59.23 -23.39 -2.16
N LYS G 103 -59.81 -23.13 -3.33
CA LYS G 103 -61.10 -22.46 -3.37
C LYS G 103 -62.17 -23.31 -2.69
N ARG G 104 -62.13 -24.62 -2.90
CA ARG G 104 -63.12 -25.50 -2.29
C ARG G 104 -63.02 -25.47 -0.77
N VAL G 105 -61.79 -25.55 -0.23
CA VAL G 105 -61.64 -25.56 1.22
C VAL G 105 -62.06 -24.21 1.79
N THR G 106 -61.68 -23.12 1.15
CA THR G 106 -62.08 -21.80 1.65
C THR G 106 -63.59 -21.64 1.62
N ASP G 107 -64.24 -22.10 0.54
CA ASP G 107 -65.68 -22.02 0.45
C ASP G 107 -66.36 -22.88 1.52
N TRP G 108 -65.81 -24.06 1.78
CA TRP G 108 -66.31 -24.90 2.87
C TRP G 108 -66.28 -24.14 4.19
N MET G 109 -65.12 -23.57 4.52
CA MET G 109 -64.99 -22.84 5.78
C MET G 109 -65.96 -21.68 5.84
N CYS G 110 -66.08 -20.92 4.75
CA CYS G 110 -67.02 -19.80 4.75
C CYS G 110 -68.45 -20.28 4.92
N THR G 111 -68.80 -21.39 4.26
CA THR G 111 -70.19 -21.83 4.24
C THR G 111 -70.64 -22.30 5.61
N ASN G 112 -69.85 -23.17 6.26
CA ASN G 112 -70.33 -23.78 7.49
C ASN G 112 -69.93 -23.01 8.74
N PHE G 113 -69.30 -21.85 8.62
CA PHE G 113 -68.95 -21.01 9.76
C PHE G 113 -69.51 -19.61 9.52
N TYR G 114 -70.31 -19.13 10.47
CA TYR G 114 -70.95 -17.83 10.30
C TYR G 114 -69.96 -16.69 10.49
N ASP G 115 -69.10 -16.78 11.50
CA ASP G 115 -68.16 -15.69 11.73
C ASP G 115 -67.17 -15.54 10.58
N ILE G 116 -66.70 -16.65 10.02
CA ILE G 116 -65.84 -16.56 8.84
C ILE G 116 -66.60 -15.93 7.68
N ARG G 117 -67.85 -16.34 7.49
CA ARG G 117 -68.64 -15.82 6.38
C ARG G 117 -68.89 -14.32 6.52
N THR G 118 -69.00 -13.83 7.75
CA THR G 118 -69.41 -12.44 7.99
C THR G 118 -68.22 -11.51 8.20
N PHE G 119 -67.40 -11.78 9.20
CA PHE G 119 -66.26 -10.91 9.53
C PHE G 119 -64.97 -11.33 8.86
N GLY G 120 -64.94 -12.47 8.18
CA GLY G 120 -63.71 -12.99 7.61
C GLY G 120 -62.82 -13.60 8.67
N ALA G 121 -61.65 -14.04 8.23
CA ALA G 121 -60.69 -14.65 9.14
C ALA G 121 -59.39 -14.90 8.41
N VAL G 122 -58.35 -15.20 9.18
CA VAL G 122 -57.04 -15.58 8.66
C VAL G 122 -56.77 -17.00 9.13
N MET G 123 -56.49 -17.89 8.18
CA MET G 123 -56.29 -19.31 8.45
C MET G 123 -55.02 -19.81 7.76
N THR G 124 -53.95 -19.04 7.92
CA THR G 124 -52.65 -19.38 7.34
C THR G 124 -51.73 -20.00 8.38
N THR G 125 -52.28 -20.82 9.27
CA THR G 125 -51.51 -21.46 10.32
C THR G 125 -50.78 -22.68 9.78
N GLU G 126 -50.27 -23.52 10.68
CA GLU G 126 -49.53 -24.71 10.26
C GLU G 126 -50.28 -25.48 9.19
N VAL G 127 -51.57 -25.71 9.40
CA VAL G 127 -52.45 -26.24 8.36
C VAL G 127 -53.23 -25.06 7.78
N ASN G 128 -53.07 -24.84 6.48
CA ASN G 128 -53.49 -23.61 5.84
C ASN G 128 -54.84 -23.79 5.16
N CYS G 129 -55.69 -22.77 5.24
CA CYS G 129 -56.97 -22.76 4.56
C CYS G 129 -57.25 -21.42 3.87
N GLY G 130 -56.21 -20.61 3.66
CA GLY G 130 -56.38 -19.35 2.98
C GLY G 130 -56.79 -18.22 3.90
N GLN G 131 -57.39 -17.18 3.32
CA GLN G 131 -57.81 -16.00 4.09
C GLN G 131 -59.04 -15.41 3.45
N VAL G 132 -59.90 -14.82 4.28
CA VAL G 132 -61.15 -14.21 3.84
C VAL G 132 -61.21 -12.80 4.38
N ARG G 133 -61.56 -11.83 3.53
CA ARG G 133 -61.55 -10.44 3.95
C ARG G 133 -62.77 -10.12 4.82
N GLY G 134 -63.92 -10.70 4.53
CA GLY G 134 -65.09 -10.52 5.35
C GLY G 134 -65.95 -9.35 4.88
N PRO G 135 -67.18 -9.62 4.46
CA PRO G 135 -68.03 -8.53 3.95
C PRO G 135 -68.37 -7.48 5.01
N VAL G 136 -68.56 -7.86 6.26
CA VAL G 136 -69.01 -6.95 7.31
C VAL G 136 -67.79 -6.46 8.08
N GLN G 137 -67.71 -5.14 8.26
CA GLN G 137 -66.63 -4.51 8.99
C GLN G 137 -67.20 -3.49 9.95
N MET G 138 -66.45 -3.23 11.02
CA MET G 138 -66.83 -2.23 12.01
C MET G 138 -65.59 -1.46 12.45
N ALA G 139 -65.80 -0.20 12.80
CA ALA G 139 -64.73 0.67 13.29
C ALA G 139 -64.82 0.80 14.80
N PHE G 140 -63.75 1.34 15.38
CA PHE G 140 -63.72 1.54 16.83
C PHE G 140 -64.89 2.39 17.27
N ALA G 141 -65.59 1.94 18.31
CA ALA G 141 -66.67 2.72 18.89
C ALA G 141 -66.07 3.80 19.79
N ARG G 142 -66.56 5.03 19.65
CA ARG G 142 -65.99 6.18 20.33
C ARG G 142 -67.07 6.93 21.08
N SER G 143 -66.75 7.37 22.29
CA SER G 143 -67.72 8.10 23.10
C SER G 143 -67.94 9.49 22.56
N VAL G 144 -69.18 9.96 22.67
CA VAL G 144 -69.52 11.29 22.16
C VAL G 144 -68.83 12.37 22.98
N GLU G 145 -68.71 12.18 24.29
CA GLU G 145 -68.07 13.14 25.18
C GLU G 145 -67.03 12.42 26.02
N PRO G 146 -66.01 13.12 26.49
CA PRO G 146 -64.95 12.45 27.26
C PRO G 146 -65.52 11.77 28.50
N VAL G 147 -65.00 10.59 28.78
CA VAL G 147 -65.40 9.82 29.94
C VAL G 147 -64.41 10.06 31.06
N VAL G 148 -64.82 9.77 32.29
CA VAL G 148 -63.99 9.97 33.47
C VAL G 148 -64.00 8.68 34.28
N PRO G 149 -63.34 7.62 33.83
CA PRO G 149 -63.33 6.38 34.61
C PRO G 149 -62.71 6.61 35.99
N GLN G 150 -63.30 5.95 36.99
CA GLN G 150 -62.86 6.09 38.37
C GLN G 150 -62.58 4.71 38.95
N GLU G 151 -61.39 4.55 39.51
CA GLU G 151 -61.00 3.29 40.13
C GLU G 151 -61.84 3.03 41.37
N VAL G 152 -62.17 1.76 41.60
CA VAL G 152 -62.92 1.33 42.76
C VAL G 152 -62.16 0.20 43.43
N SER G 153 -61.96 0.30 44.73
CA SER G 153 -61.21 -0.68 45.50
C SER G 153 -62.17 -1.58 46.27
N ILE G 154 -61.91 -2.88 46.24
CA ILE G 154 -62.76 -3.87 46.87
C ILE G 154 -61.89 -4.86 47.64
N THR G 155 -62.50 -5.52 48.62
CA THR G 155 -61.80 -6.44 49.51
C THR G 155 -62.42 -7.82 49.43
N ARG G 156 -61.59 -8.84 49.59
CA ARG G 156 -62.03 -10.23 49.67
C ARG G 156 -61.73 -10.77 51.06
N MET G 157 -62.73 -11.32 51.72
CA MET G 157 -62.54 -11.89 53.05
C MET G 157 -62.06 -13.33 52.92
N ALA G 158 -60.95 -13.54 52.22
CA ALA G 158 -60.39 -14.87 52.05
C ALA G 158 -59.04 -14.73 51.36
N VAL G 159 -58.27 -15.81 51.43
CA VAL G 159 -56.96 -15.86 50.78
C VAL G 159 -56.87 -17.17 50.01
N THR G 160 -56.04 -17.17 48.96
CA THR G 160 -55.92 -18.35 48.13
C THR G 160 -54.94 -19.36 48.71
N THR G 161 -53.73 -18.91 49.01
CA THR G 161 -52.70 -19.75 49.60
C THR G 161 -52.56 -19.42 51.09
N LYS G 162 -51.58 -20.06 51.73
CA LYS G 162 -51.27 -19.71 53.11
C LYS G 162 -50.69 -18.30 53.15
N ALA G 163 -51.24 -17.46 54.03
CA ALA G 163 -50.86 -16.06 54.07
C ALA G 163 -50.91 -15.55 55.50
N GLU G 164 -50.10 -14.54 55.76
CA GLU G 164 -50.07 -13.87 57.06
C GLU G 164 -51.10 -12.76 57.17
N ALA G 165 -51.63 -12.27 56.05
CA ALA G 165 -52.55 -11.15 56.08
C ALA G 165 -53.82 -11.49 56.88
N GLU G 166 -54.38 -12.67 56.64
CA GLU G 166 -55.64 -13.05 57.28
C GLU G 166 -55.38 -13.69 58.63
N ASP G 171 -56.32 -9.58 60.42
CA ASP G 171 -57.07 -8.34 60.31
C ASP G 171 -57.05 -7.82 58.87
N ASN G 172 -56.01 -8.17 58.14
CA ASN G 172 -55.85 -7.75 56.75
C ASN G 172 -56.60 -8.73 55.86
N ARG G 173 -57.50 -8.21 55.03
CA ARG G 173 -58.25 -9.01 54.07
C ARG G 173 -57.75 -8.75 52.66
N THR G 174 -57.86 -9.75 51.81
CA THR G 174 -57.29 -9.68 50.47
C THR G 174 -57.84 -8.47 49.73
N MET G 175 -56.94 -7.77 49.03
CA MET G 175 -57.27 -6.52 48.37
C MET G 175 -57.45 -6.71 46.87
N GLY G 176 -58.36 -5.92 46.30
CA GLY G 176 -58.60 -5.94 44.87
C GLY G 176 -59.24 -4.63 44.45
N ARG G 177 -59.23 -4.40 43.13
CA ARG G 177 -59.75 -3.15 42.60
C ARG G 177 -60.44 -3.40 41.27
N LYS G 178 -61.41 -2.54 40.95
CA LYS G 178 -62.12 -2.59 39.68
C LYS G 178 -62.34 -1.17 39.20
N HIS G 179 -62.49 -1.01 37.89
CA HIS G 179 -62.67 0.29 37.26
C HIS G 179 -64.01 0.33 36.55
N ILE G 180 -64.70 1.47 36.66
CA ILE G 180 -66.02 1.65 36.07
C ILE G 180 -66.09 3.02 35.42
N VAL G 181 -66.74 3.08 34.27
CA VAL G 181 -67.07 4.35 33.62
C VAL G 181 -68.40 4.83 34.20
N PRO G 182 -68.46 6.00 34.82
CA PRO G 182 -69.76 6.47 35.35
C PRO G 182 -70.86 6.42 34.31
N TYR G 183 -70.63 7.01 33.15
CA TYR G 183 -71.56 6.91 32.04
C TYR G 183 -70.83 7.25 30.76
N GLY G 184 -71.34 6.75 29.63
CA GLY G 184 -70.78 7.06 28.35
C GLY G 184 -71.65 6.58 27.20
N LEU G 185 -71.89 7.46 26.24
CA LEU G 185 -72.64 7.11 25.04
C LEU G 185 -71.64 6.91 23.90
N TYR G 186 -71.57 5.69 23.39
CA TYR G 186 -70.58 5.31 22.38
C TYR G 186 -71.25 5.23 21.02
N VAL G 187 -70.52 5.66 19.99
CA VAL G 187 -71.00 5.65 18.62
C VAL G 187 -70.13 4.69 17.82
N ALA G 188 -70.77 3.76 17.10
CA ALA G 188 -70.08 2.76 16.31
C ALA G 188 -70.50 2.88 14.86
N HIS G 189 -69.53 2.87 13.96
CA HIS G 189 -69.76 2.89 12.52
C HIS G 189 -69.39 1.54 11.93
N GLY G 190 -70.14 1.12 10.91
CA GLY G 190 -69.87 -0.15 10.27
C GLY G 190 -70.29 -0.11 8.81
N PHE G 191 -69.70 -1.02 8.04
CA PHE G 191 -69.90 -1.08 6.61
C PHE G 191 -70.17 -2.52 6.18
N ILE G 192 -70.99 -2.68 5.15
CA ILE G 192 -71.23 -3.97 4.52
C ILE G 192 -71.06 -3.81 3.02
N SER G 193 -70.23 -4.65 2.42
CA SER G 193 -69.89 -4.55 1.01
C SER G 193 -70.47 -5.76 0.27
N ALA G 194 -71.30 -5.48 -0.74
CA ALA G 194 -71.83 -6.57 -1.56
C ALA G 194 -70.75 -7.33 -2.31
N PRO G 195 -69.74 -6.69 -2.91
CA PRO G 195 -68.76 -7.46 -3.68
C PRO G 195 -68.07 -8.56 -2.88
N LEU G 196 -67.75 -8.30 -1.61
CA LEU G 196 -67.14 -9.34 -0.78
C LEU G 196 -68.14 -10.39 -0.35
N ALA G 197 -69.38 -9.98 -0.07
CA ALA G 197 -70.44 -10.95 0.19
C ALA G 197 -70.57 -11.93 -0.96
N GLU G 198 -70.44 -11.44 -2.20
CA GLU G 198 -70.50 -12.33 -3.35
C GLU G 198 -69.40 -13.37 -3.33
N LYS G 199 -68.27 -13.08 -2.66
CA LYS G 199 -67.19 -14.04 -2.54
C LYS G 199 -67.41 -15.00 -1.38
N THR G 200 -67.96 -14.52 -0.28
CA THR G 200 -68.14 -15.35 0.91
C THR G 200 -69.51 -16.02 0.97
N GLY G 201 -70.53 -15.42 0.38
CA GLY G 201 -71.87 -15.97 0.44
C GLY G 201 -72.77 -15.35 1.48
N PHE G 202 -72.37 -14.23 2.08
CA PHE G 202 -73.21 -13.54 3.06
C PHE G 202 -74.57 -13.24 2.45
N SER G 203 -75.62 -13.86 2.99
CA SER G 203 -76.96 -13.82 2.42
C SER G 203 -77.88 -12.92 3.24
N ASP G 204 -79.10 -12.74 2.73
CA ASP G 204 -80.05 -11.85 3.38
C ASP G 204 -80.46 -12.38 4.75
N GLU G 205 -80.65 -13.69 4.88
CA GLU G 205 -80.95 -14.25 6.19
C GLU G 205 -79.82 -13.98 7.17
N ASP G 206 -78.58 -14.08 6.70
CA ASP G 206 -77.44 -13.71 7.54
C ASP G 206 -77.51 -12.26 7.95
N LEU G 207 -77.93 -11.38 7.04
CA LEU G 207 -78.05 -9.96 7.38
C LEU G 207 -79.12 -9.72 8.43
N THR G 208 -80.25 -10.41 8.32
CA THR G 208 -81.31 -10.27 9.33
C THR G 208 -80.82 -10.76 10.68
N LEU G 209 -80.13 -11.90 10.70
CA LEU G 209 -79.57 -12.39 11.96
C LEU G 209 -78.55 -11.41 12.52
N PHE G 210 -77.78 -10.76 11.64
CA PHE G 210 -76.82 -9.76 12.08
C PHE G 210 -77.51 -8.56 12.71
N TRP G 211 -78.60 -8.10 12.10
CA TRP G 211 -79.35 -6.99 12.70
C TRP G 211 -79.91 -7.40 14.06
N ASP G 212 -80.43 -8.62 14.16
CA ASP G 212 -80.92 -9.09 15.45
C ASP G 212 -79.81 -9.10 16.50
N ALA G 213 -78.64 -9.61 16.12
CA ALA G 213 -77.52 -9.65 17.07
C ALA G 213 -77.12 -8.24 17.49
N LEU G 214 -77.05 -7.32 16.54
CA LEU G 214 -76.73 -5.93 16.88
C LEU G 214 -77.74 -5.36 17.87
N VAL G 215 -79.02 -5.65 17.65
CA VAL G 215 -80.04 -5.15 18.56
C VAL G 215 -79.85 -5.74 19.95
N ASN G 216 -79.56 -7.04 20.03
CA ASN G 216 -79.49 -7.76 21.30
C ASN G 216 -78.07 -8.21 21.65
N MET G 217 -77.08 -7.36 21.36
CA MET G 217 -75.71 -7.71 21.71
C MET G 217 -75.53 -7.83 23.22
N PHE G 218 -75.95 -6.81 23.96
CA PHE G 218 -75.62 -6.69 25.36
C PHE G 218 -76.61 -7.36 26.30
N GLU G 219 -77.76 -7.83 25.78
CA GLU G 219 -78.76 -8.42 26.65
C GLU G 219 -78.35 -9.78 27.20
N HIS G 220 -77.25 -10.36 26.70
CA HIS G 220 -76.75 -11.63 27.22
C HIS G 220 -75.27 -11.53 27.57
N ASP G 221 -74.74 -10.32 27.76
CA ASP G 221 -73.33 -10.11 28.07
C ASP G 221 -73.14 -9.60 29.50
N ARG G 222 -74.11 -9.82 30.38
CA ARG G 222 -74.02 -9.32 31.74
C ARG G 222 -72.88 -9.99 32.48
N SER G 223 -72.24 -9.25 33.39
CA SER G 223 -71.18 -9.79 34.23
C SER G 223 -70.85 -8.75 35.30
N ALA G 224 -69.87 -9.10 36.14
CA ALA G 224 -69.51 -8.21 37.24
C ALA G 224 -68.97 -6.88 36.73
N ALA G 225 -68.03 -6.92 35.80
CA ALA G 225 -67.40 -5.69 35.32
C ALA G 225 -68.29 -4.90 34.37
N ARG G 226 -69.11 -5.58 33.57
CA ARG G 226 -69.82 -4.89 32.49
C ARG G 226 -70.82 -3.87 33.03
N GLY G 227 -71.25 -4.02 34.28
CA GLY G 227 -72.29 -3.15 34.78
C GLY G 227 -73.54 -3.29 33.93
N LEU G 228 -74.11 -2.16 33.53
CA LEU G 228 -75.30 -2.12 32.69
C LEU G 228 -74.93 -1.53 31.34
N MET G 229 -75.21 -2.28 30.27
CA MET G 229 -75.03 -1.81 28.90
C MET G 229 -76.31 -2.07 28.13
N SER G 230 -76.54 -1.27 27.09
CA SER G 230 -77.72 -1.43 26.26
C SER G 230 -77.52 -0.71 24.95
N SER G 231 -78.10 -1.26 23.88
CA SER G 231 -78.09 -0.59 22.58
C SER G 231 -79.31 0.32 22.48
N ARG G 232 -79.06 1.59 22.14
CA ARG G 232 -80.09 2.61 22.19
C ARG G 232 -80.69 2.92 20.82
N LYS G 233 -79.85 3.08 19.79
CA LYS G 233 -80.30 3.41 18.45
C LYS G 233 -79.54 2.58 17.44
N LEU G 234 -80.16 2.35 16.29
CA LEU G 234 -79.53 1.64 15.19
C LEU G 234 -80.13 2.15 13.89
N ILE G 235 -79.35 2.91 13.14
CA ILE G 235 -79.76 3.46 11.85
C ILE G 235 -79.00 2.73 10.76
N VAL G 236 -79.72 2.26 9.75
CA VAL G 236 -79.14 1.50 8.64
C VAL G 236 -79.37 2.27 7.35
N PHE G 237 -78.29 2.55 6.62
CA PHE G 237 -78.35 3.19 5.33
C PHE G 237 -78.19 2.13 4.25
N LYS G 238 -79.18 2.01 3.38
CA LYS G 238 -79.18 1.03 2.32
C LYS G 238 -79.09 1.72 0.96
N HIS G 239 -78.11 1.32 0.17
CA HIS G 239 -77.97 1.84 -1.19
C HIS G 239 -78.75 0.94 -2.15
N GLN G 240 -79.24 1.53 -3.24
CA GLN G 240 -80.03 0.81 -4.22
C GLN G 240 -79.20 0.29 -5.39
N ASN G 241 -77.93 -0.04 -5.17
CA ASN G 241 -77.13 -0.69 -6.20
C ASN G 241 -75.93 -1.36 -5.55
N ARG G 242 -75.31 -2.27 -6.31
CA ARG G 242 -74.22 -3.08 -5.78
C ARG G 242 -73.13 -2.21 -5.15
N LEU G 243 -72.72 -1.17 -5.83
CA LEU G 243 -71.82 -0.16 -5.27
C LEU G 243 -72.63 0.97 -4.67
N GLY G 244 -71.98 1.78 -3.85
CA GLY G 244 -72.68 2.81 -3.13
C GLY G 244 -73.17 3.93 -4.03
N ASN G 245 -74.06 4.74 -3.48
CA ASN G 245 -74.58 5.93 -4.15
C ASN G 245 -74.20 7.22 -3.43
N ALA G 246 -73.45 7.14 -2.33
CA ALA G 246 -73.02 8.31 -1.60
C ALA G 246 -71.79 7.96 -0.80
N PRO G 247 -70.96 8.94 -0.44
CA PRO G 247 -69.80 8.65 0.41
C PRO G 247 -70.23 8.18 1.78
N ALA G 248 -69.42 7.29 2.36
CA ALA G 248 -69.72 6.77 3.69
C ALA G 248 -69.71 7.87 4.74
N HIS G 249 -68.72 8.77 4.67
CA HIS G 249 -68.63 9.84 5.65
C HIS G 249 -69.84 10.77 5.58
N LYS G 250 -70.37 11.01 4.38
CA LYS G 250 -71.52 11.90 4.25
C LYS G 250 -72.72 11.35 4.99
N LEU G 251 -72.94 10.04 4.91
CA LEU G 251 -74.09 9.45 5.60
C LEU G 251 -73.93 9.52 7.11
N PHE G 252 -72.75 9.17 7.62
CA PHE G 252 -72.57 9.11 9.06
C PHE G 252 -72.81 10.46 9.71
N ASP G 253 -72.52 11.56 9.02
CA ASP G 253 -72.75 12.87 9.59
C ASP G 253 -74.24 13.16 9.78
N LEU G 254 -75.13 12.43 9.10
CA LEU G 254 -76.55 12.66 9.28
C LEU G 254 -76.98 12.41 10.71
N VAL G 255 -76.41 11.39 11.35
CA VAL G 255 -76.75 11.05 12.73
C VAL G 255 -75.97 12.01 13.64
N LYS G 256 -76.64 13.06 14.10
CA LYS G 256 -76.04 14.07 14.96
C LYS G 256 -76.50 13.82 16.39
N VAL G 257 -75.54 13.65 17.30
CA VAL G 257 -75.85 13.38 18.70
C VAL G 257 -75.51 14.60 19.54
N SER G 258 -76.49 15.46 19.76
CA SER G 258 -76.31 16.64 20.59
C SER G 258 -76.82 16.35 22.00
N ARG G 259 -76.63 17.31 22.90
CA ARG G 259 -77.07 17.19 24.28
C ARG G 259 -78.38 17.94 24.47
N ALA G 260 -79.30 17.33 25.22
CA ALA G 260 -80.56 18.00 25.53
C ALA G 260 -80.28 19.31 26.24
N GLU G 261 -80.90 20.39 25.74
CA GLU G 261 -80.63 21.72 26.29
C GLU G 261 -80.91 21.78 27.78
N GLY G 262 -81.94 21.07 28.25
CA GLY G 262 -82.27 21.09 29.67
C GLY G 262 -81.18 20.52 30.55
N SER G 263 -80.50 19.47 30.10
CA SER G 263 -79.49 18.83 30.92
C SER G 263 -78.21 19.66 30.97
N SER G 264 -77.59 19.67 32.14
CA SER G 264 -76.35 20.40 32.36
C SER G 264 -75.41 19.54 33.19
N GLY G 265 -74.12 19.82 33.05
CA GLY G 265 -73.10 19.07 33.75
C GLY G 265 -72.85 17.72 33.11
N PRO G 266 -72.08 16.87 33.77
CA PRO G 266 -71.77 15.56 33.19
C PRO G 266 -73.02 14.75 32.95
N ALA G 267 -73.05 14.04 31.83
CA ALA G 267 -74.19 13.21 31.48
C ALA G 267 -74.22 11.95 32.34
N ARG G 268 -75.43 11.52 32.69
CA ARG G 268 -75.60 10.31 33.49
C ARG G 268 -76.76 9.45 33.03
N SER G 269 -77.44 9.80 31.93
CA SER G 269 -78.50 8.99 31.39
C SER G 269 -78.67 9.33 29.92
N PHE G 270 -79.20 8.37 29.15
CA PHE G 270 -79.38 8.60 27.73
C PHE G 270 -80.28 9.80 27.46
N ALA G 271 -81.19 10.13 28.37
CA ALA G 271 -82.03 11.31 28.19
C ALA G 271 -81.21 12.59 28.15
N ASP G 272 -80.00 12.58 28.71
CA ASP G 272 -79.14 13.75 28.63
C ASP G 272 -78.77 14.09 27.19
N TYR G 273 -78.85 13.13 26.28
CA TYR G 273 -78.49 13.32 24.88
C TYR G 273 -79.74 13.31 24.01
N ALA G 274 -79.60 13.91 22.83
CA ALA G 274 -80.63 13.89 21.81
C ALA G 274 -80.02 13.44 20.49
N VAL G 275 -80.72 12.55 19.80
CA VAL G 275 -80.25 11.98 18.55
C VAL G 275 -81.13 12.47 17.42
N THR G 276 -80.51 13.01 16.38
CA THR G 276 -81.21 13.55 15.23
C THR G 276 -80.70 12.86 13.97
N VAL G 277 -81.62 12.37 13.15
CA VAL G 277 -81.29 11.71 11.89
C VAL G 277 -81.73 12.64 10.75
N GLY G 278 -80.79 13.02 9.90
CA GLY G 278 -81.08 13.91 8.81
C GLY G 278 -81.71 13.20 7.63
N GLN G 279 -81.83 13.94 6.53
CA GLN G 279 -82.43 13.42 5.31
C GLN G 279 -81.34 12.83 4.42
N ALA G 280 -81.50 11.56 4.06
CA ALA G 280 -80.52 10.88 3.25
C ALA G 280 -80.61 11.29 1.79
N PRO G 281 -79.54 11.12 1.02
CA PRO G 281 -79.61 11.44 -0.42
C PRO G 281 -80.64 10.59 -1.12
N GLU G 282 -80.92 10.96 -2.36
CA GLU G 282 -81.90 10.22 -3.17
C GLU G 282 -81.45 8.79 -3.45
N GLY G 283 -80.15 8.52 -3.41
CA GLY G 283 -79.64 7.20 -3.65
C GLY G 283 -79.55 6.31 -2.43
N VAL G 284 -80.05 6.77 -1.28
CA VAL G 284 -79.96 6.03 -0.03
C VAL G 284 -81.33 6.03 0.63
N GLU G 285 -81.75 4.86 1.12
CA GLU G 285 -82.94 4.74 1.92
C GLU G 285 -82.54 4.39 3.35
N VAL G 286 -83.24 4.98 4.31
CA VAL G 286 -82.90 4.85 5.73
C VAL G 286 -84.02 4.11 6.43
N LYS G 287 -83.67 3.00 7.08
CA LYS G 287 -84.57 2.29 7.97
C LYS G 287 -84.06 2.45 9.39
N GLU G 288 -84.88 3.06 10.25
CA GLU G 288 -84.42 3.55 11.53
C GLU G 288 -85.21 3.00 12.72
N MET G 289 -86.23 2.18 12.50
CA MET G 289 -87.04 1.67 13.61
C MET G 289 -86.35 0.50 14.28
N LEU G 290 -85.10 0.69 14.70
CA LEU G 290 -84.31 -0.36 15.32
C LEU G 290 -83.72 0.12 16.64
N MET H 1 -80.40 -31.26 39.47
CA MET H 1 -81.43 -30.21 39.74
C MET H 1 -81.76 -29.43 38.48
N THR H 2 -83.04 -29.41 38.11
CA THR H 2 -83.46 -28.70 36.91
C THR H 2 -83.14 -27.22 37.03
N ALA H 3 -82.61 -26.64 35.96
CA ALA H 3 -82.31 -25.22 35.94
C ALA H 3 -83.58 -24.42 35.65
N ILE H 4 -83.50 -23.11 35.90
CA ILE H 4 -84.63 -22.25 35.64
C ILE H 4 -84.94 -22.22 34.14
N ALA H 5 -86.13 -21.74 33.80
CA ALA H 5 -86.61 -21.73 32.43
C ALA H 5 -86.98 -20.35 31.94
N ASN H 6 -86.76 -19.30 32.73
CA ASN H 6 -87.13 -17.95 32.35
C ASN H 6 -86.03 -16.97 32.75
N ARG H 7 -85.89 -15.91 31.96
CA ARG H 7 -85.00 -14.81 32.29
C ARG H 7 -85.73 -13.85 33.21
N TYR H 8 -85.01 -13.28 34.17
CA TYR H 8 -85.59 -12.37 35.15
C TYR H 8 -84.78 -11.08 35.23
N GLU H 9 -85.48 -9.98 35.46
CA GLU H 9 -84.87 -8.70 35.79
C GLU H 9 -85.62 -8.12 36.99
N PHE H 10 -84.87 -7.66 37.99
CA PHE H 10 -85.48 -7.17 39.21
C PHE H 10 -84.85 -5.84 39.61
N VAL H 11 -85.64 -5.03 40.31
CA VAL H 11 -85.20 -3.75 40.85
C VAL H 11 -85.39 -3.80 42.36
N LEU H 12 -84.33 -3.47 43.10
CA LEU H 12 -84.35 -3.49 44.56
C LEU H 12 -84.10 -2.08 45.09
N LEU H 13 -84.93 -1.66 46.04
CA LEU H 13 -84.78 -0.36 46.69
C LEU H 13 -84.59 -0.58 48.18
N PHE H 14 -83.50 -0.03 48.72
CA PHE H 14 -83.20 -0.15 50.13
C PHE H 14 -82.74 1.20 50.67
N ASP H 15 -82.88 1.35 51.98
CA ASP H 15 -82.62 2.62 52.65
C ASP H 15 -81.36 2.53 53.50
N VAL H 16 -80.73 3.69 53.71
CA VAL H 16 -79.64 3.84 54.65
C VAL H 16 -79.85 5.14 55.40
N GLU H 17 -79.67 5.09 56.72
CA GLU H 17 -79.93 6.26 57.56
C GLU H 17 -78.95 6.29 58.72
N ASN H 18 -78.26 7.42 58.88
CA ASN H 18 -77.36 7.62 60.01
C ASN H 18 -76.31 6.52 60.08
N GLY H 19 -75.73 6.19 58.93
CA GLY H 19 -74.73 5.14 58.89
C GLY H 19 -73.99 5.15 57.57
N ASN H 20 -73.03 4.22 57.47
CA ASN H 20 -72.22 4.07 56.28
C ASN H 20 -72.67 2.84 55.51
N PRO H 21 -73.31 2.98 54.34
CA PRO H 21 -73.70 1.77 53.60
C PRO H 21 -72.51 0.96 53.13
N ASN H 22 -71.49 1.61 52.58
CA ASN H 22 -70.30 0.92 52.10
C ASN H 22 -69.15 1.90 52.07
N GLY H 23 -68.18 1.71 52.96
CA GLY H 23 -67.05 2.61 53.02
C GLY H 23 -66.08 2.41 51.87
N ASP H 24 -65.31 3.47 51.60
CA ASP H 24 -64.31 3.43 50.54
C ASP H 24 -62.96 3.02 51.13
N PRO H 25 -62.41 1.86 50.76
CA PRO H 25 -61.13 1.44 51.36
C PRO H 25 -60.00 2.42 51.16
N ASP H 26 -59.98 3.15 50.04
CA ASP H 26 -58.89 4.05 49.71
C ASP H 26 -59.13 5.48 50.20
N ALA H 27 -60.22 5.71 50.94
CA ALA H 27 -60.50 7.02 51.53
C ALA H 27 -60.89 6.85 52.99
N GLY H 28 -60.11 6.06 53.73
CA GLY H 28 -60.46 5.74 55.09
C GLY H 28 -61.64 4.80 55.13
N ASN H 29 -62.79 5.31 55.56
CA ASN H 29 -64.03 4.53 55.54
C ASN H 29 -65.19 5.38 55.06
N MET H 30 -64.91 6.46 54.34
CA MET H 30 -65.96 7.34 53.87
C MET H 30 -66.88 6.60 52.90
N PRO H 31 -68.17 6.93 52.89
CA PRO H 31 -69.08 6.27 51.95
C PRO H 31 -68.68 6.52 50.50
N ARG H 32 -68.89 5.51 49.67
CA ARG H 32 -68.61 5.64 48.25
C ARG H 32 -69.54 6.67 47.62
N ILE H 33 -68.99 7.50 46.74
CA ILE H 33 -69.75 8.55 46.09
C ILE H 33 -69.21 8.74 44.68
N ASP H 34 -70.01 9.41 43.84
CA ASP H 34 -69.56 9.81 42.52
C ASP H 34 -69.05 11.24 42.60
N PRO H 35 -67.73 11.46 42.55
CA PRO H 35 -67.20 12.81 42.82
C PRO H 35 -67.73 13.87 41.87
N GLU H 36 -68.08 13.52 40.63
CA GLU H 36 -68.56 14.53 39.70
C GLU H 36 -69.90 15.11 40.15
N THR H 37 -70.80 14.28 40.66
CA THR H 37 -72.13 14.72 41.04
C THR H 37 -72.45 14.52 42.52
N GLY H 38 -71.70 13.69 43.23
CA GLY H 38 -71.93 13.47 44.64
C GLY H 38 -72.96 12.42 44.98
N HIS H 39 -73.51 11.72 43.99
CA HIS H 39 -74.48 10.68 44.27
C HIS H 39 -73.83 9.54 45.04
N GLY H 40 -74.64 8.85 45.84
CA GLY H 40 -74.13 7.73 46.62
C GLY H 40 -74.09 6.45 45.81
N LEU H 41 -73.03 5.68 46.01
CA LEU H 41 -72.81 4.43 45.31
C LEU H 41 -72.62 3.31 46.32
N VAL H 42 -73.24 2.16 46.04
CA VAL H 42 -73.04 0.94 46.81
C VAL H 42 -72.65 -0.16 45.84
N THR H 43 -71.45 -0.71 46.02
CA THR H 43 -70.97 -1.73 45.11
C THR H 43 -71.85 -2.96 45.15
N ASP H 44 -72.04 -3.57 43.98
CA ASP H 44 -72.74 -4.85 43.92
C ASP H 44 -72.04 -5.89 44.78
N VAL H 45 -70.74 -5.72 45.01
CA VAL H 45 -69.98 -6.64 45.84
C VAL H 45 -70.52 -6.66 47.26
N CYS H 46 -70.84 -5.49 47.80
CA CYS H 46 -71.36 -5.42 49.16
C CYS H 46 -72.69 -6.16 49.28
N LEU H 47 -73.59 -5.96 48.33
CA LEU H 47 -74.86 -6.66 48.35
C LEU H 47 -74.67 -8.16 48.20
N LYS H 48 -73.75 -8.57 47.33
CA LYS H 48 -73.48 -9.99 47.17
C LYS H 48 -72.96 -10.60 48.47
N ARG H 49 -72.09 -9.89 49.18
CA ARG H 49 -71.61 -10.39 50.46
C ARG H 49 -72.74 -10.46 51.48
N LYS H 50 -73.62 -9.46 51.49
CA LYS H 50 -74.77 -9.53 52.39
C LYS H 50 -75.63 -10.76 52.09
N ILE H 51 -75.84 -11.05 50.81
CA ILE H 51 -76.60 -12.23 50.43
C ILE H 51 -75.89 -13.49 50.89
N ARG H 52 -74.57 -13.53 50.71
CA ARG H 52 -73.80 -14.69 51.16
C ARG H 52 -73.96 -14.91 52.65
N ASN H 53 -73.84 -13.83 53.44
CA ASN H 53 -74.01 -13.96 54.87
C ASN H 53 -75.40 -14.44 55.23
N HIS H 54 -76.43 -13.85 54.62
CA HIS H 54 -77.80 -14.23 54.95
C HIS H 54 -78.06 -15.70 54.63
N VAL H 55 -77.64 -16.16 53.45
CA VAL H 55 -77.90 -17.54 53.08
C VAL H 55 -77.08 -18.50 53.94
N ALA H 56 -75.81 -18.17 54.19
CA ALA H 56 -74.97 -19.04 55.01
C ALA H 56 -75.50 -19.15 56.42
N LEU H 57 -76.16 -18.10 56.93
CA LEU H 57 -76.72 -18.17 58.27
C LEU H 57 -78.07 -18.87 58.30
N THR H 58 -78.95 -18.59 57.32
CA THR H 58 -80.28 -19.17 57.33
C THR H 58 -80.28 -20.64 56.95
N LYS H 59 -79.36 -21.08 56.10
CA LYS H 59 -79.27 -22.48 55.71
C LYS H 59 -78.35 -23.28 56.63
N GLU H 60 -77.73 -22.64 57.61
CA GLU H 60 -76.94 -23.32 58.63
C GLU H 60 -75.84 -24.17 58.01
N GLY H 61 -75.40 -23.82 56.80
CA GLY H 61 -74.33 -24.56 56.17
C GLY H 61 -74.71 -25.96 55.73
N ALA H 62 -75.99 -26.20 55.49
CA ALA H 62 -76.42 -27.52 55.04
C ALA H 62 -75.78 -27.84 53.68
N GLU H 63 -75.84 -29.11 53.32
CA GLU H 63 -75.25 -29.54 52.06
C GLU H 63 -75.95 -28.90 50.87
N ARG H 64 -75.18 -28.65 49.82
CA ARG H 64 -75.63 -27.97 48.60
C ARG H 64 -75.95 -26.51 48.84
N PHE H 65 -75.59 -25.96 50.00
CA PHE H 65 -75.87 -24.55 50.28
C PHE H 65 -74.71 -23.86 50.99
N ASN H 66 -73.50 -24.40 50.90
CA ASN H 66 -72.33 -23.72 51.45
C ASN H 66 -71.92 -22.57 50.54
N ILE H 67 -71.17 -21.63 51.11
CA ILE H 67 -70.65 -20.48 50.37
C ILE H 67 -69.16 -20.67 50.17
N TYR H 68 -68.73 -20.57 48.91
CA TYR H 68 -67.33 -20.81 48.59
C TYR H 68 -66.42 -19.77 49.26
N ILE H 69 -66.84 -18.51 49.27
CA ILE H 69 -66.06 -17.47 49.92
C ILE H 69 -66.46 -17.39 51.39
N GLN H 70 -65.86 -18.25 52.21
CA GLN H 70 -66.13 -18.26 53.63
C GLN H 70 -65.14 -17.34 54.33
N GLU H 71 -65.66 -16.42 55.15
CA GLU H 71 -64.83 -15.36 55.71
C GLU H 71 -63.50 -15.89 56.22
N LYS H 72 -62.41 -15.32 55.69
CA LYS H 72 -61.03 -15.69 56.03
C LYS H 72 -60.80 -17.19 55.91
N ALA H 73 -61.58 -17.89 55.11
CA ALA H 73 -61.27 -19.27 54.75
C ALA H 73 -60.32 -19.28 53.56
N ILE H 74 -59.48 -20.31 53.50
CA ILE H 74 -58.47 -20.45 52.46
C ILE H 74 -59.02 -21.36 51.37
N LEU H 75 -58.83 -20.96 50.11
CA LEU H 75 -59.55 -21.55 48.99
C LEU H 75 -58.83 -22.74 48.36
N ASN H 76 -57.50 -22.74 48.34
CA ASN H 76 -56.80 -23.86 47.74
C ASN H 76 -57.10 -25.17 48.46
N GLU H 77 -57.42 -25.12 49.76
CA GLU H 77 -57.79 -26.35 50.47
C GLU H 77 -59.10 -26.91 49.94
N THR H 78 -60.10 -26.06 49.70
CA THR H 78 -61.35 -26.57 49.15
C THR H 78 -61.18 -26.99 47.70
N HIS H 79 -60.27 -26.35 46.96
CA HIS H 79 -59.95 -26.85 45.62
C HIS H 79 -59.35 -28.25 45.70
N GLU H 80 -58.46 -28.48 46.66
CA GLU H 80 -57.90 -29.81 46.86
C GLU H 80 -58.98 -30.81 47.26
N ARG H 81 -59.92 -30.37 48.10
CA ARG H 81 -61.05 -31.24 48.47
C ARG H 81 -61.87 -31.60 47.24
N ALA H 82 -62.10 -30.63 46.35
CA ALA H 82 -62.83 -30.91 45.11
C ALA H 82 -62.07 -31.94 44.27
N TYR H 83 -60.76 -31.77 44.15
CA TYR H 83 -59.96 -32.72 43.38
C TYR H 83 -60.03 -34.11 43.99
N THR H 84 -59.99 -34.19 45.32
CA THR H 84 -60.07 -35.49 45.99
C THR H 84 -61.44 -36.14 45.80
N ALA H 85 -62.51 -35.36 45.96
CA ALA H 85 -63.85 -35.93 45.89
C ALA H 85 -64.13 -36.53 44.53
N CYS H 86 -63.75 -35.84 43.46
CA CYS H 86 -63.91 -36.36 42.12
C CYS H 86 -62.79 -37.33 41.74
N ASP H 87 -61.79 -37.49 42.61
CA ASP H 87 -60.70 -38.45 42.41
C ASP H 87 -59.84 -38.07 41.21
N LEU H 88 -59.30 -36.84 41.26
CA LEU H 88 -58.30 -36.38 40.32
C LEU H 88 -57.12 -35.80 41.09
N LYS H 89 -55.92 -36.00 40.54
CA LYS H 89 -54.72 -35.41 41.10
C LYS H 89 -54.40 -34.13 40.36
N PRO H 90 -54.42 -32.97 41.02
CA PRO H 90 -54.19 -31.71 40.28
C PRO H 90 -52.76 -31.61 39.77
N GLU H 91 -52.63 -31.10 38.56
CA GLU H 91 -51.32 -30.71 38.08
C GLU H 91 -50.88 -29.44 38.81
N PRO H 92 -49.59 -29.10 38.77
CA PRO H 92 -49.10 -28.01 39.64
C PRO H 92 -49.85 -26.70 39.48
N LYS H 93 -50.28 -26.34 38.26
CA LYS H 93 -50.83 -25.02 38.02
C LYS H 93 -52.14 -24.99 37.23
N LYS H 94 -52.54 -26.10 36.59
CA LYS H 94 -53.62 -26.01 35.62
C LYS H 94 -54.45 -27.29 35.63
N LEU H 95 -55.53 -27.25 34.85
CA LEU H 95 -56.58 -28.25 34.92
C LEU H 95 -56.14 -29.56 34.26
N PRO H 96 -56.88 -30.65 34.53
CA PRO H 96 -56.56 -31.92 33.87
C PRO H 96 -56.80 -31.85 32.37
N LYS H 97 -56.15 -32.78 31.65
CA LYS H 97 -56.24 -32.76 30.19
C LYS H 97 -57.66 -33.01 29.71
N LYS H 98 -58.30 -34.07 30.22
CA LYS H 98 -59.64 -34.40 29.76
C LYS H 98 -60.62 -33.31 30.18
N VAL H 99 -61.40 -32.83 29.22
CA VAL H 99 -62.36 -31.77 29.51
C VAL H 99 -63.45 -32.29 30.45
N GLU H 100 -63.75 -33.58 30.40
CA GLU H 100 -64.83 -34.12 31.22
C GLU H 100 -64.46 -34.08 32.71
N ASP H 101 -63.19 -34.33 33.04
CA ASP H 101 -62.78 -34.25 34.44
C ASP H 101 -62.88 -32.82 34.97
N ALA H 102 -62.45 -31.85 34.16
CA ALA H 102 -62.59 -30.46 34.55
C ALA H 102 -64.05 -30.09 34.74
N LYS H 103 -64.91 -30.54 33.82
CA LYS H 103 -66.34 -30.27 33.97
C LYS H 103 -66.89 -30.94 35.22
N ARG H 104 -66.40 -32.13 35.55
CA ARG H 104 -66.87 -32.82 36.74
C ARG H 104 -66.52 -32.02 38.00
N VAL H 105 -65.28 -31.56 38.10
CA VAL H 105 -64.88 -30.79 39.28
C VAL H 105 -65.65 -29.48 39.35
N THR H 106 -65.82 -28.81 38.21
CA THR H 106 -66.56 -27.55 38.20
C THR H 106 -68.01 -27.78 38.61
N ASP H 107 -68.62 -28.87 38.13
CA ASP H 107 -69.99 -29.19 38.52
C ASP H 107 -70.08 -29.52 40.00
N TRP H 108 -69.08 -30.22 40.55
CA TRP H 108 -69.06 -30.44 41.99
C TRP H 108 -69.08 -29.12 42.75
N MET H 109 -68.19 -28.19 42.35
CA MET H 109 -68.14 -26.90 43.02
C MET H 109 -69.46 -26.16 42.90
N CYS H 110 -70.06 -26.16 41.72
CA CYS H 110 -71.34 -25.48 41.52
C CYS H 110 -72.43 -26.12 42.36
N THR H 111 -72.43 -27.44 42.45
CA THR H 111 -73.51 -28.16 43.12
C THR H 111 -73.46 -27.97 44.63
N ASN H 112 -72.27 -28.10 45.23
CA ASN H 112 -72.19 -28.06 46.68
C ASN H 112 -72.05 -26.66 47.25
N PHE H 113 -71.77 -25.65 46.42
CA PHE H 113 -71.62 -24.28 46.88
C PHE H 113 -72.70 -23.42 46.26
N TYR H 114 -73.47 -22.72 47.10
CA TYR H 114 -74.58 -21.92 46.61
C TYR H 114 -74.10 -20.65 45.91
N ASP H 115 -73.13 -19.96 46.51
CA ASP H 115 -72.68 -18.69 45.93
C ASP H 115 -72.02 -18.92 44.57
N ILE H 116 -71.33 -20.06 44.41
CA ILE H 116 -70.81 -20.40 43.09
C ILE H 116 -71.95 -20.60 42.10
N ARG H 117 -72.97 -21.35 42.53
CA ARG H 117 -74.11 -21.63 41.65
C ARG H 117 -74.89 -20.38 41.29
N THR H 118 -74.78 -19.31 42.09
CA THR H 118 -75.54 -18.09 41.85
C THR H 118 -74.73 -17.03 41.13
N PHE H 119 -73.58 -16.65 41.69
CA PHE H 119 -72.76 -15.56 41.15
C PHE H 119 -71.51 -16.04 40.44
N GLY H 120 -71.08 -17.29 40.65
CA GLY H 120 -69.87 -17.77 40.05
C GLY H 120 -68.64 -17.39 40.85
N ALA H 121 -67.49 -17.86 40.39
CA ALA H 121 -66.23 -17.63 41.08
C ALA H 121 -65.08 -17.86 40.11
N VAL H 122 -63.87 -17.62 40.60
CA VAL H 122 -62.65 -17.78 39.82
C VAL H 122 -61.62 -18.53 40.66
N MET H 123 -60.89 -19.43 40.02
CA MET H 123 -59.84 -20.20 40.66
C MET H 123 -58.49 -19.78 40.08
N THR H 124 -57.55 -19.41 40.94
CA THR H 124 -56.30 -18.77 40.52
C THR H 124 -55.18 -19.81 40.40
N THR H 125 -55.27 -20.60 39.33
CA THR H 125 -54.21 -21.55 38.98
C THR H 125 -53.91 -22.40 40.22
N GLU H 126 -52.64 -22.71 40.51
CA GLU H 126 -52.31 -23.56 41.64
C GLU H 126 -53.15 -24.84 41.58
N VAL H 127 -54.02 -25.05 42.56
CA VAL H 127 -55.01 -26.10 42.46
C VAL H 127 -56.21 -25.52 41.72
N ASN H 128 -56.17 -25.58 40.38
CA ASN H 128 -57.14 -24.87 39.57
C ASN H 128 -58.37 -25.74 39.33
N CYS H 129 -59.55 -25.12 39.43
CA CYS H 129 -60.81 -25.80 39.18
C CYS H 129 -61.61 -25.16 38.04
N GLY H 130 -61.05 -24.15 37.38
CA GLY H 130 -61.70 -23.54 36.24
C GLY H 130 -62.32 -22.20 36.54
N GLN H 131 -63.42 -21.88 35.85
CA GLN H 131 -64.11 -20.60 36.01
C GLN H 131 -65.62 -20.83 35.94
N VAL H 132 -66.37 -19.96 36.60
CA VAL H 132 -67.82 -19.96 36.56
C VAL H 132 -68.29 -18.52 36.41
N ARG H 133 -69.25 -18.30 35.52
CA ARG H 133 -69.67 -16.93 35.22
C ARG H 133 -70.69 -16.42 36.22
N GLY H 134 -71.74 -17.19 36.49
CA GLY H 134 -72.76 -16.80 37.43
C GLY H 134 -74.03 -16.32 36.76
N PRO H 135 -75.11 -17.11 36.84
CA PRO H 135 -76.34 -16.69 36.18
C PRO H 135 -76.96 -15.43 36.74
N VAL H 136 -76.60 -15.03 37.95
CA VAL H 136 -77.19 -13.86 38.60
C VAL H 136 -76.13 -12.77 38.66
N GLN H 137 -76.47 -11.59 38.15
CA GLN H 137 -75.59 -10.43 38.18
C GLN H 137 -76.40 -9.20 38.57
N MET H 138 -75.70 -8.24 39.19
CA MET H 138 -76.32 -6.97 39.56
C MET H 138 -75.31 -5.85 39.38
N ALA H 139 -75.82 -4.67 39.07
CA ALA H 139 -74.98 -3.50 38.84
C ALA H 139 -74.84 -2.70 40.13
N PHE H 140 -73.93 -1.73 40.12
CA PHE H 140 -73.74 -0.88 41.28
C PHE H 140 -75.04 -0.17 41.64
N ALA H 141 -75.38 -0.18 42.93
CA ALA H 141 -76.55 0.55 43.40
C ALA H 141 -76.21 2.02 43.57
N ARG H 142 -77.07 2.89 43.05
CA ARG H 142 -76.83 4.32 43.05
C ARG H 142 -77.97 5.04 43.75
N SER H 143 -77.62 6.07 44.52
CA SER H 143 -78.62 6.84 45.24
C SER H 143 -79.50 7.61 44.25
N VAL H 144 -80.80 7.68 44.56
CA VAL H 144 -81.72 8.39 43.68
C VAL H 144 -81.40 9.87 43.65
N GLU H 145 -80.94 10.44 44.76
CA GLU H 145 -80.65 11.85 44.87
C GLU H 145 -79.25 12.05 45.41
N PRO H 146 -78.62 13.19 45.14
CA PRO H 146 -77.26 13.42 45.63
C PRO H 146 -77.21 13.38 47.15
N VAL H 147 -76.07 12.91 47.66
CA VAL H 147 -75.84 12.81 49.10
C VAL H 147 -74.53 13.50 49.44
N VAL H 148 -74.43 13.91 50.69
CA VAL H 148 -73.26 14.65 51.18
C VAL H 148 -72.75 13.97 52.45
N PRO H 149 -72.08 12.82 52.34
CA PRO H 149 -71.59 12.14 53.55
C PRO H 149 -70.60 13.00 54.31
N GLN H 150 -70.62 12.86 55.63
CA GLN H 150 -69.80 13.69 56.50
C GLN H 150 -69.16 12.84 57.59
N GLU H 151 -68.10 13.37 58.17
CA GLU H 151 -67.39 12.73 59.27
C GLU H 151 -68.04 13.10 60.60
N VAL H 152 -68.02 12.17 61.54
CA VAL H 152 -68.45 12.39 62.91
C VAL H 152 -67.32 11.93 63.82
N SER H 153 -66.82 12.84 64.66
CA SER H 153 -65.67 12.58 65.50
C SER H 153 -66.00 12.92 66.95
N ILE H 154 -65.67 12.01 67.87
CA ILE H 154 -65.84 12.21 69.30
C ILE H 154 -64.59 11.69 70.01
N THR H 155 -64.40 12.16 71.24
CA THR H 155 -63.28 11.69 72.04
C THR H 155 -63.47 10.23 72.41
N ARG H 156 -62.38 9.47 72.39
CA ARG H 156 -62.41 8.05 72.69
C ARG H 156 -61.29 7.70 73.67
N MET H 157 -61.57 6.76 74.55
CA MET H 157 -60.62 6.33 75.58
C MET H 157 -59.87 5.06 75.18
N ALA H 158 -59.72 4.82 73.88
CA ALA H 158 -59.02 3.64 73.38
C ALA H 158 -58.03 4.06 72.30
N VAL H 159 -56.79 3.62 72.46
CA VAL H 159 -55.72 3.88 71.48
C VAL H 159 -54.95 2.58 71.27
N THR H 160 -54.71 2.25 70.01
CA THR H 160 -54.09 0.97 69.68
C THR H 160 -52.68 0.86 70.26
N THR H 161 -51.96 1.97 70.38
CA THR H 161 -50.59 1.97 70.86
C THR H 161 -50.39 3.10 71.86
N LYS H 162 -49.29 3.02 72.59
CA LYS H 162 -48.95 4.05 73.57
C LYS H 162 -48.70 5.39 72.86
N ALA H 163 -49.00 6.47 73.57
CA ALA H 163 -48.81 7.81 73.03
C ALA H 163 -48.51 8.77 74.17
N GLU H 164 -47.85 9.87 73.82
CA GLU H 164 -47.53 10.89 74.82
C GLU H 164 -48.78 11.69 75.21
N ALA H 165 -49.73 11.82 74.29
CA ALA H 165 -50.94 12.60 74.57
C ALA H 165 -51.78 12.00 75.69
N GLU H 166 -51.74 10.67 75.86
CA GLU H 166 -52.53 10.01 76.88
C GLU H 166 -51.63 9.25 77.86
N ASP H 171 -51.60 16.26 74.45
CA ASP H 171 -52.27 16.06 75.73
C ASP H 171 -53.78 16.02 75.56
N ASN H 172 -54.25 15.06 74.78
CA ASN H 172 -55.67 14.90 74.51
C ASN H 172 -55.96 13.43 74.23
N ARG H 173 -57.22 13.04 74.44
CA ARG H 173 -57.65 11.69 74.12
C ARG H 173 -57.77 11.52 72.61
N THR H 174 -57.40 10.33 72.14
CA THR H 174 -57.52 10.03 70.72
C THR H 174 -58.99 10.08 70.30
N MET H 175 -59.25 10.68 69.14
CA MET H 175 -60.61 10.86 68.67
C MET H 175 -61.11 9.60 67.97
N GLY H 176 -62.28 9.12 68.37
CA GLY H 176 -62.92 8.03 67.67
C GLY H 176 -63.83 8.55 66.58
N ARG H 177 -63.34 8.56 65.35
CA ARG H 177 -64.01 9.21 64.23
C ARG H 177 -64.75 8.21 63.37
N LYS H 178 -65.92 8.64 62.87
CA LYS H 178 -66.76 7.83 62.00
C LYS H 178 -67.26 8.71 60.87
N HIS H 179 -67.65 8.06 59.77
CA HIS H 179 -68.23 8.74 58.62
C HIS H 179 -69.57 8.07 58.30
N ILE H 180 -70.64 8.87 58.26
CA ILE H 180 -71.99 8.34 58.12
C ILE H 180 -72.74 9.15 57.07
N VAL H 181 -73.82 8.56 56.59
CA VAL H 181 -74.74 9.21 55.66
C VAL H 181 -76.01 9.56 56.43
N PRO H 182 -76.50 10.80 56.36
CA PRO H 182 -77.75 11.13 57.05
C PRO H 182 -78.90 10.23 56.61
N TYR H 183 -79.18 10.21 55.32
CA TYR H 183 -80.19 9.32 54.77
C TYR H 183 -79.97 9.21 53.27
N GLY H 184 -80.47 8.13 52.69
CA GLY H 184 -80.34 7.92 51.26
C GLY H 184 -81.15 6.74 50.75
N LEU H 185 -81.83 6.93 49.62
CA LEU H 185 -82.58 5.88 48.96
C LEU H 185 -81.79 5.41 47.74
N TYR H 186 -81.54 4.10 47.67
CA TYR H 186 -80.69 3.52 46.65
C TYR H 186 -81.49 2.60 45.75
N VAL H 187 -81.24 2.70 44.45
CA VAL H 187 -81.86 1.86 43.43
C VAL H 187 -80.82 0.88 42.93
N ALA H 188 -81.16 -0.40 42.93
CA ALA H 188 -80.26 -1.46 42.49
C ALA H 188 -80.90 -2.22 41.34
N HIS H 189 -80.09 -2.55 40.34
CA HIS H 189 -80.53 -3.29 39.17
C HIS H 189 -79.87 -4.66 39.14
N GLY H 190 -80.62 -5.67 38.71
CA GLY H 190 -80.10 -7.03 38.68
C GLY H 190 -80.69 -7.81 37.52
N PHE H 191 -79.94 -8.83 37.11
CA PHE H 191 -80.29 -9.66 35.97
C PHE H 191 -80.11 -11.13 36.33
N ILE H 192 -80.95 -11.97 35.74
CA ILE H 192 -80.83 -13.42 35.84
C ILE H 192 -80.96 -13.99 34.44
N SER H 193 -80.01 -14.86 34.06
CA SER H 193 -79.95 -15.41 32.72
C SER H 193 -80.21 -16.91 32.78
N ALA H 194 -81.27 -17.35 32.09
CA ALA H 194 -81.56 -18.77 32.03
C ALA H 194 -80.43 -19.58 31.38
N PRO H 195 -79.83 -19.14 30.27
CA PRO H 195 -78.77 -19.96 29.66
C PRO H 195 -77.61 -20.27 30.59
N LEU H 196 -77.20 -19.30 31.42
CA LEU H 196 -76.11 -19.56 32.36
C LEU H 196 -76.55 -20.50 33.47
N ALA H 197 -77.78 -20.34 33.94
CA ALA H 197 -78.31 -21.27 34.93
C ALA H 197 -78.33 -22.70 34.39
N GLU H 198 -78.65 -22.86 33.11
CA GLU H 198 -78.66 -24.20 32.52
C GLU H 198 -77.29 -24.85 32.62
N LYS H 199 -76.23 -24.07 32.71
CA LYS H 199 -74.89 -24.61 32.92
C LYS H 199 -74.59 -24.81 34.40
N THR H 200 -74.91 -23.82 35.24
CA THR H 200 -74.58 -23.90 36.66
C THR H 200 -75.60 -24.69 37.47
N GLY H 201 -76.77 -24.99 36.91
CA GLY H 201 -77.78 -25.72 37.66
C GLY H 201 -78.59 -24.87 38.61
N PHE H 202 -78.50 -23.55 38.51
CA PHE H 202 -79.30 -22.66 39.35
C PHE H 202 -80.78 -23.03 39.24
N SER H 203 -81.37 -23.42 40.36
CA SER H 203 -82.70 -24.02 40.38
C SER H 203 -83.73 -23.02 40.92
N ASP H 204 -85.00 -23.40 40.78
CA ASP H 204 -86.10 -22.56 41.25
C ASP H 204 -86.07 -22.38 42.76
N GLU H 205 -85.71 -23.43 43.50
CA GLU H 205 -85.56 -23.28 44.94
C GLU H 205 -84.47 -22.26 45.26
N ASP H 206 -83.38 -22.30 44.50
CA ASP H 206 -82.34 -21.28 44.66
C ASP H 206 -82.90 -19.90 44.38
N LEU H 207 -83.76 -19.78 43.37
CA LEU H 207 -84.38 -18.50 43.07
C LEU H 207 -85.23 -18.00 44.23
N THR H 208 -86.03 -18.89 44.83
CA THR H 208 -86.86 -18.49 45.96
C THR H 208 -86.00 -18.09 47.15
N LEU H 209 -84.92 -18.83 47.39
CA LEU H 209 -84.01 -18.48 48.48
C LEU H 209 -83.36 -17.12 48.23
N PHE H 210 -82.98 -16.85 46.99
CA PHE H 210 -82.41 -15.55 46.63
C PHE H 210 -83.41 -14.43 46.87
N TRP H 211 -84.67 -14.65 46.49
CA TRP H 211 -85.70 -13.65 46.76
C TRP H 211 -85.87 -13.42 48.26
N ASP H 212 -85.89 -14.50 49.04
CA ASP H 212 -86.02 -14.35 50.49
C ASP H 212 -84.84 -13.56 51.05
N ALA H 213 -83.64 -13.85 50.58
CA ALA H 213 -82.47 -13.08 51.03
C ALA H 213 -82.62 -11.61 50.67
N LEU H 214 -83.08 -11.33 49.45
CA LEU H 214 -83.30 -9.93 49.05
C LEU H 214 -84.27 -9.25 50.00
N VAL H 215 -85.34 -9.95 50.38
CA VAL H 215 -86.31 -9.35 51.30
C VAL H 215 -85.66 -9.11 52.66
N ASN H 216 -84.75 -10.00 53.08
CA ASN H 216 -84.15 -9.98 54.41
C ASN H 216 -82.66 -9.68 54.34
N MET H 217 -82.27 -8.70 53.54
CA MET H 217 -80.86 -8.39 53.37
C MET H 217 -80.20 -7.98 54.68
N PHE H 218 -80.79 -7.00 55.38
CA PHE H 218 -80.11 -6.30 56.45
C PHE H 218 -80.53 -6.77 57.84
N GLU H 219 -81.29 -7.86 57.94
CA GLU H 219 -81.70 -8.35 59.25
C GLU H 219 -80.50 -8.77 60.07
N HIS H 220 -79.51 -9.41 59.44
CA HIS H 220 -78.35 -9.96 60.12
C HIS H 220 -77.15 -9.02 60.13
N ASP H 221 -77.33 -7.78 59.66
CA ASP H 221 -76.22 -6.84 59.48
C ASP H 221 -76.31 -5.65 60.42
N ARG H 222 -76.88 -5.82 61.61
CA ARG H 222 -76.98 -4.71 62.55
C ARG H 222 -75.62 -4.43 63.20
N SER H 223 -75.19 -3.18 63.12
CA SER H 223 -73.95 -2.75 63.76
C SER H 223 -74.01 -1.26 64.00
N ALA H 224 -73.16 -0.79 64.92
CA ALA H 224 -73.20 0.62 65.31
C ALA H 224 -72.76 1.52 64.16
N ALA H 225 -71.61 1.22 63.55
CA ALA H 225 -71.09 2.10 62.50
C ALA H 225 -71.93 2.03 61.23
N ARG H 226 -72.50 0.87 60.92
CA ARG H 226 -73.29 0.72 59.71
C ARG H 226 -74.60 1.50 59.78
N GLY H 227 -75.13 1.72 60.98
CA GLY H 227 -76.37 2.46 61.13
C GLY H 227 -77.58 1.62 60.81
N LEU H 228 -78.57 2.23 60.15
CA LEU H 228 -79.84 1.58 59.85
C LEU H 228 -79.96 1.38 58.35
N MET H 229 -80.33 0.16 57.94
CA MET H 229 -80.62 -0.14 56.55
C MET H 229 -81.75 -1.15 56.48
N SER H 230 -82.55 -1.07 55.42
CA SER H 230 -83.69 -1.96 55.28
C SER H 230 -84.25 -1.85 53.87
N SER H 231 -84.58 -3.00 53.28
CA SER H 231 -85.20 -3.02 51.97
C SER H 231 -86.60 -2.40 52.02
N ARG H 232 -86.97 -1.72 50.94
CA ARG H 232 -88.26 -1.04 50.87
C ARG H 232 -89.14 -1.59 49.76
N LYS H 233 -88.61 -1.75 48.54
CA LYS H 233 -89.38 -2.24 47.42
C LYS H 233 -88.57 -3.29 46.68
N LEU H 234 -89.28 -4.20 46.00
CA LEU H 234 -88.62 -5.23 45.20
C LEU H 234 -89.60 -5.66 44.10
N ILE H 235 -89.32 -5.23 42.87
CA ILE H 235 -90.11 -5.59 41.71
C ILE H 235 -89.32 -6.59 40.89
N VAL H 236 -89.97 -7.65 40.45
CA VAL H 236 -89.36 -8.70 39.65
C VAL H 236 -90.07 -8.80 38.33
N PHE H 237 -89.32 -8.72 37.24
CA PHE H 237 -89.85 -8.89 35.89
C PHE H 237 -89.47 -10.28 35.39
N LYS H 238 -90.47 -11.06 35.00
CA LYS H 238 -90.26 -12.43 34.55
C LYS H 238 -90.60 -12.52 33.07
N HIS H 239 -89.64 -12.99 32.27
CA HIS H 239 -89.86 -13.18 30.85
C HIS H 239 -90.50 -14.53 30.59
N GLN H 240 -91.48 -14.56 29.69
CA GLN H 240 -92.30 -15.75 29.48
C GLN H 240 -91.63 -16.80 28.61
N ASN H 241 -90.31 -16.72 28.40
CA ASN H 241 -89.61 -17.73 27.61
C ASN H 241 -88.13 -17.67 27.99
N ARG H 242 -87.33 -18.53 27.35
CA ARG H 242 -85.92 -18.65 27.70
C ARG H 242 -85.20 -17.32 27.52
N LEU H 243 -85.44 -16.64 26.41
CA LEU H 243 -84.85 -15.34 26.14
C LEU H 243 -85.86 -14.25 26.43
N GLY H 244 -85.36 -13.07 26.77
CA GLY H 244 -86.23 -11.98 27.16
C GLY H 244 -87.08 -11.48 26.00
N ASN H 245 -88.24 -10.92 26.36
CA ASN H 245 -89.17 -10.36 25.39
C ASN H 245 -89.18 -8.84 25.39
N ALA H 246 -88.22 -8.21 26.07
CA ALA H 246 -88.13 -6.76 26.09
C ALA H 246 -86.74 -6.37 26.54
N PRO H 247 -86.21 -5.24 26.06
CA PRO H 247 -84.90 -4.80 26.53
C PRO H 247 -84.90 -4.55 28.04
N ALA H 248 -83.77 -4.84 28.66
CA ALA H 248 -83.67 -4.68 30.11
C ALA H 248 -83.87 -3.23 30.52
N HIS H 249 -83.26 -2.29 29.80
CA HIS H 249 -83.38 -0.88 30.16
C HIS H 249 -84.82 -0.41 30.11
N LYS H 250 -85.62 -0.95 29.18
CA LYS H 250 -87.02 -0.57 29.11
C LYS H 250 -87.75 -0.94 30.40
N LEU H 251 -87.50 -2.15 30.91
CA LEU H 251 -88.18 -2.58 32.12
C LEU H 251 -87.83 -1.69 33.30
N PHE H 252 -86.54 -1.36 33.47
CA PHE H 252 -86.15 -0.49 34.57
C PHE H 252 -86.82 0.87 34.46
N ASP H 253 -87.09 1.33 33.24
CA ASP H 253 -87.76 2.62 33.06
C ASP H 253 -89.16 2.62 33.68
N LEU H 254 -89.81 1.46 33.74
CA LEU H 254 -91.16 1.40 34.30
C LEU H 254 -91.16 1.72 35.78
N VAL H 255 -90.06 1.44 36.49
CA VAL H 255 -89.96 1.73 37.92
C VAL H 255 -89.54 3.19 38.04
N LYS H 256 -90.53 4.07 38.04
CA LYS H 256 -90.30 5.52 38.06
C LYS H 256 -90.30 5.99 39.51
N VAL H 257 -89.12 6.37 40.00
CA VAL H 257 -88.99 6.92 41.36
C VAL H 257 -89.17 8.42 41.28
N SER H 258 -89.82 8.98 42.30
CA SER H 258 -90.10 10.40 42.34
C SER H 258 -90.25 10.85 43.79
N ARG H 259 -90.11 12.16 43.99
CA ARG H 259 -90.27 12.72 45.33
C ARG H 259 -91.73 13.06 45.59
N ALA H 260 -92.20 12.73 46.79
CA ALA H 260 -93.54 13.11 47.19
C ALA H 260 -93.69 14.63 47.14
N GLU H 261 -94.83 15.08 46.60
CA GLU H 261 -95.05 16.52 46.42
C GLU H 261 -94.99 17.28 47.73
N GLY H 262 -95.27 16.63 48.86
CA GLY H 262 -95.24 17.31 50.14
C GLY H 262 -93.87 17.51 50.74
N SER H 263 -92.87 16.77 50.26
CA SER H 263 -91.52 16.86 50.79
C SER H 263 -90.75 18.00 50.15
N SER H 264 -89.72 18.46 50.85
CA SER H 264 -88.87 19.54 50.37
C SER H 264 -87.50 19.42 51.01
N GLY H 265 -86.49 19.93 50.32
CA GLY H 265 -85.13 19.86 50.81
C GLY H 265 -84.61 18.44 50.81
N PRO H 266 -83.50 18.20 51.51
CA PRO H 266 -82.98 16.83 51.59
C PRO H 266 -83.98 15.91 52.27
N ALA H 267 -84.10 14.69 51.74
CA ALA H 267 -85.07 13.73 52.25
C ALA H 267 -84.46 12.95 53.41
N ARG H 268 -85.27 12.70 54.44
CA ARG H 268 -84.83 11.97 55.63
C ARG H 268 -85.59 10.67 55.84
N SER H 269 -86.55 10.35 54.98
CA SER H 269 -87.39 9.17 55.20
C SER H 269 -87.83 8.61 53.86
N PHE H 270 -88.22 7.33 53.88
CA PHE H 270 -88.75 6.70 52.67
C PHE H 270 -90.03 7.37 52.19
N ALA H 271 -90.81 7.94 53.12
CA ALA H 271 -92.05 8.59 52.74
C ALA H 271 -91.83 9.81 51.86
N ASP H 272 -90.60 10.34 51.84
CA ASP H 272 -90.30 11.49 50.99
C ASP H 272 -90.34 11.16 49.51
N TYR H 273 -90.37 9.88 49.14
CA TYR H 273 -90.34 9.45 47.76
C TYR H 273 -91.60 8.68 47.42
N ALA H 274 -91.98 8.74 46.13
CA ALA H 274 -93.12 8.00 45.61
C ALA H 274 -92.66 7.14 44.44
N VAL H 275 -93.04 5.86 44.48
CA VAL H 275 -92.63 4.89 43.48
C VAL H 275 -93.83 4.49 42.65
N THR H 276 -93.69 4.56 41.33
CA THR H 276 -94.74 4.18 40.40
C THR H 276 -94.22 3.07 39.49
N VAL H 277 -94.97 1.97 39.41
CA VAL H 277 -94.62 0.84 38.56
C VAL H 277 -95.61 0.76 37.42
N GLY H 278 -95.10 0.76 36.19
CA GLY H 278 -95.93 0.77 35.01
C GLY H 278 -96.31 -0.63 34.55
N GLN H 279 -96.80 -0.70 33.32
CA GLN H 279 -97.25 -1.95 32.73
C GLN H 279 -96.11 -2.54 31.91
N ALA H 280 -95.82 -3.82 32.14
CA ALA H 280 -94.78 -4.49 31.38
C ALA H 280 -95.31 -4.96 30.04
N PRO H 281 -94.46 -5.02 29.01
CA PRO H 281 -94.93 -5.47 27.70
C PRO H 281 -95.61 -6.83 27.79
N GLU H 282 -96.36 -7.16 26.73
CA GLU H 282 -97.13 -8.39 26.73
C GLU H 282 -96.28 -9.63 26.94
N GLY H 283 -95.01 -9.58 26.55
CA GLY H 283 -94.12 -10.72 26.73
C GLY H 283 -93.52 -10.86 28.11
N VAL H 284 -93.82 -9.95 29.03
CA VAL H 284 -93.26 -9.97 30.38
C VAL H 284 -94.40 -9.77 31.37
N GLU H 285 -94.40 -10.57 32.43
CA GLU H 285 -95.32 -10.42 33.55
C GLU H 285 -94.62 -9.72 34.70
N VAL H 286 -95.40 -9.14 35.59
CA VAL H 286 -94.90 -8.35 36.71
C VAL H 286 -95.38 -8.99 38.01
N LYS H 287 -94.44 -9.22 38.93
CA LYS H 287 -94.74 -9.63 40.28
C LYS H 287 -93.99 -8.73 41.25
N GLU H 288 -94.62 -8.43 42.38
CA GLU H 288 -94.07 -7.47 43.34
C GLU H 288 -93.96 -8.15 44.71
N MET H 289 -92.71 -8.40 45.12
CA MET H 289 -92.50 -9.03 46.43
C MET H 289 -92.62 -8.02 47.55
N LEU H 290 -92.16 -6.78 47.34
CA LEU H 290 -92.29 -5.72 48.34
C LEU H 290 -92.78 -4.43 47.70
N LEU I 3 60.28 -22.09 -14.87
CA LEU I 3 59.75 -23.40 -14.39
C LEU I 3 60.47 -24.57 -15.04
N GLN I 4 60.53 -25.69 -14.31
CA GLN I 4 61.09 -26.90 -14.86
C GLN I 4 60.16 -27.58 -15.86
N ALA I 5 58.85 -27.33 -15.75
CA ALA I 5 57.91 -27.93 -16.68
C ALA I 5 58.17 -27.44 -18.11
N LEU I 6 58.38 -26.15 -18.29
CA LEU I 6 58.65 -25.63 -19.63
C LEU I 6 59.93 -26.23 -20.19
N HIS I 7 60.98 -26.32 -19.37
CA HIS I 7 62.22 -26.94 -19.82
C HIS I 7 61.97 -28.37 -20.28
N GLY I 8 61.19 -29.12 -19.50
CA GLY I 8 60.84 -30.47 -19.91
C GLY I 8 60.07 -30.49 -21.21
N TYR I 9 59.20 -29.50 -21.42
CA TYR I 9 58.41 -29.45 -22.65
C TYR I 9 59.32 -29.29 -23.86
N TYR I 10 60.26 -28.36 -23.80
CA TYR I 10 61.19 -28.16 -24.91
C TYR I 10 62.01 -29.43 -25.15
N GLN I 11 62.50 -30.05 -24.08
CA GLN I 11 63.28 -31.27 -24.22
C GLN I 11 62.47 -32.36 -24.92
N ARG I 12 61.16 -32.40 -24.68
CA ARG I 12 60.33 -33.42 -25.29
C ARG I 12 60.02 -33.07 -26.75
N MET I 13 59.63 -31.82 -27.01
CA MET I 13 59.30 -31.44 -28.38
C MET I 13 60.55 -31.31 -29.25
N SER I 14 61.66 -30.84 -28.68
CA SER I 14 62.88 -30.70 -29.46
C SER I 14 63.32 -32.02 -30.06
N ALA I 15 63.01 -33.15 -29.42
CA ALA I 15 63.35 -34.45 -29.98
C ALA I 15 62.61 -34.72 -31.29
N ASP I 16 61.50 -34.02 -31.53
CA ASP I 16 60.76 -34.19 -32.77
C ASP I 16 61.28 -33.19 -33.79
N PRO I 17 61.92 -33.62 -34.88
CA PRO I 17 62.52 -32.65 -35.81
C PRO I 17 61.53 -31.70 -36.44
N ASP I 18 60.30 -32.14 -36.70
CA ASP I 18 59.32 -31.34 -37.41
C ASP I 18 58.54 -30.40 -36.52
N ALA I 19 58.70 -30.50 -35.19
CA ALA I 19 57.90 -29.69 -34.28
C ALA I 19 58.23 -28.20 -34.38
N GLY I 20 59.41 -27.85 -34.88
CA GLY I 20 59.81 -26.47 -35.01
C GLY I 20 60.66 -25.92 -33.89
N MET I 21 61.02 -26.75 -32.91
CA MET I 21 61.87 -26.31 -31.82
C MET I 21 63.30 -26.14 -32.32
N PRO I 22 63.90 -24.95 -32.22
CA PRO I 22 65.31 -24.80 -32.61
C PRO I 22 66.24 -25.33 -31.53
N PRO I 23 67.07 -26.32 -31.84
CA PRO I 23 68.03 -26.80 -30.85
C PRO I 23 68.99 -25.70 -30.42
N TYR I 24 69.44 -25.78 -29.18
CA TYR I 24 70.31 -24.75 -28.63
C TYR I 24 71.61 -24.66 -29.43
N GLY I 25 72.10 -23.44 -29.60
CA GLY I 25 73.38 -23.23 -30.25
C GLY I 25 73.42 -23.69 -31.69
N THR I 26 72.35 -23.44 -32.46
CA THR I 26 72.29 -23.83 -33.86
C THR I 26 71.83 -22.65 -34.69
N SER I 27 72.20 -22.66 -35.97
CA SER I 27 71.89 -21.58 -36.88
C SER I 27 71.54 -22.15 -38.24
N MET I 28 70.89 -21.31 -39.05
CA MET I 28 70.54 -21.68 -40.41
C MET I 28 71.74 -21.43 -41.32
N GLU I 29 72.22 -22.48 -41.97
CA GLU I 29 73.41 -22.38 -42.81
C GLU I 29 73.23 -23.20 -44.08
N ASN I 30 74.08 -22.92 -45.06
CA ASN I 30 73.99 -23.59 -46.35
C ASN I 30 74.59 -24.99 -46.26
N ILE I 31 73.82 -25.98 -46.73
CA ILE I 31 74.27 -27.36 -46.81
C ILE I 31 73.99 -27.86 -48.22
N SER I 32 74.95 -28.60 -48.79
CA SER I 32 74.88 -29.02 -50.18
C SER I 32 74.71 -30.52 -50.33
N PHE I 33 75.61 -31.32 -49.76
CA PHE I 33 75.57 -32.77 -49.91
C PHE I 33 75.50 -33.44 -48.54
N ALA I 34 75.00 -34.67 -48.53
CA ALA I 34 74.87 -35.46 -47.32
C ALA I 34 75.45 -36.84 -47.57
N LEU I 35 76.56 -37.16 -46.91
CA LEU I 35 77.15 -38.48 -47.03
C LEU I 35 76.36 -39.48 -46.18
N VAL I 36 76.02 -40.61 -46.78
CA VAL I 36 75.32 -41.69 -46.10
C VAL I 36 76.30 -42.83 -45.90
N LEU I 37 76.58 -43.16 -44.64
CA LEU I 37 77.58 -44.16 -44.32
C LEU I 37 77.04 -45.08 -43.22
N ASP I 38 77.59 -46.30 -43.19
CA ASP I 38 77.13 -47.32 -42.26
C ASP I 38 77.73 -47.08 -40.87
N ALA I 39 77.35 -47.96 -39.94
CA ALA I 39 77.89 -47.88 -38.57
C ALA I 39 79.38 -48.18 -38.52
N LYS I 40 79.95 -48.74 -39.59
CA LYS I 40 81.36 -49.08 -39.64
C LYS I 40 82.20 -48.00 -40.33
N GLY I 41 81.59 -46.85 -40.65
CA GLY I 41 82.31 -45.75 -41.27
C GLY I 41 82.52 -45.87 -42.76
N THR I 42 81.97 -46.91 -43.39
CA THR I 42 82.15 -47.08 -44.83
C THR I 42 81.10 -46.29 -45.59
N LEU I 43 81.56 -45.49 -46.56
CA LEU I 43 80.65 -44.68 -47.36
C LEU I 43 79.62 -45.59 -48.05
N ARG I 44 78.34 -45.20 -47.96
CA ARG I 44 77.26 -45.96 -48.56
C ARG I 44 76.50 -45.20 -49.63
N GLY I 45 76.60 -43.88 -49.69
CA GLY I 45 75.92 -43.12 -50.72
C GLY I 45 75.97 -41.64 -50.41
N ILE I 46 75.56 -40.85 -51.39
CA ILE I 46 75.53 -39.40 -51.28
C ILE I 46 74.16 -38.93 -51.74
N GLU I 47 73.53 -38.06 -50.96
CA GLU I 47 72.22 -37.49 -51.28
C GLU I 47 72.38 -36.01 -51.60
N ASP I 48 71.88 -35.61 -52.76
CA ASP I 48 71.92 -34.21 -53.19
C ASP I 48 70.72 -33.49 -52.58
N LEU I 49 70.83 -33.19 -51.29
CA LEU I 49 69.78 -32.46 -50.60
C LEU I 49 69.59 -31.05 -51.14
N ARG I 50 70.55 -30.53 -51.91
CA ARG I 50 70.39 -29.21 -52.49
C ARG I 50 69.14 -29.16 -53.37
N GLU I 51 68.41 -28.05 -53.28
CA GLU I 51 67.14 -27.89 -53.97
C GLU I 51 67.31 -27.08 -55.25
N GLN I 52 66.22 -26.91 -55.97
CA GLN I 52 66.20 -26.24 -57.26
C GLN I 52 65.20 -25.08 -57.22
N GLU I 53 65.69 -23.87 -57.51
CA GLU I 53 64.82 -22.71 -57.67
C GLU I 53 64.37 -22.50 -59.10
N GLY I 54 64.89 -23.25 -60.04
CA GLY I 54 64.70 -22.98 -61.46
C GLY I 54 65.78 -22.06 -61.99
N LYS I 55 66.05 -20.98 -61.26
CA LYS I 55 67.16 -20.10 -61.63
C LYS I 55 68.50 -20.81 -61.42
N LYS I 56 68.68 -21.46 -60.27
CA LYS I 56 69.93 -22.12 -59.95
C LYS I 56 69.67 -23.22 -58.93
N LEU I 57 70.64 -24.13 -58.81
CA LEU I 57 70.62 -25.17 -57.80
C LEU I 57 71.34 -24.64 -56.56
N ARG I 58 70.56 -24.25 -55.52
CA ARG I 58 71.20 -23.67 -54.35
C ARG I 58 71.42 -24.72 -53.27
N PRO I 59 72.45 -24.57 -52.45
CA PRO I 59 72.56 -25.43 -51.25
C PRO I 59 71.37 -25.21 -50.33
N ARG I 60 70.90 -26.29 -49.72
CA ARG I 60 69.75 -26.19 -48.84
C ARG I 60 70.11 -25.49 -47.54
N LYS I 61 69.12 -24.85 -46.92
CA LYS I 61 69.28 -24.22 -45.62
C LYS I 61 68.88 -25.21 -44.55
N MET I 62 69.80 -25.53 -43.65
CA MET I 62 69.58 -26.52 -42.60
C MET I 62 70.04 -25.96 -41.27
N LEU I 63 69.37 -26.40 -40.21
CA LEU I 63 69.68 -25.94 -38.85
C LEU I 63 70.83 -26.77 -38.31
N VAL I 64 71.99 -26.16 -38.17
CA VAL I 64 73.23 -26.86 -37.82
C VAL I 64 73.98 -26.07 -36.76
N PRO I 65 74.92 -26.72 -36.08
CA PRO I 65 75.75 -25.99 -35.11
C PRO I 65 76.33 -24.72 -35.71
N ILE I 66 76.34 -23.65 -34.92
CA ILE I 66 76.77 -22.35 -35.41
C ILE I 66 78.20 -22.44 -35.89
N ALA I 67 78.49 -21.80 -37.02
CA ALA I 67 79.82 -21.86 -37.60
C ALA I 67 80.81 -21.05 -36.78
N GLU I 68 82.08 -21.39 -36.93
CA GLU I 68 83.15 -20.69 -36.23
C GLU I 68 83.50 -19.39 -36.96
N LYS I 69 84.24 -18.53 -36.26
CA LYS I 69 84.70 -17.26 -36.82
C LYS I 69 85.95 -17.55 -37.64
N LYS I 70 85.73 -18.06 -38.85
CA LYS I 70 86.84 -18.43 -39.72
C LYS I 70 87.64 -17.19 -40.14
N GLY I 71 88.91 -17.42 -40.42
CA GLY I 71 89.79 -16.37 -40.88
C GLY I 71 90.91 -16.97 -41.70
N ASN I 72 92.08 -16.34 -41.64
CA ASN I 72 93.23 -16.87 -42.35
C ASN I 72 93.62 -18.25 -41.82
N GLY I 73 93.58 -18.43 -40.50
CA GLY I 73 93.88 -19.71 -39.93
C GLY I 73 92.74 -20.70 -40.07
N ILE I 74 93.06 -21.97 -39.82
CA ILE I 74 92.08 -23.04 -39.93
C ILE I 74 91.33 -23.16 -38.62
N LYS I 75 90.00 -23.06 -38.68
CA LYS I 75 89.14 -23.25 -37.51
C LYS I 75 88.12 -24.32 -37.87
N PRO I 76 88.16 -25.50 -37.26
CA PRO I 76 87.26 -26.58 -37.68
C PRO I 76 85.84 -26.34 -37.17
N ASN I 77 84.86 -26.63 -38.02
CA ASN I 77 83.47 -26.63 -37.59
C ASN I 77 83.11 -28.01 -37.03
N PHE I 78 82.10 -28.04 -36.18
CA PHE I 78 81.84 -29.23 -35.38
C PHE I 78 81.59 -30.47 -36.23
N LEU I 79 80.50 -30.48 -37.00
CA LEU I 79 80.10 -31.67 -37.73
C LEU I 79 79.62 -31.37 -39.15
N TRP I 80 79.85 -30.17 -39.66
CA TRP I 80 79.52 -29.84 -41.04
C TRP I 80 80.58 -28.91 -41.58
N GLU I 81 81.24 -29.33 -42.66
CA GLU I 81 82.35 -28.58 -43.23
C GLU I 81 82.50 -28.96 -44.69
N ASN I 82 83.46 -28.31 -45.35
CA ASN I 82 83.78 -28.62 -46.73
C ASN I 82 84.66 -29.87 -46.78
N THR I 83 85.00 -30.30 -48.00
CA THR I 83 85.76 -31.53 -48.18
C THR I 83 87.20 -31.41 -47.70
N SER I 84 87.73 -30.20 -47.58
CA SER I 84 89.09 -30.04 -47.09
C SER I 84 89.24 -30.58 -45.67
N TYR I 85 88.16 -30.58 -44.90
CA TYR I 85 88.20 -31.09 -43.53
C TYR I 85 87.84 -32.58 -43.47
N ILE I 86 86.74 -32.96 -44.13
CA ILE I 86 86.18 -34.30 -43.96
C ILE I 86 86.80 -35.27 -44.94
N LEU I 87 86.61 -35.01 -46.24
CA LEU I 87 87.03 -35.97 -47.26
C LEU I 87 88.53 -36.21 -47.27
N GLY I 88 89.33 -35.27 -46.78
CA GLY I 88 90.76 -35.36 -46.91
C GLY I 88 91.30 -34.88 -48.24
N VAL I 89 90.43 -34.33 -49.10
CA VAL I 89 90.84 -33.77 -50.39
C VAL I 89 90.12 -32.43 -50.57
N ASP I 90 90.64 -31.63 -51.49
CA ASP I 90 90.05 -30.34 -51.81
C ASP I 90 90.23 -30.05 -53.29
N ALA I 91 89.32 -29.24 -53.83
CA ALA I 91 89.38 -28.85 -55.23
C ALA I 91 90.56 -27.92 -55.53
N LYS I 92 91.09 -27.24 -54.52
CA LYS I 92 92.19 -26.30 -54.73
C LYS I 92 93.54 -26.98 -54.84
N GLY I 93 93.64 -28.26 -54.45
CA GLY I 93 94.88 -28.99 -54.59
C GLY I 93 95.91 -28.73 -53.51
N LYS I 94 95.58 -27.91 -52.51
CA LYS I 94 96.50 -27.60 -51.43
C LYS I 94 96.38 -28.71 -50.39
N GLN I 95 97.24 -29.73 -50.51
CA GLN I 95 97.12 -30.91 -49.66
C GLN I 95 97.55 -30.63 -48.23
N GLU I 96 98.48 -29.71 -48.02
CA GLU I 96 98.90 -29.39 -46.65
C GLU I 96 97.75 -28.78 -45.86
N ARG I 97 97.08 -27.79 -46.45
CA ARG I 97 95.93 -27.18 -45.79
C ARG I 97 94.84 -28.23 -45.53
N THR I 98 94.62 -29.12 -46.50
CA THR I 98 93.61 -30.16 -46.34
C THR I 98 93.98 -31.09 -45.19
N ASP I 99 95.25 -31.47 -45.09
CA ASP I 99 95.67 -32.37 -44.01
C ASP I 99 95.52 -31.71 -42.66
N LYS I 100 95.91 -30.43 -42.55
CA LYS I 100 95.73 -29.73 -41.27
C LYS I 100 94.25 -29.62 -40.93
N CYS I 101 93.40 -29.33 -41.92
CA CYS I 101 91.97 -29.24 -41.68
C CYS I 101 91.42 -30.58 -41.20
N HIS I 102 91.84 -31.67 -41.82
CA HIS I 102 91.36 -32.99 -41.41
C HIS I 102 91.82 -33.34 -40.00
N ALA I 103 93.07 -33.02 -39.67
CA ALA I 103 93.57 -33.26 -38.32
C ALA I 103 92.76 -32.48 -37.29
N ALA I 104 92.51 -31.19 -37.57
CA ALA I 104 91.71 -30.39 -36.65
C ALA I 104 90.31 -30.95 -36.52
N PHE I 105 89.72 -31.38 -37.64
CA PHE I 105 88.36 -31.93 -37.61
C PHE I 105 88.31 -33.18 -36.73
N ILE I 106 89.21 -34.14 -36.98
CA ILE I 106 89.20 -35.35 -36.18
C ILE I 106 89.44 -35.03 -34.71
N ALA I 107 90.29 -34.03 -34.42
CA ALA I 107 90.47 -33.61 -33.04
C ALA I 107 89.19 -33.00 -32.49
N HIS I 108 88.48 -32.22 -33.30
CA HIS I 108 87.30 -31.52 -32.81
C HIS I 108 86.19 -32.49 -32.39
N ILE I 109 85.99 -33.58 -33.14
CA ILE I 109 84.88 -34.48 -32.82
C ILE I 109 85.10 -35.14 -31.46
N LYS I 110 86.35 -35.42 -31.12
CA LYS I 110 86.66 -36.12 -29.88
C LYS I 110 86.43 -35.26 -28.63
N ALA I 111 85.93 -34.03 -28.76
CA ALA I 111 85.63 -33.21 -27.60
C ALA I 111 84.60 -33.89 -26.70
N ALA I 116 81.35 -43.11 -26.81
CA ALA I 116 81.33 -44.51 -27.24
C ALA I 116 80.06 -44.83 -28.02
N ASP I 117 79.29 -43.79 -28.35
CA ASP I 117 78.08 -43.99 -29.14
C ASP I 117 78.43 -44.53 -30.51
N GLN I 118 77.51 -45.34 -31.06
CA GLN I 118 77.79 -45.97 -32.35
C GLN I 118 77.86 -44.94 -33.48
N ASP I 119 77.07 -43.88 -33.42
CA ASP I 119 77.10 -42.88 -34.48
C ASP I 119 78.44 -42.15 -34.51
N LEU I 120 78.90 -41.67 -33.35
CA LEU I 120 80.18 -40.95 -33.33
C LEU I 120 81.32 -41.86 -33.76
N ALA I 121 81.33 -43.10 -33.28
CA ALA I 121 82.38 -44.03 -33.68
C ALA I 121 82.34 -44.30 -35.17
N ALA I 122 81.13 -44.49 -35.72
CA ALA I 122 81.00 -44.73 -37.15
C ALA I 122 81.54 -43.57 -37.96
N VAL I 123 81.19 -42.34 -37.57
CA VAL I 123 81.64 -41.18 -38.33
C VAL I 123 83.15 -41.00 -38.19
N LEU I 124 83.71 -41.26 -37.00
CA LEU I 124 85.16 -41.22 -36.86
C LEU I 124 85.82 -42.21 -37.79
N GLN I 125 85.29 -43.44 -37.85
CA GLN I 125 85.88 -44.45 -38.72
C GLN I 125 85.89 -43.99 -40.17
N PHE I 126 84.89 -43.21 -40.59
CA PHE I 126 84.92 -42.63 -41.92
C PHE I 126 86.11 -41.69 -42.09
N LEU I 127 86.37 -40.85 -41.08
CA LEU I 127 87.53 -39.97 -41.13
C LEU I 127 88.84 -40.73 -41.15
N GLU I 128 88.84 -41.97 -40.67
CA GLU I 128 90.05 -42.79 -40.74
C GLU I 128 90.33 -43.23 -42.17
N HIS I 129 89.31 -43.19 -43.04
CA HIS I 129 89.46 -43.61 -44.43
C HIS I 129 89.86 -42.44 -45.34
N GLY I 130 89.13 -41.33 -45.25
CA GLY I 130 89.42 -40.17 -46.06
C GLY I 130 89.36 -40.45 -47.56
N SER I 140 78.68 -38.93 -56.44
CA SER I 140 79.50 -38.45 -57.54
C SER I 140 80.60 -37.53 -57.03
N GLU I 141 81.51 -37.13 -57.93
CA GLU I 141 82.65 -36.31 -57.56
C GLU I 141 82.27 -34.87 -57.24
N GLU I 142 81.02 -34.47 -57.50
CA GLU I 142 80.61 -33.10 -57.27
C GLU I 142 80.63 -32.71 -55.80
N VAL I 143 80.74 -33.68 -54.90
CA VAL I 143 80.78 -33.35 -53.47
C VAL I 143 81.97 -32.45 -53.16
N ILE I 144 83.07 -32.59 -53.91
CA ILE I 144 84.29 -31.87 -53.59
C ILE I 144 84.03 -30.37 -53.66
N GLY I 145 84.48 -29.65 -52.63
CA GLY I 145 84.38 -28.21 -52.59
C GLY I 145 83.11 -27.68 -51.97
N SER I 146 82.09 -28.51 -51.78
CA SER I 146 80.82 -28.07 -51.24
C SER I 146 80.72 -28.36 -49.75
N ASN I 147 79.77 -27.70 -49.09
CA ASN I 147 79.50 -27.94 -47.69
C ASN I 147 78.71 -29.24 -47.55
N ILE I 148 79.18 -30.14 -46.70
CA ILE I 148 78.61 -31.48 -46.58
C ILE I 148 78.33 -31.78 -45.11
N VAL I 149 77.39 -32.70 -44.90
CA VAL I 149 77.01 -33.16 -43.57
C VAL I 149 76.85 -34.67 -43.62
N PHE I 150 76.80 -35.28 -42.44
CA PHE I 150 76.77 -36.74 -42.32
C PHE I 150 75.34 -37.22 -42.11
N ARG I 151 75.13 -38.52 -42.36
CA ARG I 151 73.85 -39.17 -42.15
C ARG I 151 74.09 -40.65 -41.95
N ILE I 152 73.52 -41.21 -40.88
CA ILE I 152 73.71 -42.61 -40.53
C ILE I 152 72.58 -43.43 -41.13
N GLU I 153 72.95 -44.52 -41.80
CA GLU I 153 71.97 -45.40 -42.41
C GLU I 153 71.07 -46.03 -41.34
N GLY I 154 69.82 -46.25 -41.71
CA GLY I 154 68.85 -46.88 -40.82
C GLY I 154 68.26 -45.96 -39.77
N GLU I 155 68.54 -44.66 -39.83
CA GLU I 155 68.00 -43.71 -38.87
C GLU I 155 67.68 -42.41 -39.60
N PRO I 156 66.54 -41.79 -39.31
CA PRO I 156 66.22 -40.50 -39.93
C PRO I 156 67.05 -39.38 -39.31
N GLY I 157 67.00 -38.22 -39.97
CA GLY I 157 67.76 -37.07 -39.50
C GLY I 157 69.22 -37.19 -39.86
N PHE I 158 70.03 -36.41 -39.14
CA PHE I 158 71.47 -36.34 -39.38
C PHE I 158 72.20 -36.51 -38.06
N VAL I 159 73.53 -36.64 -38.15
CA VAL I 159 74.33 -36.92 -36.96
C VAL I 159 74.20 -35.79 -35.96
N HIS I 160 74.26 -34.54 -36.43
CA HIS I 160 74.17 -33.39 -35.52
C HIS I 160 72.79 -33.23 -34.93
N GLU I 161 71.78 -33.92 -35.45
CA GLU I 161 70.45 -33.90 -34.85
C GLU I 161 70.28 -34.96 -33.77
N ARG I 162 71.26 -35.84 -33.58
CA ARG I 162 71.14 -36.90 -32.60
C ARG I 162 71.37 -36.34 -31.19
N PRO I 163 70.77 -36.95 -30.17
CA PRO I 163 70.99 -36.46 -28.79
C PRO I 163 72.44 -36.40 -28.40
N ALA I 164 73.24 -37.39 -28.79
CA ALA I 164 74.65 -37.41 -28.42
C ALA I 164 75.39 -36.20 -29.00
N ALA I 165 75.11 -35.88 -30.25
CA ALA I 165 75.73 -34.70 -30.86
C ALA I 165 75.30 -33.43 -30.14
N ARG I 166 74.02 -33.36 -29.74
CA ARG I 166 73.55 -32.20 -28.99
C ARG I 166 74.31 -32.06 -27.68
N GLN I 167 74.47 -33.16 -26.95
CA GLN I 167 75.20 -33.09 -25.68
C GLN I 167 76.64 -32.68 -25.92
N ALA I 168 77.28 -33.23 -26.95
CA ALA I 168 78.67 -32.89 -27.22
C ALA I 168 78.81 -31.40 -27.54
N TRP I 169 77.92 -30.88 -28.38
CA TRP I 169 77.99 -29.47 -28.75
C TRP I 169 77.71 -28.58 -27.54
N ALA I 170 76.76 -28.98 -26.69
CA ALA I 170 76.49 -28.22 -25.48
C ALA I 170 77.70 -28.19 -24.56
N ASN I 171 78.38 -29.34 -24.42
CA ASN I 171 79.58 -29.38 -23.59
C ASN I 171 80.68 -28.51 -24.19
N CYS I 172 80.82 -28.52 -25.50
CA CYS I 172 81.81 -27.66 -26.15
C CYS I 172 81.51 -26.20 -25.87
N LEU I 173 80.25 -25.79 -25.99
CA LEU I 173 79.89 -24.42 -25.67
C LEU I 173 80.16 -24.09 -24.21
N ASN I 174 79.81 -25.02 -23.31
CA ASN I 174 80.06 -24.80 -21.90
C ASN I 174 81.54 -24.55 -21.62
N ARG I 175 82.41 -25.37 -22.22
CA ARG I 175 83.84 -25.12 -22.09
C ARG I 175 84.19 -23.75 -22.67
N ARG I 176 83.45 -23.36 -23.71
CA ARG I 176 83.56 -21.99 -24.28
C ARG I 176 82.77 -21.12 -23.31
N GLU I 177 83.15 -21.11 -22.02
CA GLU I 177 82.44 -20.36 -20.95
C GLU I 177 82.93 -18.90 -20.93
N GLN I 178 82.08 -17.99 -20.44
CA GLN I 178 82.47 -16.55 -20.36
C GLN I 178 81.99 -15.98 -19.02
N CYS I 181 80.38 -21.85 -13.07
CA CYS I 181 79.29 -21.07 -13.62
C CYS I 181 78.09 -21.07 -12.69
N GLY I 182 78.20 -21.92 -11.64
CA GLY I 182 77.14 -22.04 -10.64
C GLY I 182 76.25 -23.24 -10.88
N GLN I 183 75.23 -23.41 -10.04
CA GLN I 183 74.30 -24.51 -10.14
C GLN I 183 72.98 -24.01 -10.71
N CYS I 184 72.51 -24.65 -11.77
CA CYS I 184 71.23 -24.29 -12.37
C CYS I 184 70.09 -24.76 -11.48
N LEU I 185 69.12 -23.87 -11.26
CA LEU I 185 67.97 -24.20 -10.43
C LEU I 185 66.84 -24.86 -11.22
N ILE I 186 66.99 -25.01 -12.53
CA ILE I 186 65.99 -25.70 -13.34
C ILE I 186 66.36 -27.17 -13.51
N THR I 187 67.60 -27.45 -13.89
CA THR I 187 68.06 -28.82 -14.07
C THR I 187 68.78 -29.36 -12.85
N GLY I 188 69.28 -28.50 -11.96
CA GLY I 188 69.96 -28.94 -10.77
C GLY I 188 71.40 -29.35 -10.97
N GLU I 189 71.93 -29.23 -12.17
CA GLU I 189 73.31 -29.60 -12.42
C GLU I 189 74.26 -28.56 -11.85
N ARG I 190 75.48 -28.98 -11.56
CA ARG I 190 76.51 -28.12 -11.00
C ARG I 190 77.58 -27.86 -12.05
N GLN I 191 78.46 -26.91 -11.74
CA GLN I 191 79.55 -26.52 -12.64
C GLN I 191 79.01 -26.18 -14.02
N LYS I 192 77.90 -25.45 -14.05
CA LYS I 192 77.30 -24.99 -15.28
C LYS I 192 77.45 -23.47 -15.41
N PRO I 193 77.56 -22.95 -16.63
CA PRO I 193 77.66 -21.50 -16.78
C PRO I 193 76.31 -20.82 -16.63
N ILE I 194 76.26 -19.80 -15.78
CA ILE I 194 75.02 -19.13 -15.43
C ILE I 194 74.78 -18.00 -16.42
N ALA I 195 73.54 -17.84 -16.84
CA ALA I 195 73.19 -16.83 -17.83
C ALA I 195 73.16 -15.45 -17.17
N GLN I 196 73.98 -14.53 -17.68
CA GLN I 196 73.95 -13.16 -17.18
C GLN I 196 72.62 -12.51 -17.47
N LEU I 197 72.08 -12.72 -18.67
CA LEU I 197 70.76 -12.27 -19.06
C LEU I 197 70.04 -13.41 -19.78
N HIS I 198 68.73 -13.45 -19.62
CA HIS I 198 67.90 -14.44 -20.29
C HIS I 198 67.50 -13.93 -21.67
N PRO I 199 67.07 -14.83 -22.55
CA PRO I 199 66.42 -14.38 -23.80
C PRO I 199 65.02 -13.87 -23.53
N SER I 200 64.63 -12.85 -24.30
CA SER I 200 63.37 -12.16 -24.05
C SER I 200 62.19 -13.02 -24.52
N ILE I 201 61.00 -12.60 -24.09
CA ILE I 201 59.75 -13.29 -24.38
C ILE I 201 58.88 -12.39 -25.24
N LYS I 202 58.22 -12.99 -26.22
CA LYS I 202 57.37 -12.21 -27.13
C LYS I 202 56.24 -11.54 -26.36
N GLY I 203 55.86 -10.35 -26.81
CA GLY I 203 54.72 -9.67 -26.26
C GLY I 203 53.91 -9.02 -27.36
N GLY I 204 52.59 -8.98 -27.15
CA GLY I 204 51.68 -8.41 -28.12
C GLY I 204 50.78 -9.47 -28.75
N ARG I 205 50.72 -9.48 -30.08
CA ARG I 205 49.79 -10.36 -30.77
C ARG I 205 50.11 -11.83 -30.54
N ASP I 206 51.39 -12.19 -30.58
CA ASP I 206 51.83 -13.57 -30.41
C ASP I 206 52.54 -13.79 -29.08
N GLY I 207 52.42 -12.84 -28.17
CA GLY I 207 52.98 -12.99 -26.84
C GLY I 207 51.90 -12.80 -25.79
N VAL I 208 52.30 -12.46 -24.56
CA VAL I 208 51.32 -12.18 -23.52
C VAL I 208 50.63 -10.87 -23.88
N ARG I 209 49.37 -10.95 -24.30
CA ARG I 209 48.65 -9.77 -24.73
C ARG I 209 48.61 -8.74 -23.61
N GLY I 210 49.00 -7.50 -23.92
CA GLY I 210 49.08 -6.42 -22.97
C GLY I 210 50.50 -5.98 -22.67
N ALA I 211 51.44 -6.92 -22.61
CA ALA I 211 52.82 -6.58 -22.37
C ALA I 211 53.43 -5.91 -23.60
N GLN I 212 54.49 -5.15 -23.37
CA GLN I 212 55.16 -4.47 -24.47
C GLN I 212 55.83 -5.50 -25.37
N ALA I 213 56.45 -5.01 -26.45
CA ALA I 213 56.92 -5.90 -27.51
C ALA I 213 57.86 -6.98 -26.98
N VAL I 214 58.63 -6.69 -25.94
CA VAL I 214 59.58 -7.63 -25.37
C VAL I 214 59.41 -7.64 -23.85
N ALA I 215 59.33 -8.83 -23.28
CA ALA I 215 59.15 -8.99 -21.84
C ALA I 215 60.00 -10.16 -21.37
N SER I 216 60.04 -10.36 -20.05
CA SER I 216 60.87 -11.40 -19.46
C SER I 216 60.28 -11.86 -18.13
N ILE I 217 60.40 -13.17 -17.88
CA ILE I 217 60.03 -13.70 -16.57
C ILE I 217 60.92 -13.12 -15.49
N VAL I 218 62.23 -13.11 -15.73
CA VAL I 218 63.23 -12.70 -14.75
C VAL I 218 63.83 -11.38 -15.19
N SER I 219 63.88 -10.42 -14.27
CA SER I 219 64.44 -9.11 -14.55
C SER I 219 64.84 -8.46 -13.24
N PHE I 220 66.04 -7.89 -13.20
CA PHE I 220 66.57 -7.28 -11.98
C PHE I 220 67.21 -5.94 -12.31
N ASN I 221 66.62 -5.21 -13.25
CA ASN I 221 67.20 -3.94 -13.68
C ASN I 221 67.25 -2.91 -12.58
N ASN I 222 66.38 -3.03 -11.57
CA ASN I 222 66.34 -2.08 -10.46
C ASN I 222 67.02 -2.68 -9.24
N THR I 223 67.68 -1.83 -8.46
CA THR I 223 68.48 -2.31 -7.34
C THR I 223 67.64 -2.95 -6.25
N ALA I 224 66.40 -2.49 -6.07
CA ALA I 224 65.57 -3.05 -5.00
C ALA I 224 65.32 -4.54 -5.18
N PHE I 225 65.42 -5.05 -6.40
CA PHE I 225 65.18 -6.46 -6.64
C PHE I 225 66.43 -7.32 -6.45
N GLU I 226 67.59 -6.70 -6.23
CA GLU I 226 68.81 -7.45 -6.02
C GLU I 226 68.95 -7.86 -4.56
N SER I 227 69.45 -9.07 -4.34
CA SER I 227 69.61 -9.60 -3.00
C SER I 227 70.94 -10.35 -2.89
N TYR I 228 71.57 -10.22 -1.72
CA TYR I 228 72.80 -10.95 -1.41
C TYR I 228 73.94 -10.51 -2.32
N GLY I 229 74.00 -9.21 -2.61
CA GLY I 229 75.09 -8.65 -3.39
C GLY I 229 75.17 -9.13 -4.83
N LYS I 230 74.28 -10.02 -5.26
CA LYS I 230 74.29 -10.47 -6.64
C LYS I 230 73.81 -9.34 -7.55
N GLU I 231 74.18 -9.44 -8.83
CA GLU I 231 73.91 -8.39 -9.80
C GLU I 231 73.22 -8.97 -11.02
N GLN I 232 72.21 -8.27 -11.50
CA GLN I 232 71.49 -8.66 -12.73
C GLN I 232 70.90 -10.05 -12.53
N SER I 233 70.75 -10.82 -13.60
CA SER I 233 70.04 -12.08 -13.55
C SER I 233 70.78 -13.18 -12.80
N ILE I 234 71.96 -12.89 -12.27
CA ILE I 234 72.65 -13.90 -11.45
C ILE I 234 71.87 -14.20 -10.19
N ASN I 235 70.93 -13.33 -9.81
CA ASN I 235 70.10 -13.60 -8.65
C ASN I 235 69.24 -14.85 -8.83
N ALA I 236 69.05 -15.30 -10.07
CA ALA I 236 68.30 -16.51 -10.38
C ALA I 236 69.18 -17.38 -11.26
N PRO I 237 70.13 -18.10 -10.67
CA PRO I 237 71.12 -18.82 -11.48
C PRO I 237 70.52 -19.99 -12.25
N VAL I 238 70.45 -19.86 -13.57
CA VAL I 238 70.02 -20.94 -14.46
C VAL I 238 71.07 -21.12 -15.54
N SER I 239 71.32 -22.36 -15.91
CA SER I 239 72.27 -22.64 -16.97
C SER I 239 71.78 -22.03 -18.28
N GLN I 240 72.74 -21.58 -19.10
CA GLN I 240 72.39 -20.91 -20.35
C GLN I 240 71.47 -21.79 -21.19
N GLU I 241 71.79 -23.08 -21.30
CA GLU I 241 70.96 -23.99 -22.09
C GLU I 241 69.54 -24.03 -21.54
N ALA I 242 69.41 -24.14 -20.22
CA ALA I 242 68.09 -24.19 -19.60
C ALA I 242 67.31 -22.91 -19.87
N ALA I 243 67.97 -21.77 -19.72
CA ALA I 243 67.31 -20.49 -20.00
C ALA I 243 66.78 -20.46 -21.42
N PHE I 244 67.63 -20.78 -22.39
CA PHE I 244 67.21 -20.76 -23.78
C PHE I 244 66.06 -21.73 -24.02
N SER I 245 66.16 -22.94 -23.44
CA SER I 245 65.14 -23.95 -23.69
C SER I 245 63.78 -23.51 -23.15
N TYR I 246 63.73 -23.03 -21.91
CA TYR I 246 62.44 -22.65 -21.35
C TYR I 246 61.87 -21.43 -22.06
N VAL I 247 62.73 -20.47 -22.42
CA VAL I 247 62.23 -19.30 -23.13
C VAL I 247 61.67 -19.69 -24.49
N THR I 248 62.37 -20.56 -25.21
CA THR I 248 61.87 -21.01 -26.51
C THR I 248 60.57 -21.78 -26.36
N ALA I 249 60.46 -22.61 -25.32
CA ALA I 249 59.21 -23.33 -25.11
C ALA I 249 58.05 -22.37 -24.88
N LEU I 250 58.26 -21.37 -24.02
CA LEU I 250 57.19 -20.42 -23.76
C LEU I 250 56.83 -19.64 -25.02
N ASN I 251 57.83 -19.23 -25.79
CA ASN I 251 57.55 -18.49 -27.02
C ASN I 251 56.77 -19.37 -28.00
N TYR I 252 57.15 -20.63 -28.13
CA TYR I 252 56.44 -21.54 -29.02
C TYR I 252 55.00 -21.70 -28.59
N LEU I 253 54.76 -21.84 -27.29
CA LEU I 253 53.39 -21.95 -26.81
C LEU I 253 52.61 -20.67 -27.09
N LEU I 254 53.26 -19.51 -26.93
CA LEU I 254 52.57 -18.23 -27.07
C LEU I 254 52.20 -17.91 -28.51
N ASN I 255 52.69 -18.67 -29.48
CA ASN I 255 52.32 -18.44 -30.88
C ASN I 255 50.92 -18.99 -31.13
N PRO I 256 49.96 -18.18 -31.58
CA PRO I 256 48.61 -18.72 -31.84
C PRO I 256 48.58 -19.78 -32.93
N SER I 257 49.59 -19.84 -33.79
CA SER I 257 49.63 -20.89 -34.80
C SER I 257 49.47 -22.27 -34.18
N ASN I 258 50.12 -22.50 -33.04
CA ASN I 258 49.86 -23.66 -32.21
C ASN I 258 48.56 -23.42 -31.44
N ARG I 259 47.76 -24.46 -31.30
CA ARG I 259 46.44 -24.33 -30.67
C ARG I 259 46.49 -24.43 -29.15
N GLN I 260 47.65 -24.18 -28.54
CA GLN I 260 47.81 -24.34 -27.10
C GLN I 260 47.85 -23.00 -26.36
N LYS I 261 47.02 -22.03 -26.78
CA LYS I 261 46.98 -20.73 -26.15
C LYS I 261 45.54 -20.24 -26.08
N VAL I 262 45.26 -19.44 -25.05
CA VAL I 262 43.95 -18.82 -24.88
C VAL I 262 44.11 -17.60 -24.00
N THR I 263 43.24 -16.62 -24.20
CA THR I 263 43.31 -15.34 -23.49
C THR I 263 42.03 -15.13 -22.69
N ILE I 264 42.18 -14.84 -21.41
CA ILE I 264 41.07 -14.56 -20.51
C ILE I 264 41.39 -13.28 -19.75
N ALA I 265 40.46 -12.33 -19.76
CA ALA I 265 40.63 -11.04 -19.09
C ALA I 265 41.96 -10.45 -19.60
N ASP I 266 42.87 -10.05 -18.72
CA ASP I 266 44.18 -9.58 -19.15
C ASP I 266 45.23 -10.67 -19.18
N ALA I 267 44.92 -11.87 -18.71
CA ALA I 267 45.88 -12.96 -18.60
C ALA I 267 45.74 -13.90 -19.78
N THR I 268 46.88 -14.33 -20.32
CA THR I 268 46.94 -15.31 -21.39
C THR I 268 47.36 -16.65 -20.82
N VAL I 269 46.60 -17.70 -21.11
CA VAL I 269 46.79 -19.01 -20.52
C VAL I 269 47.34 -19.95 -21.60
N VAL I 270 48.40 -20.68 -21.25
CA VAL I 270 49.03 -21.63 -22.14
C VAL I 270 49.07 -22.98 -21.43
N PHE I 271 48.77 -24.04 -22.18
CA PHE I 271 48.66 -25.37 -21.59
C PHE I 271 49.40 -26.39 -22.46
N TRP I 272 49.83 -27.47 -21.82
CA TRP I 272 50.50 -28.56 -22.52
C TRP I 272 50.52 -29.77 -21.61
N ALA I 273 50.87 -30.92 -22.18
CA ALA I 273 50.90 -32.18 -21.46
C ALA I 273 52.32 -32.72 -21.41
N GLU I 274 52.59 -33.55 -20.40
CA GLU I 274 53.92 -34.12 -20.23
C GLU I 274 54.33 -34.98 -21.42
N ARG I 275 53.37 -35.44 -22.22
CA ARG I 275 53.67 -36.16 -23.45
C ARG I 275 52.54 -35.87 -24.43
N SER I 276 52.79 -36.17 -25.70
CA SER I 276 51.78 -35.94 -26.72
C SER I 276 50.48 -36.63 -26.36
N SER I 277 49.39 -35.88 -26.43
CA SER I 277 48.08 -36.40 -26.03
C SER I 277 47.01 -35.63 -26.78
N PRO I 278 45.83 -36.23 -27.02
CA PRO I 278 44.75 -35.49 -27.68
C PRO I 278 44.13 -34.41 -26.81
N ALA I 279 44.42 -34.38 -25.52
CA ALA I 279 43.83 -33.37 -24.65
C ALA I 279 44.25 -31.96 -25.05
N GLU I 280 45.47 -31.81 -25.57
CA GLU I 280 45.96 -30.47 -25.91
C GLU I 280 45.12 -29.79 -26.97
N ASP I 281 44.36 -30.55 -27.77
CA ASP I 281 43.55 -29.99 -28.83
C ASP I 281 42.12 -29.68 -28.40
N ILE I 282 41.69 -30.20 -27.26
CA ILE I 282 40.32 -29.95 -26.79
C ILE I 282 40.29 -28.92 -25.68
N PHE I 283 41.31 -28.89 -24.82
CA PHE I 283 41.29 -27.97 -23.68
C PHE I 283 41.20 -26.52 -24.12
N ALA I 284 41.62 -26.20 -25.34
CA ALA I 284 41.44 -24.86 -25.85
C ALA I 284 39.97 -24.46 -25.90
N GLY I 285 39.06 -25.44 -25.91
CA GLY I 285 37.65 -25.16 -25.95
C GLY I 285 36.91 -25.56 -24.69
N MET I 286 37.56 -26.38 -23.84
CA MET I 286 36.91 -26.80 -22.61
C MET I 286 36.59 -25.62 -21.72
N PHE I 287 37.50 -24.66 -21.61
CA PHE I 287 37.25 -23.41 -20.90
C PHE I 287 37.11 -22.25 -21.88
N ASP I 288 36.68 -22.54 -23.11
CA ASP I 288 36.34 -21.54 -24.11
C ASP I 288 35.48 -22.19 -25.18
N PRO I 289 34.27 -22.63 -24.86
CA PRO I 289 33.49 -23.41 -25.82
C PRO I 289 33.22 -22.60 -27.07
N PRO I 290 33.11 -23.26 -28.24
CA PRO I 290 32.85 -22.57 -29.50
C PRO I 290 31.41 -22.07 -29.61
N ARG I 325 31.68 -32.74 -31.74
CA ARG I 325 32.24 -33.72 -30.81
C ARG I 325 32.56 -33.08 -29.47
N MET I 326 33.13 -31.87 -29.53
CA MET I 326 33.44 -31.15 -28.30
C MET I 326 32.21 -30.97 -27.44
N HIS I 327 31.06 -30.72 -28.08
CA HIS I 327 29.81 -30.60 -27.32
C HIS I 327 29.46 -31.91 -26.62
N ASP I 328 29.65 -33.03 -27.31
CA ASP I 328 29.39 -34.33 -26.69
C ASP I 328 30.32 -34.56 -25.51
N LEU I 329 31.60 -34.22 -25.66
CA LEU I 329 32.54 -34.37 -24.55
C LEU I 329 32.12 -33.52 -23.37
N LEU I 330 31.73 -32.27 -23.61
CA LEU I 330 31.30 -31.41 -22.51
C LEU I 330 30.07 -31.98 -21.83
N VAL I 331 29.10 -32.47 -22.61
CA VAL I 331 27.91 -33.06 -22.03
C VAL I 331 28.27 -34.26 -21.16
N ALA I 332 29.17 -35.11 -21.67
CA ALA I 332 29.56 -36.29 -20.92
C ALA I 332 30.25 -35.93 -19.61
N ILE I 333 31.26 -35.07 -19.67
CA ILE I 333 32.00 -34.74 -18.46
C ILE I 333 31.13 -34.00 -17.45
N ARG I 334 30.19 -33.19 -17.93
CA ARG I 334 29.26 -32.54 -17.01
C ARG I 334 28.42 -33.57 -16.28
N SER I 335 27.95 -34.60 -16.98
CA SER I 335 27.12 -35.62 -16.37
C SER I 335 27.86 -36.49 -15.37
N GLY I 336 29.20 -36.41 -15.34
CA GLY I 336 29.99 -37.25 -14.47
C GLY I 336 30.63 -38.44 -15.14
N LYS I 337 30.39 -38.65 -16.43
CA LYS I 337 30.99 -39.76 -17.14
C LYS I 337 32.49 -39.53 -17.29
N ARG I 338 33.16 -40.50 -17.91
CA ARG I 338 34.57 -40.39 -18.24
C ARG I 338 34.73 -39.99 -19.70
N ALA I 339 35.71 -39.13 -19.97
CA ALA I 339 35.96 -38.68 -21.33
C ALA I 339 36.32 -39.84 -22.25
N THR I 340 36.95 -40.89 -21.70
CA THR I 340 37.32 -42.04 -22.52
C THR I 340 36.10 -42.63 -23.23
N ASP I 341 34.92 -42.51 -22.63
CA ASP I 341 33.72 -43.09 -23.23
C ASP I 341 33.40 -42.43 -24.56
N ILE I 342 33.46 -41.10 -24.64
CA ILE I 342 33.18 -40.40 -25.88
C ILE I 342 34.23 -40.70 -26.94
N MET I 343 35.50 -40.77 -26.55
CA MET I 343 36.56 -41.18 -27.45
C MET I 343 37.66 -41.84 -26.63
N PRO I 344 38.29 -42.92 -27.13
CA PRO I 344 39.13 -43.74 -26.25
C PRO I 344 40.59 -43.33 -26.17
N ASP I 345 41.06 -42.44 -27.05
CA ASP I 345 42.50 -42.18 -27.13
C ASP I 345 43.07 -41.52 -25.89
N MET I 346 42.28 -40.77 -25.13
CA MET I 346 42.82 -40.17 -23.91
C MET I 346 43.40 -41.23 -22.99
N ASP I 347 44.66 -41.04 -22.61
CA ASP I 347 45.25 -41.71 -21.46
C ASP I 347 45.20 -40.73 -20.32
N GLU I 348 44.18 -40.87 -19.45
CA GLU I 348 43.91 -39.86 -18.44
C GLU I 348 45.03 -39.74 -17.41
N SER I 349 45.96 -40.69 -17.36
CA SER I 349 47.07 -40.61 -16.42
C SER I 349 48.12 -39.58 -16.83
N VAL I 350 48.15 -39.18 -18.10
CA VAL I 350 49.08 -38.14 -18.53
C VAL I 350 48.76 -36.85 -17.79
N ARG I 351 49.78 -36.21 -17.23
CA ARG I 351 49.54 -35.03 -16.42
C ARG I 351 49.62 -33.77 -17.26
N PHE I 352 48.76 -32.81 -16.92
CA PHE I 352 48.49 -31.64 -17.73
C PHE I 352 48.93 -30.38 -16.99
N HIS I 353 49.56 -29.47 -17.71
CA HIS I 353 50.06 -28.22 -17.15
C HIS I 353 49.27 -27.05 -17.70
N VAL I 354 48.85 -26.14 -16.82
CA VAL I 354 48.19 -24.90 -17.21
C VAL I 354 48.90 -23.75 -16.53
N LEU I 355 49.27 -22.73 -17.31
CA LEU I 355 50.00 -21.59 -16.81
C LEU I 355 49.28 -20.31 -17.24
N GLY I 356 49.24 -19.33 -16.34
CA GLY I 356 48.59 -18.07 -16.63
C GLY I 356 49.48 -16.88 -16.34
N LEU I 357 49.79 -16.10 -17.37
CA LEU I 357 50.69 -14.96 -17.26
C LEU I 357 49.89 -13.66 -17.36
N SER I 358 50.15 -12.74 -16.44
CA SER I 358 49.54 -11.43 -16.46
C SER I 358 50.60 -10.37 -16.71
N PRO I 359 50.37 -9.42 -17.61
CA PRO I 359 51.45 -8.47 -17.96
C PRO I 359 51.42 -7.18 -17.16
N ASN I 360 52.54 -6.47 -17.19
CA ASN I 360 52.59 -5.07 -16.79
C ASN I 360 53.54 -4.38 -17.78
N ALA I 361 53.99 -3.17 -17.43
CA ALA I 361 54.68 -2.31 -18.39
C ALA I 361 55.63 -3.09 -19.29
N ALA I 362 56.63 -3.74 -18.70
CA ALA I 362 57.64 -4.44 -19.50
C ALA I 362 57.94 -5.84 -19.01
N ARG I 363 57.45 -6.23 -17.83
CA ARG I 363 57.68 -7.57 -17.31
C ARG I 363 56.34 -8.19 -16.97
N LEU I 364 56.25 -9.52 -17.13
CA LEU I 364 55.01 -10.24 -16.96
C LEU I 364 55.13 -11.21 -15.80
N SER I 365 54.03 -11.38 -15.06
CA SER I 365 54.02 -12.13 -13.82
C SER I 365 53.11 -13.34 -13.94
N VAL I 366 53.53 -14.42 -13.28
CA VAL I 366 52.73 -15.64 -13.23
C VAL I 366 51.55 -15.41 -12.28
N ARG I 367 50.35 -15.77 -12.72
CA ARG I 367 49.14 -15.54 -11.95
C ARG I 367 48.59 -16.83 -11.32
N PHE I 368 48.67 -17.95 -12.02
CA PHE I 368 48.27 -19.23 -11.44
C PHE I 368 48.93 -20.35 -12.23
N TRP I 369 48.92 -21.54 -11.65
CA TRP I 369 49.68 -22.67 -12.21
C TRP I 369 49.15 -23.96 -11.61
N GLU I 370 48.67 -24.87 -12.47
CA GLU I 370 48.13 -26.15 -12.03
C GLU I 370 48.80 -27.27 -12.80
N VAL I 371 48.99 -28.41 -12.13
CA VAL I 371 49.73 -29.53 -12.70
C VAL I 371 48.98 -30.85 -12.53
N ASP I 372 47.66 -30.79 -12.38
CA ASP I 372 46.90 -32.02 -12.14
C ASP I 372 46.84 -32.88 -13.39
N THR I 373 46.41 -34.12 -13.21
CA THR I 373 46.32 -35.05 -14.33
C THR I 373 45.14 -34.70 -15.23
N VAL I 374 45.19 -35.21 -16.46
CA VAL I 374 44.14 -34.90 -17.42
C VAL I 374 42.78 -35.36 -16.88
N GLY I 375 42.72 -36.57 -16.36
CA GLY I 375 41.45 -37.08 -15.84
C GLY I 375 40.93 -36.23 -14.70
N HIS I 376 41.80 -35.90 -13.74
CA HIS I 376 41.36 -35.16 -12.56
C HIS I 376 40.84 -33.78 -12.94
N MET I 377 41.59 -33.05 -13.76
CA MET I 377 41.17 -31.70 -14.11
C MET I 377 39.97 -31.72 -15.05
N LEU I 378 39.85 -32.74 -15.90
CA LEU I 378 38.63 -32.87 -16.69
C LEU I 378 37.42 -33.10 -15.80
N ASP I 379 37.57 -33.93 -14.77
CA ASP I 379 36.48 -34.15 -13.83
C ASP I 379 36.13 -32.85 -13.10
N LYS I 380 37.14 -32.08 -12.71
CA LYS I 380 36.88 -30.82 -12.01
C LYS I 380 36.15 -29.83 -12.92
N VAL I 381 36.56 -29.75 -14.19
CA VAL I 381 35.86 -28.87 -15.13
C VAL I 381 34.42 -29.33 -15.33
N GLY I 382 34.22 -30.65 -15.41
CA GLY I 382 32.87 -31.16 -15.52
C GLY I 382 32.02 -30.80 -14.33
N ARG I 383 32.58 -30.89 -13.13
CA ARG I 383 31.86 -30.49 -11.93
C ARG I 383 31.53 -29.01 -11.96
N HIS I 384 32.46 -28.18 -12.42
CA HIS I 384 32.22 -26.76 -12.54
C HIS I 384 31.03 -26.48 -13.46
N TYR I 385 31.05 -27.09 -14.65
CA TYR I 385 29.95 -26.88 -15.59
C TYR I 385 28.63 -27.42 -15.05
N ARG I 386 28.68 -28.53 -14.32
CA ARG I 386 27.48 -29.05 -13.69
C ARG I 386 26.89 -28.04 -12.71
N GLU I 387 27.76 -27.41 -11.93
CA GLU I 387 27.29 -26.40 -10.98
C GLU I 387 26.73 -25.18 -11.69
N LEU I 388 27.31 -24.81 -12.82
CA LEU I 388 26.84 -23.63 -13.55
C LEU I 388 25.51 -23.84 -14.26
N GLU I 389 24.98 -25.06 -14.28
CA GLU I 389 23.83 -25.35 -15.13
C GLU I 389 22.60 -24.55 -14.71
N ILE I 390 21.99 -23.89 -15.70
CA ILE I 390 20.76 -23.13 -15.50
C ILE I 390 19.97 -23.21 -16.80
N ILE I 391 18.65 -23.08 -16.71
CA ILE I 391 17.80 -23.05 -17.90
C ILE I 391 18.15 -21.80 -18.70
N PRO I 392 18.51 -21.91 -19.97
CA PRO I 392 18.86 -20.72 -20.74
C PRO I 392 17.67 -19.79 -20.89
N GLN I 393 17.94 -18.49 -20.87
CA GLN I 393 16.85 -17.51 -21.00
C GLN I 393 16.35 -17.44 -22.44
N PHE I 394 17.25 -17.48 -23.40
CA PHE I 394 16.89 -17.45 -24.82
C PHE I 394 17.59 -18.60 -25.53
N ASN I 395 16.95 -19.09 -26.59
CA ASN I 395 17.46 -20.27 -27.28
C ASN I 395 18.82 -20.03 -27.92
N ASN I 396 19.20 -18.77 -28.17
CA ASN I 396 20.47 -18.48 -28.82
C ASN I 396 21.65 -18.52 -27.88
N GLU I 397 21.41 -18.61 -26.57
CA GLU I 397 22.49 -18.55 -25.59
C GLU I 397 23.22 -19.89 -25.50
N GLN I 398 24.50 -19.80 -25.16
CA GLN I 398 25.34 -21.00 -25.06
C GLN I 398 24.82 -21.90 -23.95
N GLU I 399 24.86 -23.22 -24.20
CA GLU I 399 24.53 -24.18 -23.15
C GLU I 399 25.65 -24.25 -22.12
N PHE I 400 26.90 -24.11 -22.56
CA PHE I 400 28.06 -24.12 -21.68
C PHE I 400 28.70 -22.74 -21.73
N PRO I 401 28.39 -21.85 -20.79
CA PRO I 401 28.90 -20.48 -20.90
C PRO I 401 30.42 -20.43 -20.85
N SER I 402 31.00 -19.61 -21.73
CA SER I 402 32.43 -19.44 -21.75
C SER I 402 32.89 -18.68 -20.50
N LEU I 403 34.08 -19.01 -20.02
CA LEU I 403 34.60 -18.33 -18.83
C LEU I 403 34.77 -16.85 -19.10
N SER I 404 35.28 -16.49 -20.28
CA SER I 404 35.42 -15.08 -20.62
C SER I 404 34.07 -14.38 -20.64
N THR I 405 33.05 -15.03 -21.22
CA THR I 405 31.73 -14.43 -21.25
C THR I 405 31.18 -14.24 -19.83
N LEU I 406 31.37 -15.24 -18.97
CA LEU I 406 30.92 -15.09 -17.58
C LEU I 406 31.61 -13.92 -16.91
N LEU I 407 32.94 -13.83 -17.04
CA LEU I 407 33.66 -12.72 -16.43
C LEU I 407 33.24 -11.39 -17.05
N ARG I 408 33.06 -11.36 -18.37
CA ARG I 408 32.66 -10.13 -19.03
C ARG I 408 31.35 -9.59 -18.48
N GLN I 409 30.44 -10.48 -18.09
CA GLN I 409 29.15 -10.05 -17.56
C GLN I 409 29.27 -9.39 -16.19
N THR I 410 30.42 -9.50 -15.53
CA THR I 410 30.68 -8.78 -14.30
C THR I 410 31.43 -7.48 -14.54
N ALA I 411 31.76 -7.15 -15.79
CA ALA I 411 32.51 -5.95 -16.09
C ALA I 411 31.63 -4.72 -16.00
N VAL I 412 32.29 -3.57 -15.86
CA VAL I 412 31.56 -2.33 -15.56
C VAL I 412 30.52 -2.04 -16.63
N LEU I 413 30.91 -2.14 -17.90
CA LEU I 413 30.00 -1.89 -19.01
C LEU I 413 29.91 -3.10 -19.94
N ASN I 414 30.11 -4.29 -19.39
CA ASN I 414 30.01 -5.54 -20.15
C ASN I 414 30.96 -5.53 -21.35
N LYS I 415 32.19 -5.07 -21.12
CA LYS I 415 33.25 -5.14 -22.11
C LYS I 415 34.49 -5.78 -21.48
N THR I 416 35.37 -6.29 -22.34
CA THR I 416 36.48 -7.11 -21.87
C THR I 416 37.34 -6.36 -20.86
N GLU I 417 37.71 -5.12 -21.18
CA GLU I 417 38.38 -4.30 -20.18
C GLU I 417 37.40 -3.97 -19.06
N ASN I 418 37.95 -3.47 -17.95
CA ASN I 418 37.24 -3.25 -16.70
C ASN I 418 37.03 -4.54 -15.93
N ILE I 419 37.39 -5.69 -16.49
CA ILE I 419 37.34 -6.93 -15.72
C ILE I 419 38.44 -6.90 -14.68
N SER I 420 38.07 -7.11 -13.42
CA SER I 420 39.06 -7.09 -12.36
C SER I 420 39.99 -8.28 -12.54
N PRO I 421 41.30 -8.08 -12.70
CA PRO I 421 42.19 -9.24 -12.90
C PRO I 421 42.12 -10.25 -11.77
N VAL I 422 41.86 -9.80 -10.53
CA VAL I 422 41.84 -10.73 -9.42
C VAL I 422 40.70 -11.74 -9.57
N LEU I 423 39.52 -11.28 -10.00
CA LEU I 423 38.41 -12.21 -10.22
C LEU I 423 38.76 -13.22 -11.30
N ALA I 424 39.38 -12.76 -12.39
CA ALA I 424 39.79 -13.68 -13.44
C ALA I 424 40.78 -14.71 -12.91
N GLY I 425 41.74 -14.28 -12.09
CA GLY I 425 42.66 -15.21 -11.48
C GLY I 425 41.95 -16.22 -10.60
N GLY I 426 40.90 -15.77 -9.92
CA GLY I 426 40.11 -16.68 -9.08
C GLY I 426 39.17 -17.57 -9.85
N LEU I 427 39.07 -17.32 -11.16
CA LEU I 427 38.33 -18.16 -12.11
C LEU I 427 39.47 -18.75 -12.96
N PHE I 428 39.20 -19.71 -13.84
CA PHE I 428 40.37 -20.35 -14.52
C PHE I 428 41.37 -20.66 -13.41
N ARG I 429 40.87 -20.85 -12.18
CA ARG I 429 41.69 -21.20 -10.98
C ARG I 429 40.70 -22.03 -10.19
N ALA I 430 39.72 -21.41 -9.51
CA ALA I 430 38.68 -22.20 -8.88
C ALA I 430 38.03 -23.17 -9.85
N MET I 431 38.01 -22.85 -11.15
CA MET I 431 37.41 -23.74 -12.13
C MET I 431 38.14 -25.07 -12.19
N LEU I 432 39.47 -25.02 -12.36
CA LEU I 432 40.26 -26.21 -12.62
C LEU I 432 40.98 -26.73 -11.39
N THR I 433 40.65 -26.23 -10.20
CA THR I 433 41.17 -26.77 -8.96
C THR I 433 40.10 -27.38 -8.06
N GLY I 434 38.83 -27.04 -8.28
CA GLY I 434 37.76 -27.55 -7.46
C GLY I 434 37.59 -26.85 -6.14
N GLY I 435 38.39 -25.83 -5.85
CA GLY I 435 38.28 -25.12 -4.60
C GLY I 435 37.16 -24.12 -4.63
N PRO I 436 36.91 -23.51 -3.47
CA PRO I 436 35.83 -22.52 -3.39
C PRO I 436 36.08 -21.34 -4.31
N TYR I 437 35.01 -20.82 -4.90
CA TYR I 437 35.12 -19.61 -5.68
C TYR I 437 35.52 -18.45 -4.77
N PRO I 438 36.25 -17.46 -5.30
CA PRO I 438 36.64 -16.33 -4.45
C PRO I 438 35.42 -15.64 -3.88
N GLN I 439 35.50 -15.29 -2.60
CA GLN I 439 34.36 -14.68 -1.93
C GLN I 439 33.96 -13.35 -2.56
N SER I 440 34.85 -12.73 -3.32
CA SER I 440 34.53 -11.48 -4.00
C SER I 440 33.54 -11.66 -5.14
N LEU I 441 33.32 -12.90 -5.58
CA LEU I 441 32.51 -13.13 -6.78
C LEU I 441 31.07 -12.67 -6.58
N LEU I 442 30.42 -13.15 -5.53
CA LEU I 442 29.00 -12.84 -5.35
C LEU I 442 28.74 -11.36 -5.23
N PRO I 443 29.45 -10.60 -4.39
CA PRO I 443 29.23 -9.15 -4.36
C PRO I 443 29.45 -8.50 -5.72
N ALA I 444 30.35 -9.02 -6.55
CA ALA I 444 30.58 -8.43 -7.86
C ALA I 444 29.33 -8.53 -8.73
N VAL I 445 28.75 -9.73 -8.83
CA VAL I 445 27.57 -9.90 -9.67
C VAL I 445 26.39 -9.15 -9.08
N LEU I 446 26.26 -9.14 -7.75
CA LEU I 446 25.17 -8.39 -7.14
C LEU I 446 25.31 -6.90 -7.43
N GLY I 447 26.53 -6.37 -7.36
CA GLY I 447 26.73 -4.97 -7.68
C GLY I 447 26.45 -4.66 -9.14
N ARG I 448 26.80 -5.59 -10.03
CA ARG I 448 26.44 -5.40 -11.43
C ARG I 448 24.94 -5.35 -11.62
N ILE I 449 24.22 -6.24 -10.93
CA ILE I 449 22.76 -6.21 -11.01
C ILE I 449 22.23 -4.88 -10.47
N ARG I 450 22.86 -4.37 -9.41
CA ARG I 450 22.46 -3.07 -8.87
C ARG I 450 22.67 -1.96 -9.89
N ALA I 451 23.80 -1.98 -10.59
CA ALA I 451 24.17 -0.88 -11.48
C ALA I 451 23.59 -1.02 -12.88
N GLU I 452 23.38 -2.23 -13.36
CA GLU I 452 22.88 -2.43 -14.71
C GLU I 452 21.39 -2.10 -14.78
N HIS I 453 20.91 -1.91 -16.00
CA HIS I 453 19.51 -1.59 -16.24
C HIS I 453 19.19 -1.91 -17.70
N ALA I 454 17.92 -1.77 -18.06
CA ALA I 454 17.53 -1.99 -19.45
C ALA I 454 18.30 -1.06 -20.37
N ARG I 455 18.75 -1.61 -21.50
CA ARG I 455 19.62 -0.90 -22.43
C ARG I 455 19.07 -1.05 -23.84
N PRO I 456 17.90 -0.45 -24.12
CA PRO I 456 17.36 -0.53 -25.48
C PRO I 456 18.21 0.18 -26.51
N GLU I 457 19.07 1.10 -26.10
CA GLU I 457 19.98 1.76 -27.04
C GLU I 457 21.03 0.81 -27.60
N ASP I 458 21.14 -0.40 -27.05
CA ASP I 458 22.10 -1.38 -27.54
C ASP I 458 21.76 -1.87 -28.95
N LYS I 459 20.57 -1.54 -29.46
CA LYS I 459 20.12 -1.92 -30.79
C LYS I 459 19.75 -3.40 -30.81
N SER I 460 20.03 -4.12 -29.73
CA SER I 460 19.50 -5.47 -29.58
C SER I 460 18.00 -5.40 -29.41
N ARG I 461 17.28 -6.26 -30.16
CA ARG I 461 15.83 -6.15 -30.20
C ARG I 461 15.22 -6.36 -28.83
N TYR I 462 15.72 -7.33 -28.06
CA TYR I 462 15.17 -7.60 -26.74
C TYR I 462 15.74 -6.62 -25.73
N ARG I 463 14.86 -5.98 -24.97
CA ARG I 463 15.29 -5.13 -23.87
C ARG I 463 16.15 -5.93 -22.91
N LEU I 464 17.42 -5.58 -22.81
CA LEU I 464 18.37 -6.42 -22.09
C LEU I 464 17.88 -6.68 -20.67
N GLU I 465 17.95 -7.94 -20.25
CA GLU I 465 17.58 -8.31 -18.89
C GLU I 465 18.69 -7.94 -17.92
N VAL I 466 18.31 -7.42 -16.76
CA VAL I 466 19.30 -7.10 -15.74
C VAL I 466 19.92 -8.36 -15.15
N VAL I 467 19.10 -9.36 -14.84
CA VAL I 467 19.60 -10.64 -14.34
C VAL I 467 19.62 -11.58 -15.53
N THR I 468 20.74 -11.59 -16.25
CA THR I 468 20.87 -12.39 -17.44
C THR I 468 21.09 -13.86 -17.09
N TYR I 469 21.20 -14.70 -18.12
CA TYR I 469 21.46 -16.11 -17.91
C TYR I 469 22.81 -16.32 -17.25
N TYR I 470 23.83 -15.56 -17.68
CA TYR I 470 25.19 -15.77 -17.19
C TYR I 470 25.31 -15.37 -15.72
N ARG I 471 24.74 -14.22 -15.34
CA ARG I 471 24.81 -13.80 -13.94
C ARG I 471 24.08 -14.78 -13.04
N ALA I 472 22.91 -15.27 -13.46
CA ALA I 472 22.20 -16.26 -12.67
C ALA I 472 23.01 -17.54 -12.54
N ALA I 473 23.66 -17.97 -13.62
CA ALA I 473 24.50 -19.15 -13.55
C ALA I 473 25.64 -18.95 -12.56
N LEU I 474 26.28 -17.79 -12.60
CA LEU I 474 27.36 -17.50 -11.66
C LEU I 474 26.88 -17.55 -10.23
N ILE I 475 25.72 -16.94 -9.96
CA ILE I 475 25.19 -16.93 -8.59
C ILE I 475 24.87 -18.35 -8.14
N LYS I 476 24.28 -19.16 -9.03
CA LYS I 476 23.98 -20.54 -8.66
C LYS I 476 25.26 -21.30 -8.34
N ALA I 477 26.29 -21.13 -9.17
CA ALA I 477 27.54 -21.83 -8.92
C ALA I 477 28.14 -21.43 -7.57
N TYR I 478 28.15 -20.12 -7.29
CA TYR I 478 28.70 -19.67 -6.01
C TYR I 478 27.92 -20.24 -4.84
N LEU I 479 26.59 -20.21 -4.92
CA LEU I 479 25.79 -20.73 -3.82
C LEU I 479 26.02 -22.23 -3.64
N ILE I 480 26.08 -22.98 -4.74
CA ILE I 480 26.27 -24.42 -4.65
C ILE I 480 27.61 -24.75 -4.02
N ARG I 481 28.67 -24.07 -4.45
CA ARG I 481 30.00 -24.40 -3.95
C ARG I 481 30.27 -23.77 -2.59
N ASN I 482 30.29 -22.44 -2.52
CA ASN I 482 30.76 -21.75 -1.33
C ASN I 482 29.80 -21.84 -0.16
N ARG I 483 28.50 -22.02 -0.41
CA ARG I 483 27.51 -22.04 0.64
C ARG I 483 26.82 -23.38 0.82
N LYS I 484 27.03 -24.33 -0.10
CA LYS I 484 26.49 -25.69 0.03
C LYS I 484 24.97 -25.72 -0.03
N LEU I 485 24.34 -24.63 -0.47
CA LEU I 485 22.89 -24.60 -0.57
C LEU I 485 22.43 -25.44 -1.76
N GLU I 486 21.13 -25.75 -1.76
CA GLU I 486 20.51 -26.49 -2.86
C GLU I 486 19.76 -25.49 -3.74
N VAL I 487 20.09 -25.51 -5.04
CA VAL I 487 19.51 -24.58 -6.00
C VAL I 487 19.06 -25.37 -7.22
N PRO I 488 17.79 -25.31 -7.61
CA PRO I 488 17.36 -26.08 -8.79
C PRO I 488 17.82 -25.45 -10.08
N VAL I 489 17.82 -26.26 -11.14
CA VAL I 489 18.18 -25.76 -12.47
C VAL I 489 17.05 -25.00 -13.13
N SER I 490 15.81 -25.19 -12.69
CA SER I 490 14.66 -24.48 -13.21
C SER I 490 13.77 -24.10 -12.03
N LEU I 491 12.59 -23.57 -12.33
CA LEU I 491 11.70 -23.09 -11.28
C LEU I 491 11.25 -24.25 -10.39
N ASP I 492 11.21 -23.99 -9.09
CA ASP I 492 10.77 -24.97 -8.11
C ASP I 492 9.58 -24.40 -7.34
N PRO I 493 8.34 -24.76 -7.71
CA PRO I 493 7.17 -24.18 -7.04
C PRO I 493 6.98 -24.66 -5.61
N ALA I 494 7.70 -25.68 -5.17
CA ALA I 494 7.58 -26.21 -3.82
C ALA I 494 8.72 -25.76 -2.91
N ARG I 495 9.49 -24.76 -3.34
CA ARG I 495 10.68 -24.36 -2.59
C ARG I 495 10.33 -23.85 -1.20
N THR I 496 9.26 -23.04 -1.10
CA THR I 496 8.80 -22.47 0.17
C THR I 496 9.96 -21.89 0.98
N ASP I 497 10.94 -21.30 0.30
CA ASP I 497 12.06 -20.63 0.95
C ASP I 497 11.88 -19.12 0.83
N ARG I 498 12.05 -18.41 1.96
CA ARG I 498 11.65 -17.01 2.00
C ARG I 498 12.36 -16.15 0.97
N PRO I 499 13.69 -16.19 0.84
CA PRO I 499 14.33 -15.39 -0.22
C PRO I 499 13.88 -15.80 -1.61
N TYR I 500 13.76 -17.11 -1.86
CA TYR I 500 13.28 -17.59 -3.15
C TYR I 500 11.86 -17.11 -3.42
N LEU I 501 11.00 -17.17 -2.40
CA LEU I 501 9.63 -16.69 -2.55
C LEU I 501 9.60 -15.21 -2.86
N LEU I 502 10.44 -14.42 -2.19
CA LEU I 502 10.47 -12.99 -2.47
C LEU I 502 10.94 -12.71 -3.89
N GLY I 503 11.92 -13.47 -4.37
CA GLY I 503 12.35 -13.32 -5.75
C GLY I 503 11.23 -13.62 -6.74
N ARG I 504 10.51 -14.72 -6.49
CA ARG I 504 9.38 -15.06 -7.35
C ARG I 504 8.31 -13.96 -7.32
N LEU I 505 8.06 -13.42 -6.13
CA LEU I 505 7.09 -12.34 -6.00
C LEU I 505 7.51 -11.13 -6.80
N PHE I 506 8.80 -10.77 -6.74
CA PHE I 506 9.30 -9.66 -7.53
C PHE I 506 9.09 -9.93 -9.02
N ALA I 507 9.35 -11.16 -9.46
CA ALA I 507 9.16 -11.49 -10.86
C ALA I 507 7.70 -11.31 -11.28
N VAL I 508 6.76 -11.78 -10.46
CA VAL I 508 5.35 -11.68 -10.85
C VAL I 508 4.91 -10.21 -10.85
N LEU I 509 5.40 -9.43 -9.89
CA LEU I 509 5.08 -8.00 -9.90
C LEU I 509 5.59 -7.34 -11.17
N GLU I 510 6.81 -7.70 -11.58
CA GLU I 510 7.36 -7.14 -12.81
C GLU I 510 6.51 -7.52 -14.01
N LYS I 511 6.09 -8.78 -14.09
CA LYS I 511 5.25 -9.21 -15.21
C LYS I 511 3.96 -8.41 -15.24
N ALA I 512 3.34 -8.22 -14.07
CA ALA I 512 2.13 -7.42 -14.02
C ALA I 512 2.40 -6.00 -14.53
N GLN I 513 3.53 -5.42 -14.14
CA GLN I 513 3.85 -4.07 -14.58
C GLN I 513 3.97 -4.00 -16.10
N GLU I 514 4.79 -4.87 -16.69
CA GLU I 514 4.99 -4.77 -18.13
C GLU I 514 3.77 -5.24 -18.92
N ASP I 515 2.81 -5.90 -18.28
CA ASP I 515 1.54 -6.15 -18.96
C ASP I 515 0.62 -4.94 -18.89
N ALA I 516 0.65 -4.22 -17.77
CA ALA I 516 -0.23 -3.06 -17.61
C ALA I 516 0.23 -1.89 -18.46
N VAL I 517 1.54 -1.74 -18.65
CA VAL I 517 2.10 -0.61 -19.37
C VAL I 517 3.00 -1.12 -20.50
N PRO I 518 2.44 -1.53 -21.63
CA PRO I 518 3.27 -2.06 -22.71
C PRO I 518 4.26 -1.02 -23.22
N GLY I 519 5.43 -1.50 -23.62
CA GLY I 519 6.46 -0.61 -24.16
C GLY I 519 6.95 0.41 -23.15
N ALA I 520 7.09 0.01 -21.89
CA ALA I 520 7.55 0.93 -20.86
C ALA I 520 9.06 1.17 -21.01
N ASN I 521 9.47 2.42 -20.76
CA ASN I 521 10.88 2.75 -20.87
C ASN I 521 11.71 1.95 -19.87
N ALA I 522 11.24 1.86 -18.63
CA ALA I 522 11.96 1.14 -17.59
C ALA I 522 10.95 0.48 -16.65
N THR I 523 11.33 -0.69 -16.14
CA THR I 523 10.51 -1.45 -15.20
C THR I 523 11.18 -1.43 -13.83
N ILE I 524 10.51 -2.06 -12.86
CA ILE I 524 11.05 -2.10 -11.51
C ILE I 524 12.38 -2.83 -11.47
N LYS I 525 12.67 -3.68 -12.46
CA LYS I 525 13.96 -4.36 -12.48
C LYS I 525 15.11 -3.38 -12.54
N ASP I 526 14.89 -2.19 -13.10
CA ASP I 526 15.98 -1.23 -13.28
C ASP I 526 16.36 -0.54 -11.98
N ARG I 527 15.41 -0.31 -11.09
CA ARG I 527 15.61 0.55 -9.94
C ARG I 527 15.47 -0.15 -8.60
N TYR I 528 14.41 -0.93 -8.40
CA TYR I 528 14.08 -1.47 -7.09
C TYR I 528 14.61 -2.88 -6.86
N LEU I 529 15.33 -3.45 -7.81
CA LEU I 529 15.85 -4.80 -7.61
C LEU I 529 16.87 -4.83 -6.48
N ALA I 530 17.78 -3.86 -6.45
CA ALA I 530 18.83 -3.85 -5.43
C ALA I 530 18.23 -3.72 -4.04
N SER I 531 17.40 -2.70 -3.84
CA SER I 531 16.82 -2.47 -2.52
C SER I 531 15.86 -3.57 -2.13
N ALA I 532 15.09 -4.08 -3.08
CA ALA I 532 14.18 -5.18 -2.77
C ALA I 532 14.95 -6.41 -2.31
N SER I 533 16.05 -6.75 -2.99
CA SER I 533 16.84 -7.89 -2.56
C SER I 533 17.50 -7.63 -1.21
N ALA I 534 18.02 -6.43 -1.00
CA ALA I 534 18.79 -6.13 0.21
C ALA I 534 17.90 -5.78 1.40
N ASN I 535 16.83 -5.03 1.19
CA ASN I 535 16.00 -4.51 2.27
C ASN I 535 14.53 -4.72 1.92
N PRO I 536 14.07 -5.98 1.92
CA PRO I 536 12.68 -6.24 1.50
C PRO I 536 11.64 -5.52 2.33
N GLY I 537 11.87 -5.34 3.62
CA GLY I 537 10.83 -4.76 4.47
C GLY I 537 10.48 -3.34 4.09
N GLN I 538 11.47 -2.57 3.65
CA GLN I 538 11.30 -1.13 3.44
C GLN I 538 10.78 -0.76 2.06
N VAL I 539 10.67 -1.70 1.13
CA VAL I 539 10.32 -1.35 -0.25
C VAL I 539 9.21 -2.21 -0.84
N PHE I 540 8.85 -3.35 -0.24
CA PHE I 540 7.87 -4.21 -0.90
C PHE I 540 6.45 -3.67 -0.80
N HIS I 541 6.16 -2.82 0.19
CA HIS I 541 4.83 -2.24 0.28
C HIS I 541 4.51 -1.40 -0.95
N MET I 542 5.46 -0.55 -1.37
CA MET I 542 5.22 0.28 -2.54
C MET I 542 5.14 -0.56 -3.81
N LEU I 543 5.96 -1.61 -3.92
CA LEU I 543 5.87 -2.47 -5.07
C LEU I 543 4.51 -3.16 -5.14
N LEU I 544 4.01 -3.63 -4.00
CA LEU I 544 2.70 -4.28 -3.98
C LEU I 544 1.59 -3.29 -4.33
N LYS I 545 1.66 -2.07 -3.81
CA LYS I 545 0.65 -1.07 -4.16
C LYS I 545 0.68 -0.73 -5.64
N ASN I 546 1.88 -0.58 -6.20
CA ASN I 546 1.99 -0.30 -7.63
C ASN I 546 1.45 -1.46 -8.46
N ALA I 547 1.72 -2.69 -8.03
CA ALA I 547 1.17 -3.84 -8.74
C ALA I 547 -0.35 -3.89 -8.62
N SER I 548 -0.88 -3.47 -7.47
CA SER I 548 -2.33 -3.35 -7.35
C SER I 548 -2.88 -2.36 -8.37
N ASN I 549 -2.22 -1.21 -8.52
CA ASN I 549 -2.62 -0.26 -9.53
C ASN I 549 -2.55 -0.88 -10.93
N HIS I 550 -1.48 -1.62 -11.20
CA HIS I 550 -1.31 -2.22 -12.52
C HIS I 550 -2.41 -3.22 -12.82
N THR I 551 -2.71 -4.11 -11.87
CA THR I 551 -3.77 -5.08 -12.08
C THR I 551 -5.13 -4.42 -12.20
N ALA I 552 -5.39 -3.40 -11.40
CA ALA I 552 -6.66 -2.69 -11.52
C ALA I 552 -6.86 -2.16 -12.94
N LYS I 553 -5.83 -1.51 -13.50
CA LYS I 553 -5.92 -1.08 -14.89
C LYS I 553 -6.04 -2.28 -15.82
N LEU I 554 -5.28 -3.33 -15.56
CA LEU I 554 -5.32 -4.52 -16.40
C LEU I 554 -6.67 -5.21 -16.35
N ARG I 555 -7.46 -4.96 -15.30
CA ARG I 555 -8.76 -5.62 -15.18
C ARG I 555 -9.83 -4.89 -16.00
N LYS I 556 -9.84 -3.55 -15.96
CA LYS I 556 -10.80 -2.81 -16.77
C LYS I 556 -10.54 -3.02 -18.25
N ASP I 557 -9.27 -2.93 -18.66
CA ASP I 557 -8.88 -3.10 -20.06
C ASP I 557 -9.02 -4.56 -20.46
N PRO I 558 -8.77 -4.91 -21.72
CA PRO I 558 -8.74 -6.33 -22.09
C PRO I 558 -7.78 -7.11 -21.21
N GLU I 559 -7.87 -8.43 -21.32
CA GLU I 559 -7.16 -9.34 -20.41
C GLU I 559 -7.72 -9.19 -19.00
N ARG I 560 -9.04 -9.31 -18.90
CA ARG I 560 -9.72 -9.08 -17.62
C ARG I 560 -9.38 -10.14 -16.58
N LYS I 561 -8.77 -11.25 -17.01
CA LYS I 561 -8.47 -12.34 -16.08
C LYS I 561 -7.22 -13.08 -16.52
N ALA I 564 -5.08 -10.34 -15.16
CA ALA I 564 -5.04 -9.74 -13.83
C ALA I 564 -5.38 -10.75 -12.75
N ILE I 565 -6.43 -11.55 -12.96
CA ILE I 565 -6.83 -12.52 -11.96
C ILE I 565 -5.71 -13.54 -11.74
N HIS I 566 -5.05 -13.96 -12.82
CA HIS I 566 -3.96 -14.92 -12.68
C HIS I 566 -2.82 -14.36 -11.86
N TYR I 567 -2.45 -13.10 -12.10
CA TYR I 567 -1.38 -12.48 -11.33
C TYR I 567 -1.77 -12.33 -9.87
N GLU I 568 -3.02 -11.96 -9.60
CA GLU I 568 -3.47 -11.88 -8.22
C GLU I 568 -3.40 -13.24 -7.54
N ILE I 569 -3.79 -14.30 -8.26
CA ILE I 569 -3.72 -15.64 -7.69
C ILE I 569 -2.28 -16.02 -7.39
N MET I 570 -1.35 -15.70 -8.29
CA MET I 570 0.05 -16.00 -8.04
C MET I 570 0.56 -15.23 -6.83
N MET I 571 0.21 -13.96 -6.71
CA MET I 571 0.62 -13.20 -5.53
C MET I 571 0.07 -13.84 -4.26
N GLN I 572 -1.19 -14.26 -4.29
CA GLN I 572 -1.76 -14.95 -3.13
C GLN I 572 -0.96 -16.20 -2.80
N GLU I 573 -0.67 -17.03 -3.79
CA GLU I 573 -0.01 -18.29 -3.55
C GLU I 573 1.42 -18.11 -3.04
N ILE I 574 2.09 -17.04 -3.44
CA ILE I 574 3.44 -16.78 -2.96
C ILE I 574 3.43 -16.11 -1.60
N ILE I 575 2.62 -15.07 -1.44
CA ILE I 575 2.57 -14.36 -0.16
C ILE I 575 2.09 -15.29 0.96
N ASP I 576 1.40 -16.37 0.59
CA ASP I 576 0.86 -17.27 1.60
C ASP I 576 1.97 -17.90 2.44
N ASN I 577 3.12 -18.18 1.81
CA ASN I 577 4.21 -18.86 2.50
C ASN I 577 5.12 -17.91 3.27
N ILE I 578 4.83 -16.62 3.27
CA ILE I 578 5.64 -15.61 3.95
C ILE I 578 4.87 -15.11 5.15
N SER I 579 5.53 -15.05 6.30
CA SER I 579 4.89 -14.52 7.51
C SER I 579 5.30 -13.08 7.79
N ASP I 580 6.47 -12.66 7.33
CA ASP I 580 6.93 -11.29 7.52
C ASP I 580 7.95 -10.96 6.45
N PHE I 581 7.97 -9.70 6.03
CA PHE I 581 9.03 -9.22 5.15
C PHE I 581 10.28 -8.96 5.98
N PRO I 582 11.41 -9.61 5.71
CA PRO I 582 12.61 -9.38 6.52
C PRO I 582 13.08 -7.94 6.38
N VAL I 583 13.62 -7.42 7.49
CA VAL I 583 14.17 -6.07 7.47
C VAL I 583 15.43 -6.02 6.61
N THR I 584 16.23 -7.08 6.67
CA THR I 584 17.47 -7.15 5.89
C THR I 584 17.72 -8.60 5.51
N MET I 585 18.55 -8.79 4.48
CA MET I 585 18.93 -10.10 4.01
C MET I 585 20.43 -10.17 3.79
N SER I 586 21.00 -11.35 3.99
CA SER I 586 22.43 -11.56 3.81
C SER I 586 22.77 -11.70 2.33
N SER I 587 24.07 -11.69 2.03
CA SER I 587 24.51 -11.73 0.65
C SER I 587 24.06 -13.01 -0.04
N ASP I 588 24.23 -14.16 0.62
CA ASP I 588 23.75 -15.41 0.04
C ASP I 588 22.23 -15.43 -0.09
N GLU I 589 21.53 -14.83 0.86
CA GLU I 589 20.07 -14.70 0.73
C GLU I 589 19.72 -13.81 -0.46
N GLN I 590 20.50 -12.75 -0.69
CA GLN I 590 20.28 -11.94 -1.88
C GLN I 590 20.50 -12.75 -3.15
N GLY I 591 21.53 -13.61 -3.16
CA GLY I 591 21.74 -14.47 -4.30
C GLY I 591 20.58 -15.41 -4.54
N LEU I 592 20.04 -15.97 -3.46
CA LEU I 592 18.85 -16.82 -3.59
C LEU I 592 17.68 -16.02 -4.15
N PHE I 593 17.51 -14.78 -3.69
CA PHE I 593 16.47 -13.92 -4.22
C PHE I 593 16.63 -13.74 -5.73
N MET I 594 17.86 -13.45 -6.18
CA MET I 594 18.09 -13.25 -7.60
C MET I 594 17.80 -14.52 -8.38
N ILE I 595 18.21 -15.67 -7.85
CA ILE I 595 17.96 -16.93 -8.55
C ILE I 595 16.46 -17.19 -8.66
N GLY I 596 15.73 -16.95 -7.57
CA GLY I 596 14.28 -17.13 -7.63
C GLY I 596 13.62 -16.20 -8.62
N TYR I 597 14.06 -14.94 -8.65
CA TYR I 597 13.53 -13.99 -9.63
C TYR I 597 13.79 -14.47 -11.05
N TYR I 598 15.02 -14.92 -11.31
CA TYR I 598 15.35 -15.41 -12.65
C TYR I 598 14.49 -16.60 -13.03
N HIS I 599 14.33 -17.56 -12.11
CA HIS I 599 13.55 -18.76 -12.41
C HIS I 599 12.09 -18.41 -12.68
N GLN I 600 11.49 -17.56 -11.84
CA GLN I 600 10.10 -17.20 -12.04
C GLN I 600 9.91 -16.43 -13.33
N ARG I 601 10.83 -15.51 -13.64
CA ARG I 601 10.70 -14.73 -14.86
C ARG I 601 10.72 -15.60 -16.10
N LYS I 602 11.61 -16.59 -16.14
CA LYS I 602 11.70 -17.46 -17.31
C LYS I 602 10.42 -18.29 -17.48
N ALA I 603 9.84 -18.73 -16.39
CA ALA I 603 8.62 -19.52 -16.44
C ALA I 603 7.37 -18.70 -16.63
N LEU I 604 7.51 -17.46 -17.08
CA LEU I 604 6.38 -16.54 -17.21
C LEU I 604 6.40 -15.78 -18.53
N PHE I 605 7.35 -16.07 -19.42
CA PHE I 605 7.47 -15.29 -20.66
C PHE I 605 6.24 -15.46 -21.52
N THR I 606 5.83 -16.69 -21.79
CA THR I 606 4.70 -16.98 -22.67
C THR I 606 3.81 -18.05 -22.03
N LYS I 607 3.51 -17.85 -20.73
CA LYS I 607 2.47 -18.66 -20.06
C LYS I 607 1.11 -18.45 -20.73
N LYS I 608 0.79 -17.20 -21.06
CA LYS I 608 -0.49 -16.88 -21.68
C LYS I 608 -0.29 -16.01 -22.92
N VAL J 1 -2.42 -23.94 8.71
CA VAL J 1 -2.37 -23.11 7.48
C VAL J 1 -1.38 -21.96 7.67
N SER J 2 -1.39 -21.01 6.74
CA SER J 2 -0.50 -19.86 6.82
C SER J 2 -1.10 -18.70 7.60
N LEU J 3 -2.40 -18.46 7.46
CA LEU J 3 -3.03 -17.39 8.21
C LEU J 3 -2.93 -17.65 9.71
N ASP J 4 -2.58 -16.61 10.46
CA ASP J 4 -2.44 -16.72 11.91
C ASP J 4 -3.49 -15.83 12.58
N PRO J 5 -4.62 -16.38 13.01
CA PRO J 5 -5.66 -15.53 13.63
C PRO J 5 -5.28 -15.02 15.00
N ALA J 6 -4.13 -15.40 15.55
CA ALA J 6 -3.71 -14.99 16.88
C ALA J 6 -2.59 -13.96 16.87
N ARG J 7 -2.30 -13.36 15.71
CA ARG J 7 -1.20 -12.40 15.63
C ARG J 7 -1.50 -11.15 16.46
N THR J 8 -2.68 -10.56 16.26
CA THR J 8 -3.11 -9.35 16.97
C THR J 8 -2.15 -8.19 16.78
N ASP J 9 -1.53 -8.09 15.61
CA ASP J 9 -0.73 -6.91 15.28
C ASP J 9 -1.60 -5.93 14.49
N ARG J 10 -1.62 -4.67 14.92
CA ARG J 10 -2.57 -3.72 14.35
C ARG J 10 -2.47 -3.65 12.83
N PRO J 11 -1.29 -3.53 12.22
CA PRO J 11 -1.25 -3.58 10.75
C PRO J 11 -1.79 -4.87 10.18
N TYR J 12 -1.46 -6.00 10.82
CA TYR J 12 -1.96 -7.29 10.35
C TYR J 12 -3.48 -7.36 10.44
N LEU J 13 -4.03 -6.91 11.57
CA LEU J 13 -5.49 -6.93 11.73
C LEU J 13 -6.16 -6.01 10.73
N LEU J 14 -5.57 -4.83 10.47
CA LEU J 14 -6.15 -3.93 9.49
C LEU J 14 -6.13 -4.53 8.10
N GLY J 15 -5.04 -5.21 7.75
CA GLY J 15 -5.00 -5.90 6.47
C GLY J 15 -6.07 -6.97 6.36
N ARG J 16 -6.25 -7.77 7.43
CA ARG J 16 -7.29 -8.79 7.42
C ARG J 16 -8.67 -8.15 7.28
N LEU J 17 -8.90 -7.05 8.00
CA LEU J 17 -10.17 -6.35 7.91
C LEU J 17 -10.43 -5.85 6.49
N PHE J 18 -9.39 -5.30 5.87
CA PHE J 18 -9.54 -4.86 4.48
C PHE J 18 -9.89 -6.02 3.56
N ALA J 19 -9.23 -7.16 3.76
CA ALA J 19 -9.54 -8.32 2.92
C ALA J 19 -10.99 -8.76 3.09
N VAL J 20 -11.47 -8.82 4.34
CA VAL J 20 -12.84 -9.29 4.55
C VAL J 20 -13.84 -8.28 4.00
N LEU J 21 -13.55 -6.98 4.13
CA LEU J 21 -14.43 -5.98 3.54
C LEU J 21 -14.49 -6.13 2.03
N GLU J 22 -13.34 -6.35 1.38
CA GLU J 22 -13.35 -6.54 -0.06
C GLU J 22 -14.17 -7.77 -0.44
N LYS J 23 -14.02 -8.86 0.32
CA LYS J 23 -14.78 -10.06 0.01
C LYS J 23 -16.28 -9.81 0.18
N ALA J 24 -16.67 -9.08 1.23
CA ALA J 24 -18.08 -8.78 1.43
C ALA J 24 -18.63 -7.95 0.29
N GLN J 25 -17.88 -6.93 -0.14
CA GLN J 25 -18.34 -6.12 -1.27
C GLN J 25 -18.45 -6.96 -2.54
N GLU J 26 -17.48 -7.84 -2.77
CA GLU J 26 -17.51 -8.68 -3.97
C GLU J 26 -18.73 -9.58 -3.97
N ASP J 27 -19.05 -10.16 -2.80
CA ASP J 27 -20.23 -11.03 -2.72
C ASP J 27 -21.52 -10.24 -2.90
N ALA J 28 -21.64 -9.10 -2.21
CA ALA J 28 -22.89 -8.35 -2.25
C ALA J 28 -23.18 -7.79 -3.63
N VAL J 29 -22.15 -7.35 -4.34
CA VAL J 29 -22.33 -6.68 -5.64
C VAL J 29 -21.47 -7.37 -6.68
N PRO J 30 -21.88 -8.54 -7.19
CA PRO J 30 -21.09 -9.19 -8.24
C PRO J 30 -21.10 -8.40 -9.54
N GLY J 31 -20.05 -8.60 -10.33
CA GLY J 31 -19.94 -7.97 -11.62
C GLY J 31 -19.39 -6.56 -11.62
N ALA J 32 -19.09 -5.99 -10.46
CA ALA J 32 -18.53 -4.66 -10.41
C ALA J 32 -17.14 -4.64 -11.05
N ASN J 33 -16.84 -3.56 -11.76
CA ASN J 33 -15.58 -3.45 -12.47
C ASN J 33 -14.39 -3.33 -11.52
N ALA J 34 -14.54 -2.62 -10.41
CA ALA J 34 -13.44 -2.37 -9.48
C ALA J 34 -13.85 -2.77 -8.08
N THR J 35 -12.92 -3.38 -7.35
CA THR J 35 -13.14 -3.80 -5.99
C THR J 35 -12.55 -2.77 -5.03
N ILE J 36 -12.73 -3.01 -3.73
CA ILE J 36 -12.24 -2.08 -2.72
C ILE J 36 -10.72 -1.97 -2.80
N LYS J 37 -10.03 -3.09 -2.98
CA LYS J 37 -8.57 -3.05 -3.05
C LYS J 37 -8.09 -2.21 -4.22
N ASP J 38 -8.87 -2.13 -5.30
CA ASP J 38 -8.48 -1.31 -6.44
C ASP J 38 -8.72 0.17 -6.18
N ARG J 39 -9.70 0.50 -5.35
CA ARG J 39 -10.08 1.90 -5.15
C ARG J 39 -9.38 2.52 -3.94
N TYR J 40 -9.59 1.96 -2.76
CA TYR J 40 -9.18 2.59 -1.51
C TYR J 40 -7.92 1.99 -0.91
N LEU J 41 -7.18 1.18 -1.65
CA LEU J 41 -5.94 0.63 -1.11
C LEU J 41 -4.94 1.74 -0.80
N ALA J 42 -4.79 2.70 -1.72
CA ALA J 42 -3.84 3.78 -1.50
C ALA J 42 -4.24 4.61 -0.29
N SER J 43 -5.49 5.06 -0.25
CA SER J 43 -5.95 5.87 0.88
C SER J 43 -5.93 5.08 2.18
N ALA J 44 -6.34 3.80 2.12
CA ALA J 44 -6.37 2.99 3.33
C ALA J 44 -4.98 2.84 3.93
N SER J 45 -3.98 2.57 3.10
CA SER J 45 -2.62 2.41 3.59
C SER J 45 -1.97 3.75 3.92
N ALA J 46 -2.46 4.85 3.35
CA ALA J 46 -1.88 6.15 3.64
C ALA J 46 -2.29 6.65 5.02
N ASN J 47 -3.59 6.85 5.23
CA ASN J 47 -4.13 7.29 6.52
C ASN J 47 -5.32 6.40 6.86
N PRO J 48 -5.10 5.25 7.48
CA PRO J 48 -6.22 4.35 7.78
C PRO J 48 -7.31 5.00 8.62
N GLY J 49 -6.93 5.84 9.58
CA GLY J 49 -7.90 6.45 10.47
C GLY J 49 -8.86 7.40 9.79
N GLN J 50 -8.57 7.81 8.56
CA GLN J 50 -9.42 8.75 7.84
C GLN J 50 -10.41 8.09 6.90
N VAL J 51 -10.16 6.85 6.51
CA VAL J 51 -11.00 6.19 5.50
C VAL J 51 -11.59 4.88 5.97
N PHE J 52 -11.05 4.25 7.01
CA PHE J 52 -11.59 2.96 7.42
C PHE J 52 -13.02 3.08 7.91
N HIS J 53 -13.40 4.23 8.48
CA HIS J 53 -14.77 4.37 8.95
C HIS J 53 -15.75 4.28 7.79
N MET J 54 -15.48 4.99 6.68
CA MET J 54 -16.37 4.93 5.54
C MET J 54 -16.29 3.57 4.86
N LEU J 55 -15.12 2.94 4.86
CA LEU J 55 -15.05 1.57 4.36
C LEU J 55 -15.97 0.66 5.15
N LEU J 56 -16.02 0.85 6.48
CA LEU J 56 -16.91 0.05 7.30
C LEU J 56 -18.36 0.37 7.04
N LYS J 57 -18.69 1.63 6.77
CA LYS J 57 -20.07 1.96 6.39
C LYS J 57 -20.47 1.19 5.14
N ASN J 58 -19.61 1.22 4.11
CA ASN J 58 -19.92 0.52 2.87
C ASN J 58 -20.02 -0.99 3.11
N ALA J 59 -19.15 -1.53 3.96
CA ALA J 59 -19.21 -2.96 4.28
C ALA J 59 -20.53 -3.29 4.97
N SER J 60 -20.98 -2.42 5.88
CA SER J 60 -22.26 -2.64 6.52
C SER J 60 -23.39 -2.66 5.50
N ASN J 61 -23.36 -1.72 4.56
CA ASN J 61 -24.38 -1.73 3.50
C ASN J 61 -24.34 -3.03 2.71
N HIS J 62 -23.14 -3.48 2.34
CA HIS J 62 -23.02 -4.70 1.55
C HIS J 62 -23.54 -5.90 2.32
N THR J 63 -23.19 -6.02 3.60
CA THR J 63 -23.72 -7.10 4.42
C THR J 63 -25.23 -7.02 4.54
N ALA J 64 -25.77 -5.81 4.61
CA ALA J 64 -27.23 -5.66 4.63
C ALA J 64 -27.85 -6.21 3.37
N LYS J 65 -27.24 -5.94 2.21
CA LYS J 65 -27.78 -6.46 0.97
C LYS J 65 -27.72 -7.98 0.89
N LEU J 66 -26.82 -8.62 1.64
CA LEU J 66 -26.67 -10.07 1.60
C LEU J 66 -27.56 -10.78 2.61
N ARG J 67 -27.77 -10.18 3.77
CA ARG J 67 -28.54 -10.85 4.82
C ARG J 67 -29.99 -11.09 4.38
N LYS J 68 -30.53 -10.22 3.52
CA LYS J 68 -31.94 -10.35 3.13
C LYS J 68 -32.18 -11.67 2.39
N ASP J 69 -31.29 -12.01 1.46
CA ASP J 69 -31.46 -13.24 0.69
C ASP J 69 -31.38 -14.44 1.62
N PRO J 70 -32.22 -15.47 1.41
CA PRO J 70 -32.18 -16.63 2.32
C PRO J 70 -30.80 -17.26 2.44
N GLU J 71 -29.97 -17.21 1.40
CA GLU J 71 -28.57 -17.63 1.54
C GLU J 71 -27.85 -16.53 2.32
N ARG J 72 -27.48 -16.83 3.56
CA ARG J 72 -26.88 -15.86 4.47
C ARG J 72 -25.50 -16.38 4.86
N LYS J 73 -24.47 -15.84 4.23
CA LYS J 73 -23.11 -16.25 4.54
C LYS J 73 -22.70 -15.75 5.91
N ALA J 76 -23.13 -12.95 4.96
CA ALA J 76 -23.30 -11.66 5.64
C ALA J 76 -22.96 -11.79 7.11
N ILE J 77 -23.64 -12.72 7.78
CA ILE J 77 -23.45 -12.88 9.22
C ILE J 77 -22.03 -13.35 9.52
N HIS J 78 -21.50 -14.24 8.69
CA HIS J 78 -20.13 -14.74 8.87
C HIS J 78 -19.13 -13.59 8.77
N TYR J 79 -19.27 -12.76 7.73
CA TYR J 79 -18.38 -11.62 7.58
C TYR J 79 -18.53 -10.66 8.75
N GLU J 80 -19.76 -10.47 9.23
CA GLU J 80 -19.96 -9.55 10.35
C GLU J 80 -19.24 -10.05 11.59
N ILE J 81 -19.32 -11.36 11.88
CA ILE J 81 -18.60 -11.88 13.03
C ILE J 81 -17.10 -11.72 12.84
N MET J 82 -16.59 -12.03 11.65
CA MET J 82 -15.17 -11.79 11.39
C MET J 82 -14.79 -10.36 11.73
N MET J 83 -15.61 -9.41 11.30
CA MET J 83 -15.32 -8.00 11.58
C MET J 83 -15.35 -7.73 13.08
N GLN J 84 -16.34 -8.26 13.79
CA GLN J 84 -16.34 -8.11 15.25
C GLN J 84 -15.00 -8.55 15.83
N GLU J 85 -14.55 -9.74 15.46
CA GLU J 85 -13.32 -10.26 16.05
C GLU J 85 -12.12 -9.40 15.68
N ILE J 86 -12.02 -8.99 14.42
CA ILE J 86 -10.83 -8.27 13.97
C ILE J 86 -10.73 -6.92 14.68
N ILE J 87 -11.81 -6.13 14.66
CA ILE J 87 -11.79 -4.84 15.35
C ILE J 87 -11.80 -4.97 16.86
N ASP J 88 -12.04 -6.18 17.38
CA ASP J 88 -12.01 -6.37 18.82
C ASP J 88 -10.62 -6.06 19.38
N ASN J 89 -9.58 -6.43 18.64
CA ASN J 89 -8.21 -6.32 19.11
C ASN J 89 -7.57 -4.96 18.80
N ILE J 90 -8.32 -4.03 18.24
CA ILE J 90 -7.82 -2.70 17.91
C ILE J 90 -8.30 -1.72 18.95
N SER J 91 -7.36 -1.01 19.59
CA SER J 91 -7.74 0.05 20.50
C SER J 91 -8.11 1.32 19.75
N ASP J 92 -7.42 1.60 18.65
CA ASP J 92 -7.67 2.78 17.86
C ASP J 92 -7.00 2.64 16.50
N PHE J 93 -7.54 3.34 15.51
CA PHE J 93 -6.95 3.29 14.18
C PHE J 93 -5.64 4.06 14.15
N PRO J 94 -4.65 3.62 13.36
CA PRO J 94 -3.41 4.39 13.26
C PRO J 94 -3.57 5.57 12.33
N VAL J 95 -3.08 6.73 12.77
CA VAL J 95 -3.14 7.92 11.93
C VAL J 95 -2.25 7.74 10.70
N THR J 96 -1.08 7.14 10.88
CA THR J 96 -0.18 6.83 9.77
C THR J 96 0.48 5.49 10.04
N MET J 97 0.91 4.83 8.96
CA MET J 97 1.54 3.53 9.05
C MET J 97 2.91 3.58 8.37
N SER J 98 3.92 3.06 9.07
CA SER J 98 5.27 3.07 8.56
C SER J 98 5.42 2.08 7.40
N SER J 99 6.54 2.18 6.70
CA SER J 99 6.75 1.36 5.51
C SER J 99 6.69 -0.13 5.84
N ASP J 100 7.43 -0.55 6.87
CA ASP J 100 7.35 -1.95 7.29
C ASP J 100 5.96 -2.30 7.78
N GLU J 101 5.30 -1.38 8.48
CA GLU J 101 3.93 -1.62 8.89
C GLU J 101 3.00 -1.78 7.69
N GLN J 102 3.22 -0.99 6.64
CA GLN J 102 2.41 -1.16 5.43
C GLN J 102 2.69 -2.50 4.78
N GLY J 103 3.94 -2.94 4.75
CA GLY J 103 4.24 -4.26 4.24
C GLY J 103 3.52 -5.35 5.01
N LEU J 104 3.52 -5.24 6.34
CA LEU J 104 2.78 -6.20 7.15
C LEU J 104 1.29 -6.11 6.89
N PHE J 105 0.78 -4.90 6.64
CA PHE J 105 -0.62 -4.73 6.28
C PHE J 105 -0.95 -5.51 5.02
N MET J 106 -0.12 -5.39 3.99
CA MET J 106 -0.35 -6.15 2.76
C MET J 106 -0.25 -7.65 3.00
N ILE J 107 0.73 -8.06 3.81
CA ILE J 107 0.86 -9.48 4.12
C ILE J 107 -0.41 -10.01 4.77
N GLY J 108 -0.92 -9.28 5.76
CA GLY J 108 -2.14 -9.72 6.42
C GLY J 108 -3.33 -9.74 5.48
N TYR J 109 -3.44 -8.73 4.63
CA TYR J 109 -4.53 -8.71 3.65
C TYR J 109 -4.49 -9.94 2.77
N TYR J 110 -3.32 -10.25 2.21
CA TYR J 110 -3.23 -11.40 1.33
C TYR J 110 -3.44 -12.72 2.08
N HIS J 111 -3.01 -12.80 3.34
CA HIS J 111 -3.25 -14.00 4.12
C HIS J 111 -4.75 -14.20 4.34
N GLN J 112 -5.46 -13.14 4.75
CA GLN J 112 -6.89 -13.27 5.00
C GLN J 112 -7.64 -13.57 3.72
N ARG J 113 -7.26 -12.92 2.61
CA ARG J 113 -8.00 -13.09 1.37
C ARG J 113 -8.00 -14.53 0.90
N LYS J 114 -6.85 -15.20 0.98
CA LYS J 114 -6.78 -16.60 0.55
C LYS J 114 -7.69 -17.48 1.41
N ALA J 115 -7.74 -17.22 2.72
CA ALA J 115 -8.57 -18.04 3.59
C ALA J 115 -10.03 -17.96 3.18
N LEU J 116 -10.51 -16.76 2.88
CA LEU J 116 -11.91 -16.59 2.48
C LEU J 116 -12.22 -17.18 1.12
N PHE J 117 -11.20 -17.54 0.34
CA PHE J 117 -11.41 -18.19 -0.95
C PHE J 117 -11.53 -19.70 -0.84
N THR J 118 -11.34 -20.25 0.35
CA THR J 118 -11.47 -21.70 0.53
C THR J 118 -12.90 -22.14 0.23
N LYS J 119 -13.02 -23.22 -0.51
CA LYS J 119 -14.33 -23.76 -0.88
C LYS J 119 -15.03 -24.36 0.34
N VAL K 1 -6.78 -6.64 23.85
CA VAL K 1 -7.58 -5.40 23.62
C VAL K 1 -9.03 -5.76 23.39
N SER K 2 -9.93 -5.14 24.16
CA SER K 2 -11.36 -5.39 24.04
C SER K 2 -12.10 -4.17 24.58
N LEU K 3 -13.40 -4.32 24.83
CA LEU K 3 -14.20 -3.21 25.31
C LEU K 3 -13.63 -2.68 26.62
N ASP K 4 -13.44 -1.37 26.68
CA ASP K 4 -12.97 -0.71 27.89
C ASP K 4 -14.08 0.18 28.43
N PRO K 5 -14.79 -0.22 29.50
CA PRO K 5 -15.87 0.62 30.02
C PRO K 5 -15.41 1.99 30.49
N ALA K 6 -14.11 2.16 30.75
CA ALA K 6 -13.59 3.44 31.23
C ALA K 6 -12.85 4.22 30.15
N ARG K 7 -13.22 4.07 28.89
CA ARG K 7 -12.52 4.78 27.82
C ARG K 7 -12.76 6.28 27.89
N THR K 8 -13.98 6.69 28.24
CA THR K 8 -14.37 8.08 28.35
C THR K 8 -13.81 8.94 27.21
N ASP K 9 -13.87 8.44 25.98
CA ASP K 9 -13.62 9.22 24.79
C ASP K 9 -14.95 9.41 24.05
N ARG K 10 -15.33 10.66 23.81
CA ARG K 10 -16.69 10.94 23.36
C ARG K 10 -17.08 10.16 22.11
N PRO K 11 -16.28 10.08 21.04
CA PRO K 11 -16.68 9.22 19.93
C PRO K 11 -16.87 7.77 20.32
N TYR K 12 -15.99 7.26 21.20
CA TYR K 12 -16.12 5.89 21.67
C TYR K 12 -17.43 5.69 22.42
N LEU K 13 -17.77 6.65 23.29
CA LEU K 13 -19.02 6.57 24.03
C LEU K 13 -20.22 6.61 23.09
N LEU K 14 -20.15 7.46 22.07
CA LEU K 14 -21.24 7.52 21.10
C LEU K 14 -21.40 6.20 20.36
N GLY K 15 -20.27 5.58 19.98
CA GLY K 15 -20.36 4.28 19.33
C GLY K 15 -21.00 3.23 20.21
N ARG K 16 -20.58 3.19 21.48
CA ARG K 16 -21.19 2.23 22.41
C ARG K 16 -22.68 2.50 22.58
N LEU K 17 -23.05 3.77 22.69
CA LEU K 17 -24.46 4.13 22.83
C LEU K 17 -25.25 3.66 21.61
N PHE K 18 -24.72 3.86 20.41
CA PHE K 18 -25.41 3.40 19.22
C PHE K 18 -25.54 1.89 19.22
N ALA K 19 -24.51 1.17 19.65
CA ALA K 19 -24.58 -0.28 19.71
C ALA K 19 -25.71 -0.73 20.62
N VAL K 20 -25.79 -0.14 21.82
CA VAL K 20 -26.81 -0.56 22.76
C VAL K 20 -28.20 -0.18 22.27
N LEU K 21 -28.31 0.99 21.62
CA LEU K 21 -29.59 1.38 21.04
C LEU K 21 -30.04 0.38 19.99
N GLU K 22 -29.13 -0.03 19.12
CA GLU K 22 -29.47 -1.01 18.09
C GLU K 22 -29.91 -2.32 18.71
N LYS K 23 -29.19 -2.78 19.73
CA LYS K 23 -29.56 -4.04 20.36
C LYS K 23 -30.95 -3.95 21.00
N ALA K 24 -31.21 -2.85 21.72
CA ALA K 24 -32.53 -2.68 22.34
C ALA K 24 -33.62 -2.65 21.28
N GLN K 25 -33.39 -1.94 20.18
CA GLN K 25 -34.40 -1.85 19.14
C GLN K 25 -34.68 -3.22 18.53
N GLU K 26 -33.63 -3.96 18.16
CA GLU K 26 -33.87 -5.27 17.55
C GLU K 26 -34.45 -6.26 18.54
N ASP K 27 -34.26 -6.03 19.84
CA ASP K 27 -34.95 -6.86 20.83
C ASP K 27 -36.43 -6.50 20.89
N ALA K 28 -36.76 -5.22 20.89
CA ALA K 28 -38.15 -4.80 21.06
C ALA K 28 -38.98 -5.04 19.81
N VAL K 29 -38.41 -4.86 18.63
CA VAL K 29 -39.12 -4.97 17.38
C VAL K 29 -38.42 -6.03 16.53
N PRO K 30 -38.82 -7.29 16.65
CA PRO K 30 -38.18 -8.35 15.86
C PRO K 30 -38.68 -8.39 14.44
N GLY K 31 -37.91 -9.07 13.59
CA GLY K 31 -38.31 -9.32 12.22
C GLY K 31 -38.22 -8.13 11.30
N ALA K 32 -37.63 -7.02 11.73
CA ALA K 32 -37.54 -5.85 10.89
C ALA K 32 -36.74 -6.16 9.63
N ASN K 33 -37.24 -5.70 8.49
CA ASN K 33 -36.51 -5.86 7.24
C ASN K 33 -35.24 -5.02 7.25
N ALA K 34 -35.28 -3.85 7.87
CA ALA K 34 -34.13 -2.95 7.94
C ALA K 34 -33.91 -2.57 9.41
N THR K 35 -32.82 -3.05 9.99
CA THR K 35 -32.48 -2.70 11.35
C THR K 35 -31.98 -1.25 11.41
N ILE K 36 -31.91 -0.71 12.63
CA ILE K 36 -31.54 0.69 12.77
C ILE K 36 -30.09 0.92 12.36
N LYS K 37 -29.23 -0.09 12.48
CA LYS K 37 -27.86 0.07 12.01
C LYS K 37 -27.83 0.39 10.53
N ASP K 38 -28.51 -0.43 9.71
CA ASP K 38 -28.46 -0.23 8.26
C ASP K 38 -28.98 1.16 7.90
N ARG K 39 -30.04 1.60 8.56
CA ARG K 39 -30.67 2.86 8.18
C ARG K 39 -29.86 4.07 8.64
N TYR K 40 -29.37 4.04 9.88
CA TYR K 40 -28.90 5.25 10.55
C TYR K 40 -27.42 5.24 10.90
N LEU K 41 -26.67 4.21 10.51
CA LEU K 41 -25.27 4.15 10.93
C LEU K 41 -24.47 5.34 10.42
N ALA K 42 -24.60 5.66 9.13
CA ALA K 42 -23.81 6.75 8.57
C ALA K 42 -24.21 8.09 9.16
N SER K 43 -25.52 8.36 9.23
CA SER K 43 -25.98 9.63 9.78
C SER K 43 -25.62 9.77 11.25
N ALA K 44 -25.61 8.67 11.99
CA ALA K 44 -25.27 8.73 13.41
C ALA K 44 -23.85 9.25 13.61
N SER K 45 -22.90 8.73 12.84
CA SER K 45 -21.51 9.18 12.98
C SER K 45 -21.31 10.56 12.36
N ALA K 46 -21.94 10.83 11.22
CA ALA K 46 -21.73 12.10 10.53
C ALA K 46 -22.22 13.27 11.37
N ASN K 47 -23.48 13.20 11.83
CA ASN K 47 -24.12 14.29 12.57
C ASN K 47 -24.78 13.71 13.82
N PRO K 48 -23.99 13.35 14.84
CA PRO K 48 -24.60 12.77 16.03
C PRO K 48 -25.64 13.67 16.68
N GLY K 49 -25.42 14.98 16.70
CA GLY K 49 -26.33 15.87 17.41
C GLY K 49 -27.71 15.98 16.81
N GLN K 50 -27.87 15.54 15.56
CA GLN K 50 -29.15 15.69 14.87
C GLN K 50 -30.01 14.43 14.92
N VAL K 51 -29.39 13.26 15.08
CA VAL K 51 -30.11 12.00 14.95
C VAL K 51 -30.09 11.17 16.23
N PHE K 52 -29.15 11.40 17.15
CA PHE K 52 -29.10 10.58 18.35
C PHE K 52 -30.30 10.82 19.25
N HIS K 53 -30.72 12.09 19.40
CA HIS K 53 -31.78 12.38 20.36
C HIS K 53 -33.10 11.72 19.96
N MET K 54 -33.43 11.72 18.67
CA MET K 54 -34.64 11.01 18.24
C MET K 54 -34.47 9.51 18.44
N LEU K 55 -33.28 8.98 18.16
CA LEU K 55 -33.01 7.60 18.51
C LEU K 55 -33.18 7.38 20.00
N LEU K 56 -32.86 8.38 20.82
CA LEU K 56 -32.99 8.23 22.27
C LEU K 56 -34.44 8.17 22.70
N LYS K 57 -35.31 9.02 22.15
CA LYS K 57 -36.71 8.94 22.52
C LYS K 57 -37.33 7.64 22.02
N ASN K 58 -36.94 7.20 20.83
CA ASN K 58 -37.40 5.89 20.35
C ASN K 58 -36.93 4.78 21.28
N ALA K 59 -35.70 4.88 21.77
CA ALA K 59 -35.18 3.88 22.71
C ALA K 59 -35.97 3.91 24.01
N SER K 60 -36.37 5.10 24.46
CA SER K 60 -37.21 5.18 25.65
C SER K 60 -38.53 4.45 25.42
N ASN K 61 -39.12 4.65 24.25
CA ASN K 61 -40.37 3.93 23.92
C ASN K 61 -40.14 2.42 23.92
N HIS K 62 -39.04 1.97 23.31
CA HIS K 62 -38.73 0.54 23.32
C HIS K 62 -38.52 0.01 24.72
N THR K 63 -37.83 0.77 25.57
CA THR K 63 -37.61 0.32 26.94
C THR K 63 -38.92 0.19 27.70
N ALA K 64 -39.82 1.17 27.54
CA ALA K 64 -41.12 1.06 28.17
C ALA K 64 -41.87 -0.17 27.68
N LYS K 65 -41.87 -0.39 26.37
CA LYS K 65 -42.56 -1.54 25.82
C LYS K 65 -42.00 -2.85 26.38
N LEU K 66 -40.67 -2.99 26.38
CA LEU K 66 -40.07 -4.23 26.87
C LEU K 66 -40.33 -4.42 28.35
N ARG K 67 -40.25 -3.34 29.14
CA ARG K 67 -40.53 -3.43 30.56
C ARG K 67 -41.99 -3.79 30.82
N LYS K 68 -42.90 -3.47 29.89
CA LYS K 68 -44.29 -3.84 30.09
C LYS K 68 -44.45 -5.35 30.16
N ASP K 69 -43.77 -6.09 29.31
CA ASP K 69 -43.85 -7.54 29.31
C ASP K 69 -43.09 -8.12 30.50
N PRO K 70 -43.42 -9.34 30.93
CA PRO K 70 -42.73 -9.93 32.09
C PRO K 70 -41.23 -10.10 31.89
N GLU K 71 -40.78 -10.39 30.68
CA GLU K 71 -39.37 -10.64 30.44
C GLU K 71 -38.56 -9.35 30.62
N ARG K 72 -37.27 -9.51 30.94
CA ARG K 72 -36.35 -8.40 31.08
C ARG K 72 -35.03 -8.73 30.40
N LYS K 73 -34.40 -7.71 29.83
CA LYS K 73 -33.01 -7.80 29.38
C LYS K 73 -32.11 -6.99 30.31
N ALA K 76 -35.88 -4.85 29.80
CA ALA K 76 -34.87 -4.02 29.17
C ALA K 76 -34.13 -3.19 30.21
N ILE K 77 -34.18 -3.64 31.46
CA ILE K 77 -33.60 -2.86 32.56
C ILE K 77 -32.11 -2.69 32.34
N HIS K 78 -31.42 -3.78 32.02
CA HIS K 78 -29.98 -3.70 31.81
C HIS K 78 -29.66 -2.74 30.67
N TYR K 79 -30.45 -2.77 29.60
CA TYR K 79 -30.22 -1.88 28.48
C TYR K 79 -30.42 -0.41 28.86
N GLU K 80 -31.47 -0.10 29.62
CA GLU K 80 -31.69 1.31 29.90
C GLU K 80 -30.67 1.83 30.88
N ILE K 81 -30.21 1.00 31.83
CA ILE K 81 -29.17 1.46 32.73
C ILE K 81 -27.86 1.65 31.97
N MET K 82 -27.55 0.76 31.02
CA MET K 82 -26.42 0.99 30.14
C MET K 82 -26.53 2.33 29.44
N MET K 83 -27.70 2.60 28.84
CA MET K 83 -27.88 3.84 28.10
C MET K 83 -27.68 5.05 28.99
N GLN K 84 -28.30 5.02 30.18
CA GLN K 84 -28.17 6.15 31.10
C GLN K 84 -26.72 6.36 31.51
N GLU K 85 -26.02 5.27 31.84
CA GLU K 85 -24.64 5.36 32.27
C GLU K 85 -23.77 5.98 31.17
N ILE K 86 -23.96 5.53 29.93
CA ILE K 86 -23.19 6.11 28.83
C ILE K 86 -23.56 7.57 28.64
N ILE K 87 -24.84 7.92 28.83
CA ILE K 87 -25.27 9.29 28.61
C ILE K 87 -24.63 10.23 29.62
N ASP K 88 -24.52 9.82 30.89
CA ASP K 88 -23.93 10.72 31.88
C ASP K 88 -22.54 11.19 31.43
N ASN K 89 -21.72 10.27 30.92
CA ASN K 89 -20.35 10.62 30.59
C ASN K 89 -20.28 11.55 29.38
N ILE K 90 -21.25 11.46 28.47
CA ILE K 90 -21.27 12.32 27.28
C ILE K 90 -21.71 13.71 27.72
N SER K 91 -20.80 14.68 27.64
CA SER K 91 -21.15 16.04 28.01
C SER K 91 -22.22 16.60 27.09
N ASP K 92 -22.10 16.35 25.79
CA ASP K 92 -23.07 16.85 24.81
C ASP K 92 -22.81 16.15 23.49
N PHE K 93 -23.82 16.15 22.64
CA PHE K 93 -23.72 15.47 21.34
C PHE K 93 -23.14 16.42 20.30
N PRO K 94 -21.99 16.11 19.69
CA PRO K 94 -21.41 17.03 18.71
C PRO K 94 -22.32 17.19 17.50
N VAL K 95 -22.28 18.39 16.90
CA VAL K 95 -23.02 18.63 15.67
C VAL K 95 -22.37 17.87 14.52
N THR K 96 -21.04 17.85 14.47
CA THR K 96 -20.29 17.12 13.45
C THR K 96 -19.01 16.60 14.05
N MET K 97 -18.49 15.52 13.47
CA MET K 97 -17.29 14.85 13.95
C MET K 97 -16.29 14.67 12.83
N SER K 98 -15.01 14.76 13.17
CA SER K 98 -13.95 14.56 12.19
C SER K 98 -13.86 13.09 11.81
N SER K 99 -13.16 12.82 10.70
CA SER K 99 -13.08 11.47 10.17
C SER K 99 -12.43 10.51 11.16
N ASP K 100 -11.34 10.95 11.80
CA ASP K 100 -10.70 10.09 12.81
C ASP K 100 -11.65 9.85 13.97
N GLU K 101 -12.39 10.88 14.39
CA GLU K 101 -13.39 10.68 15.42
C GLU K 101 -14.42 9.65 15.00
N GLN K 102 -14.81 9.66 13.72
CA GLN K 102 -15.78 8.67 13.24
C GLN K 102 -15.19 7.27 13.22
N GLY K 103 -13.90 7.14 12.90
CA GLY K 103 -13.27 5.83 13.00
C GLY K 103 -13.25 5.32 14.43
N LEU K 104 -12.94 6.19 15.38
CA LEU K 104 -13.00 5.80 16.78
C LEU K 104 -14.43 5.43 17.18
N PHE K 105 -15.41 6.15 16.64
CA PHE K 105 -16.81 5.83 16.89
C PHE K 105 -17.13 4.42 16.41
N MET K 106 -16.69 4.08 15.20
CA MET K 106 -16.94 2.73 14.68
C MET K 106 -16.27 1.68 15.55
N ILE K 107 -15.03 1.94 15.98
CA ILE K 107 -14.34 1.00 16.84
C ILE K 107 -15.15 0.77 18.13
N GLY K 108 -15.59 1.85 18.75
CA GLY K 108 -16.37 1.73 19.97
C GLY K 108 -17.67 0.98 19.74
N TYR K 109 -18.35 1.28 18.63
CA TYR K 109 -19.59 0.59 18.33
C TYR K 109 -19.38 -0.91 18.22
N TYR K 110 -18.35 -1.33 17.49
CA TYR K 110 -18.11 -2.76 17.34
C TYR K 110 -17.71 -3.40 18.67
N HIS K 111 -16.88 -2.72 19.44
CA HIS K 111 -16.50 -3.25 20.75
C HIS K 111 -17.72 -3.47 21.63
N GLN K 112 -18.62 -2.49 21.67
CA GLN K 112 -19.83 -2.64 22.48
C GLN K 112 -20.74 -3.74 21.92
N ARG K 113 -20.84 -3.82 20.60
CA ARG K 113 -21.75 -4.79 20.00
C ARG K 113 -21.31 -6.21 20.31
N LYS K 114 -20.00 -6.47 20.24
CA LYS K 114 -19.52 -7.82 20.52
C LYS K 114 -19.89 -8.24 21.95
N ALA K 115 -19.74 -7.33 22.91
CA ALA K 115 -19.99 -7.68 24.31
C ALA K 115 -21.44 -8.09 24.52
N LEU K 116 -22.37 -7.40 23.87
CA LEU K 116 -23.79 -7.69 24.08
C LEU K 116 -24.13 -9.12 23.65
N PHE K 117 -23.48 -9.61 22.59
CA PHE K 117 -23.69 -10.99 22.17
C PHE K 117 -23.24 -11.95 23.27
N THR K 118 -22.08 -11.71 23.87
CA THR K 118 -21.49 -12.65 24.80
C THR K 118 -22.44 -12.95 25.95
N LYS K 119 -22.30 -14.17 26.48
CA LYS K 119 -23.14 -14.63 27.58
C LYS K 119 -24.60 -14.66 27.14
N MET M 1 68.41 5.57 -24.28
CA MET M 1 69.44 5.38 -25.34
C MET M 1 70.82 5.76 -24.77
N ILE M 2 71.77 4.81 -24.72
CA ILE M 2 73.15 5.08 -24.24
C ILE M 2 74.10 4.99 -25.44
N ALA M 3 73.61 4.52 -26.59
CA ALA M 3 74.44 4.37 -27.79
C ALA M 3 75.02 5.71 -28.22
N GLN M 4 74.31 6.81 -27.98
CA GLN M 4 74.85 8.13 -28.30
C GLN M 4 75.99 8.51 -27.37
N GLN M 5 75.94 8.09 -26.10
CA GLN M 5 77.02 8.41 -25.17
C GLN M 5 78.30 7.67 -25.56
N HIS M 6 78.20 6.37 -25.83
CA HIS M 6 79.36 5.53 -26.09
C HIS M 6 79.60 5.27 -27.56
N LYS M 7 78.68 5.66 -28.43
CA LYS M 7 78.84 5.53 -29.89
C LYS M 7 79.20 4.08 -30.19
N ASP M 8 80.25 3.80 -30.97
CA ASP M 8 80.61 2.45 -31.36
C ASP M 8 81.59 1.79 -30.40
N THR M 9 81.92 2.44 -29.28
CA THR M 9 82.86 1.88 -28.34
C THR M 9 82.32 0.59 -27.73
N VAL M 10 83.23 -0.30 -27.34
CA VAL M 10 82.82 -1.57 -26.76
C VAL M 10 82.17 -1.38 -25.40
N ALA M 11 82.56 -0.32 -24.68
CA ALA M 11 82.00 -0.09 -23.35
C ALA M 11 80.48 0.11 -23.39
N ALA M 12 79.94 0.44 -24.56
CA ALA M 12 78.49 0.46 -24.71
C ALA M 12 77.90 -0.91 -24.40
N CYS M 13 78.59 -1.97 -24.83
CA CYS M 13 78.15 -3.32 -24.49
C CYS M 13 78.08 -3.52 -22.99
N GLU M 14 79.14 -3.12 -22.28
CA GLU M 14 79.16 -3.27 -20.83
C GLU M 14 78.01 -2.51 -20.19
N ALA M 15 77.82 -1.25 -20.58
CA ALA M 15 76.76 -0.45 -19.97
C ALA M 15 75.39 -1.08 -20.23
N ALA M 16 75.13 -1.44 -21.48
CA ALA M 16 73.83 -2.03 -21.83
C ALA M 16 73.59 -3.30 -21.04
N GLU M 17 74.53 -4.24 -21.06
CA GLU M 17 74.34 -5.49 -20.35
C GLU M 17 74.21 -5.25 -18.85
N ALA M 18 74.78 -4.16 -18.33
CA ALA M 18 74.59 -3.83 -16.93
C ALA M 18 73.17 -3.34 -16.66
N ILE M 19 72.58 -2.59 -17.59
CA ILE M 19 71.25 -2.01 -17.36
C ILE M 19 70.16 -2.72 -18.16
N ALA M 20 70.52 -3.56 -19.13
CA ALA M 20 69.53 -4.10 -20.06
C ALA M 20 68.75 -5.25 -19.43
N ILE M 21 67.49 -5.35 -19.82
CA ILE M 21 66.64 -6.52 -19.54
C ILE M 21 66.97 -7.59 -20.58
N ALA M 22 66.34 -8.76 -20.44
CA ALA M 22 66.74 -9.98 -21.14
C ALA M 22 67.31 -9.70 -22.53
N LYS M 23 68.47 -10.31 -22.79
CA LYS M 23 69.21 -10.15 -24.03
C LYS M 23 68.92 -11.31 -24.97
N ASP M 24 68.83 -11.00 -26.26
CA ASP M 24 68.65 -12.00 -27.31
C ASP M 24 69.86 -11.99 -28.24
N GLN M 25 69.94 -13.01 -29.09
CA GLN M 25 71.01 -13.14 -30.05
C GLN M 25 70.45 -13.65 -31.37
N VAL M 26 71.18 -13.42 -32.45
CA VAL M 26 70.84 -13.92 -33.78
C VAL M 26 72.08 -14.54 -34.39
N TRP M 27 71.89 -15.71 -35.01
CA TRP M 27 72.95 -16.37 -35.78
C TRP M 27 72.40 -16.65 -37.18
N ASP M 28 72.53 -15.65 -38.06
CA ASP M 28 72.03 -15.74 -39.44
C ASP M 28 73.02 -14.96 -40.32
N GLY M 29 73.97 -15.69 -40.89
CA GLY M 29 74.98 -15.07 -41.74
C GLY M 29 76.02 -14.27 -41.00
N GLU M 30 75.59 -13.24 -40.27
CA GLU M 30 76.49 -12.40 -39.49
C GLU M 30 76.00 -12.35 -38.05
N GLY M 31 76.91 -12.57 -37.11
CA GLY M 31 76.57 -12.59 -35.71
C GLY M 31 75.97 -11.29 -35.22
N TYR M 32 74.83 -11.37 -34.52
CA TYR M 32 74.17 -10.21 -33.95
C TYR M 32 73.73 -10.52 -32.54
N THR M 33 73.91 -9.55 -31.64
CA THR M 33 73.47 -9.66 -30.26
C THR M 33 72.52 -8.51 -29.95
N LYS M 34 71.40 -8.82 -29.32
CA LYS M 34 70.37 -7.83 -29.00
C LYS M 34 70.34 -7.59 -27.51
N TYR M 35 70.41 -6.32 -27.11
CA TYR M 35 70.15 -5.89 -25.74
C TYR M 35 68.86 -5.10 -25.72
N THR M 36 67.86 -5.63 -25.02
CA THR M 36 66.56 -4.99 -24.89
C THR M 36 66.43 -4.33 -23.54
N PHE M 37 65.68 -3.24 -23.50
CA PHE M 37 65.47 -2.46 -22.29
C PHE M 37 63.98 -2.25 -22.11
N ASP M 38 63.62 -1.65 -20.97
CA ASP M 38 62.26 -1.13 -20.83
C ASP M 38 62.05 0.01 -21.82
N ASP M 39 60.84 0.55 -21.84
CA ASP M 39 60.47 1.60 -22.78
C ASP M 39 60.48 1.12 -24.22
N ASN M 40 60.47 -0.21 -24.43
CA ASN M 40 60.39 -0.79 -25.77
C ASN M 40 61.57 -0.33 -26.64
N SER M 41 62.73 -0.18 -26.02
CA SER M 41 63.95 0.23 -26.71
C SER M 41 64.95 -0.92 -26.71
N VAL M 42 65.60 -1.13 -27.85
CA VAL M 42 66.50 -2.25 -28.05
C VAL M 42 67.80 -1.72 -28.64
N LEU M 43 68.93 -2.21 -28.14
CA LEU M 43 70.25 -1.90 -28.68
C LEU M 43 70.84 -3.16 -29.30
N ILE M 44 71.31 -3.05 -30.54
CA ILE M 44 71.81 -4.17 -31.31
C ILE M 44 73.26 -3.90 -31.67
N GLN M 45 74.11 -4.91 -31.50
CA GLN M 45 75.54 -4.76 -31.68
C GLN M 45 76.08 -5.87 -32.56
N SER M 46 77.13 -5.54 -33.31
CA SER M 46 77.85 -6.52 -34.12
C SER M 46 79.24 -5.95 -34.36
N GLY M 47 80.25 -6.56 -33.76
CA GLY M 47 81.55 -5.91 -33.76
C GLY M 47 81.47 -4.58 -33.05
N THR M 48 82.17 -3.58 -33.59
CA THR M 48 82.09 -2.24 -33.02
C THR M 48 80.80 -1.54 -33.41
N THR M 49 80.30 -1.76 -34.62
CA THR M 49 79.12 -1.06 -35.09
C THR M 49 77.88 -1.51 -34.34
N GLN M 50 76.93 -0.59 -34.18
CA GLN M 50 75.69 -0.86 -33.48
C GLN M 50 74.60 0.07 -33.99
N TYR M 51 73.35 -0.29 -33.72
CA TYR M 51 72.21 0.50 -34.15
C TYR M 51 71.16 0.51 -33.04
N ALA M 52 70.58 1.68 -32.80
CA ALA M 52 69.54 1.85 -31.80
C ALA M 52 68.18 1.80 -32.49
N MET M 53 67.23 1.10 -31.87
CA MET M 53 65.92 0.89 -32.46
C MET M 53 64.85 1.18 -31.41
N ASP M 54 63.73 1.74 -31.87
CA ASP M 54 62.55 1.96 -31.04
C ASP M 54 61.43 1.08 -31.55
N ALA M 55 60.74 0.40 -30.64
CA ALA M 55 59.76 -0.61 -31.02
C ALA M 55 58.36 -0.06 -31.20
N ASP M 56 58.17 1.26 -31.10
CA ASP M 56 56.86 1.87 -31.28
C ASP M 56 56.78 2.72 -32.53
N ASP M 57 57.90 2.99 -33.21
CA ASP M 57 57.94 3.79 -34.42
C ASP M 57 58.32 2.91 -35.60
N ALA M 58 57.53 2.98 -36.67
CA ALA M 58 57.79 2.13 -37.83
C ALA M 58 59.17 2.44 -38.42
N ASP M 59 59.50 3.73 -38.57
CA ASP M 59 60.73 4.11 -39.26
C ASP M 59 61.95 3.48 -38.58
N SER M 60 61.95 3.44 -37.25
CA SER M 60 63.07 2.82 -36.55
C SER M 60 63.21 1.35 -36.92
N ILE M 61 62.08 0.64 -37.04
CA ILE M 61 62.14 -0.77 -37.38
C ILE M 61 62.60 -0.95 -38.83
N LYS M 62 62.16 -0.09 -39.74
CA LYS M 62 62.66 -0.17 -41.11
C LYS M 62 64.17 0.06 -41.15
N GLY M 63 64.65 1.08 -40.43
CA GLY M 63 66.08 1.33 -40.38
C GLY M 63 66.85 0.18 -39.78
N TYR M 64 66.28 -0.49 -38.78
CA TYR M 64 66.89 -1.69 -38.22
C TYR M 64 67.02 -2.77 -39.29
N ALA M 65 66.00 -2.90 -40.14
CA ALA M 65 66.11 -3.82 -41.28
C ALA M 65 67.21 -3.38 -42.22
N ASP M 66 67.28 -2.08 -42.53
CA ASP M 66 68.28 -1.60 -43.47
C ASP M 66 69.69 -1.74 -42.92
N TRP M 67 69.88 -1.54 -41.62
CA TRP M 67 71.20 -1.64 -41.02
C TRP M 67 71.69 -3.09 -40.95
N LEU M 68 70.79 -4.06 -41.08
CA LEU M 68 71.19 -5.46 -41.02
C LEU M 68 71.69 -5.93 -42.39
N ASP M 69 72.40 -7.07 -42.37
CA ASP M 69 72.82 -7.70 -43.60
C ASP M 69 71.64 -8.36 -44.30
N ASP M 70 71.78 -8.58 -45.60
CA ASP M 70 70.66 -9.05 -46.41
C ASP M 70 70.12 -10.38 -45.89
N GLU M 71 70.99 -11.36 -45.70
CA GLU M 71 70.51 -12.68 -45.28
C GLU M 71 69.85 -12.62 -43.91
N ALA M 72 70.34 -11.76 -43.02
CA ALA M 72 69.69 -11.59 -41.73
C ALA M 72 68.28 -11.05 -41.90
N ARG M 73 68.07 -10.10 -42.82
CA ARG M 73 66.76 -9.52 -43.01
C ARG M 73 65.73 -10.59 -43.32
N SER M 74 66.11 -11.59 -44.11
CA SER M 74 65.18 -12.67 -44.44
C SER M 74 64.77 -13.44 -43.19
N ALA M 75 65.72 -13.75 -42.31
CA ALA M 75 65.40 -14.48 -41.10
C ALA M 75 64.59 -13.63 -40.12
N GLU M 76 64.82 -12.31 -40.13
CA GLU M 76 64.10 -11.38 -39.27
C GLU M 76 62.80 -10.89 -39.89
N ALA M 77 62.42 -11.37 -41.07
CA ALA M 77 61.14 -10.96 -41.64
C ALA M 77 60.00 -11.25 -40.69
N SER M 78 60.08 -12.36 -39.95
CA SER M 78 59.05 -12.68 -38.98
C SER M 78 59.06 -11.69 -37.82
N GLU M 79 60.24 -11.48 -37.22
CA GLU M 79 60.33 -10.56 -36.10
C GLU M 79 59.99 -9.14 -36.51
N ILE M 80 60.48 -8.71 -37.67
CA ILE M 80 60.23 -7.35 -38.14
C ILE M 80 58.74 -7.12 -38.29
N GLU M 81 58.03 -8.09 -38.87
CA GLU M 81 56.58 -7.97 -39.02
C GLU M 81 55.90 -7.85 -37.65
N ARG M 82 56.46 -8.47 -36.62
CA ARG M 82 55.84 -8.43 -35.30
C ARG M 82 55.86 -7.01 -34.74
N LEU M 83 57.03 -6.37 -34.77
CA LEU M 83 57.12 -5.01 -34.24
C LEU M 83 56.33 -4.02 -35.08
N LEU M 84 56.29 -4.24 -36.40
CA LEU M 84 55.75 -3.22 -37.30
C LEU M 84 54.28 -2.93 -37.06
N GLU M 85 53.51 -3.88 -36.51
CA GLU M 85 52.10 -3.61 -36.26
C GLU M 85 51.87 -2.73 -35.04
N SER M 86 52.92 -2.48 -34.24
CA SER M 86 52.79 -1.54 -33.14
C SER M 86 52.39 -0.17 -33.69
N VAL M 87 51.17 0.26 -33.35
CA VAL M 87 50.62 1.49 -33.91
C VAL M 87 49.88 2.27 -32.83
#